data_7NIB
#
_entry.id   7NIB
#
_cell.length_a   1.00
_cell.length_b   1.00
_cell.length_c   1.00
_cell.angle_alpha   90.00
_cell.angle_beta   90.00
_cell.angle_gamma   90.00
#
_symmetry.space_group_name_H-M   'P 1'
#
_entity_poly.entity_id   1
_entity_poly.type   'polypeptide(L)'
_entity_poly.pdbx_seq_one_letter_code
;MTSVTSKQSTILGSDEIDLGRVIGELIDHRKLIISITSVFTLFAILYALLATPIYETDALIQIEQKQGNAILSSLSQVLP
DGQPQSAPETALLQSRMILGKTIDDLNLQIQIEQKYFPVIGRGLARLMGEKPGNIDITRLYLPDSDDISNNTPSIILTVK
DKENYSINSDGIQLNGVVGTLLNEKGISLLVNEIDAKPGDQFVITQLPRLKAISDLLKSFSVADLGKDTGMLTLTLTGDN
PKRISHILDSISQNYLAQNIARQAAQDAKSLEFLNQQLPKVRAELDSAEDKLNAYRKQKDSVDLNMEAKSVLDQIVNVDN
QLNELTFREAEVSQLYTKEHPTYKALMEKRQTLQEEKSKLNKRVSSMPSTQQEVLRLSRDVESGRAVYLQLLNRQQELNI
AKSSAIGNVRIIDNAVTDPNPVRPKKTIIIVIGVVLGLIVSVVLVLFQVFLRRGIESPEQLEEIGINVYASIPISEWLTK
NARQSGKVRKNQSDTLLAVGNPADLAVEAIRGLRTSLHFAMMEAKNNVLMISGASPSAGMTFISSNLAATIAITGKKVLF
IDADLRKGYAHKMFGHKNDKGLSEFLSGQAAAEMIIDKVEGGGFDYIGRGQIPPNPAELLMHPRFEQLLNWASQNYDLII
IDTPPILAVTDAAIIGRYAGTCLLVARFEKNTVKEIDVSMKRFEQSGVVVKGCILNGVVKKASSYYRYGHNHEGESEEDK
KHHHHHH
;
_entity_poly.pdbx_strand_id   A,B,C,D,E,F,G,H
#
# COMPACT_ATOMS: atom_id res chain seq x y z
N ILE A 17 -29.07 -11.20 6.19
CA ILE A 17 -28.27 -10.34 5.34
C ILE A 17 -27.33 -11.21 4.49
N ASP A 18 -27.88 -11.77 3.42
CA ASP A 18 -27.12 -12.60 2.49
C ASP A 18 -27.98 -12.80 1.25
N LEU A 19 -27.31 -12.96 0.11
CA LEU A 19 -27.92 -12.98 -1.21
C LEU A 19 -29.08 -13.95 -1.30
N GLY A 20 -28.97 -15.10 -0.62
CA GLY A 20 -29.99 -16.13 -0.74
C GLY A 20 -31.36 -15.62 -0.33
N ARG A 21 -31.55 -15.33 0.95
CA ARG A 21 -32.85 -14.80 1.32
C ARG A 21 -32.98 -13.31 1.02
N VAL A 22 -31.93 -12.65 0.54
CA VAL A 22 -32.15 -11.37 -0.13
C VAL A 22 -33.09 -11.58 -1.31
N ILE A 23 -32.74 -12.50 -2.20
CA ILE A 23 -33.65 -12.79 -3.32
C ILE A 23 -34.94 -13.38 -2.80
N GLY A 24 -34.87 -14.12 -1.70
CA GLY A 24 -36.08 -14.63 -1.08
C GLY A 24 -37.11 -13.58 -0.67
N GLU A 25 -36.75 -12.65 0.22
CA GLU A 25 -37.74 -11.66 0.64
C GLU A 25 -37.96 -10.59 -0.43
N LEU A 26 -37.09 -10.48 -1.42
CA LEU A 26 -37.47 -9.67 -2.59
C LEU A 26 -38.56 -10.37 -3.41
N ILE A 27 -38.47 -11.69 -3.57
CA ILE A 27 -39.59 -12.40 -4.18
C ILE A 27 -40.84 -12.24 -3.33
N ASP A 28 -40.66 -12.21 -2.00
CA ASP A 28 -41.79 -12.01 -1.11
C ASP A 28 -42.43 -10.64 -1.31
N HIS A 29 -41.64 -9.58 -1.18
CA HIS A 29 -42.13 -8.22 -1.30
C HIS A 29 -42.07 -7.71 -2.73
N ARG A 30 -42.12 -8.62 -3.71
CA ARG A 30 -42.24 -8.18 -5.09
C ARG A 30 -43.41 -7.23 -5.26
N LYS A 31 -44.56 -7.53 -4.64
CA LYS A 31 -45.70 -6.62 -4.77
C LYS A 31 -45.28 -5.20 -4.42
N LEU A 32 -44.62 -5.04 -3.27
CA LEU A 32 -44.17 -3.72 -2.85
C LEU A 32 -43.18 -3.11 -3.83
N ILE A 33 -42.15 -3.87 -4.22
CA ILE A 33 -41.07 -3.26 -5.00
C ILE A 33 -41.58 -2.82 -6.36
N ILE A 34 -42.26 -3.70 -7.09
CA ILE A 34 -42.75 -3.24 -8.39
C ILE A 34 -43.80 -2.16 -8.19
N SER A 35 -44.57 -2.19 -7.10
CA SER A 35 -45.54 -1.13 -6.87
C SER A 35 -44.85 0.23 -6.82
N ILE A 36 -43.82 0.35 -6.00
CA ILE A 36 -43.25 1.69 -5.77
C ILE A 36 -42.35 2.10 -6.92
N THR A 37 -41.58 1.16 -7.49
CA THR A 37 -40.80 1.53 -8.67
C THR A 37 -41.72 1.93 -9.80
N SER A 38 -42.85 1.25 -9.99
CA SER A 38 -43.79 1.65 -11.01
C SER A 38 -44.39 3.00 -10.70
N VAL A 39 -44.69 3.29 -9.44
CA VAL A 39 -45.21 4.62 -9.11
C VAL A 39 -44.20 5.70 -9.49
N PHE A 40 -42.94 5.47 -9.16
CA PHE A 40 -41.91 6.46 -9.50
C PHE A 40 -41.73 6.58 -11.01
N THR A 41 -41.80 5.47 -11.74
CA THR A 41 -41.64 5.55 -13.18
C THR A 41 -42.84 6.23 -13.84
N LEU A 42 -44.05 6.04 -13.32
CA LEU A 42 -45.19 6.80 -13.80
C LEU A 42 -45.04 8.29 -13.47
N PHE A 43 -44.51 8.61 -12.29
CA PHE A 43 -44.20 10.01 -12.00
C PHE A 43 -43.23 10.58 -13.01
N ALA A 44 -42.19 9.82 -13.34
CA ALA A 44 -41.22 10.25 -14.33
C ALA A 44 -41.86 10.37 -15.71
N ILE A 45 -42.76 9.44 -16.06
CA ILE A 45 -43.42 9.48 -17.36
C ILE A 45 -44.26 10.75 -17.47
N LEU A 46 -45.00 11.07 -16.41
CA LEU A 46 -45.86 12.26 -16.48
C LEU A 46 -45.02 13.54 -16.44
N TYR A 47 -43.90 13.52 -15.73
CA TYR A 47 -43.04 14.70 -15.72
C TYR A 47 -42.41 14.91 -17.09
N ALA A 48 -41.90 13.84 -17.70
CA ALA A 48 -41.30 13.94 -19.02
C ALA A 48 -42.32 14.29 -20.10
N LEU A 49 -43.56 13.89 -19.94
CA LEU A 49 -44.58 14.22 -20.93
C LEU A 49 -45.35 15.49 -20.60
N LEU A 50 -45.08 16.11 -19.45
CA LEU A 50 -45.72 17.35 -19.09
C LEU A 50 -44.76 18.53 -18.98
N ALA A 51 -43.47 18.29 -18.78
CA ALA A 51 -42.52 19.38 -18.72
C ALA A 51 -42.44 20.09 -20.06
N THR A 52 -42.51 21.41 -20.02
CA THR A 52 -42.51 22.18 -21.25
C THR A 52 -41.20 21.97 -22.00
N PRO A 53 -41.24 21.69 -23.30
CA PRO A 53 -40.00 21.45 -24.03
C PRO A 53 -39.21 22.74 -24.20
N ILE A 54 -37.89 22.59 -24.25
CA ILE A 54 -36.99 23.72 -24.44
C ILE A 54 -36.14 23.46 -25.68
N TYR A 55 -36.19 24.37 -26.63
CA TYR A 55 -35.40 24.29 -27.86
C TYR A 55 -34.21 25.22 -27.72
N GLU A 56 -33.10 24.85 -28.35
CA GLU A 56 -31.94 25.72 -28.39
C GLU A 56 -31.53 25.93 -29.84
N THR A 57 -31.24 27.19 -30.18
CA THR A 57 -30.78 27.56 -31.50
C THR A 57 -29.34 28.04 -31.45
N ASP A 58 -28.58 27.70 -32.47
CA ASP A 58 -27.17 28.08 -32.54
C ASP A 58 -26.94 28.90 -33.79
N ALA A 59 -26.25 30.02 -33.63
CA ALA A 59 -25.85 30.85 -34.74
C ALA A 59 -24.33 30.94 -34.75
N LEU A 60 -23.76 31.17 -35.92
CA LEU A 60 -22.31 31.18 -36.09
C LEU A 60 -21.88 32.55 -36.57
N ILE A 61 -20.91 33.14 -35.90
CA ILE A 61 -20.44 34.49 -36.18
C ILE A 61 -18.95 34.44 -36.45
N GLN A 62 -18.51 35.09 -37.51
CA GLN A 62 -17.11 35.09 -37.94
C GLN A 62 -16.47 36.44 -37.70
N ILE A 63 -15.26 36.43 -37.15
CA ILE A 63 -14.41 37.61 -37.03
C ILE A 63 -12.98 37.17 -37.30
N GLU A 64 -12.07 38.14 -37.41
CA GLU A 64 -10.68 37.83 -37.64
C GLU A 64 -9.99 37.42 -36.34
N GLN A 85 -8.37 35.99 -31.01
CA GLN A 85 -8.85 36.50 -29.74
C GLN A 85 -10.25 36.02 -29.43
N SER A 86 -11.22 36.93 -29.60
CA SER A 86 -12.64 36.74 -29.35
C SER A 86 -12.95 36.59 -27.87
N ALA A 87 -11.94 36.55 -27.00
CA ALA A 87 -12.16 36.47 -25.56
C ALA A 87 -12.91 37.70 -25.05
N PRO A 88 -12.56 38.92 -25.48
CA PRO A 88 -13.39 40.07 -25.10
C PRO A 88 -14.82 39.96 -25.61
N GLU A 89 -15.03 39.36 -26.77
CA GLU A 89 -16.37 39.33 -27.35
C GLU A 89 -17.27 38.36 -26.59
N THR A 90 -16.70 37.29 -26.04
CA THR A 90 -17.48 36.38 -25.21
C THR A 90 -18.12 37.08 -24.03
N ALA A 91 -17.58 38.21 -23.58
CA ALA A 91 -18.19 38.99 -22.51
C ALA A 91 -18.81 40.28 -22.99
N LEU A 92 -18.46 40.76 -24.17
CA LEU A 92 -19.09 41.97 -24.69
C LEU A 92 -20.48 41.68 -25.23
N LEU A 93 -20.68 40.53 -25.85
CA LEU A 93 -22.02 40.14 -26.30
C LEU A 93 -22.96 39.99 -25.13
N GLN A 94 -22.49 39.40 -24.04
CA GLN A 94 -23.31 39.21 -22.86
C GLN A 94 -23.39 40.45 -21.99
N SER A 95 -23.03 41.61 -22.52
CA SER A 95 -23.14 42.84 -21.76
C SER A 95 -24.56 43.38 -21.84
N ARG A 96 -24.93 44.19 -20.85
CA ARG A 96 -26.24 44.81 -20.88
C ARG A 96 -26.39 45.78 -22.03
N MET A 97 -25.30 46.20 -22.67
CA MET A 97 -25.41 47.09 -23.81
C MET A 97 -26.03 46.40 -25.01
N ILE A 98 -25.54 45.20 -25.34
CA ILE A 98 -26.03 44.51 -26.52
C ILE A 98 -27.36 43.83 -26.24
N LEU A 99 -27.44 43.06 -25.16
CA LEU A 99 -28.71 42.45 -24.80
C LEU A 99 -29.77 43.51 -24.55
N GLY A 100 -29.40 44.56 -23.82
CA GLY A 100 -30.33 45.63 -23.54
C GLY A 100 -30.85 46.32 -24.78
N LYS A 101 -30.13 46.23 -25.89
CA LYS A 101 -30.68 46.75 -27.13
C LYS A 101 -31.71 45.82 -27.72
N THR A 102 -31.48 44.51 -27.68
CA THR A 102 -32.45 43.58 -28.23
C THR A 102 -33.73 43.59 -27.41
N ILE A 103 -33.63 43.72 -26.09
CA ILE A 103 -34.83 43.80 -25.27
C ILE A 103 -35.70 44.96 -25.71
N ASP A 104 -35.08 46.13 -25.90
CA ASP A 104 -35.81 47.29 -26.37
C ASP A 104 -36.25 47.16 -27.81
N ASP A 105 -35.61 46.28 -28.58
CA ASP A 105 -35.94 46.13 -29.98
C ASP A 105 -37.16 45.25 -30.19
N LEU A 106 -37.20 44.10 -29.52
CA LEU A 106 -38.30 43.15 -29.69
C LEU A 106 -39.34 43.23 -28.59
N ASN A 107 -39.28 44.27 -27.75
CA ASN A 107 -40.24 44.46 -26.67
C ASN A 107 -40.32 43.22 -25.79
N LEU A 108 -39.16 42.74 -25.38
CA LEU A 108 -39.13 41.47 -24.66
C LEU A 108 -39.50 41.62 -23.19
N GLN A 109 -39.72 42.85 -22.71
CA GLN A 109 -40.19 43.05 -21.35
C GLN A 109 -41.70 42.91 -21.24
N ILE A 110 -42.37 42.49 -22.31
CA ILE A 110 -43.79 42.18 -22.28
C ILE A 110 -43.91 40.65 -22.33
N GLN A 111 -44.15 40.04 -21.18
CA GLN A 111 -44.24 38.60 -21.09
C GLN A 111 -45.67 38.13 -21.23
N ILE A 112 -45.86 36.98 -21.89
CA ILE A 112 -47.18 36.45 -22.16
C ILE A 112 -47.18 34.94 -22.00
N GLU A 113 -48.24 34.42 -21.35
CA GLU A 113 -48.49 32.98 -21.30
C GLU A 113 -49.99 32.71 -21.43
N GLN A 114 -50.32 31.62 -22.13
CA GLN A 114 -51.60 30.96 -21.92
C GLN A 114 -51.76 30.59 -20.45
N LYS A 115 -52.91 30.95 -19.90
CA LYS A 115 -53.23 30.67 -18.51
C LYS A 115 -53.82 29.26 -18.39
N TYR A 116 -53.23 28.46 -17.51
CA TYR A 116 -53.77 27.15 -17.15
C TYR A 116 -53.83 27.10 -15.64
N PHE A 117 -55.03 26.99 -15.09
CA PHE A 117 -55.16 26.93 -13.64
C PHE A 117 -54.35 25.80 -13.00
N PRO A 118 -54.22 24.61 -13.58
CA PRO A 118 -53.31 23.63 -12.98
C PRO A 118 -51.87 23.92 -13.37
N VAL A 119 -50.95 23.31 -12.63
CA VAL A 119 -49.53 23.41 -12.96
C VAL A 119 -49.19 22.64 -14.22
N ILE A 120 -50.08 21.76 -14.67
CA ILE A 120 -49.81 20.92 -15.84
C ILE A 120 -50.80 21.17 -16.97
N GLY A 121 -51.60 22.22 -16.91
CA GLY A 121 -52.55 22.49 -17.97
C GLY A 121 -51.88 22.71 -19.32
N ARG A 122 -50.75 23.41 -19.32
CA ARG A 122 -50.04 23.66 -20.57
C ARG A 122 -49.55 22.37 -21.20
N GLY A 123 -48.95 21.49 -20.39
CA GLY A 123 -48.45 20.23 -20.93
C GLY A 123 -49.57 19.37 -21.49
N LEU A 124 -50.66 19.22 -20.74
CA LEU A 124 -51.77 18.41 -21.23
C LEU A 124 -52.40 19.03 -22.47
N ALA A 125 -52.47 20.35 -22.53
CA ALA A 125 -52.97 21.01 -23.74
C ALA A 125 -52.09 20.67 -24.93
N ARG A 126 -50.77 20.63 -24.72
CA ARG A 126 -49.89 20.19 -25.79
C ARG A 126 -50.16 18.73 -26.16
N LEU A 127 -50.38 17.89 -25.15
CA LEU A 127 -50.58 16.47 -25.40
C LEU A 127 -51.82 16.22 -26.24
N MET A 128 -52.87 16.98 -26.00
CA MET A 128 -54.05 16.90 -26.85
C MET A 128 -53.76 17.35 -28.28
N GLY A 129 -52.64 18.03 -28.50
CA GLY A 129 -52.34 18.61 -29.79
C GLY A 129 -52.91 20.00 -30.00
N GLU A 130 -53.52 20.59 -28.97
CA GLU A 130 -54.05 21.94 -29.10
C GLU A 130 -52.92 22.91 -29.41
N LYS A 131 -53.11 23.68 -30.47
CA LYS A 131 -52.09 24.65 -30.87
C LYS A 131 -52.00 25.75 -29.83
N PRO A 132 -50.82 26.02 -29.28
CA PRO A 132 -50.72 27.00 -28.19
C PRO A 132 -51.09 28.40 -28.65
N GLY A 133 -51.73 29.16 -27.76
CA GLY A 133 -52.15 30.49 -28.08
C GLY A 133 -51.01 31.49 -27.99
N ASN A 134 -51.09 32.53 -28.81
CA ASN A 134 -50.08 33.58 -28.82
C ASN A 134 -50.67 34.83 -29.44
N ILE A 135 -50.32 35.98 -28.87
CA ILE A 135 -50.79 37.25 -29.38
C ILE A 135 -49.59 38.18 -29.53
N ASP A 136 -49.83 39.40 -30.01
CA ASP A 136 -48.75 40.34 -30.28
C ASP A 136 -49.11 41.72 -29.73
N ILE A 137 -48.26 42.24 -28.85
CA ILE A 137 -48.42 43.57 -28.30
C ILE A 137 -47.22 44.39 -28.72
N THR A 138 -47.45 45.35 -29.61
CA THR A 138 -46.39 46.27 -29.99
C THR A 138 -46.26 47.44 -29.03
N ARG A 139 -47.20 47.60 -28.09
CA ARG A 139 -47.13 48.70 -27.14
C ARG A 139 -47.95 48.35 -25.92
N LEU A 140 -47.29 48.19 -24.77
CA LEU A 140 -47.95 47.92 -23.51
C LEU A 140 -47.50 48.94 -22.48
N TYR A 141 -48.46 49.54 -21.77
CA TYR A 141 -48.16 50.42 -20.65
C TYR A 141 -49.15 50.09 -19.53
N LEU A 142 -48.68 49.38 -18.53
CA LEU A 142 -49.50 49.08 -17.37
C LEU A 142 -49.66 50.34 -16.52
N PRO A 143 -50.59 50.32 -15.54
CA PRO A 143 -50.77 51.50 -14.68
C PRO A 143 -49.52 51.84 -13.89
N ASP A 144 -48.48 51.02 -14.05
CA ASP A 144 -47.18 51.26 -13.44
C ASP A 144 -47.29 51.32 -11.91
N SER A 145 -47.95 50.31 -11.34
CA SER A 145 -47.93 50.16 -9.89
C SER A 145 -46.50 50.01 -9.39
N ASP A 146 -45.78 49.00 -9.89
CA ASP A 146 -44.34 48.86 -9.72
C ASP A 146 -43.94 48.96 -8.24
N ASP A 147 -44.68 48.27 -7.39
CA ASP A 147 -44.39 48.28 -5.97
C ASP A 147 -43.05 47.59 -5.70
N ILE A 148 -42.59 47.71 -4.45
CA ILE A 148 -41.32 47.10 -4.08
C ILE A 148 -41.38 45.59 -4.24
N SER A 149 -42.45 44.97 -3.74
CA SER A 149 -42.62 43.54 -3.89
C SER A 149 -43.17 43.19 -5.27
N ASN A 150 -44.36 43.69 -5.60
CA ASN A 150 -44.99 43.42 -6.89
C ASN A 150 -44.57 44.49 -7.89
N ASN A 151 -43.27 44.49 -8.18
CA ASN A 151 -42.73 45.36 -9.22
C ASN A 151 -43.13 44.90 -10.62
N THR A 152 -43.81 43.77 -10.73
CA THR A 152 -44.30 43.26 -12.00
C THR A 152 -45.82 43.31 -12.00
N PRO A 153 -46.43 44.43 -12.36
CA PRO A 153 -47.89 44.47 -12.48
C PRO A 153 -48.37 43.44 -13.48
N SER A 154 -49.45 42.74 -13.13
CA SER A 154 -49.98 41.66 -13.94
C SER A 154 -51.41 41.94 -14.34
N ILE A 155 -51.72 41.68 -15.61
CA ILE A 155 -53.08 41.77 -16.12
C ILE A 155 -53.37 40.47 -16.89
N ILE A 156 -54.66 40.22 -17.10
CA ILE A 156 -55.09 39.03 -17.82
C ILE A 156 -55.97 39.49 -18.98
N LEU A 157 -55.65 38.99 -20.17
CA LEU A 157 -56.46 39.28 -21.35
C LEU A 157 -57.45 38.16 -21.56
N THR A 158 -58.73 38.52 -21.66
CA THR A 158 -59.79 37.57 -21.93
C THR A 158 -60.16 37.69 -23.41
N VAL A 159 -59.87 36.64 -24.18
CA VAL A 159 -60.08 36.68 -25.61
C VAL A 159 -61.57 36.56 -25.89
N LYS A 160 -62.15 37.61 -26.48
CA LYS A 160 -63.56 37.55 -26.85
C LYS A 160 -63.75 36.99 -28.26
N ASP A 161 -63.00 37.49 -29.23
CA ASP A 161 -63.03 36.95 -30.58
C ASP A 161 -61.67 37.17 -31.21
N LYS A 162 -61.61 37.03 -32.53
CA LYS A 162 -60.38 37.30 -33.27
C LYS A 162 -60.09 38.79 -33.40
N GLU A 163 -61.06 39.64 -33.09
CA GLU A 163 -60.91 41.08 -33.25
C GLU A 163 -60.93 41.81 -31.91
N ASN A 164 -61.98 41.64 -31.13
CA ASN A 164 -62.12 42.32 -29.85
C ASN A 164 -61.74 41.40 -28.70
N TYR A 165 -61.62 41.99 -27.52
CA TYR A 165 -61.09 41.29 -26.36
C TYR A 165 -61.40 42.14 -25.14
N SER A 166 -61.18 41.57 -23.96
CA SER A 166 -61.36 42.29 -22.71
C SER A 166 -60.19 41.99 -21.79
N ILE A 167 -59.75 43.01 -21.06
CA ILE A 167 -58.61 42.91 -20.16
C ILE A 167 -59.06 43.33 -18.77
N ASN A 168 -58.81 42.47 -17.79
CA ASN A 168 -59.07 42.79 -16.39
C ASN A 168 -57.74 42.91 -15.65
N SER A 169 -57.53 44.05 -15.01
CA SER A 169 -56.35 44.27 -14.18
C SER A 169 -56.57 43.68 -12.80
N ASP A 170 -57.61 44.17 -12.11
CA ASP A 170 -58.01 43.64 -10.81
C ASP A 170 -59.52 43.54 -10.71
N GLY A 171 -60.19 43.38 -11.85
CA GLY A 171 -61.64 43.26 -11.87
C GLY A 171 -62.29 44.15 -12.90
N ILE A 172 -61.74 45.34 -13.14
CA ILE A 172 -62.30 46.26 -14.12
C ILE A 172 -61.88 45.76 -15.49
N GLN A 173 -62.83 45.19 -16.22
CA GLN A 173 -62.56 44.61 -17.54
C GLN A 173 -62.77 45.67 -18.61
N LEU A 174 -61.72 45.96 -19.35
CA LEU A 174 -61.77 46.95 -20.42
C LEU A 174 -61.85 46.21 -21.76
N ASN A 175 -62.93 46.47 -22.49
CA ASN A 175 -63.13 45.84 -23.78
C ASN A 175 -62.36 46.61 -24.85
N GLY A 176 -61.60 45.88 -25.66
CA GLY A 176 -60.80 46.52 -26.68
C GLY A 176 -60.71 45.66 -27.93
N VAL A 177 -60.36 46.32 -29.03
CA VAL A 177 -60.22 45.69 -30.33
C VAL A 177 -58.83 45.98 -30.87
N VAL A 178 -58.32 45.06 -31.70
CA VAL A 178 -57.05 45.30 -32.38
C VAL A 178 -57.12 46.58 -33.18
N GLY A 179 -55.96 47.15 -33.48
CA GLY A 179 -55.94 48.44 -34.14
C GLY A 179 -55.89 49.55 -33.13
N THR A 180 -57.06 50.05 -32.75
CA THR A 180 -57.14 51.06 -31.70
C THR A 180 -56.48 50.57 -30.41
N LEU A 181 -55.78 51.47 -29.75
CA LEU A 181 -55.15 51.17 -28.47
C LEU A 181 -56.08 51.57 -27.33
N LEU A 182 -56.06 50.78 -26.26
CA LEU A 182 -56.84 51.10 -25.08
C LEU A 182 -55.99 51.98 -24.16
N ASN A 183 -56.42 53.22 -23.95
CA ASN A 183 -55.73 54.16 -23.06
C ASN A 183 -56.74 54.64 -22.03
N GLU A 184 -56.89 53.87 -20.96
CA GLU A 184 -57.83 54.19 -19.89
C GLU A 184 -57.20 53.82 -18.56
N LYS A 185 -57.52 54.61 -17.54
CA LYS A 185 -57.04 54.37 -16.17
C LYS A 185 -55.52 54.28 -16.11
N GLY A 186 -54.84 55.10 -16.92
CA GLY A 186 -53.39 55.02 -16.98
C GLY A 186 -52.85 53.77 -17.63
N ILE A 187 -53.68 53.03 -18.34
CA ILE A 187 -53.30 51.76 -18.95
C ILE A 187 -53.31 51.95 -20.45
N SER A 188 -52.15 51.78 -21.09
CA SER A 188 -52.04 51.84 -22.54
C SER A 188 -51.65 50.46 -23.06
N LEU A 189 -52.51 49.89 -23.90
CA LEU A 189 -52.28 48.57 -24.48
C LEU A 189 -52.57 48.62 -25.96
N LEU A 190 -51.62 48.17 -26.77
CA LEU A 190 -51.85 47.93 -28.18
C LEU A 190 -51.51 46.47 -28.48
N VAL A 191 -52.53 45.64 -28.59
CA VAL A 191 -52.37 44.24 -28.95
C VAL A 191 -52.96 44.03 -30.34
N ASN A 192 -52.26 43.26 -31.17
CA ASN A 192 -52.71 43.03 -32.53
C ASN A 192 -52.42 41.57 -32.90
N GLU A 193 -53.14 41.09 -33.91
CA GLU A 193 -52.99 39.73 -34.42
C GLU A 193 -53.15 38.70 -33.30
N ILE A 194 -54.17 38.91 -32.47
CA ILE A 194 -54.42 37.99 -31.37
C ILE A 194 -54.88 36.64 -31.92
N ASP A 195 -54.61 35.58 -31.16
CA ASP A 195 -54.87 34.24 -31.64
C ASP A 195 -56.37 34.00 -31.82
N ALA A 196 -56.70 32.82 -32.36
CA ALA A 196 -58.08 32.54 -32.77
C ALA A 196 -58.97 32.14 -31.60
N LYS A 197 -58.51 31.20 -30.78
CA LYS A 197 -59.35 30.56 -29.77
C LYS A 197 -59.89 31.59 -28.78
N PRO A 198 -61.20 31.82 -28.77
CA PRO A 198 -61.78 32.82 -27.88
C PRO A 198 -61.94 32.25 -26.47
N GLY A 199 -62.26 33.14 -25.53
CA GLY A 199 -62.47 32.75 -24.16
C GLY A 199 -61.21 32.43 -23.39
N ASP A 200 -60.05 32.46 -24.03
CA ASP A 200 -58.81 32.10 -23.35
C ASP A 200 -58.37 33.23 -22.42
N GLN A 201 -57.35 32.93 -21.62
CA GLN A 201 -56.77 33.90 -20.71
C GLN A 201 -55.28 34.03 -20.99
N PHE A 202 -54.83 35.27 -21.18
CA PHE A 202 -53.43 35.60 -21.43
C PHE A 202 -52.95 36.49 -20.29
N VAL A 203 -52.05 35.95 -19.46
CA VAL A 203 -51.45 36.75 -18.41
C VAL A 203 -50.33 37.58 -19.01
N ILE A 204 -50.34 38.88 -18.71
CA ILE A 204 -49.38 39.82 -19.27
C ILE A 204 -48.60 40.46 -18.13
N THR A 205 -47.28 40.45 -18.25
CA THR A 205 -46.40 40.97 -17.21
C THR A 205 -45.40 41.91 -17.86
N GLN A 206 -45.36 43.16 -17.39
CA GLN A 206 -44.40 44.13 -17.88
C GLN A 206 -43.17 44.12 -16.96
N LEU A 207 -42.46 43.00 -16.99
CA LEU A 207 -41.32 42.82 -16.10
C LEU A 207 -40.24 43.84 -16.44
N PRO A 208 -39.49 44.30 -15.44
CA PRO A 208 -38.58 45.41 -15.65
C PRO A 208 -37.43 45.06 -16.58
N ARG A 209 -36.80 46.10 -17.12
CA ARG A 209 -35.76 45.92 -18.13
C ARG A 209 -34.64 45.05 -17.62
N LEU A 210 -34.22 45.26 -16.37
CA LEU A 210 -33.14 44.45 -15.82
C LEU A 210 -33.52 42.98 -15.74
N LYS A 211 -34.74 42.68 -15.34
CA LYS A 211 -35.17 41.29 -15.31
C LYS A 211 -35.22 40.70 -16.71
N ALA A 212 -35.72 41.48 -17.67
CA ALA A 212 -35.79 41.04 -19.06
C ALA A 212 -34.42 40.86 -19.67
N ILE A 213 -33.40 41.48 -19.09
CA ILE A 213 -32.04 41.22 -19.52
C ILE A 213 -31.46 39.99 -18.83
N SER A 214 -31.72 39.87 -17.53
CA SER A 214 -31.13 38.78 -16.76
C SER A 214 -31.64 37.42 -17.20
N ASP A 215 -32.93 37.29 -17.48
CA ASP A 215 -33.42 35.98 -17.91
C ASP A 215 -32.83 35.61 -19.26
N LEU A 216 -32.78 36.57 -20.19
CA LEU A 216 -32.20 36.32 -21.50
C LEU A 216 -30.75 35.91 -21.37
N LEU A 217 -29.98 36.63 -20.55
CA LEU A 217 -28.59 36.29 -20.35
C LEU A 217 -28.45 34.91 -19.73
N LYS A 218 -29.37 34.52 -18.85
CA LYS A 218 -29.35 33.18 -18.30
C LYS A 218 -29.56 32.14 -19.40
N SER A 219 -30.46 32.42 -20.34
CA SER A 219 -30.67 31.50 -21.45
C SER A 219 -29.58 31.59 -22.51
N PHE A 220 -29.02 32.77 -22.72
CA PHE A 220 -28.04 32.99 -23.77
C PHE A 220 -26.69 32.41 -23.36
N SER A 221 -25.88 32.05 -24.36
CA SER A 221 -24.57 31.48 -24.08
C SER A 221 -23.69 31.60 -25.32
N VAL A 222 -22.39 31.81 -25.10
CA VAL A 222 -21.42 32.01 -26.17
C VAL A 222 -20.29 31.02 -25.98
N ALA A 223 -19.60 30.71 -27.07
CA ALA A 223 -18.39 29.89 -27.04
C ALA A 223 -17.55 30.21 -28.27
N ASP A 224 -16.40 29.56 -28.36
CA ASP A 224 -15.48 29.78 -29.47
C ASP A 224 -15.10 28.51 -30.21
N LEU A 225 -15.05 27.38 -29.51
CA LEU A 225 -14.79 26.04 -30.04
C LEU A 225 -13.48 25.94 -30.82
N GLY A 226 -12.64 26.97 -30.79
CA GLY A 226 -11.33 26.87 -31.40
C GLY A 226 -10.24 27.40 -30.49
N LYS A 227 -10.66 28.11 -29.45
CA LYS A 227 -9.81 28.67 -28.39
C LYS A 227 -8.97 29.82 -28.91
N ASP A 228 -8.92 30.00 -30.23
CA ASP A 228 -8.38 31.20 -30.84
C ASP A 228 -9.15 31.64 -32.08
N THR A 229 -10.00 30.79 -32.64
CA THR A 229 -10.59 31.04 -33.94
C THR A 229 -11.59 32.17 -33.89
N GLY A 230 -11.85 32.75 -35.06
CA GLY A 230 -12.93 33.73 -35.17
C GLY A 230 -14.32 33.14 -35.11
N MET A 231 -14.44 31.83 -34.94
CA MET A 231 -15.74 31.19 -34.86
C MET A 231 -16.34 31.45 -33.49
N LEU A 232 -17.48 32.14 -33.46
CA LEU A 232 -18.25 32.35 -32.24
C LEU A 232 -19.58 31.65 -32.42
N THR A 233 -19.75 30.52 -31.74
CA THR A 233 -21.02 29.82 -31.77
C THR A 233 -21.89 30.43 -30.68
N LEU A 234 -22.96 31.08 -31.09
CA LEU A 234 -23.92 31.61 -30.14
C LEU A 234 -25.05 30.62 -29.95
N THR A 235 -25.51 30.48 -28.72
CA THR A 235 -26.58 29.56 -28.40
C THR A 235 -27.62 30.26 -27.56
N LEU A 236 -28.89 30.05 -27.89
CA LEU A 236 -30.00 30.58 -27.12
C LEU A 236 -31.02 29.47 -26.93
N THR A 237 -31.51 29.31 -25.70
CA THR A 237 -32.43 28.24 -25.36
C THR A 237 -33.74 28.83 -24.87
N GLY A 238 -34.85 28.29 -25.36
CA GLY A 238 -36.15 28.79 -24.97
C GLY A 238 -37.23 27.79 -25.37
N ASP A 239 -38.46 28.14 -24.99
CA ASP A 239 -39.58 27.25 -25.27
C ASP A 239 -40.16 27.51 -26.66
N ASN A 240 -40.57 28.73 -26.94
CA ASN A 240 -41.15 29.01 -28.24
C ASN A 240 -40.09 28.98 -29.32
N PRO A 241 -40.19 28.11 -30.33
CA PRO A 241 -39.09 28.01 -31.29
C PRO A 241 -38.84 29.27 -32.08
N LYS A 242 -39.85 29.79 -32.76
CA LYS A 242 -39.66 30.97 -33.59
C LYS A 242 -39.32 32.20 -32.75
N ARG A 243 -39.61 32.15 -31.46
CA ARG A 243 -39.20 33.20 -30.52
C ARG A 243 -37.69 33.32 -30.46
N ILE A 244 -37.01 32.22 -30.16
CA ILE A 244 -35.59 32.32 -29.87
C ILE A 244 -34.75 32.52 -31.12
N SER A 245 -35.18 32.02 -32.27
CA SER A 245 -34.42 32.28 -33.48
C SER A 245 -34.43 33.76 -33.80
N HIS A 246 -35.58 34.41 -33.66
CA HIS A 246 -35.63 35.85 -33.86
C HIS A 246 -34.81 36.60 -32.84
N ILE A 247 -34.84 36.17 -31.57
CA ILE A 247 -34.06 36.87 -30.57
C ILE A 247 -32.57 36.74 -30.85
N LEU A 248 -32.13 35.54 -31.22
CA LEU A 248 -30.71 35.36 -31.52
C LEU A 248 -30.30 36.14 -32.76
N ASP A 249 -31.16 36.21 -33.77
CA ASP A 249 -30.85 37.00 -34.94
C ASP A 249 -30.76 38.47 -34.58
N SER A 250 -31.65 38.95 -33.72
CA SER A 250 -31.57 40.34 -33.27
C SER A 250 -30.28 40.61 -32.54
N ILE A 251 -29.86 39.69 -31.66
CA ILE A 251 -28.60 39.87 -30.95
C ILE A 251 -27.44 39.94 -31.94
N SER A 252 -27.40 38.99 -32.87
CA SER A 252 -26.29 38.94 -33.82
C SER A 252 -26.26 40.20 -34.68
N GLN A 253 -27.44 40.65 -35.12
CA GLN A 253 -27.47 41.81 -36.00
C GLN A 253 -27.17 43.09 -35.25
N ASN A 254 -27.54 43.18 -33.97
CA ASN A 254 -27.13 44.32 -33.18
C ASN A 254 -25.62 44.38 -33.04
N TYR A 255 -25.00 43.23 -32.80
CA TYR A 255 -23.54 43.22 -32.70
C TYR A 255 -22.90 43.58 -34.04
N LEU A 256 -23.42 43.04 -35.13
CA LEU A 256 -22.94 43.41 -36.46
C LEU A 256 -23.09 44.90 -36.72
N ALA A 257 -24.25 45.47 -36.37
CA ALA A 257 -24.47 46.88 -36.61
C ALA A 257 -23.57 47.74 -35.74
N GLN A 258 -23.24 47.28 -34.53
CA GLN A 258 -22.28 48.01 -33.72
C GLN A 258 -20.90 48.02 -34.37
N ASN A 259 -20.46 46.86 -34.86
CA ASN A 259 -19.12 46.86 -35.45
C ASN A 259 -19.10 47.48 -36.85
N ILE A 260 -20.26 47.71 -37.45
CA ILE A 260 -20.33 48.57 -38.63
C ILE A 260 -20.38 50.04 -38.22
N ALA A 261 -20.99 50.33 -37.07
CA ALA A 261 -20.94 51.67 -36.50
C ALA A 261 -19.51 52.09 -36.27
N ARG A 262 -18.63 51.14 -35.93
CA ARG A 262 -17.20 51.37 -36.15
C ARG A 262 -16.93 52.08 -37.46
N GLN A 263 -17.18 51.38 -38.57
CA GLN A 263 -16.63 51.78 -39.85
C GLN A 263 -17.21 53.10 -40.30
N ALA A 264 -18.45 53.38 -39.89
CA ALA A 264 -19.12 54.60 -40.33
C ALA A 264 -18.96 55.78 -39.37
N ALA A 265 -18.59 55.53 -38.11
CA ALA A 265 -18.69 56.58 -37.10
C ALA A 265 -17.59 57.62 -37.24
N GLN A 266 -16.39 57.19 -37.61
CA GLN A 266 -15.22 58.06 -37.49
C GLN A 266 -15.39 59.36 -38.27
N ASP A 267 -15.91 59.27 -39.49
CA ASP A 267 -16.18 60.46 -40.29
C ASP A 267 -17.60 60.97 -40.13
N ALA A 268 -18.43 60.32 -39.33
CA ALA A 268 -19.83 60.70 -39.20
C ALA A 268 -19.95 62.02 -38.43
N LYS A 269 -20.90 62.86 -38.87
CA LYS A 269 -21.15 64.12 -38.19
C LYS A 269 -21.85 63.90 -36.85
N SER A 270 -22.47 62.74 -36.66
CA SER A 270 -23.21 62.45 -35.43
C SER A 270 -22.36 62.66 -34.19
N LEU A 271 -21.06 62.36 -34.29
CA LEU A 271 -20.16 62.56 -33.16
C LEU A 271 -20.15 64.01 -32.71
N GLU A 272 -19.87 64.92 -33.63
CA GLU A 272 -19.86 66.34 -33.27
C GLU A 272 -21.24 66.84 -32.91
N PHE A 273 -22.29 66.29 -33.56
CA PHE A 273 -23.65 66.63 -33.19
C PHE A 273 -23.91 66.34 -31.73
N LEU A 274 -23.53 65.16 -31.27
CA LEU A 274 -23.70 64.82 -29.86
C LEU A 274 -22.83 65.71 -28.98
N ASN A 275 -21.58 65.94 -29.40
CA ASN A 275 -20.66 66.75 -28.61
C ASN A 275 -21.23 68.14 -28.34
N GLN A 276 -21.90 68.72 -29.32
CA GLN A 276 -22.53 70.03 -29.14
C GLN A 276 -23.91 69.95 -28.54
N GLN A 277 -24.64 68.84 -28.73
CA GLN A 277 -26.01 68.74 -28.28
C GLN A 277 -26.10 68.50 -26.78
N LEU A 278 -25.15 67.76 -26.21
CA LEU A 278 -25.19 67.48 -24.79
C LEU A 278 -25.23 68.76 -23.94
N PRO A 279 -24.38 69.77 -24.19
CA PRO A 279 -24.41 70.96 -23.32
C PRO A 279 -25.74 71.69 -23.28
N LYS A 280 -26.44 71.83 -24.41
CA LYS A 280 -27.69 72.58 -24.42
C LYS A 280 -28.78 71.80 -23.68
N VAL A 281 -28.81 70.48 -23.87
CA VAL A 281 -29.79 69.67 -23.17
C VAL A 281 -29.55 69.71 -21.67
N ARG A 282 -28.29 69.64 -21.25
CA ARG A 282 -28.02 69.75 -19.82
C ARG A 282 -28.34 71.15 -19.31
N ALA A 283 -28.21 72.17 -20.16
CA ALA A 283 -28.57 73.52 -19.75
C ALA A 283 -30.08 73.64 -19.50
N GLU A 284 -30.90 73.11 -20.39
CA GLU A 284 -32.32 73.12 -20.14
C GLU A 284 -32.69 72.22 -18.97
N LEU A 285 -31.93 71.14 -18.76
CA LEU A 285 -32.11 70.32 -17.56
C LEU A 285 -31.90 71.15 -16.29
N ASP A 286 -30.80 71.90 -16.24
CA ASP A 286 -30.55 72.77 -15.09
C ASP A 286 -31.65 73.80 -14.93
N SER A 287 -32.06 74.40 -16.04
CA SER A 287 -33.12 75.40 -15.98
C SER A 287 -34.43 74.80 -15.46
N ALA A 288 -34.74 73.59 -15.88
CA ALA A 288 -35.99 72.94 -15.47
C ALA A 288 -35.97 72.60 -13.98
N GLU A 289 -34.84 72.10 -13.47
CA GLU A 289 -34.78 71.84 -12.04
C GLU A 289 -34.84 73.14 -11.25
N ASP A 290 -34.24 74.21 -11.78
CA ASP A 290 -34.38 75.51 -11.14
C ASP A 290 -35.84 75.95 -11.10
N LYS A 291 -36.58 75.71 -12.19
CA LYS A 291 -38.00 76.05 -12.20
C LYS A 291 -38.77 75.24 -11.16
N LEU A 292 -38.45 73.94 -11.04
CA LEU A 292 -39.07 73.15 -9.98
C LEU A 292 -38.79 73.74 -8.61
N ASN A 293 -37.54 74.12 -8.35
CA ASN A 293 -37.21 74.69 -7.05
C ASN A 293 -37.97 76.00 -6.82
N ALA A 294 -38.11 76.81 -7.86
CA ALA A 294 -38.83 78.07 -7.73
C ALA A 294 -40.30 77.84 -7.40
N TYR A 295 -40.95 76.91 -8.11
CA TYR A 295 -42.36 76.67 -7.88
C TYR A 295 -42.62 75.92 -6.58
N ARG A 296 -41.68 75.09 -6.13
CA ARG A 296 -41.84 74.39 -4.87
C ARG A 296 -41.45 75.27 -3.69
N LYS A 297 -40.61 76.27 -3.91
CA LYS A 297 -40.18 77.17 -2.84
C LYS A 297 -40.59 78.61 -3.17
N LEU A 304 -51.49 66.39 -4.83
CA LEU A 304 -51.13 65.03 -5.23
C LEU A 304 -52.36 64.25 -5.68
N ASN A 305 -52.99 64.69 -6.77
CA ASN A 305 -54.06 63.93 -7.40
C ASN A 305 -53.49 62.70 -8.11
N MET A 306 -54.13 61.55 -7.93
CA MET A 306 -53.59 60.29 -8.42
C MET A 306 -53.44 60.28 -9.94
N GLU A 307 -54.50 60.68 -10.65
CA GLU A 307 -54.49 60.67 -12.10
C GLU A 307 -53.38 61.58 -12.63
N ALA A 308 -53.02 62.62 -11.87
CA ALA A 308 -51.92 63.47 -12.28
C ALA A 308 -50.61 62.69 -12.39
N LYS A 309 -50.27 61.91 -11.37
CA LYS A 309 -49.04 61.12 -11.47
C LYS A 309 -49.17 60.05 -12.53
N SER A 310 -50.35 59.43 -12.63
CA SER A 310 -50.51 58.36 -13.62
C SER A 310 -50.25 58.89 -15.03
N VAL A 311 -50.90 59.98 -15.41
CA VAL A 311 -50.72 60.51 -16.74
C VAL A 311 -49.32 61.10 -16.90
N LEU A 312 -48.74 61.65 -15.84
CA LEU A 312 -47.38 62.17 -15.93
C LEU A 312 -46.39 61.07 -16.29
N ASP A 313 -46.45 59.96 -15.56
CA ASP A 313 -45.56 58.83 -15.85
C ASP A 313 -45.84 58.27 -17.24
N GLN A 314 -47.11 58.21 -17.64
CA GLN A 314 -47.44 57.68 -18.95
C GLN A 314 -46.86 58.56 -20.06
N ILE A 315 -47.01 59.87 -19.94
CA ILE A 315 -46.47 60.78 -20.95
C ILE A 315 -44.95 60.69 -20.98
N VAL A 316 -44.32 60.58 -19.81
CA VAL A 316 -42.87 60.51 -19.80
C VAL A 316 -42.38 59.25 -20.49
N ASN A 317 -43.03 58.11 -20.20
CA ASN A 317 -42.69 56.88 -20.91
C ASN A 317 -42.88 57.05 -22.41
N VAL A 318 -43.99 57.68 -22.82
CA VAL A 318 -44.25 57.90 -24.24
C VAL A 318 -43.16 58.74 -24.87
N ASP A 319 -42.77 59.82 -24.20
CA ASP A 319 -41.76 60.72 -24.75
C ASP A 319 -40.41 60.02 -24.86
N ASN A 320 -40.06 59.23 -23.85
CA ASN A 320 -38.80 58.49 -23.93
C ASN A 320 -38.82 57.52 -25.10
N GLN A 321 -39.96 56.85 -25.31
CA GLN A 321 -40.08 55.94 -26.45
C GLN A 321 -40.05 56.69 -27.77
N LEU A 322 -40.68 57.86 -27.84
CA LEU A 322 -40.64 58.68 -29.05
C LEU A 322 -39.22 59.09 -29.38
N ASN A 323 -38.45 59.53 -28.38
CA ASN A 323 -37.06 59.87 -28.65
C ASN A 323 -36.31 58.66 -29.15
N GLU A 324 -36.28 57.59 -28.35
CA GLU A 324 -35.51 56.43 -28.72
C GLU A 324 -35.92 55.90 -30.09
N LEU A 325 -37.19 56.05 -30.46
CA LEU A 325 -37.62 55.61 -31.79
C LEU A 325 -37.15 56.56 -32.88
N THR A 326 -37.11 57.87 -32.61
CA THR A 326 -36.55 58.78 -33.61
C THR A 326 -35.09 58.45 -33.88
N PHE A 327 -34.29 58.35 -32.81
CA PHE A 327 -32.86 58.09 -33.00
C PHE A 327 -32.62 56.67 -33.49
N ARG A 328 -33.61 55.79 -33.29
CA ARG A 328 -33.57 54.46 -33.87
C ARG A 328 -33.83 54.52 -35.38
N GLU A 329 -34.84 55.29 -35.77
CA GLU A 329 -35.11 55.52 -37.18
C GLU A 329 -33.86 56.10 -37.84
N ALA A 330 -33.13 56.92 -37.09
CA ALA A 330 -31.90 57.53 -37.60
C ALA A 330 -30.93 56.48 -38.15
N GLU A 331 -30.88 55.31 -37.52
CA GLU A 331 -29.99 54.26 -37.99
C GLU A 331 -30.67 53.26 -38.93
N VAL A 332 -31.96 52.99 -38.74
CA VAL A 332 -32.62 52.06 -39.65
C VAL A 332 -32.76 52.70 -41.04
N SER A 333 -32.72 54.03 -41.12
CA SER A 333 -32.90 54.70 -42.40
C SER A 333 -31.77 54.43 -43.38
N GLN A 334 -30.52 54.42 -42.91
CA GLN A 334 -29.42 54.15 -43.83
C GLN A 334 -28.94 52.71 -43.75
N LEU A 335 -29.16 52.03 -42.61
CA LEU A 335 -28.82 50.61 -42.60
C LEU A 335 -29.80 49.79 -43.42
N TYR A 336 -31.05 50.21 -43.48
CA TYR A 336 -32.08 49.50 -44.23
C TYR A 336 -32.91 50.48 -45.04
N THR A 337 -33.97 49.97 -45.67
CA THR A 337 -34.79 50.72 -46.60
C THR A 337 -36.14 51.04 -45.98
N LYS A 338 -36.90 51.89 -46.69
CA LYS A 338 -38.22 52.27 -46.22
C LYS A 338 -39.21 51.11 -46.36
N GLU A 339 -39.21 50.44 -47.51
CA GLU A 339 -40.10 49.31 -47.70
C GLU A 339 -39.70 48.12 -46.84
N HIS A 340 -38.53 48.14 -46.23
CA HIS A 340 -38.14 47.09 -45.31
C HIS A 340 -39.08 47.09 -44.12
N PRO A 341 -39.63 45.92 -43.75
CA PRO A 341 -40.70 45.89 -42.73
C PRO A 341 -40.31 46.48 -41.38
N THR A 342 -39.02 46.44 -41.02
CA THR A 342 -38.62 46.98 -39.72
C THR A 342 -38.90 48.47 -39.63
N TYR A 343 -38.56 49.21 -40.69
CA TYR A 343 -38.81 50.66 -40.73
C TYR A 343 -40.30 50.95 -40.68
N LYS A 344 -41.10 50.17 -41.39
CA LYS A 344 -42.55 50.27 -41.30
C LYS A 344 -43.01 50.05 -39.86
N ALA A 345 -42.40 49.10 -39.15
CA ALA A 345 -42.76 48.87 -37.75
C ALA A 345 -42.45 50.09 -36.90
N LEU A 346 -41.32 50.75 -37.18
CA LEU A 346 -41.00 51.97 -36.45
C LEU A 346 -42.08 53.02 -36.63
N MET A 347 -42.47 53.30 -37.88
CA MET A 347 -43.49 54.33 -38.10
C MET A 347 -44.86 53.91 -37.54
N GLU A 348 -45.18 52.62 -37.60
CA GLU A 348 -46.44 52.15 -37.03
C GLU A 348 -46.46 52.31 -35.51
N LYS A 349 -45.38 51.93 -34.85
CA LYS A 349 -45.40 52.01 -33.39
C LYS A 349 -45.35 53.47 -32.95
N ARG A 350 -44.73 54.35 -33.74
CA ARG A 350 -44.86 55.77 -33.40
C ARG A 350 -46.23 56.35 -33.71
N GLN A 351 -46.91 55.90 -34.75
CA GLN A 351 -48.27 56.42 -34.90
C GLN A 351 -49.11 55.97 -33.72
N THR A 352 -48.83 54.77 -33.21
CA THR A 352 -49.41 54.35 -31.94
C THR A 352 -49.02 55.31 -30.82
N LEU A 353 -47.73 55.64 -30.71
CA LEU A 353 -47.27 56.48 -29.61
C LEU A 353 -47.79 57.90 -29.71
N GLN A 354 -47.93 58.43 -30.92
CA GLN A 354 -48.50 59.74 -31.11
C GLN A 354 -49.99 59.74 -30.76
N GLU A 355 -50.70 58.65 -31.09
CA GLU A 355 -52.07 58.51 -30.62
C GLU A 355 -52.12 58.51 -29.08
N GLU A 356 -51.19 57.78 -28.45
CA GLU A 356 -51.17 57.70 -27.00
C GLU A 356 -50.86 59.07 -26.38
N LYS A 357 -49.90 59.80 -26.96
CA LYS A 357 -49.61 61.14 -26.46
C LYS A 357 -50.79 62.07 -26.66
N SER A 358 -51.48 61.95 -27.80
CA SER A 358 -52.65 62.76 -28.05
C SER A 358 -53.71 62.52 -26.99
N LYS A 359 -53.98 61.25 -26.68
CA LYS A 359 -54.93 60.93 -25.63
C LYS A 359 -54.47 61.44 -24.28
N LEU A 360 -53.18 61.32 -23.99
CA LEU A 360 -52.65 61.82 -22.72
C LEU A 360 -52.80 63.33 -22.60
N ASN A 361 -52.55 64.06 -23.69
CA ASN A 361 -52.73 65.51 -23.68
C ASN A 361 -54.20 65.88 -23.53
N LYS A 362 -55.08 65.12 -24.18
CA LYS A 362 -56.51 65.32 -23.99
C LYS A 362 -56.88 65.17 -22.53
N ARG A 363 -56.31 64.16 -21.86
CA ARG A 363 -56.59 63.97 -20.44
C ARG A 363 -55.99 65.09 -19.60
N VAL A 364 -54.80 65.56 -19.97
CA VAL A 364 -54.14 66.62 -19.19
C VAL A 364 -54.95 67.90 -19.25
N SER A 365 -55.47 68.24 -20.43
CA SER A 365 -56.20 69.49 -20.59
C SER A 365 -57.43 69.56 -19.68
N SER A 366 -58.01 68.41 -19.33
CA SER A 366 -59.29 68.38 -18.63
C SER A 366 -59.17 68.60 -17.12
N MET A 367 -58.01 68.36 -16.54
CA MET A 367 -57.90 68.47 -15.09
C MET A 367 -57.43 69.85 -14.66
N PRO A 368 -57.61 70.21 -13.38
CA PRO A 368 -57.42 71.60 -12.96
C PRO A 368 -56.02 72.12 -13.23
N SER A 369 -55.95 73.44 -13.44
CA SER A 369 -54.69 74.11 -13.75
C SER A 369 -53.71 73.99 -12.59
N THR A 370 -54.22 73.91 -11.36
CA THR A 370 -53.33 73.68 -10.22
C THR A 370 -52.54 72.40 -10.39
N GLN A 371 -53.10 71.43 -11.11
CA GLN A 371 -52.39 70.21 -11.47
C GLN A 371 -51.66 70.34 -12.80
N GLN A 372 -52.25 71.05 -13.77
CA GLN A 372 -51.63 71.19 -15.08
C GLN A 372 -50.28 71.90 -14.99
N GLU A 373 -50.20 72.94 -14.18
CA GLU A 373 -48.95 73.68 -14.00
C GLU A 373 -47.85 72.76 -13.52
N VAL A 374 -48.12 72.02 -12.44
CA VAL A 374 -47.13 71.10 -11.88
C VAL A 374 -46.81 69.99 -12.86
N LEU A 375 -47.82 69.51 -13.60
CA LEU A 375 -47.59 68.42 -14.54
C LEU A 375 -46.68 68.86 -15.69
N ARG A 376 -46.92 70.04 -16.25
CA ARG A 376 -46.04 70.55 -17.30
C ARG A 376 -44.63 70.77 -16.76
N LEU A 377 -44.52 71.33 -15.56
CA LEU A 377 -43.21 71.59 -14.98
C LEU A 377 -42.45 70.30 -14.72
N SER A 378 -43.13 69.25 -14.27
CA SER A 378 -42.48 67.96 -14.07
C SER A 378 -42.18 67.27 -15.39
N ARG A 379 -43.05 67.43 -16.38
CA ARG A 379 -42.81 66.84 -17.70
C ARG A 379 -41.52 67.37 -18.28
N ASP A 380 -41.37 68.70 -18.32
CA ASP A 380 -40.14 69.28 -18.83
C ASP A 380 -38.93 68.70 -18.13
N VAL A 381 -39.01 68.52 -16.82
CA VAL A 381 -37.88 68.13 -15.98
C VAL A 381 -37.46 66.70 -16.20
N GLU A 382 -38.36 65.75 -15.96
CA GLU A 382 -37.95 64.35 -16.07
C GLU A 382 -37.84 63.93 -17.53
N SER A 383 -38.52 64.63 -18.45
CA SER A 383 -38.21 64.43 -19.86
C SER A 383 -36.80 64.89 -20.16
N GLY A 384 -36.35 65.99 -19.54
CA GLY A 384 -34.98 66.43 -19.74
C GLY A 384 -33.97 65.43 -19.25
N ARG A 385 -34.18 64.90 -18.04
CA ARG A 385 -33.30 63.82 -17.57
C ARG A 385 -33.36 62.58 -18.45
N ALA A 386 -34.53 62.20 -18.95
CA ALA A 386 -34.58 61.03 -19.81
C ALA A 386 -33.75 61.25 -21.06
N VAL A 387 -33.93 62.39 -21.72
CA VAL A 387 -33.14 62.71 -22.91
C VAL A 387 -31.66 62.79 -22.57
N TYR A 388 -31.34 63.36 -21.41
CA TYR A 388 -29.95 63.50 -20.99
C TYR A 388 -29.28 62.15 -20.79
N LEU A 389 -29.97 61.22 -20.12
CA LEU A 389 -29.44 59.88 -19.94
C LEU A 389 -29.27 59.18 -21.28
N GLN A 390 -30.25 59.33 -22.17
CA GLN A 390 -30.11 58.78 -23.51
C GLN A 390 -28.86 59.31 -24.18
N LEU A 391 -28.68 60.63 -24.16
CA LEU A 391 -27.53 61.24 -24.85
C LEU A 391 -26.21 60.76 -24.27
N LEU A 392 -26.15 60.62 -22.95
CA LEU A 392 -24.97 60.04 -22.34
C LEU A 392 -24.69 58.65 -22.90
N ASN A 393 -25.74 57.82 -22.97
CA ASN A 393 -25.60 56.52 -23.59
C ASN A 393 -25.09 56.66 -25.02
N ARG A 394 -25.61 57.67 -25.72
CA ARG A 394 -25.43 57.82 -27.15
C ARG A 394 -23.96 58.10 -27.44
N GLN A 395 -23.44 59.08 -26.71
CA GLN A 395 -22.03 59.41 -26.76
C GLN A 395 -21.18 58.21 -26.35
N GLN A 396 -21.64 57.45 -25.35
CA GLN A 396 -20.86 56.33 -24.87
C GLN A 396 -20.63 55.29 -25.95
N GLU A 397 -21.70 54.72 -26.52
CA GLU A 397 -21.41 53.61 -27.43
C GLU A 397 -20.97 54.13 -28.79
N LEU A 398 -21.24 55.41 -29.09
CA LEU A 398 -20.59 55.99 -30.26
C LEU A 398 -19.08 56.00 -30.09
N ASN A 399 -18.60 56.30 -28.88
CA ASN A 399 -17.18 56.12 -28.62
C ASN A 399 -16.75 54.66 -28.73
N ILE A 400 -17.65 53.70 -28.51
CA ILE A 400 -17.27 52.30 -28.58
C ILE A 400 -16.89 51.92 -30.01
N ALA A 401 -17.47 52.60 -30.99
CA ALA A 401 -17.04 52.41 -32.37
C ALA A 401 -15.55 52.70 -32.52
N LYS A 402 -15.02 53.69 -31.78
CA LYS A 402 -13.65 54.12 -31.99
C LYS A 402 -12.63 53.08 -31.56
N SER A 403 -12.69 52.62 -30.31
CA SER A 403 -11.60 51.81 -29.80
C SER A 403 -11.77 50.32 -30.08
N SER A 404 -12.69 49.95 -30.95
CA SER A 404 -12.85 48.56 -31.36
C SER A 404 -11.94 48.30 -32.56
N ALA A 405 -11.03 47.36 -32.41
CA ALA A 405 -10.03 47.10 -33.43
C ALA A 405 -10.46 46.03 -34.44
N ILE A 406 -11.68 45.53 -34.32
CA ILE A 406 -12.19 44.49 -35.21
C ILE A 406 -12.56 45.14 -36.53
N GLY A 407 -12.40 44.40 -37.63
CA GLY A 407 -12.73 44.91 -38.94
C GLY A 407 -14.10 44.45 -39.38
N ASN A 408 -14.15 43.44 -40.23
CA ASN A 408 -15.42 42.88 -40.69
C ASN A 408 -15.90 41.84 -39.70
N VAL A 409 -17.20 41.89 -39.41
CA VAL A 409 -17.80 41.05 -38.38
C VAL A 409 -18.86 40.16 -39.01
N ARG A 410 -18.58 39.70 -40.24
CA ARG A 410 -19.52 38.88 -41.01
C ARG A 410 -20.25 37.86 -40.15
N ILE A 411 -21.55 37.73 -40.37
CA ILE A 411 -22.35 36.65 -39.83
C ILE A 411 -22.38 35.56 -40.88
N ILE A 412 -22.01 34.34 -40.49
CA ILE A 412 -21.92 33.25 -41.45
C ILE A 412 -23.31 32.73 -41.81
N ASP A 413 -24.06 32.28 -40.80
CA ASP A 413 -25.39 31.74 -41.04
C ASP A 413 -26.33 32.15 -39.92
N ASN A 414 -27.50 32.64 -40.30
CA ASN A 414 -28.48 33.10 -39.32
C ASN A 414 -28.95 31.94 -38.45
N ALA A 415 -29.47 32.30 -37.28
CA ALA A 415 -29.85 31.31 -36.29
C ALA A 415 -31.08 30.52 -36.74
N VAL A 416 -31.04 29.21 -36.54
CA VAL A 416 -32.18 28.34 -36.75
C VAL A 416 -32.28 27.36 -35.58
N THR A 417 -33.50 27.10 -35.16
CA THR A 417 -33.73 26.31 -33.95
C THR A 417 -33.73 24.82 -34.28
N ASP A 418 -33.05 24.06 -33.46
CA ASP A 418 -33.10 22.61 -33.57
C ASP A 418 -34.52 22.14 -33.29
N PRO A 419 -35.17 21.43 -34.21
CA PRO A 419 -36.54 20.96 -33.92
C PRO A 419 -36.62 20.03 -32.72
N ASN A 420 -35.57 19.28 -32.43
CA ASN A 420 -35.62 18.36 -31.30
C ASN A 420 -35.37 19.12 -30.00
N PRO A 421 -36.29 19.06 -29.04
CA PRO A 421 -36.07 19.73 -27.76
C PRO A 421 -34.95 19.04 -27.00
N VAL A 422 -34.10 19.85 -26.36
CA VAL A 422 -33.02 19.28 -25.58
C VAL A 422 -33.44 19.03 -24.14
N ARG A 423 -34.40 19.79 -23.62
CA ARG A 423 -34.96 19.50 -22.31
C ARG A 423 -36.47 19.64 -22.42
N PRO A 424 -37.24 18.82 -21.70
CA PRO A 424 -36.76 17.79 -20.77
C PRO A 424 -36.15 16.60 -21.48
N LYS A 425 -35.05 16.08 -20.94
CA LYS A 425 -34.35 14.98 -21.59
C LYS A 425 -35.17 13.71 -21.51
N LYS A 426 -35.61 13.21 -22.66
CA LYS A 426 -36.27 11.92 -22.70
C LYS A 426 -35.29 10.83 -22.31
N THR A 427 -35.81 9.82 -21.60
CA THR A 427 -35.07 8.61 -21.24
C THR A 427 -33.85 8.88 -20.37
N ILE A 428 -33.69 10.09 -19.86
CA ILE A 428 -32.62 10.39 -18.92
C ILE A 428 -33.15 10.76 -17.55
N ILE A 429 -34.46 10.98 -17.41
CA ILE A 429 -35.08 11.12 -16.10
C ILE A 429 -35.86 9.84 -15.86
N ILE A 430 -36.28 9.19 -16.94
CA ILE A 430 -37.08 7.98 -16.82
C ILE A 430 -36.24 6.87 -16.21
N VAL A 431 -35.03 6.66 -16.73
CA VAL A 431 -34.14 5.70 -16.11
C VAL A 431 -33.81 6.12 -14.69
N ILE A 432 -33.70 7.43 -14.44
CA ILE A 432 -33.48 7.88 -13.08
C ILE A 432 -34.70 7.59 -12.22
N GLY A 433 -35.90 7.72 -12.76
CA GLY A 433 -37.07 7.29 -12.03
C GLY A 433 -37.01 5.81 -11.68
N VAL A 434 -36.52 4.99 -12.61
CA VAL A 434 -36.39 3.56 -12.38
C VAL A 434 -35.43 3.30 -11.23
N VAL A 435 -34.20 3.81 -11.32
CA VAL A 435 -33.24 3.53 -10.26
C VAL A 435 -33.62 4.18 -8.95
N LEU A 436 -34.34 5.29 -8.99
CA LEU A 436 -34.79 5.91 -7.75
C LEU A 436 -35.83 5.04 -7.05
N GLY A 437 -36.81 4.53 -7.81
CA GLY A 437 -37.72 3.56 -7.24
C GLY A 437 -37.02 2.33 -6.72
N LEU A 438 -36.03 1.83 -7.46
CA LEU A 438 -35.31 0.64 -7.02
C LEU A 438 -34.56 0.89 -5.72
N ILE A 439 -33.84 2.00 -5.62
CA ILE A 439 -33.07 2.29 -4.43
C ILE A 439 -33.97 2.61 -3.24
N VAL A 440 -35.06 3.34 -3.44
CA VAL A 440 -35.97 3.52 -2.31
C VAL A 440 -36.61 2.19 -1.92
N SER A 441 -36.81 1.29 -2.88
CA SER A 441 -37.33 -0.04 -2.54
C SER A 441 -36.36 -0.79 -1.65
N VAL A 442 -35.08 -0.82 -2.02
CA VAL A 442 -34.14 -1.60 -1.21
C VAL A 442 -33.98 -0.96 0.16
N VAL A 443 -33.88 0.36 0.23
CA VAL A 443 -33.68 1.00 1.53
C VAL A 443 -34.94 0.90 2.39
N LEU A 444 -36.11 0.70 1.78
CA LEU A 444 -37.32 0.55 2.58
C LEU A 444 -37.53 -0.90 3.00
N VAL A 445 -37.25 -1.85 2.11
CA VAL A 445 -37.44 -3.25 2.43
C VAL A 445 -36.43 -3.71 3.47
N LEU A 446 -35.16 -3.30 3.34
CA LEU A 446 -34.19 -3.66 4.37
C LEU A 446 -34.52 -2.99 5.70
N PHE A 447 -35.05 -1.77 5.64
CA PHE A 447 -35.46 -1.08 6.86
C PHE A 447 -36.57 -1.87 7.56
N GLN A 448 -37.58 -2.30 6.80
CA GLN A 448 -38.62 -3.15 7.39
C GLN A 448 -38.08 -4.48 7.86
N VAL A 449 -37.05 -5.01 7.20
CA VAL A 449 -36.42 -6.25 7.66
C VAL A 449 -35.85 -6.05 9.05
N PHE A 450 -35.13 -4.95 9.24
CA PHE A 450 -34.56 -4.63 10.54
C PHE A 450 -35.56 -3.97 11.47
N LEU A 451 -36.81 -3.85 11.04
CA LEU A 451 -37.87 -3.30 11.89
C LEU A 451 -38.45 -4.38 12.81
N ARG A 452 -38.95 -5.47 12.25
CA ARG A 452 -39.59 -6.49 13.06
C ARG A 452 -38.56 -7.24 13.88
N ARG A 453 -38.98 -7.65 15.08
CA ARG A 453 -38.10 -8.31 16.04
C ARG A 453 -38.65 -9.65 16.52
N GLY A 454 -39.85 -10.02 16.13
CA GLY A 454 -40.46 -11.24 16.63
C GLY A 454 -39.78 -12.52 16.19
N ILE A 455 -40.30 -13.65 16.65
CA ILE A 455 -39.81 -14.95 16.21
C ILE A 455 -40.04 -15.07 14.73
N GLU A 456 -39.14 -15.76 14.04
CA GLU A 456 -39.30 -16.05 12.62
C GLU A 456 -39.27 -17.53 12.30
N SER A 457 -38.76 -18.37 13.19
CA SER A 457 -38.69 -19.80 12.94
C SER A 457 -38.38 -20.55 14.22
N PRO A 458 -38.80 -21.82 14.34
CA PRO A 458 -38.55 -22.56 15.58
C PRO A 458 -37.08 -22.70 15.91
N GLU A 459 -36.20 -22.61 14.93
CA GLU A 459 -34.78 -22.66 15.22
C GLU A 459 -34.35 -21.54 16.15
N GLN A 460 -35.00 -20.38 16.10
CA GLN A 460 -34.65 -19.31 17.01
C GLN A 460 -34.88 -19.73 18.45
N LEU A 461 -36.00 -20.41 18.71
CA LEU A 461 -36.25 -20.89 20.06
C LEU A 461 -35.34 -22.04 20.43
N GLU A 462 -35.16 -23.00 19.52
CA GLU A 462 -34.36 -24.17 19.86
C GLU A 462 -32.89 -23.83 20.03
N GLU A 463 -32.44 -22.69 19.50
CA GLU A 463 -31.11 -22.20 19.84
C GLU A 463 -31.01 -21.89 21.32
N ILE A 464 -32.04 -21.27 21.88
CA ILE A 464 -32.08 -21.00 23.31
C ILE A 464 -32.18 -22.26 24.13
N GLY A 465 -32.69 -23.34 23.55
CA GLY A 465 -32.84 -24.59 24.27
C GLY A 465 -34.27 -24.85 24.69
N ILE A 466 -35.22 -24.56 23.80
CA ILE A 466 -36.64 -24.70 24.06
C ILE A 466 -37.20 -25.72 23.09
N ASN A 467 -37.82 -26.76 23.62
CA ASN A 467 -38.36 -27.83 22.77
C ASN A 467 -39.67 -27.34 22.18
N VAL A 468 -39.63 -26.85 20.94
CA VAL A 468 -40.84 -26.42 20.26
C VAL A 468 -41.64 -27.66 19.90
N TYR A 469 -42.78 -27.85 20.57
CA TYR A 469 -43.55 -29.07 20.34
C TYR A 469 -44.42 -29.02 19.11
N ALA A 470 -44.67 -27.83 18.56
CA ALA A 470 -45.55 -27.74 17.40
C ALA A 470 -45.38 -26.38 16.75
N SER A 471 -45.85 -26.27 15.52
CA SER A 471 -45.90 -25.01 14.79
C SER A 471 -47.29 -24.92 14.17
N ILE A 472 -48.26 -24.41 14.93
CA ILE A 472 -49.63 -24.40 14.43
C ILE A 472 -49.76 -23.32 13.37
N PRO A 473 -50.13 -23.65 12.14
CA PRO A 473 -50.26 -22.63 11.10
C PRO A 473 -51.52 -21.80 11.29
N ILE A 474 -51.47 -20.60 10.72
CA ILE A 474 -52.62 -19.70 10.80
C ILE A 474 -53.77 -20.25 9.97
N SER A 475 -54.96 -20.24 10.55
CA SER A 475 -56.15 -20.67 9.84
C SER A 475 -56.97 -19.46 9.40
N GLU A 476 -57.56 -19.56 8.20
CA GLU A 476 -58.29 -18.42 7.64
C GLU A 476 -59.50 -18.06 8.50
N TRP A 477 -60.20 -19.07 9.01
CA TRP A 477 -61.41 -18.85 9.78
C TRP A 477 -61.20 -17.89 10.93
N ASP A 494 -68.58 -19.60 15.80
CA ASP A 494 -67.97 -19.45 17.11
C ASP A 494 -67.54 -20.81 17.66
N THR A 495 -68.05 -21.87 17.05
CA THR A 495 -67.76 -23.21 17.52
C THR A 495 -66.30 -23.57 17.25
N LEU A 496 -65.85 -24.65 17.87
CA LEU A 496 -64.45 -25.02 17.83
C LEU A 496 -64.03 -25.37 16.41
N LEU A 497 -62.86 -24.86 16.00
CA LEU A 497 -62.32 -25.23 14.70
C LEU A 497 -62.11 -26.73 14.58
N ALA A 498 -61.78 -27.38 15.69
CA ALA A 498 -61.57 -28.83 15.65
C ALA A 498 -62.86 -29.60 15.45
N VAL A 499 -64.01 -28.96 15.62
CA VAL A 499 -65.29 -29.60 15.30
C VAL A 499 -66.03 -28.89 14.19
N GLY A 500 -65.63 -27.67 13.84
CA GLY A 500 -66.25 -26.98 12.74
C GLY A 500 -65.68 -27.39 11.40
N ASN A 501 -64.35 -27.35 11.28
CA ASN A 501 -63.65 -27.68 10.04
C ASN A 501 -62.56 -28.70 10.38
N PRO A 502 -62.94 -29.96 10.61
CA PRO A 502 -62.00 -30.91 11.19
C PRO A 502 -60.75 -31.15 10.37
N ALA A 503 -60.77 -30.84 9.07
CA ALA A 503 -59.63 -31.13 8.21
C ALA A 503 -58.77 -29.91 7.94
N ASP A 504 -58.96 -28.83 8.68
CA ASP A 504 -58.14 -27.65 8.44
C ASP A 504 -56.72 -27.90 8.91
N LEU A 505 -55.77 -27.24 8.24
CA LEU A 505 -54.36 -27.48 8.52
C LEU A 505 -54.04 -27.27 10.00
N ALA A 506 -54.59 -26.22 10.60
CA ALA A 506 -54.32 -25.98 12.00
C ALA A 506 -54.77 -27.15 12.86
N VAL A 507 -55.88 -27.79 12.53
CA VAL A 507 -56.31 -28.94 13.30
C VAL A 507 -55.40 -30.15 13.07
N GLU A 508 -54.88 -30.34 11.86
CA GLU A 508 -53.92 -31.42 11.68
C GLU A 508 -52.65 -31.19 12.49
N ALA A 509 -52.17 -29.95 12.51
CA ALA A 509 -51.01 -29.64 13.33
C ALA A 509 -51.30 -29.81 14.81
N ILE A 510 -52.53 -29.55 15.23
CA ILE A 510 -52.88 -29.75 16.62
C ILE A 510 -52.97 -31.24 16.94
N ARG A 511 -53.41 -32.06 16.00
CA ARG A 511 -53.30 -33.50 16.22
C ARG A 511 -51.86 -33.95 16.33
N GLY A 512 -50.98 -33.36 15.52
CA GLY A 512 -49.56 -33.66 15.66
C GLY A 512 -49.04 -33.29 17.02
N LEU A 513 -49.46 -32.14 17.53
CA LEU A 513 -49.12 -31.78 18.90
C LEU A 513 -49.70 -32.78 19.89
N ARG A 514 -50.90 -33.29 19.63
CA ARG A 514 -51.46 -34.31 20.52
C ARG A 514 -50.56 -35.53 20.60
N THR A 515 -50.09 -36.02 19.46
CA THR A 515 -49.25 -37.20 19.49
C THR A 515 -47.93 -36.91 20.19
N SER A 516 -47.31 -35.77 19.87
CA SER A 516 -46.04 -35.46 20.50
C SER A 516 -46.19 -35.32 22.00
N LEU A 517 -47.29 -34.72 22.46
CA LEU A 517 -47.54 -34.63 23.89
C LEU A 517 -47.74 -36.01 24.49
N HIS A 518 -48.64 -36.81 23.88
CA HIS A 518 -48.93 -38.13 24.41
C HIS A 518 -47.66 -38.95 24.60
N PHE A 519 -46.68 -38.76 23.72
CA PHE A 519 -45.39 -39.37 24.03
C PHE A 519 -44.70 -38.65 25.18
N ALA A 520 -44.65 -37.33 25.13
CA ALA A 520 -43.87 -36.61 26.13
C ALA A 520 -44.59 -36.47 27.46
N MET A 521 -45.90 -36.68 27.50
CA MET A 521 -46.66 -36.48 28.74
C MET A 521 -46.66 -37.70 29.64
N MET A 522 -46.36 -38.88 29.11
CA MET A 522 -46.24 -40.04 29.98
C MET A 522 -45.04 -39.87 30.91
N GLU A 523 -45.05 -40.65 31.98
CA GLU A 523 -44.07 -40.68 33.07
C GLU A 523 -43.86 -39.31 33.74
N ALA A 524 -44.70 -38.32 33.44
CA ALA A 524 -44.82 -37.13 34.26
C ALA A 524 -45.58 -37.47 35.53
N LYS A 525 -45.42 -36.64 36.56
CA LYS A 525 -45.92 -37.02 37.89
C LYS A 525 -47.44 -37.15 37.91
N ASN A 526 -48.16 -36.39 37.09
CA ASN A 526 -49.60 -36.53 37.01
C ASN A 526 -50.07 -36.08 35.63
N ASN A 527 -51.36 -36.24 35.39
CA ASN A 527 -51.93 -35.99 34.06
C ASN A 527 -52.52 -34.60 33.92
N VAL A 528 -51.92 -33.60 34.57
CA VAL A 528 -52.37 -32.22 34.44
C VAL A 528 -51.41 -31.50 33.52
N LEU A 529 -51.98 -30.75 32.57
CA LEU A 529 -51.20 -30.00 31.59
C LEU A 529 -51.56 -28.53 31.72
N MET A 530 -50.55 -27.70 31.91
CA MET A 530 -50.74 -26.26 32.05
C MET A 530 -50.21 -25.59 30.79
N ILE A 531 -51.06 -24.85 30.10
CA ILE A 531 -50.68 -24.16 28.89
C ILE A 531 -50.79 -22.67 29.15
N SER A 532 -49.67 -21.98 29.08
CA SER A 532 -49.60 -20.55 29.40
C SER A 532 -49.16 -19.78 28.17
N GLY A 533 -49.98 -18.82 27.75
CA GLY A 533 -49.55 -17.96 26.68
C GLY A 533 -48.37 -17.12 27.09
N ALA A 534 -47.55 -16.75 26.11
CA ALA A 534 -46.45 -15.86 26.42
C ALA A 534 -46.92 -14.43 26.59
N SER A 535 -48.14 -14.14 26.20
CA SER A 535 -48.69 -12.80 26.17
C SER A 535 -50.18 -12.92 25.90
N PRO A 536 -51.00 -11.93 26.24
CA PRO A 536 -52.34 -11.91 25.70
C PRO A 536 -52.24 -11.77 24.20
N SER A 537 -53.25 -12.32 23.51
CA SER A 537 -53.24 -12.37 22.05
C SER A 537 -52.08 -13.20 21.54
N ALA A 538 -51.74 -14.27 22.26
CA ALA A 538 -50.88 -15.31 21.72
C ALA A 538 -51.66 -16.53 21.31
N GLY A 539 -52.98 -16.54 21.50
CA GLY A 539 -53.79 -17.65 21.07
C GLY A 539 -53.81 -18.81 22.03
N MET A 540 -53.57 -18.57 23.31
CA MET A 540 -53.55 -19.65 24.28
C MET A 540 -54.84 -20.45 24.24
N THR A 541 -55.99 -19.76 24.25
CA THR A 541 -57.23 -20.49 24.34
C THR A 541 -57.62 -21.16 23.04
N PHE A 542 -57.22 -20.60 21.91
CA PHE A 542 -57.42 -21.30 20.63
C PHE A 542 -56.77 -22.67 20.67
N ILE A 543 -55.47 -22.70 20.98
CA ILE A 543 -54.75 -23.96 20.99
C ILE A 543 -55.27 -24.88 22.07
N SER A 544 -55.49 -24.35 23.26
CA SER A 544 -55.92 -25.23 24.36
C SER A 544 -57.28 -25.84 24.06
N SER A 545 -58.23 -25.06 23.55
CA SER A 545 -59.55 -25.58 23.28
C SER A 545 -59.52 -26.62 22.17
N ASN A 546 -58.85 -26.31 21.06
CA ASN A 546 -58.82 -27.28 19.96
C ASN A 546 -58.07 -28.54 20.37
N LEU A 547 -56.99 -28.39 21.13
CA LEU A 547 -56.27 -29.56 21.60
C LEU A 547 -57.15 -30.42 22.48
N ALA A 548 -57.93 -29.80 23.36
CA ALA A 548 -58.84 -30.57 24.18
C ALA A 548 -59.88 -31.28 23.33
N ALA A 549 -60.37 -30.64 22.28
CA ALA A 549 -61.34 -31.30 21.40
C ALA A 549 -60.71 -32.50 20.70
N THR A 550 -59.51 -32.30 20.17
CA THR A 550 -58.84 -33.37 19.43
C THR A 550 -58.45 -34.53 20.33
N ILE A 551 -58.23 -34.26 21.62
CA ILE A 551 -57.99 -35.37 22.53
C ILE A 551 -59.28 -36.01 23.01
N ALA A 552 -60.37 -35.25 23.11
CA ALA A 552 -61.62 -35.85 23.55
C ALA A 552 -62.20 -36.77 22.49
N ILE A 553 -62.13 -36.37 21.22
CA ILE A 553 -62.70 -37.21 20.17
C ILE A 553 -61.97 -38.54 20.11
N THR A 554 -60.72 -38.58 20.57
CA THR A 554 -59.98 -39.83 20.61
C THR A 554 -60.67 -40.85 21.50
N GLY A 555 -61.23 -40.40 22.62
CA GLY A 555 -61.94 -41.29 23.51
C GLY A 555 -61.54 -41.15 24.97
N LYS A 556 -60.77 -40.11 25.27
CA LYS A 556 -60.37 -39.84 26.64
C LYS A 556 -61.26 -38.80 27.27
N LYS A 557 -61.48 -38.94 28.58
CA LYS A 557 -62.19 -37.93 29.34
C LYS A 557 -61.27 -36.75 29.56
N VAL A 558 -61.68 -35.57 29.11
CA VAL A 558 -60.84 -34.39 29.18
C VAL A 558 -61.57 -33.31 29.95
N LEU A 559 -60.85 -32.65 30.86
CA LEU A 559 -61.37 -31.52 31.61
C LEU A 559 -60.57 -30.29 31.24
N PHE A 560 -61.25 -29.19 30.96
CA PHE A 560 -60.62 -27.96 30.49
C PHE A 560 -60.89 -26.87 31.52
N ILE A 561 -59.91 -26.57 32.35
CA ILE A 561 -60.04 -25.56 33.38
C ILE A 561 -59.53 -24.24 32.83
N ASP A 562 -60.35 -23.20 32.91
CA ASP A 562 -59.93 -21.87 32.46
C ASP A 562 -59.54 -21.05 33.69
N ALA A 563 -58.32 -21.25 34.15
CA ALA A 563 -57.86 -20.59 35.36
C ALA A 563 -57.32 -19.19 35.06
N ASP A 564 -57.76 -18.59 33.96
CA ASP A 564 -57.41 -17.20 33.66
C ASP A 564 -58.47 -16.32 34.32
N LEU A 565 -58.34 -16.15 35.63
CA LEU A 565 -59.35 -15.44 36.39
C LEU A 565 -59.40 -13.96 36.09
N ARG A 566 -58.44 -13.41 35.37
CA ARG A 566 -58.41 -11.96 35.21
C ARG A 566 -59.25 -11.50 34.03
N LYS A 567 -58.99 -12.01 32.84
CA LYS A 567 -59.82 -11.66 31.69
C LYS A 567 -60.09 -12.89 30.83
N GLY A 568 -60.44 -14.01 31.45
CA GLY A 568 -60.77 -15.20 30.69
C GLY A 568 -62.13 -15.09 30.05
N TYR A 569 -62.24 -15.66 28.84
CA TYR A 569 -63.47 -15.55 28.06
C TYR A 569 -63.84 -16.84 27.34
N ALA A 570 -63.31 -17.99 27.78
CA ALA A 570 -63.67 -19.24 27.13
C ALA A 570 -65.15 -19.53 27.27
N HIS A 571 -65.73 -19.23 28.44
CA HIS A 571 -67.16 -19.41 28.63
C HIS A 571 -67.97 -18.55 27.66
N LYS A 572 -67.43 -17.41 27.22
CA LYS A 572 -68.10 -16.61 26.21
C LYS A 572 -68.05 -17.25 24.83
N MET A 573 -67.26 -18.31 24.65
CA MET A 573 -67.10 -18.95 23.37
C MET A 573 -67.66 -20.37 23.31
N PHE A 574 -67.73 -21.08 24.44
CA PHE A 574 -68.26 -22.43 24.43
C PHE A 574 -69.76 -22.48 24.68
N GLY A 575 -70.39 -21.36 25.05
CA GLY A 575 -71.75 -21.42 25.55
C GLY A 575 -71.70 -21.82 27.01
N HIS A 576 -72.36 -21.09 27.88
CA HIS A 576 -72.01 -21.21 29.29
C HIS A 576 -73.17 -20.89 30.20
N LYS A 577 -73.07 -21.40 31.43
CA LYS A 577 -73.79 -20.87 32.58
C LYS A 577 -72.74 -20.09 33.39
N ASN A 578 -72.77 -18.77 33.24
CA ASN A 578 -71.70 -17.93 33.77
C ASN A 578 -71.58 -18.01 35.29
N ASP A 579 -72.68 -18.28 35.98
CA ASP A 579 -72.64 -18.42 37.42
C ASP A 579 -71.86 -19.66 37.81
N LYS A 580 -71.26 -19.62 39.00
CA LYS A 580 -70.59 -20.78 39.59
C LYS A 580 -69.47 -21.29 38.69
N GLY A 581 -68.60 -20.39 38.28
CA GLY A 581 -67.42 -20.75 37.51
C GLY A 581 -66.35 -21.35 38.39
N LEU A 582 -65.10 -20.99 38.10
CA LEU A 582 -63.99 -21.44 38.94
C LEU A 582 -63.85 -20.56 40.17
N SER A 583 -63.94 -19.25 40.00
CA SER A 583 -63.74 -18.34 41.12
C SER A 583 -64.75 -18.58 42.22
N GLU A 584 -65.99 -18.85 41.85
CA GLU A 584 -67.01 -19.17 42.85
C GLU A 584 -66.72 -20.45 43.59
N PHE A 585 -65.81 -21.29 43.09
CA PHE A 585 -65.43 -22.48 43.82
C PHE A 585 -64.31 -22.21 44.82
N LEU A 586 -63.27 -21.50 44.38
CA LEU A 586 -62.19 -21.15 45.29
C LEU A 586 -62.72 -20.33 46.46
N SER A 587 -63.74 -19.51 46.20
CA SER A 587 -64.35 -18.74 47.27
C SER A 587 -65.09 -19.62 48.27
N GLY A 588 -65.29 -20.89 47.95
CA GLY A 588 -65.99 -21.80 48.83
C GLY A 588 -67.50 -21.74 48.77
N GLN A 589 -68.05 -20.92 47.88
CA GLN A 589 -69.50 -20.77 47.76
C GLN A 589 -70.08 -21.65 46.66
N ALA A 590 -69.31 -22.60 46.13
CA ALA A 590 -69.79 -23.52 45.12
C ALA A 590 -69.15 -24.87 45.34
N ALA A 591 -69.83 -25.92 44.91
CA ALA A 591 -69.31 -27.27 45.06
C ALA A 591 -68.52 -27.68 43.83
N ALA A 592 -67.78 -28.78 43.96
CA ALA A 592 -66.91 -29.22 42.88
C ALA A 592 -67.69 -29.69 41.66
N GLU A 593 -68.84 -30.33 41.85
CA GLU A 593 -69.61 -30.84 40.73
C GLU A 593 -70.50 -29.78 40.10
N MET A 594 -70.86 -28.74 40.86
CA MET A 594 -71.80 -27.76 40.36
C MET A 594 -71.17 -26.80 39.34
N ILE A 595 -69.85 -26.86 39.16
CA ILE A 595 -69.16 -25.88 38.32
C ILE A 595 -68.81 -26.50 36.98
N ILE A 596 -68.78 -27.84 36.92
CA ILE A 596 -68.38 -28.52 35.70
C ILE A 596 -69.49 -28.46 34.66
N ASP A 597 -69.12 -28.37 33.40
CA ASP A 597 -70.05 -28.19 32.31
C ASP A 597 -69.81 -29.27 31.25
N LYS A 598 -70.50 -29.11 30.11
CA LYS A 598 -70.37 -29.97 28.94
C LYS A 598 -70.33 -29.09 27.71
N VAL A 599 -69.18 -29.03 27.04
CA VAL A 599 -69.16 -28.45 25.71
C VAL A 599 -69.72 -29.49 24.74
N GLU A 600 -70.93 -29.26 24.25
CA GLU A 600 -71.58 -30.28 23.41
C GLU A 600 -70.80 -30.55 22.15
N GLY A 601 -70.07 -29.55 21.63
CA GLY A 601 -69.28 -29.74 20.44
C GLY A 601 -68.05 -30.58 20.68
N GLY A 602 -67.12 -30.07 21.48
CA GLY A 602 -65.87 -30.75 21.70
C GLY A 602 -66.04 -32.08 22.41
N GLY A 603 -67.03 -32.19 23.28
CA GLY A 603 -67.17 -33.39 24.08
C GLY A 603 -66.19 -33.50 25.23
N PHE A 604 -65.83 -32.38 25.85
CA PHE A 604 -64.94 -32.38 26.99
C PHE A 604 -65.54 -31.50 28.08
N ASP A 605 -65.29 -31.87 29.33
CA ASP A 605 -65.81 -31.11 30.45
C ASP A 605 -65.06 -29.81 30.62
N TYR A 606 -65.80 -28.75 30.90
CA TYR A 606 -65.26 -27.40 30.87
C TYR A 606 -65.57 -26.70 32.17
N ILE A 607 -64.58 -25.99 32.72
CA ILE A 607 -64.75 -25.19 33.92
C ILE A 607 -64.40 -23.75 33.60
N GLY A 608 -65.38 -22.88 33.65
CA GLY A 608 -65.15 -21.48 33.35
C GLY A 608 -64.64 -20.72 34.55
N ARG A 609 -64.10 -19.53 34.30
CA ARG A 609 -63.57 -18.74 35.39
C ARG A 609 -64.66 -18.20 36.30
N GLY A 610 -65.87 -18.05 35.81
CA GLY A 610 -66.90 -17.42 36.61
C GLY A 610 -66.66 -15.92 36.72
N GLN A 611 -67.10 -15.35 37.83
CA GLN A 611 -66.95 -13.91 38.02
C GLN A 611 -65.50 -13.57 38.30
N ILE A 612 -65.06 -12.43 37.76
CA ILE A 612 -63.71 -11.94 38.02
C ILE A 612 -63.63 -11.56 39.48
N PRO A 613 -62.77 -12.19 40.27
CA PRO A 613 -62.67 -11.84 41.67
C PRO A 613 -61.73 -10.67 41.86
N PRO A 614 -61.75 -10.02 43.02
CA PRO A 614 -60.81 -8.92 43.26
C PRO A 614 -59.41 -9.37 43.62
N ASN A 615 -59.24 -10.62 44.06
CA ASN A 615 -57.94 -11.15 44.49
C ASN A 615 -57.67 -12.46 43.78
N PRO A 616 -57.27 -12.42 42.51
CA PRO A 616 -57.00 -13.66 41.78
C PRO A 616 -55.89 -14.48 42.41
N ALA A 617 -54.70 -13.90 42.48
CA ALA A 617 -53.54 -14.66 42.94
C ALA A 617 -53.70 -15.10 44.39
N GLU A 618 -54.44 -14.33 45.17
CA GLU A 618 -54.73 -14.74 46.53
C GLU A 618 -55.70 -15.91 46.55
N LEU A 619 -56.61 -15.97 45.58
CA LEU A 619 -57.53 -17.10 45.50
C LEU A 619 -56.79 -18.36 45.10
N LEU A 620 -55.97 -18.27 44.06
CA LEU A 620 -55.36 -19.48 43.50
C LEU A 620 -54.49 -20.19 44.53
N MET A 621 -54.04 -19.49 45.55
CA MET A 621 -53.22 -20.14 46.57
C MET A 621 -54.06 -20.93 47.55
N HIS A 622 -55.38 -20.80 47.51
CA HIS A 622 -56.22 -21.51 48.45
C HIS A 622 -56.11 -23.02 48.21
N PRO A 623 -56.09 -23.84 49.26
CA PRO A 623 -55.91 -25.30 49.06
C PRO A 623 -57.05 -25.97 48.33
N ARG A 624 -58.20 -25.30 48.16
CA ARG A 624 -59.26 -25.89 47.37
C ARG A 624 -58.83 -26.15 45.95
N PHE A 625 -57.89 -25.35 45.43
CA PHE A 625 -57.38 -25.62 44.09
C PHE A 625 -56.62 -26.94 44.06
N GLU A 626 -55.82 -27.20 45.09
CA GLU A 626 -55.16 -28.49 45.21
C GLU A 626 -56.17 -29.62 45.27
N GLN A 627 -57.23 -29.45 46.05
CA GLN A 627 -58.24 -30.49 46.15
C GLN A 627 -58.91 -30.73 44.80
N LEU A 628 -59.24 -29.65 44.09
CA LEU A 628 -59.91 -29.77 42.81
C LEU A 628 -59.06 -30.55 41.83
N LEU A 629 -57.77 -30.19 41.72
CA LEU A 629 -56.92 -30.90 40.79
C LEU A 629 -56.73 -32.36 41.20
N ASN A 630 -56.55 -32.62 42.50
CA ASN A 630 -56.38 -33.99 42.94
C ASN A 630 -57.61 -34.83 42.62
N TRP A 631 -58.79 -34.26 42.80
CA TRP A 631 -60.02 -34.98 42.49
C TRP A 631 -60.17 -35.21 41.00
N ALA A 632 -59.95 -34.16 40.20
CA ALA A 632 -60.16 -34.26 38.76
C ALA A 632 -59.18 -35.24 38.14
N SER A 633 -57.92 -35.20 38.55
CA SER A 633 -56.90 -36.05 37.95
C SER A 633 -57.19 -37.50 38.24
N GLN A 634 -58.08 -37.76 39.19
CA GLN A 634 -58.61 -39.09 39.42
C GLN A 634 -59.86 -39.36 38.62
N ASN A 635 -60.66 -38.33 38.34
CA ASN A 635 -61.87 -38.53 37.56
C ASN A 635 -61.73 -38.14 36.09
N TYR A 636 -60.53 -37.81 35.62
CA TYR A 636 -60.35 -37.44 34.22
C TYR A 636 -59.04 -37.99 33.71
N ASP A 637 -58.96 -38.16 32.40
CA ASP A 637 -57.75 -38.65 31.76
C ASP A 637 -56.74 -37.54 31.51
N LEU A 638 -57.20 -36.34 31.20
CA LEU A 638 -56.32 -35.22 30.95
C LEU A 638 -56.99 -33.97 31.48
N ILE A 639 -56.18 -33.05 32.03
CA ILE A 639 -56.66 -31.79 32.54
C ILE A 639 -55.83 -30.69 31.92
N ILE A 640 -56.47 -29.78 31.21
CA ILE A 640 -55.78 -28.65 30.58
C ILE A 640 -56.15 -27.40 31.35
N ILE A 641 -55.15 -26.58 31.65
CA ILE A 641 -55.35 -25.36 32.42
C ILE A 641 -54.89 -24.18 31.58
N ASP A 642 -55.70 -23.14 31.51
CA ASP A 642 -55.33 -21.89 30.89
C ASP A 642 -54.91 -20.92 32.00
N THR A 643 -53.74 -20.32 31.84
CA THR A 643 -53.24 -19.40 32.83
C THR A 643 -52.85 -18.09 32.19
N PRO A 644 -52.91 -16.99 32.94
CA PRO A 644 -52.46 -15.71 32.42
C PRO A 644 -50.97 -15.76 32.16
N PRO A 645 -50.45 -14.85 31.35
CA PRO A 645 -49.01 -14.80 31.13
C PRO A 645 -48.26 -14.65 32.44
N ILE A 646 -47.02 -15.10 32.44
CA ILE A 646 -46.16 -14.92 33.60
C ILE A 646 -45.43 -13.58 33.55
N LEU A 647 -45.35 -12.96 32.39
CA LEU A 647 -44.80 -11.61 32.31
C LEU A 647 -45.75 -10.57 32.90
N ALA A 648 -47.01 -10.91 33.10
CA ALA A 648 -48.00 -9.94 33.53
C ALA A 648 -48.42 -10.14 34.98
N VAL A 649 -48.75 -11.37 35.35
CA VAL A 649 -49.14 -11.69 36.71
C VAL A 649 -48.36 -12.91 37.16
N THR A 650 -48.63 -13.35 38.39
CA THR A 650 -47.96 -14.51 38.97
C THR A 650 -48.86 -15.73 39.06
N ASP A 651 -50.03 -15.71 38.41
CA ASP A 651 -50.94 -16.84 38.53
C ASP A 651 -50.33 -18.10 37.94
N ALA A 652 -49.64 -17.98 36.81
CA ALA A 652 -49.10 -19.15 36.16
C ALA A 652 -48.12 -19.89 37.06
N ALA A 653 -47.29 -19.15 37.79
CA ALA A 653 -46.33 -19.75 38.70
C ALA A 653 -46.97 -20.29 39.96
N ILE A 654 -48.23 -19.94 40.22
CA ILE A 654 -48.95 -20.56 41.32
C ILE A 654 -49.57 -21.87 40.90
N ILE A 655 -50.13 -21.91 39.68
CA ILE A 655 -50.73 -23.16 39.22
C ILE A 655 -49.66 -24.17 38.83
N GLY A 656 -48.56 -23.72 38.23
CA GLY A 656 -47.49 -24.64 37.89
C GLY A 656 -46.91 -25.36 39.09
N ARG A 657 -47.32 -24.98 40.29
CA ARG A 657 -46.98 -25.75 41.48
C ARG A 657 -47.43 -27.20 41.31
N TYR A 658 -48.51 -27.42 40.59
CA TYR A 658 -49.22 -28.70 40.61
C TYR A 658 -49.32 -29.35 39.24
N ALA A 659 -48.75 -28.77 38.21
CA ALA A 659 -48.92 -29.26 36.85
C ALA A 659 -47.79 -30.23 36.50
N GLY A 660 -48.15 -31.35 35.90
CA GLY A 660 -47.14 -32.29 35.44
C GLY A 660 -46.34 -31.75 34.27
N THR A 661 -46.98 -31.00 33.39
CA THR A 661 -46.33 -30.46 32.20
C THR A 661 -46.78 -29.02 31.99
N CYS A 662 -45.83 -28.14 31.70
CA CYS A 662 -46.13 -26.75 31.44
C CYS A 662 -45.58 -26.36 30.08
N LEU A 663 -46.39 -25.66 29.30
CA LEU A 663 -46.03 -25.30 27.94
C LEU A 663 -46.27 -23.82 27.73
N LEU A 664 -45.43 -23.19 26.92
CA LEU A 664 -45.65 -21.81 26.53
C LEU A 664 -46.17 -21.77 25.11
N VAL A 665 -47.07 -20.83 24.84
CA VAL A 665 -47.60 -20.60 23.51
C VAL A 665 -47.13 -19.22 23.06
N ALA A 666 -46.55 -19.15 21.86
CA ALA A 666 -45.96 -17.92 21.36
C ALA A 666 -46.49 -17.66 19.96
N ARG A 667 -47.09 -16.50 19.76
CA ARG A 667 -47.51 -16.12 18.41
C ARG A 667 -46.29 -16.04 17.50
N PHE A 668 -46.51 -16.23 16.22
CA PHE A 668 -45.39 -16.40 15.30
C PHE A 668 -44.49 -15.18 15.23
N GLU A 669 -45.03 -14.03 14.89
CA GLU A 669 -44.21 -12.84 14.72
C GLU A 669 -44.42 -11.81 15.82
N LYS A 670 -45.36 -12.04 16.74
CA LYS A 670 -45.56 -11.05 17.80
C LYS A 670 -44.54 -11.21 18.91
N ASN A 671 -44.57 -12.34 19.60
CA ASN A 671 -43.74 -12.51 20.77
C ASN A 671 -42.28 -12.71 20.36
N THR A 672 -41.38 -12.09 21.10
CA THR A 672 -39.97 -12.14 20.76
C THR A 672 -39.30 -13.30 21.47
N VAL A 673 -38.05 -13.56 21.12
CA VAL A 673 -37.30 -14.57 21.84
C VAL A 673 -37.09 -14.16 23.28
N LYS A 674 -36.91 -12.86 23.53
CA LYS A 674 -36.69 -12.40 24.89
C LYS A 674 -37.88 -12.69 25.78
N GLU A 675 -39.08 -12.54 25.28
CA GLU A 675 -40.25 -12.81 26.11
C GLU A 675 -40.30 -14.27 26.51
N ILE A 676 -40.02 -15.19 25.59
CA ILE A 676 -40.04 -16.60 25.95
C ILE A 676 -38.89 -16.93 26.89
N ASP A 677 -37.72 -16.36 26.67
CA ASP A 677 -36.60 -16.64 27.56
C ASP A 677 -36.90 -16.16 28.97
N VAL A 678 -37.40 -14.94 29.10
CA VAL A 678 -37.69 -14.39 30.41
C VAL A 678 -38.82 -15.16 31.06
N SER A 679 -39.82 -15.56 30.29
CA SER A 679 -40.92 -16.33 30.87
C SER A 679 -40.44 -17.68 31.38
N MET A 680 -39.60 -18.37 30.62
CA MET A 680 -39.11 -19.66 31.12
C MET A 680 -38.21 -19.48 32.33
N LYS A 681 -37.35 -18.47 32.34
CA LYS A 681 -36.51 -18.29 33.51
C LYS A 681 -37.32 -17.90 34.74
N ARG A 682 -38.32 -17.04 34.57
CA ARG A 682 -39.17 -16.68 35.69
C ARG A 682 -40.03 -17.84 36.14
N PHE A 683 -40.36 -18.76 35.25
CA PHE A 683 -41.00 -19.98 35.70
C PHE A 683 -40.06 -20.82 36.53
N GLU A 684 -38.80 -20.90 36.11
CA GLU A 684 -37.83 -21.71 36.86
C GLU A 684 -37.58 -21.13 38.25
N GLN A 685 -37.50 -19.80 38.36
CA GLN A 685 -37.33 -19.20 39.67
C GLN A 685 -38.43 -19.61 40.62
N SER A 686 -39.61 -19.88 40.10
CA SER A 686 -40.75 -20.21 40.93
C SER A 686 -40.91 -21.69 41.13
N GLY A 687 -39.94 -22.49 40.70
CA GLY A 687 -40.02 -23.93 40.87
C GLY A 687 -40.83 -24.65 39.82
N VAL A 688 -41.16 -23.98 38.72
CA VAL A 688 -41.95 -24.57 37.65
C VAL A 688 -41.05 -24.74 36.44
N VAL A 689 -40.92 -25.96 35.97
CA VAL A 689 -40.06 -26.28 34.84
C VAL A 689 -40.92 -26.32 33.59
N VAL A 690 -40.69 -25.36 32.69
CA VAL A 690 -41.45 -25.30 31.44
C VAL A 690 -40.93 -26.37 30.50
N LYS A 691 -41.80 -27.31 30.14
CA LYS A 691 -41.39 -28.42 29.29
C LYS A 691 -40.88 -27.93 27.94
N GLY A 692 -41.61 -27.01 27.32
CA GLY A 692 -41.22 -26.51 26.02
C GLY A 692 -42.18 -25.44 25.57
N CYS A 693 -42.08 -25.09 24.30
CA CYS A 693 -42.90 -24.04 23.72
C CYS A 693 -43.82 -24.62 22.65
N ILE A 694 -44.80 -23.82 22.25
CA ILE A 694 -45.70 -24.19 21.16
C ILE A 694 -45.86 -22.96 20.28
N LEU A 695 -45.07 -22.89 19.21
CA LEU A 695 -45.22 -21.77 18.30
C LEU A 695 -46.62 -21.78 17.73
N ASN A 696 -47.15 -20.60 17.42
CA ASN A 696 -48.55 -20.51 17.04
C ASN A 696 -48.73 -19.43 16.00
N GLY A 697 -49.76 -19.59 15.19
CA GLY A 697 -50.07 -18.60 14.17
C GLY A 697 -48.95 -18.39 13.18
N VAL A 698 -48.24 -19.44 12.83
CA VAL A 698 -47.17 -19.34 11.85
C VAL A 698 -47.77 -19.28 10.46
N VAL A 699 -47.27 -18.35 9.63
CA VAL A 699 -47.82 -18.14 8.31
C VAL A 699 -47.57 -19.36 7.44
N LYS A 700 -48.51 -19.62 6.52
CA LYS A 700 -48.38 -20.80 5.66
C LYS A 700 -47.20 -20.72 4.72
N LYS A 701 -46.58 -19.56 4.57
CA LYS A 701 -45.34 -19.50 3.82
C LYS A 701 -44.21 -20.19 4.57
N ALA A 702 -44.22 -20.10 5.90
CA ALA A 702 -43.15 -20.66 6.71
C ALA A 702 -43.52 -21.99 7.36
N SER A 703 -44.78 -22.40 7.32
CA SER A 703 -45.17 -23.68 7.88
C SER A 703 -44.98 -24.77 6.86
N SER A 704 -44.49 -25.92 7.31
CA SER A 704 -44.31 -27.07 6.44
C SER A 704 -45.59 -27.84 6.18
N TYR A 705 -46.68 -27.48 6.84
CA TYR A 705 -47.94 -28.19 6.67
C TYR A 705 -48.60 -27.79 5.35
N TYR A 706 -49.29 -28.75 4.75
CA TYR A 706 -50.02 -28.52 3.52
C TYR A 706 -51.16 -29.53 3.44
N ARG A 707 -52.12 -29.24 2.57
CA ARG A 707 -53.27 -30.12 2.42
C ARG A 707 -52.82 -31.46 1.86
N TYR A 708 -53.54 -32.52 2.24
CA TYR A 708 -53.17 -33.86 1.82
C TYR A 708 -54.45 -34.70 1.79
N GLY A 709 -54.93 -35.01 0.59
CA GLY A 709 -56.15 -35.78 0.44
C GLY A 709 -57.15 -35.16 -0.51
N ILE B 17 -19.43 -26.63 -8.23
CA ILE B 17 -19.16 -25.34 -8.85
C ILE B 17 -17.70 -25.27 -9.28
N ASP B 18 -16.95 -26.31 -8.91
CA ASP B 18 -15.54 -26.39 -9.28
C ASP B 18 -15.41 -26.64 -10.77
N LEU B 19 -14.21 -26.32 -11.30
CA LEU B 19 -13.89 -26.51 -12.71
C LEU B 19 -14.35 -27.86 -13.24
N GLY B 20 -14.09 -28.92 -12.50
CA GLY B 20 -14.57 -30.24 -12.88
C GLY B 20 -16.08 -30.28 -12.92
N ARG B 21 -16.71 -29.78 -11.85
CA ARG B 21 -18.16 -29.68 -11.83
C ARG B 21 -18.66 -28.76 -12.94
N VAL B 22 -17.93 -27.68 -13.20
CA VAL B 22 -18.32 -26.73 -14.24
C VAL B 22 -18.38 -27.43 -15.59
N ILE B 23 -17.29 -28.08 -15.98
CA ILE B 23 -17.27 -28.74 -17.28
C ILE B 23 -18.25 -29.90 -17.33
N GLY B 24 -18.44 -30.59 -16.21
CA GLY B 24 -19.40 -31.67 -16.17
C GLY B 24 -20.80 -31.18 -16.48
N GLU B 25 -21.22 -30.10 -15.82
CA GLU B 25 -22.55 -29.58 -16.07
C GLU B 25 -22.66 -28.93 -17.44
N LEU B 26 -21.55 -28.39 -17.95
CA LEU B 26 -21.57 -27.82 -19.29
C LEU B 26 -21.80 -28.90 -20.33
N ILE B 27 -21.10 -30.02 -20.22
CA ILE B 27 -21.32 -31.13 -21.13
C ILE B 27 -22.70 -31.73 -20.92
N ASP B 28 -23.15 -31.82 -19.66
CA ASP B 28 -24.50 -32.29 -19.38
C ASP B 28 -25.53 -31.37 -20.02
N HIS B 29 -25.35 -30.06 -19.84
CA HIS B 29 -26.20 -29.07 -20.48
C HIS B 29 -25.65 -28.61 -21.82
N ARG B 30 -24.85 -29.45 -22.49
CA ARG B 30 -24.24 -29.02 -23.74
C ARG B 30 -25.31 -28.65 -24.77
N LYS B 31 -26.43 -29.36 -24.76
CA LYS B 31 -27.51 -29.00 -25.68
C LYS B 31 -27.95 -27.55 -25.45
N LEU B 32 -28.18 -27.17 -24.19
CA LEU B 32 -28.67 -25.82 -23.91
C LEU B 32 -27.63 -24.76 -24.27
N ILE B 33 -26.39 -24.94 -23.82
CA ILE B 33 -25.35 -23.94 -24.06
C ILE B 33 -25.11 -23.77 -25.55
N ILE B 34 -24.94 -24.88 -26.28
CA ILE B 34 -24.69 -24.75 -27.70
C ILE B 34 -25.91 -24.20 -28.40
N SER B 35 -27.12 -24.54 -27.94
CA SER B 35 -28.32 -24.04 -28.61
C SER B 35 -28.42 -22.53 -28.49
N ILE B 36 -28.27 -21.99 -27.28
CA ILE B 36 -28.43 -20.55 -27.13
C ILE B 36 -27.26 -19.80 -27.76
N THR B 37 -26.03 -20.29 -27.55
CA THR B 37 -24.91 -19.63 -28.20
C THR B 37 -25.07 -19.64 -29.71
N SER B 38 -25.54 -20.76 -30.26
CA SER B 38 -25.72 -20.87 -31.70
C SER B 38 -26.81 -19.92 -32.18
N VAL B 39 -27.92 -19.79 -31.44
CA VAL B 39 -28.99 -18.94 -31.95
C VAL B 39 -28.60 -17.47 -31.85
N PHE B 40 -27.87 -17.06 -30.81
CA PHE B 40 -27.38 -15.68 -30.80
C PHE B 40 -26.35 -15.45 -31.90
N THR B 41 -25.50 -16.45 -32.17
CA THR B 41 -24.59 -16.29 -33.29
C THR B 41 -25.33 -16.22 -34.61
N LEU B 42 -26.44 -16.96 -34.75
CA LEU B 42 -27.24 -16.87 -35.96
C LEU B 42 -27.89 -15.50 -36.08
N PHE B 43 -28.33 -14.94 -34.96
CA PHE B 43 -28.84 -13.57 -34.98
C PHE B 43 -27.74 -12.61 -35.43
N ALA B 44 -26.52 -12.80 -34.93
CA ALA B 44 -25.40 -11.96 -35.36
C ALA B 44 -25.13 -12.13 -36.85
N ILE B 45 -25.17 -13.36 -37.36
CA ILE B 45 -24.93 -13.60 -38.76
C ILE B 45 -25.98 -12.91 -39.62
N LEU B 46 -27.25 -13.07 -39.25
CA LEU B 46 -28.30 -12.47 -40.06
C LEU B 46 -28.28 -10.95 -39.97
N TYR B 47 -27.91 -10.40 -38.82
CA TYR B 47 -27.79 -8.94 -38.73
C TYR B 47 -26.63 -8.44 -39.57
N ALA B 48 -25.47 -9.07 -39.44
CA ALA B 48 -24.30 -8.68 -40.23
C ALA B 48 -24.53 -8.88 -41.72
N LEU B 49 -25.42 -9.79 -42.09
CA LEU B 49 -25.68 -10.05 -43.50
C LEU B 49 -26.83 -9.23 -44.05
N LEU B 50 -27.67 -8.67 -43.18
CA LEU B 50 -28.81 -7.87 -43.59
C LEU B 50 -28.66 -6.40 -43.26
N ALA B 51 -27.78 -6.03 -42.35
CA ALA B 51 -27.54 -4.62 -42.06
C ALA B 51 -27.03 -3.92 -43.31
N THR B 52 -27.72 -2.86 -43.71
CA THR B 52 -27.41 -2.20 -44.96
C THR B 52 -25.98 -1.66 -44.94
N PRO B 53 -25.18 -1.96 -45.95
CA PRO B 53 -23.80 -1.49 -45.94
C PRO B 53 -23.74 0.01 -46.05
N ILE B 54 -22.69 0.59 -45.46
CA ILE B 54 -22.46 2.02 -45.50
C ILE B 54 -21.03 2.26 -45.94
N TYR B 55 -20.88 2.90 -47.09
CA TYR B 55 -19.56 3.23 -47.61
C TYR B 55 -19.12 4.57 -47.06
N GLU B 56 -17.82 4.83 -47.15
CA GLU B 56 -17.28 6.13 -46.80
C GLU B 56 -16.38 6.61 -47.91
N THR B 57 -16.47 7.88 -48.24
CA THR B 57 -15.61 8.49 -49.22
C THR B 57 -14.67 9.46 -48.54
N ASP B 58 -13.54 9.71 -49.18
CA ASP B 58 -12.52 10.56 -48.59
C ASP B 58 -12.04 11.57 -49.63
N ALA B 59 -11.69 12.76 -49.15
CA ALA B 59 -11.03 13.76 -49.94
C ALA B 59 -10.02 14.47 -49.06
N LEU B 60 -9.01 15.06 -49.69
CA LEU B 60 -7.92 15.69 -48.97
C LEU B 60 -7.89 17.17 -49.32
N ILE B 61 -7.96 18.02 -48.31
CA ILE B 61 -8.01 19.47 -48.48
C ILE B 61 -6.82 20.09 -47.77
N GLN B 62 -6.06 20.92 -48.48
CA GLN B 62 -4.90 21.57 -47.92
C GLN B 62 -5.17 23.05 -47.69
N ILE B 63 -4.46 23.62 -46.73
CA ILE B 63 -4.38 25.06 -46.54
C ILE B 63 -2.90 25.34 -46.31
N GLU B 64 -2.51 26.61 -46.23
CA GLU B 64 -1.20 26.94 -45.68
C GLU B 64 -1.23 26.82 -44.16
N GLN B 85 -3.18 26.69 -39.37
CA GLN B 85 -4.42 27.04 -38.69
C GLN B 85 -5.42 25.90 -38.75
N SER B 86 -6.35 25.99 -39.71
CA SER B 86 -7.30 24.93 -40.04
C SER B 86 -8.31 24.70 -38.92
N ALA B 87 -8.15 25.42 -37.82
CA ALA B 87 -9.10 25.31 -36.72
C ALA B 87 -10.40 26.07 -37.03
N PRO B 88 -10.36 27.22 -37.70
CA PRO B 88 -11.63 27.78 -38.19
C PRO B 88 -12.23 26.96 -39.30
N GLU B 89 -11.40 26.38 -40.18
CA GLU B 89 -11.92 25.68 -41.34
C GLU B 89 -12.69 24.43 -40.94
N THR B 90 -12.21 23.71 -39.95
CA THR B 90 -12.92 22.51 -39.52
C THR B 90 -14.31 22.82 -39.00
N ALA B 91 -14.59 24.08 -38.69
CA ALA B 91 -15.93 24.48 -38.27
C ALA B 91 -16.68 25.30 -39.32
N LEU B 92 -15.99 25.80 -40.34
CA LEU B 92 -16.69 26.53 -41.38
C LEU B 92 -17.22 25.59 -42.46
N LEU B 93 -16.49 24.51 -42.75
CA LEU B 93 -17.01 23.50 -43.67
C LEU B 93 -18.31 22.93 -43.15
N GLN B 94 -18.37 22.66 -41.85
CA GLN B 94 -19.56 22.13 -41.22
C GLN B 94 -20.60 23.21 -40.92
N SER B 95 -20.45 24.40 -41.48
CA SER B 95 -21.44 25.44 -41.29
C SER B 95 -22.64 25.18 -42.18
N ARG B 96 -23.77 25.76 -41.80
CA ARG B 96 -24.95 25.60 -42.63
C ARG B 96 -24.85 26.36 -43.94
N MET B 97 -23.97 27.36 -44.05
CA MET B 97 -23.87 28.04 -45.33
C MET B 97 -23.31 27.13 -46.40
N ILE B 98 -22.28 26.36 -46.07
CA ILE B 98 -21.65 25.49 -47.06
C ILE B 98 -22.54 24.29 -47.36
N LEU B 99 -22.93 23.57 -46.31
CA LEU B 99 -23.75 22.38 -46.52
C LEU B 99 -25.07 22.73 -47.18
N GLY B 100 -25.72 23.80 -46.73
CA GLY B 100 -26.99 24.18 -47.28
C GLY B 100 -26.91 24.59 -48.73
N LYS B 101 -25.72 24.88 -49.23
CA LYS B 101 -25.62 25.19 -50.65
C LYS B 101 -25.48 23.92 -51.48
N THR B 102 -24.75 22.92 -50.98
CA THR B 102 -24.77 21.62 -51.65
C THR B 102 -26.18 21.05 -51.66
N ILE B 103 -26.92 21.23 -50.56
CA ILE B 103 -28.27 20.70 -50.48
C ILE B 103 -29.11 21.26 -51.61
N ASP B 104 -29.09 22.59 -51.76
CA ASP B 104 -29.85 23.22 -52.83
C ASP B 104 -29.27 22.89 -54.20
N ASP B 105 -28.00 22.51 -54.26
CA ASP B 105 -27.35 22.22 -55.53
C ASP B 105 -27.76 20.86 -56.07
N LEU B 106 -27.65 19.82 -55.25
CA LEU B 106 -27.94 18.46 -55.66
C LEU B 106 -29.34 18.03 -55.30
N ASN B 107 -30.17 18.93 -54.80
CA ASN B 107 -31.54 18.63 -54.43
C ASN B 107 -31.59 17.49 -53.41
N LEU B 108 -30.83 17.67 -52.33
CA LEU B 108 -30.70 16.63 -51.33
C LEU B 108 -31.84 16.60 -50.34
N GLN B 109 -32.74 17.56 -50.38
CA GLN B 109 -33.95 17.48 -49.58
C GLN B 109 -34.99 16.58 -50.22
N ILE B 110 -34.70 16.04 -51.40
CA ILE B 110 -35.57 15.10 -52.08
C ILE B 110 -35.01 13.71 -51.79
N GLN B 111 -35.61 13.02 -50.82
CA GLN B 111 -35.12 11.73 -50.38
C GLN B 111 -35.90 10.62 -51.08
N ILE B 112 -35.20 9.54 -51.44
CA ILE B 112 -35.79 8.44 -52.20
C ILE B 112 -35.30 7.12 -51.62
N GLU B 113 -36.22 6.19 -51.40
CA GLU B 113 -35.88 4.84 -50.97
C GLU B 113 -36.66 3.82 -51.77
N GLN B 114 -36.00 2.74 -52.17
CA GLN B 114 -36.70 1.58 -52.68
C GLN B 114 -37.47 0.93 -51.52
N LYS B 115 -38.73 0.62 -51.76
CA LYS B 115 -39.61 0.15 -50.70
C LYS B 115 -39.43 -1.34 -50.49
N TYR B 116 -39.32 -1.75 -49.22
CA TYR B 116 -39.31 -3.15 -48.83
C TYR B 116 -40.17 -3.28 -47.59
N PHE B 117 -41.27 -4.05 -47.71
CA PHE B 117 -42.18 -4.18 -46.58
C PHE B 117 -41.52 -4.72 -45.31
N PRO B 118 -40.64 -5.71 -45.33
CA PRO B 118 -40.00 -6.13 -44.09
C PRO B 118 -38.87 -5.19 -43.72
N VAL B 119 -38.43 -5.31 -42.48
CA VAL B 119 -37.27 -4.55 -42.04
C VAL B 119 -35.98 -5.06 -42.67
N ILE B 120 -36.03 -6.22 -43.31
CA ILE B 120 -34.84 -6.83 -43.92
C ILE B 120 -35.04 -7.09 -45.41
N GLY B 121 -36.08 -6.53 -46.01
CA GLY B 121 -36.30 -6.74 -47.43
C GLY B 121 -35.19 -6.19 -48.30
N ARG B 122 -34.71 -4.99 -47.98
CA ARG B 122 -33.62 -4.40 -48.75
C ARG B 122 -32.36 -5.26 -48.65
N GLY B 123 -32.03 -5.72 -47.45
CA GLY B 123 -30.84 -6.53 -47.28
C GLY B 123 -30.89 -7.81 -48.09
N LEU B 124 -32.00 -8.54 -48.00
CA LEU B 124 -32.12 -9.78 -48.75
C LEU B 124 -32.16 -9.52 -50.24
N ALA B 125 -32.75 -8.40 -50.65
CA ALA B 125 -32.71 -8.04 -52.07
C ALA B 125 -31.28 -7.86 -52.54
N ARG B 126 -30.44 -7.24 -51.72
CA ARG B 126 -29.02 -7.18 -52.03
C ARG B 126 -28.41 -8.58 -52.04
N LEU B 127 -28.84 -9.43 -51.11
CA LEU B 127 -28.29 -10.78 -51.03
C LEU B 127 -28.57 -11.56 -52.30
N MET B 128 -29.78 -11.44 -52.83
CA MET B 128 -30.17 -12.16 -54.03
C MET B 128 -29.45 -11.67 -55.28
N GLY B 129 -28.59 -10.66 -55.14
CA GLY B 129 -27.92 -10.08 -56.29
C GLY B 129 -28.76 -9.09 -57.07
N GLU B 130 -29.96 -8.78 -56.60
CA GLU B 130 -30.82 -7.85 -57.31
C GLU B 130 -30.23 -6.45 -57.27
N LYS B 131 -30.14 -5.82 -58.43
CA LYS B 131 -29.59 -4.48 -58.51
C LYS B 131 -30.56 -3.49 -57.87
N PRO B 132 -30.12 -2.69 -56.91
CA PRO B 132 -31.06 -1.79 -56.23
C PRO B 132 -31.65 -0.76 -57.17
N GLY B 133 -32.91 -0.44 -56.93
CA GLY B 133 -33.59 0.53 -57.76
C GLY B 133 -33.23 1.96 -57.39
N ASN B 134 -33.26 2.83 -58.39
CA ASN B 134 -32.95 4.24 -58.17
C ASN B 134 -33.52 5.06 -59.33
N ILE B 135 -34.01 6.25 -59.00
CA ILE B 135 -34.56 7.17 -59.97
C ILE B 135 -33.89 8.52 -59.79
N ASP B 136 -34.34 9.50 -60.56
CA ASP B 136 -33.80 10.85 -60.51
C ASP B 136 -34.94 11.85 -60.60
N ILE B 137 -35.11 12.66 -59.55
CA ILE B 137 -36.13 13.68 -59.52
C ILE B 137 -35.41 15.03 -59.55
N THR B 138 -35.46 15.70 -60.69
CA THR B 138 -34.84 17.00 -60.81
C THR B 138 -35.68 18.12 -60.20
N ARG B 139 -36.95 17.85 -59.93
CA ARG B 139 -37.84 18.89 -59.39
C ARG B 139 -39.00 18.20 -58.68
N LEU B 140 -39.05 18.34 -57.36
CA LEU B 140 -40.16 17.84 -56.57
C LEU B 140 -40.82 18.99 -55.84
N TYR B 141 -42.15 19.07 -55.96
CA TYR B 141 -42.94 20.02 -55.19
C TYR B 141 -44.18 19.29 -54.70
N LEU B 142 -44.15 18.88 -53.43
CA LEU B 142 -45.28 18.19 -52.84
C LEU B 142 -46.40 19.17 -52.55
N PRO B 143 -47.57 18.67 -52.15
CA PRO B 143 -48.67 19.55 -51.75
C PRO B 143 -48.30 20.46 -50.60
N ASP B 144 -47.20 20.18 -49.92
CA ASP B 144 -46.71 20.95 -48.78
C ASP B 144 -47.73 20.91 -47.64
N SER B 145 -48.10 19.68 -47.26
CA SER B 145 -48.85 19.48 -46.02
C SER B 145 -48.06 20.07 -44.85
N ASP B 146 -46.86 19.53 -44.61
CA ASP B 146 -45.88 20.14 -43.71
C ASP B 146 -46.48 20.41 -42.33
N ASP B 147 -47.21 19.42 -41.81
CA ASP B 147 -47.83 19.57 -40.51
C ASP B 147 -46.76 19.65 -39.41
N ILE B 148 -47.22 19.93 -38.19
CA ILE B 148 -46.28 20.04 -37.07
C ILE B 148 -45.60 18.70 -36.83
N SER B 149 -46.38 17.62 -36.80
CA SER B 149 -45.81 16.29 -36.65
C SER B 149 -45.30 15.75 -37.98
N ASN B 150 -46.17 15.69 -38.98
CA ASN B 150 -45.80 15.17 -40.30
C ASN B 150 -45.41 16.33 -41.21
N ASN B 151 -44.30 16.98 -40.84
CA ASN B 151 -43.70 17.99 -41.69
C ASN B 151 -42.98 17.40 -42.89
N THR B 152 -42.96 16.07 -43.02
CA THR B 152 -42.34 15.39 -44.14
C THR B 152 -43.41 14.69 -44.96
N PRO B 153 -44.04 15.37 -45.89
CA PRO B 153 -45.04 14.71 -46.76
C PRO B 153 -44.41 13.56 -47.52
N SER B 154 -45.00 12.38 -47.37
CA SER B 154 -44.48 11.16 -47.96
C SER B 154 -45.40 10.68 -49.08
N ILE B 155 -44.81 10.35 -50.22
CA ILE B 155 -45.54 9.77 -51.35
C ILE B 155 -44.78 8.54 -51.80
N ILE B 156 -45.46 7.70 -52.58
CA ILE B 156 -44.89 6.46 -53.07
C ILE B 156 -44.98 6.46 -54.59
N LEU B 157 -43.86 6.16 -55.25
CA LEU B 157 -43.85 5.99 -56.69
C LEU B 157 -44.03 4.53 -57.06
N THR B 158 -45.01 4.25 -57.90
CA THR B 158 -45.22 2.92 -58.45
C THR B 158 -44.68 2.92 -59.88
N VAL B 159 -43.60 2.18 -60.10
CA VAL B 159 -42.95 2.15 -61.41
C VAL B 159 -43.80 1.27 -62.33
N LYS B 160 -44.38 1.88 -63.36
CA LYS B 160 -45.16 1.11 -64.31
C LYS B 160 -44.30 0.52 -65.41
N ASP B 161 -43.41 1.33 -66.00
CA ASP B 161 -42.48 0.84 -67.00
C ASP B 161 -41.22 1.70 -66.93
N LYS B 162 -40.41 1.65 -67.98
CA LYS B 162 -39.22 2.47 -68.08
C LYS B 162 -39.54 3.92 -68.45
N GLU B 163 -40.77 4.21 -68.86
CA GLU B 163 -41.16 5.56 -69.25
C GLU B 163 -42.19 6.16 -68.31
N ASN B 164 -43.32 5.49 -68.13
CA ASN B 164 -44.42 6.01 -67.32
C ASN B 164 -44.41 5.37 -65.94
N TYR B 165 -45.25 5.92 -65.07
CA TYR B 165 -45.28 5.54 -63.66
C TYR B 165 -46.56 6.11 -63.06
N SER B 166 -46.81 5.75 -61.81
CA SER B 166 -47.93 6.31 -61.07
C SER B 166 -47.49 6.64 -59.66
N ILE B 167 -48.07 7.70 -59.11
CA ILE B 167 -47.74 8.19 -57.77
C ILE B 167 -49.02 8.25 -56.96
N ASN B 168 -49.02 7.58 -55.81
CA ASN B 168 -50.13 7.64 -54.87
C ASN B 168 -49.71 8.43 -53.64
N SER B 169 -50.44 9.50 -53.34
CA SER B 169 -50.18 10.29 -52.14
C SER B 169 -50.90 9.69 -50.94
N ASP B 170 -52.23 9.65 -51.00
CA ASP B 170 -53.04 9.00 -49.99
C ASP B 170 -54.05 8.06 -50.63
N GLY B 171 -53.72 7.54 -51.81
CA GLY B 171 -54.62 6.68 -52.54
C GLY B 171 -54.84 7.18 -53.95
N ILE B 172 -54.77 8.49 -54.13
CA ILE B 172 -54.99 9.10 -55.44
C ILE B 172 -53.75 8.88 -56.30
N GLN B 173 -53.82 7.91 -57.19
CA GLN B 173 -52.68 7.54 -58.02
C GLN B 173 -52.69 8.38 -59.29
N LEU B 174 -51.64 9.18 -59.47
CA LEU B 174 -51.50 10.03 -60.65
C LEU B 174 -50.48 9.40 -61.58
N ASN B 175 -50.90 9.08 -62.79
CA ASN B 175 -50.03 8.46 -63.77
C ASN B 175 -49.21 9.52 -64.49
N GLY B 176 -47.92 9.29 -64.62
CA GLY B 176 -47.05 10.25 -65.28
C GLY B 176 -45.89 9.55 -65.98
N VAL B 177 -45.29 10.28 -66.91
CA VAL B 177 -44.17 9.80 -67.70
C VAL B 177 -42.98 10.73 -67.47
N VAL B 178 -41.78 10.16 -67.55
CA VAL B 178 -40.58 10.97 -67.44
C VAL B 178 -40.58 12.02 -68.54
N GLY B 179 -39.90 13.13 -68.29
CA GLY B 179 -40.01 14.26 -69.18
C GLY B 179 -41.08 15.22 -68.70
N THR B 180 -42.30 15.04 -69.20
CA THR B 180 -43.42 15.86 -68.75
C THR B 180 -43.57 15.78 -67.24
N LEU B 181 -43.71 16.95 -66.61
CA LEU B 181 -43.86 17.04 -65.17
C LEU B 181 -45.33 16.95 -64.80
N LEU B 182 -45.61 16.25 -63.71
CA LEU B 182 -46.97 16.15 -63.19
C LEU B 182 -47.20 17.31 -62.24
N ASN B 183 -48.14 18.19 -62.58
CA ASN B 183 -48.52 19.31 -61.73
C ASN B 183 -50.03 19.26 -61.53
N GLU B 184 -50.46 18.49 -60.53
CA GLU B 184 -51.88 18.32 -60.23
C GLU B 184 -52.06 18.28 -58.72
N LYS B 185 -53.20 18.78 -58.25
CA LYS B 185 -53.52 18.81 -56.82
C LYS B 185 -52.42 19.49 -56.02
N GLY B 186 -51.77 20.48 -56.61
CA GLY B 186 -50.63 21.10 -55.96
C GLY B 186 -49.38 20.25 -55.91
N ILE B 187 -49.35 19.14 -56.65
CA ILE B 187 -48.21 18.24 -56.67
C ILE B 187 -47.45 18.53 -57.95
N SER B 188 -46.29 19.20 -57.83
CA SER B 188 -45.42 19.42 -58.97
C SER B 188 -44.23 18.48 -58.86
N LEU B 189 -44.16 17.51 -59.77
CA LEU B 189 -43.15 16.48 -59.72
C LEU B 189 -42.52 16.33 -61.09
N LEU B 190 -41.20 16.32 -61.13
CA LEU B 190 -40.43 16.16 -62.36
C LEU B 190 -39.39 15.08 -62.11
N VAL B 191 -39.71 13.84 -62.49
CA VAL B 191 -38.80 12.71 -62.34
C VAL B 191 -38.39 12.25 -63.73
N ASN B 192 -37.11 11.94 -63.88
CA ASN B 192 -36.57 11.48 -65.15
C ASN B 192 -35.58 10.36 -64.88
N GLU B 193 -35.25 9.61 -65.93
CA GLU B 193 -34.31 8.50 -65.85
C GLU B 193 -34.75 7.47 -64.79
N ILE B 194 -36.04 7.16 -64.80
CA ILE B 194 -36.57 6.17 -63.87
C ILE B 194 -35.91 4.82 -64.16
N ASP B 195 -35.75 4.03 -63.11
CA ASP B 195 -35.03 2.76 -63.22
C ASP B 195 -35.83 1.78 -64.08
N ALA B 196 -35.25 0.59 -64.26
CA ALA B 196 -35.82 -0.40 -65.16
C ALA B 196 -36.96 -1.17 -64.51
N LYS B 197 -36.69 -1.80 -63.36
CA LYS B 197 -37.62 -2.73 -62.73
C LYS B 197 -38.96 -2.08 -62.43
N PRO B 198 -40.02 -2.47 -63.12
CA PRO B 198 -41.34 -1.87 -62.90
C PRO B 198 -42.01 -2.51 -61.69
N GLY B 199 -43.20 -1.99 -61.37
CA GLY B 199 -43.95 -2.46 -60.23
C GLY B 199 -43.35 -2.14 -58.88
N ASP B 200 -42.15 -1.58 -58.84
CA ASP B 200 -41.51 -1.27 -57.57
C ASP B 200 -42.19 -0.07 -56.93
N GLN B 201 -41.88 0.14 -55.65
CA GLN B 201 -42.40 1.26 -54.89
C GLN B 201 -41.22 2.09 -54.38
N PHE B 202 -41.30 3.40 -54.60
CA PHE B 202 -40.25 4.33 -54.16
C PHE B 202 -40.85 5.33 -53.20
N VAL B 203 -40.31 5.39 -51.99
CA VAL B 203 -40.77 6.34 -51.00
C VAL B 203 -40.04 7.66 -51.22
N ILE B 204 -40.80 8.72 -51.45
CA ILE B 204 -40.24 10.05 -51.70
C ILE B 204 -40.60 10.96 -50.53
N THR B 205 -39.59 11.61 -49.97
CA THR B 205 -39.79 12.49 -48.83
C THR B 205 -39.13 13.82 -49.11
N GLN B 206 -39.91 14.89 -49.00
CA GLN B 206 -39.39 16.24 -49.15
C GLN B 206 -39.09 16.83 -47.76
N LEU B 207 -38.12 16.21 -47.11
CA LEU B 207 -37.77 16.61 -45.75
C LEU B 207 -37.26 18.04 -45.74
N PRO B 208 -37.47 18.77 -44.65
CA PRO B 208 -37.15 20.19 -44.65
C PRO B 208 -35.65 20.43 -44.78
N ARG B 209 -35.33 21.62 -45.26
CA ARG B 209 -33.94 21.96 -45.58
C ARG B 209 -33.05 21.78 -44.36
N LEU B 210 -33.54 22.16 -43.18
CA LEU B 210 -32.74 22.01 -41.97
C LEU B 210 -32.45 20.54 -41.68
N LYS B 211 -33.44 19.67 -41.85
CA LYS B 211 -33.19 18.24 -41.66
C LYS B 211 -32.21 17.73 -42.70
N ALA B 212 -32.36 18.19 -43.95
CA ALA B 212 -31.47 17.78 -45.03
C ALA B 212 -30.07 18.31 -44.84
N ILE B 213 -29.89 19.32 -44.00
CA ILE B 213 -28.56 19.75 -43.59
C ILE B 213 -28.05 18.90 -42.44
N SER B 214 -28.90 18.66 -41.46
CA SER B 214 -28.48 17.98 -40.24
C SER B 214 -28.05 16.55 -40.51
N ASP B 215 -28.76 15.84 -41.40
CA ASP B 215 -28.36 14.47 -41.68
C ASP B 215 -27.00 14.43 -42.38
N LEU B 216 -26.81 15.30 -43.37
CA LEU B 216 -25.52 15.40 -44.02
C LEU B 216 -24.44 15.71 -43.01
N LEU B 217 -24.75 16.61 -42.08
CA LEU B 217 -23.74 17.05 -41.10
C LEU B 217 -23.42 15.95 -40.09
N LYS B 218 -24.40 15.12 -39.73
CA LYS B 218 -24.06 14.02 -38.83
C LYS B 218 -23.25 12.96 -39.56
N SER B 219 -23.46 12.81 -40.86
CA SER B 219 -22.61 11.90 -41.61
C SER B 219 -21.24 12.51 -41.89
N PHE B 220 -21.18 13.81 -42.08
CA PHE B 220 -19.96 14.50 -42.47
C PHE B 220 -18.97 14.55 -41.31
N SER B 221 -17.68 14.67 -41.63
CA SER B 221 -16.66 14.75 -40.58
C SER B 221 -15.38 15.32 -41.16
N VAL B 222 -14.55 15.90 -40.29
CA VAL B 222 -13.32 16.57 -40.70
C VAL B 222 -12.22 16.22 -39.70
N ALA B 223 -10.97 16.26 -40.17
CA ALA B 223 -9.80 16.09 -39.31
C ALA B 223 -8.62 16.80 -39.97
N ASP B 224 -7.50 16.87 -39.27
CA ASP B 224 -6.34 17.59 -39.78
C ASP B 224 -5.08 16.76 -39.88
N LEU B 225 -4.86 15.82 -38.95
CA LEU B 225 -3.74 14.88 -38.92
C LEU B 225 -2.37 15.53 -38.94
N GLY B 226 -2.28 16.85 -38.84
CA GLY B 226 -0.98 17.48 -38.72
C GLY B 226 -0.91 18.55 -37.66
N LYS B 227 -2.09 18.97 -37.19
CA LYS B 227 -2.28 19.85 -36.05
C LYS B 227 -1.83 21.27 -36.35
N ASP B 228 -1.09 21.43 -37.46
CA ASP B 228 -0.90 22.71 -38.11
C ASP B 228 -0.91 22.58 -39.62
N THR B 229 -0.75 21.37 -40.15
CA THR B 229 -0.74 21.18 -41.59
C THR B 229 -2.08 21.56 -42.17
N GLY B 230 -2.05 22.17 -43.36
CA GLY B 230 -3.29 22.48 -44.02
C GLY B 230 -4.07 21.26 -44.45
N MET B 231 -3.48 20.07 -44.35
CA MET B 231 -4.15 18.87 -44.78
C MET B 231 -5.41 18.65 -43.95
N LEU B 232 -6.56 18.56 -44.61
CA LEU B 232 -7.81 18.19 -43.96
C LEU B 232 -8.36 16.97 -44.67
N THR B 233 -8.70 15.94 -43.88
CA THR B 233 -9.31 14.73 -44.43
C THR B 233 -10.82 14.86 -44.30
N LEU B 234 -11.44 15.41 -45.33
CA LEU B 234 -12.89 15.36 -45.38
C LEU B 234 -13.33 13.91 -45.51
N THR B 235 -14.34 13.53 -44.75
CA THR B 235 -14.87 12.18 -44.87
C THR B 235 -16.39 12.23 -44.77
N LEU B 236 -17.05 11.51 -45.68
CA LEU B 236 -18.49 11.42 -45.69
C LEU B 236 -18.87 9.96 -45.84
N THR B 237 -19.84 9.51 -45.05
CA THR B 237 -20.27 8.12 -45.05
C THR B 237 -21.72 8.02 -45.51
N GLY B 238 -21.98 7.11 -46.44
CA GLY B 238 -23.33 6.92 -46.92
C GLY B 238 -23.50 5.53 -47.48
N ASP B 239 -24.73 5.23 -47.86
CA ASP B 239 -25.06 3.92 -48.42
C ASP B 239 -24.88 3.91 -49.94
N ASN B 240 -25.42 4.89 -50.62
CA ASN B 240 -25.27 4.95 -52.06
C ASN B 240 -23.84 5.35 -52.39
N PRO B 241 -23.02 4.44 -52.92
CA PRO B 241 -21.59 4.78 -53.09
C PRO B 241 -21.37 5.89 -54.09
N LYS B 242 -21.97 5.81 -55.28
CA LYS B 242 -21.77 6.86 -56.27
C LYS B 242 -22.30 8.20 -55.80
N ARG B 243 -23.30 8.22 -54.92
CA ARG B 243 -23.87 9.48 -54.50
C ARG B 243 -22.93 10.24 -53.58
N ILE B 244 -22.32 9.55 -52.61
CA ILE B 244 -21.53 10.25 -51.60
C ILE B 244 -20.28 10.87 -52.18
N SER B 245 -19.67 10.27 -53.19
CA SER B 245 -18.54 10.93 -53.83
C SER B 245 -18.97 12.25 -54.45
N HIS B 246 -20.12 12.26 -55.13
CA HIS B 246 -20.61 13.51 -55.69
C HIS B 246 -20.94 14.51 -54.59
N ILE B 247 -21.50 14.04 -53.49
CA ILE B 247 -21.84 14.95 -52.40
C ILE B 247 -20.58 15.63 -51.87
N LEU B 248 -19.55 14.83 -51.61
CA LEU B 248 -18.32 15.40 -51.06
C LEU B 248 -17.62 16.28 -52.07
N ASP B 249 -17.67 15.93 -53.35
CA ASP B 249 -17.11 16.79 -54.37
C ASP B 249 -17.83 18.14 -54.38
N SER B 250 -19.16 18.12 -54.28
CA SER B 250 -19.90 19.37 -54.25
C SER B 250 -19.57 20.19 -53.01
N ILE B 251 -19.36 19.53 -51.88
CA ILE B 251 -18.94 20.26 -50.69
C ILE B 251 -17.60 20.94 -50.94
N SER B 252 -16.66 20.21 -51.53
CA SER B 252 -15.35 20.80 -51.81
C SER B 252 -15.46 21.99 -52.74
N GLN B 253 -16.26 21.87 -53.80
CA GLN B 253 -16.38 22.97 -54.74
C GLN B 253 -17.04 24.18 -54.10
N ASN B 254 -18.08 23.96 -53.30
CA ASN B 254 -18.72 25.08 -52.62
C ASN B 254 -17.73 25.78 -51.69
N TYR B 255 -16.94 25.00 -50.97
CA TYR B 255 -15.94 25.60 -50.08
C TYR B 255 -14.92 26.40 -50.86
N LEU B 256 -14.47 25.86 -51.99
CA LEU B 256 -13.49 26.55 -52.82
C LEU B 256 -14.05 27.86 -53.35
N ALA B 257 -15.28 27.83 -53.88
CA ALA B 257 -15.90 29.04 -54.39
C ALA B 257 -16.10 30.06 -53.29
N GLN B 258 -16.41 29.60 -52.08
CA GLN B 258 -16.57 30.55 -50.97
C GLN B 258 -15.24 31.19 -50.60
N ASN B 259 -14.14 30.44 -50.66
CA ASN B 259 -12.85 31.05 -50.41
C ASN B 259 -12.48 32.07 -51.49
N ILE B 260 -12.81 31.77 -52.73
CA ILE B 260 -12.67 32.76 -53.78
C ILE B 260 -13.52 33.99 -53.47
N ALA B 261 -14.77 33.78 -53.07
CA ALA B 261 -15.67 34.89 -52.82
C ALA B 261 -15.37 35.62 -51.52
N ARG B 262 -14.42 35.16 -50.72
CA ARG B 262 -13.87 36.04 -49.69
C ARG B 262 -12.71 36.85 -50.23
N GLN B 263 -11.67 36.23 -50.80
CA GLN B 263 -10.49 37.03 -51.11
C GLN B 263 -10.68 37.85 -52.39
N ALA B 264 -11.17 37.22 -53.44
CA ALA B 264 -11.56 37.98 -54.62
C ALA B 264 -12.59 39.04 -54.27
N ALA B 265 -13.37 38.84 -53.19
CA ALA B 265 -14.30 39.87 -52.76
C ALA B 265 -13.55 41.05 -52.15
N GLN B 266 -12.51 40.79 -51.37
CA GLN B 266 -11.68 41.90 -50.87
C GLN B 266 -11.13 42.71 -52.03
N ASP B 267 -10.46 42.04 -52.96
CA ASP B 267 -9.89 42.74 -54.10
C ASP B 267 -10.98 43.36 -54.98
N ALA B 268 -12.16 42.73 -55.03
CA ALA B 268 -13.25 43.22 -55.86
C ALA B 268 -13.89 44.45 -55.24
N LYS B 269 -13.94 44.53 -53.91
CA LYS B 269 -14.39 45.75 -53.26
C LYS B 269 -13.43 46.88 -53.57
N SER B 270 -12.12 46.62 -53.50
CA SER B 270 -11.16 47.65 -53.84
C SER B 270 -11.35 48.11 -55.29
N LEU B 271 -11.45 47.15 -56.22
CA LEU B 271 -11.62 47.48 -57.63
C LEU B 271 -12.96 48.17 -57.90
N GLU B 272 -14.01 47.77 -57.17
CA GLU B 272 -15.32 48.36 -57.35
C GLU B 272 -15.30 49.83 -56.92
N PHE B 273 -14.62 50.13 -55.81
CA PHE B 273 -14.50 51.52 -55.42
C PHE B 273 -13.66 52.30 -56.42
N LEU B 274 -12.62 51.68 -56.99
CA LEU B 274 -11.88 52.37 -58.05
C LEU B 274 -12.78 52.66 -59.25
N ASN B 275 -13.58 51.68 -59.66
CA ASN B 275 -14.48 51.88 -60.80
C ASN B 275 -15.50 52.97 -60.52
N GLN B 276 -16.00 53.04 -59.29
CA GLN B 276 -16.91 54.10 -58.89
C GLN B 276 -16.22 55.45 -58.74
N GLN B 277 -14.90 55.45 -58.56
CA GLN B 277 -14.16 56.68 -58.26
C GLN B 277 -13.43 57.26 -59.45
N LEU B 278 -13.34 56.54 -60.57
CA LEU B 278 -12.61 57.04 -61.73
C LEU B 278 -13.27 58.30 -62.27
N PRO B 279 -12.55 59.43 -62.34
CA PRO B 279 -13.09 60.70 -62.84
C PRO B 279 -13.38 60.67 -64.34
N ARG B 385 -4.33 63.88 -64.95
CA ARG B 385 -4.34 62.71 -65.81
C ARG B 385 -3.22 61.73 -65.43
N ALA B 386 -2.13 62.28 -64.89
CA ALA B 386 -1.07 61.43 -64.36
C ALA B 386 -1.58 60.60 -63.19
N VAL B 387 -2.34 61.22 -62.29
CA VAL B 387 -3.01 60.47 -61.23
C VAL B 387 -4.01 59.50 -61.83
N TYR B 388 -4.66 59.90 -62.94
CA TYR B 388 -5.56 58.99 -63.63
C TYR B 388 -4.83 57.77 -64.17
N LEU B 389 -3.63 57.98 -64.72
CA LEU B 389 -2.84 56.84 -65.22
C LEU B 389 -2.37 55.95 -64.06
N GLN B 390 -2.01 56.56 -62.93
CA GLN B 390 -1.65 55.76 -61.75
C GLN B 390 -2.85 54.94 -61.26
N LEU B 391 -4.04 55.55 -61.27
CA LEU B 391 -5.24 54.83 -60.88
C LEU B 391 -5.56 53.72 -61.87
N LEU B 392 -5.25 53.92 -63.15
CA LEU B 392 -5.43 52.85 -64.14
C LEU B 392 -4.44 51.70 -63.89
N ASN B 393 -3.20 52.04 -63.53
CA ASN B 393 -2.24 51.02 -63.12
C ASN B 393 -2.79 50.20 -61.95
N ARG B 394 -3.30 50.88 -60.93
CA ARG B 394 -3.92 50.19 -59.81
C ARG B 394 -5.15 49.42 -60.25
N GLN B 395 -5.87 49.92 -61.25
CA GLN B 395 -7.07 49.25 -61.76
C GLN B 395 -6.73 47.90 -62.35
N GLN B 396 -5.70 47.85 -63.20
CA GLN B 396 -5.31 46.57 -63.80
C GLN B 396 -4.65 45.67 -62.78
N GLU B 397 -3.87 46.22 -61.84
CA GLU B 397 -3.32 45.40 -60.77
C GLU B 397 -4.41 44.75 -59.94
N LEU B 398 -5.48 45.48 -59.64
CA LEU B 398 -6.59 44.90 -58.91
C LEU B 398 -7.39 43.95 -59.77
N ASN B 399 -7.49 44.20 -61.08
CA ASN B 399 -8.11 43.23 -61.97
C ASN B 399 -7.42 41.89 -61.88
N ILE B 400 -6.10 41.88 -62.03
CA ILE B 400 -5.37 40.61 -61.99
C ILE B 400 -5.43 39.99 -60.61
N ALA B 401 -5.25 40.80 -59.55
CA ALA B 401 -5.27 40.24 -58.21
C ALA B 401 -6.64 39.68 -57.83
N LYS B 402 -7.72 40.30 -58.33
CA LYS B 402 -9.06 39.83 -58.03
C LYS B 402 -9.38 38.56 -58.80
N SER B 403 -9.13 38.58 -60.12
CA SER B 403 -9.58 37.46 -60.93
C SER B 403 -8.70 36.23 -60.78
N SER B 404 -7.41 36.41 -60.46
CA SER B 404 -6.57 35.26 -60.19
C SER B 404 -7.12 34.51 -58.98
N ALA B 405 -7.10 35.17 -57.82
CA ALA B 405 -7.77 34.72 -56.60
C ALA B 405 -7.55 33.23 -56.35
N ILE B 406 -6.28 32.87 -56.22
CA ILE B 406 -5.95 31.50 -55.88
C ILE B 406 -6.27 31.27 -54.41
N GLY B 407 -7.13 30.29 -54.14
CA GLY B 407 -7.56 30.05 -52.77
C GLY B 407 -6.40 29.57 -51.91
N ASN B 408 -6.46 29.91 -50.62
CA ASN B 408 -5.53 29.30 -49.68
C ASN B 408 -5.80 27.81 -49.55
N VAL B 409 -6.97 27.37 -50.00
CA VAL B 409 -7.34 25.97 -50.00
C VAL B 409 -7.18 25.42 -51.41
N ARG B 410 -6.59 24.22 -51.53
CA ARG B 410 -6.74 23.44 -52.74
C ARG B 410 -7.31 22.08 -52.40
N ILE B 411 -8.25 21.63 -53.23
CA ILE B 411 -8.66 20.24 -53.30
C ILE B 411 -7.46 19.43 -53.76
N ILE B 412 -6.81 18.72 -52.84
CA ILE B 412 -5.72 17.83 -53.22
C ILE B 412 -6.20 16.78 -54.20
N ASP B 413 -7.20 16.01 -53.80
CA ASP B 413 -7.75 14.97 -54.65
C ASP B 413 -9.26 14.90 -54.44
N ASN B 414 -9.99 14.88 -55.54
CA ASN B 414 -11.44 14.82 -55.45
C ASN B 414 -11.87 13.56 -54.72
N ALA B 415 -13.10 13.59 -54.21
CA ALA B 415 -13.57 12.53 -53.34
C ALA B 415 -13.77 11.24 -54.13
N VAL B 416 -13.29 10.14 -53.55
CA VAL B 416 -13.55 8.81 -54.09
C VAL B 416 -14.03 7.92 -52.94
N THR B 417 -14.82 6.92 -53.29
CA THR B 417 -15.45 6.07 -52.28
C THR B 417 -14.67 4.78 -52.14
N ASP B 418 -14.40 4.40 -50.90
CA ASP B 418 -13.76 3.12 -50.63
C ASP B 418 -14.73 2.00 -50.99
N PRO B 419 -14.38 1.10 -51.91
CA PRO B 419 -15.32 0.03 -52.28
C PRO B 419 -15.65 -0.90 -51.14
N ASN B 420 -14.80 -1.01 -50.13
CA ASN B 420 -15.05 -1.90 -49.00
C ASN B 420 -15.89 -1.16 -47.96
N PRO B 421 -17.10 -1.60 -47.68
CA PRO B 421 -17.92 -0.92 -46.68
C PRO B 421 -17.28 -0.98 -45.31
N VAL B 422 -17.42 0.12 -44.56
CA VAL B 422 -16.86 0.18 -43.21
C VAL B 422 -17.88 -0.22 -42.16
N ARG B 423 -19.17 -0.22 -42.48
CA ARG B 423 -20.20 -0.67 -41.58
C ARG B 423 -21.29 -1.30 -42.44
N PRO B 424 -21.88 -2.42 -42.01
CA PRO B 424 -21.67 -3.08 -40.73
C PRO B 424 -20.34 -3.81 -40.62
N LYS B 425 -19.69 -3.68 -39.45
CA LYS B 425 -18.38 -4.29 -39.27
C LYS B 425 -18.49 -5.79 -39.12
N LYS B 426 -18.34 -6.52 -40.22
CA LYS B 426 -18.33 -7.97 -40.15
C LYS B 426 -17.14 -8.44 -39.32
N THR B 427 -17.29 -9.63 -38.74
CA THR B 427 -16.26 -10.28 -37.94
C THR B 427 -15.92 -9.47 -36.68
N ILE B 428 -16.64 -8.39 -36.41
CA ILE B 428 -16.41 -7.60 -35.21
C ILE B 428 -17.67 -7.65 -34.36
N ILE B 429 -18.80 -7.89 -35.01
CA ILE B 429 -20.01 -8.17 -34.25
C ILE B 429 -20.26 -9.67 -34.13
N ILE B 430 -19.81 -10.45 -35.11
CA ILE B 430 -19.99 -11.89 -35.05
C ILE B 430 -19.24 -12.46 -33.86
N VAL B 431 -17.99 -12.01 -33.67
CA VAL B 431 -17.26 -12.38 -32.47
C VAL B 431 -17.94 -11.84 -31.23
N ILE B 432 -18.53 -10.64 -31.31
CA ILE B 432 -19.31 -10.14 -30.19
C ILE B 432 -20.55 -10.98 -29.99
N GLY B 433 -21.17 -11.46 -31.07
CA GLY B 433 -22.27 -12.40 -30.91
C GLY B 433 -21.85 -13.67 -30.19
N VAL B 434 -20.69 -14.22 -30.54
CA VAL B 434 -20.19 -15.42 -29.88
C VAL B 434 -19.96 -15.16 -28.40
N VAL B 435 -19.25 -14.08 -28.09
CA VAL B 435 -18.95 -13.81 -26.67
C VAL B 435 -20.21 -13.46 -25.90
N LEU B 436 -21.19 -12.83 -26.53
CA LEU B 436 -22.45 -12.54 -25.87
C LEU B 436 -23.21 -13.81 -25.56
N GLY B 437 -23.33 -14.71 -26.54
CA GLY B 437 -23.94 -16.00 -26.27
C GLY B 437 -23.24 -16.76 -25.19
N LEU B 438 -21.90 -16.73 -25.18
CA LEU B 438 -21.14 -17.46 -24.17
C LEU B 438 -21.37 -16.89 -22.78
N ILE B 439 -21.27 -15.56 -22.63
CA ILE B 439 -21.45 -14.96 -21.32
C ILE B 439 -22.87 -15.11 -20.82
N VAL B 440 -23.87 -14.99 -21.71
CA VAL B 440 -25.24 -15.15 -21.24
C VAL B 440 -25.50 -16.61 -20.89
N SER B 441 -24.90 -17.55 -21.60
CA SER B 441 -25.04 -18.96 -21.24
C SER B 441 -24.43 -19.22 -19.87
N VAL B 442 -23.24 -18.67 -19.62
CA VAL B 442 -22.61 -18.86 -18.32
C VAL B 442 -23.50 -18.29 -17.22
N VAL B 443 -23.99 -17.06 -17.41
CA VAL B 443 -24.76 -16.42 -16.35
C VAL B 443 -26.12 -17.08 -16.17
N LEU B 444 -26.63 -17.78 -17.18
CA LEU B 444 -27.88 -18.50 -17.02
C LEU B 444 -27.67 -19.86 -16.38
N VAL B 445 -26.61 -20.56 -16.77
CA VAL B 445 -26.35 -21.88 -16.19
C VAL B 445 -25.98 -21.76 -14.73
N LEU B 446 -25.17 -20.78 -14.37
CA LEU B 446 -24.87 -20.59 -12.95
C LEU B 446 -26.13 -20.23 -12.18
N PHE B 447 -27.02 -19.47 -12.80
CA PHE B 447 -28.28 -19.13 -12.16
C PHE B 447 -29.11 -20.38 -11.89
N GLN B 448 -29.25 -21.25 -12.90
CA GLN B 448 -29.96 -22.49 -12.68
C GLN B 448 -29.27 -23.39 -11.66
N VAL B 449 -27.94 -23.30 -11.56
CA VAL B 449 -27.22 -24.02 -10.52
C VAL B 449 -27.64 -23.52 -9.15
N PHE B 450 -27.66 -22.20 -8.99
CA PHE B 450 -28.12 -21.59 -7.75
C PHE B 450 -29.64 -21.49 -7.68
N LEU B 451 -30.36 -22.21 -8.54
CA LEU B 451 -31.80 -22.31 -8.43
C LEU B 451 -32.26 -23.54 -7.66
N ARG B 452 -31.74 -24.72 -8.00
CA ARG B 452 -32.22 -25.96 -7.38
C ARG B 452 -31.61 -26.20 -6.01
N ARG B 453 -32.48 -26.58 -5.06
CA ARG B 453 -32.11 -26.83 -3.68
C ARG B 453 -32.33 -28.27 -3.21
N GLY B 454 -32.77 -29.17 -4.09
CA GLY B 454 -33.02 -30.53 -3.65
C GLY B 454 -31.77 -31.28 -3.28
N ILE B 455 -31.92 -32.53 -2.83
CA ILE B 455 -30.76 -33.38 -2.59
C ILE B 455 -30.03 -33.60 -3.91
N GLU B 456 -28.70 -33.63 -3.86
CA GLU B 456 -27.93 -33.88 -5.06
C GLU B 456 -27.12 -35.17 -4.99
N SER B 457 -26.91 -35.72 -3.81
CA SER B 457 -26.18 -36.97 -3.67
C SER B 457 -26.38 -37.52 -2.26
N PRO B 458 -26.26 -38.83 -2.05
CA PRO B 458 -26.45 -39.37 -0.70
C PRO B 458 -25.49 -38.79 0.31
N GLU B 459 -24.38 -38.20 -0.15
CA GLU B 459 -23.43 -37.62 0.78
C GLU B 459 -24.04 -36.46 1.57
N GLN B 460 -24.96 -35.72 0.94
CA GLN B 460 -25.61 -34.63 1.67
C GLN B 460 -26.43 -35.15 2.83
N LEU B 461 -27.17 -36.23 2.63
CA LEU B 461 -27.93 -36.82 3.73
C LEU B 461 -27.01 -37.44 4.77
N GLU B 462 -25.93 -38.09 4.34
CA GLU B 462 -25.03 -38.68 5.32
C GLU B 462 -24.26 -37.65 6.11
N GLU B 463 -24.12 -36.43 5.59
CA GLU B 463 -23.49 -35.38 6.37
C GLU B 463 -24.30 -35.07 7.62
N ILE B 464 -25.63 -34.98 7.48
CA ILE B 464 -26.49 -34.71 8.63
C ILE B 464 -26.55 -35.88 9.60
N GLY B 465 -26.17 -37.07 9.16
CA GLY B 465 -26.24 -38.23 10.01
C GLY B 465 -27.41 -39.14 9.68
N ILE B 466 -27.64 -39.34 8.38
CA ILE B 466 -28.73 -40.16 7.89
C ILE B 466 -28.15 -41.29 7.05
N ASN B 467 -28.42 -42.52 7.46
CA ASN B 467 -27.90 -43.68 6.76
C ASN B 467 -28.72 -43.88 5.49
N VAL B 468 -28.20 -43.39 4.36
CA VAL B 468 -28.86 -43.63 3.09
C VAL B 468 -28.71 -45.11 2.76
N TYR B 469 -29.81 -45.84 2.81
CA TYR B 469 -29.73 -47.28 2.61
C TYR B 469 -29.71 -47.67 1.14
N ALA B 470 -30.04 -46.77 0.23
CA ALA B 470 -30.10 -47.12 -1.17
C ALA B 470 -30.16 -45.86 -2.01
N SER B 471 -29.95 -46.03 -3.30
CA SER B 471 -30.12 -44.96 -4.29
C SER B 471 -30.79 -45.60 -5.49
N ILE B 472 -32.11 -45.53 -5.55
CA ILE B 472 -32.85 -46.17 -6.62
C ILE B 472 -32.86 -45.26 -7.85
N PRO B 473 -32.28 -45.68 -8.96
CA PRO B 473 -32.28 -44.84 -10.15
C PRO B 473 -33.63 -44.83 -10.85
N ILE B 474 -33.84 -43.79 -11.65
CA ILE B 474 -35.09 -43.63 -12.38
C ILE B 474 -35.18 -44.72 -13.44
N SER B 475 -36.32 -45.41 -13.48
CA SER B 475 -36.57 -46.38 -14.53
C SER B 475 -37.37 -45.73 -15.64
N GLU B 476 -37.04 -46.09 -16.88
CA GLU B 476 -37.69 -45.47 -18.04
C GLU B 476 -39.19 -45.76 -18.05
N TRP B 477 -39.57 -46.97 -17.69
CA TRP B 477 -40.97 -47.38 -17.69
C TRP B 477 -41.83 -46.45 -16.83
N ASP B 494 -49.08 -51.56 -16.04
CA ASP B 494 -49.43 -51.12 -14.70
C ASP B 494 -48.94 -52.10 -13.65
N THR B 495 -48.47 -53.25 -14.11
CA THR B 495 -47.97 -54.26 -13.18
C THR B 495 -46.63 -53.82 -12.60
N LEU B 496 -46.20 -54.53 -11.57
CA LEU B 496 -45.00 -54.15 -10.84
C LEU B 496 -43.77 -54.24 -11.74
N LEU B 497 -42.93 -53.20 -11.67
CA LEU B 497 -41.66 -53.25 -12.37
C LEU B 497 -40.83 -54.44 -11.93
N ALA B 498 -40.93 -54.84 -10.66
CA ALA B 498 -40.18 -55.98 -10.16
C ALA B 498 -40.70 -57.30 -10.70
N VAL B 499 -41.84 -57.32 -11.39
CA VAL B 499 -42.25 -58.49 -12.14
C VAL B 499 -42.43 -58.19 -13.62
N GLY B 500 -42.55 -56.94 -14.02
CA GLY B 500 -42.64 -56.63 -15.43
C GLY B 500 -41.29 -56.74 -16.10
N ASN B 501 -40.30 -56.01 -15.58
CA ASN B 501 -38.97 -55.94 -16.17
C ASN B 501 -37.95 -56.26 -15.08
N PRO B 502 -37.88 -57.52 -14.65
CA PRO B 502 -37.09 -57.86 -13.47
C PRO B 502 -35.62 -57.50 -13.56
N ALA B 503 -35.10 -57.32 -14.77
CA ALA B 503 -33.69 -57.00 -14.93
C ALA B 503 -33.45 -55.50 -15.07
N ASP B 504 -34.43 -54.68 -14.74
CA ASP B 504 -34.24 -53.24 -14.83
C ASP B 504 -33.32 -52.76 -13.72
N LEU B 505 -32.54 -51.73 -14.02
CA LEU B 505 -31.59 -51.20 -13.05
C LEU B 505 -32.29 -50.79 -11.77
N ALA B 506 -33.44 -50.13 -11.90
CA ALA B 506 -34.17 -49.69 -10.73
C ALA B 506 -34.67 -50.87 -9.89
N VAL B 507 -34.69 -52.07 -10.45
CA VAL B 507 -34.98 -53.24 -9.63
C VAL B 507 -33.71 -53.87 -9.07
N GLU B 508 -32.59 -53.77 -9.77
CA GLU B 508 -31.35 -54.24 -9.19
C GLU B 508 -31.01 -53.43 -7.94
N ALA B 509 -31.23 -52.12 -7.99
CA ALA B 509 -31.02 -51.31 -6.81
C ALA B 509 -31.97 -51.66 -5.69
N ILE B 510 -33.19 -52.08 -6.01
CA ILE B 510 -34.12 -52.46 -4.96
C ILE B 510 -33.72 -53.78 -4.34
N ARG B 511 -33.16 -54.71 -5.11
CA ARG B 511 -32.58 -55.88 -4.48
C ARG B 511 -31.41 -55.49 -3.59
N GLY B 512 -30.60 -54.55 -4.02
CA GLY B 512 -29.54 -54.07 -3.18
C GLY B 512 -30.07 -53.50 -1.88
N LEU B 513 -31.21 -52.83 -1.94
CA LEU B 513 -31.86 -52.39 -0.71
C LEU B 513 -32.37 -53.56 0.11
N ARG B 514 -32.87 -54.61 -0.54
CA ARG B 514 -33.37 -55.76 0.20
C ARG B 514 -32.27 -56.36 1.06
N THR B 515 -31.08 -56.52 0.49
CA THR B 515 -30.00 -57.14 1.26
C THR B 515 -29.60 -56.27 2.44
N SER B 516 -29.47 -54.97 2.22
CA SER B 516 -29.05 -54.09 3.31
C SER B 516 -30.11 -54.02 4.39
N LEU B 517 -31.39 -54.08 4.02
CA LEU B 517 -32.43 -54.14 5.06
C LEU B 517 -32.35 -55.45 5.82
N HIS B 518 -32.29 -56.58 5.10
CA HIS B 518 -32.23 -57.87 5.75
C HIS B 518 -31.09 -57.93 6.76
N PHE B 519 -29.99 -57.25 6.48
CA PHE B 519 -29.00 -57.16 7.55
C PHE B 519 -29.44 -56.18 8.63
N ALA B 520 -29.91 -55.00 8.23
CA ALA B 520 -30.19 -53.96 9.22
C ALA B 520 -31.50 -54.18 9.95
N MET B 521 -32.37 -55.04 9.45
CA MET B 521 -33.64 -55.28 10.12
C MET B 521 -33.57 -56.40 11.14
N MET B 522 -32.49 -57.17 11.18
CA MET B 522 -32.34 -58.06 12.31
C MET B 522 -31.99 -57.24 13.54
N GLU B 523 -32.32 -57.78 14.71
CA GLU B 523 -32.25 -57.12 16.02
C GLU B 523 -33.36 -56.11 16.22
N ALA B 524 -34.25 -55.90 15.25
CA ALA B 524 -35.39 -55.04 15.44
C ALA B 524 -36.45 -55.75 16.27
N LYS B 525 -37.24 -54.98 17.00
CA LYS B 525 -38.16 -55.58 17.97
C LYS B 525 -39.25 -56.40 17.29
N ASN B 526 -39.58 -56.11 16.05
CA ASN B 526 -40.53 -56.92 15.32
C ASN B 526 -40.23 -56.81 13.84
N ASN B 527 -40.92 -57.62 13.04
CA ASN B 527 -40.68 -57.66 11.61
C ASN B 527 -41.57 -56.72 10.82
N VAL B 528 -41.93 -55.59 11.42
CA VAL B 528 -42.75 -54.58 10.76
C VAL B 528 -41.84 -53.48 10.25
N LEU B 529 -41.98 -53.15 8.97
CA LEU B 529 -41.25 -52.07 8.34
C LEU B 529 -42.23 -50.99 7.96
N MET B 530 -41.91 -49.74 8.29
CA MET B 530 -42.72 -48.60 7.88
C MET B 530 -41.87 -47.78 6.92
N ILE B 531 -42.43 -47.47 5.75
CA ILE B 531 -41.75 -46.62 4.79
C ILE B 531 -42.63 -45.42 4.53
N SER B 532 -42.14 -44.24 4.87
CA SER B 532 -42.89 -43.01 4.69
C SER B 532 -42.09 -42.05 3.83
N GLY B 533 -42.68 -41.62 2.71
CA GLY B 533 -42.02 -40.64 1.88
C GLY B 533 -41.90 -39.32 2.61
N ALA B 534 -40.93 -38.52 2.20
CA ALA B 534 -40.78 -37.22 2.83
C ALA B 534 -41.82 -36.23 2.35
N SER B 535 -42.56 -36.57 1.31
CA SER B 535 -43.54 -35.70 0.69
C SER B 535 -44.34 -36.56 -0.26
N PRO B 536 -45.50 -36.12 -0.73
CA PRO B 536 -46.07 -36.75 -1.91
C PRO B 536 -45.13 -36.56 -3.07
N SER B 537 -45.25 -37.42 -4.07
CA SER B 537 -44.34 -37.42 -5.23
C SER B 537 -42.92 -37.73 -4.80
N ALA B 538 -42.77 -38.55 -3.77
CA ALA B 538 -41.48 -39.11 -3.43
C ALA B 538 -41.36 -40.56 -3.87
N GLY B 539 -42.40 -41.11 -4.48
CA GLY B 539 -42.32 -42.47 -4.96
C GLY B 539 -42.39 -43.52 -3.89
N MET B 540 -42.95 -43.18 -2.73
CA MET B 540 -42.96 -44.11 -1.61
C MET B 540 -43.59 -45.43 -2.00
N THR B 541 -44.76 -45.40 -2.62
CA THR B 541 -45.44 -46.64 -2.96
C THR B 541 -44.71 -47.43 -4.03
N PHE B 542 -44.03 -46.75 -4.94
CA PHE B 542 -43.19 -47.44 -5.91
C PHE B 542 -42.16 -48.31 -5.21
N ILE B 543 -41.40 -47.70 -4.31
CA ILE B 543 -40.32 -48.42 -3.64
C ILE B 543 -40.88 -49.50 -2.74
N SER B 544 -41.93 -49.20 -1.97
CA SER B 544 -42.45 -50.20 -1.06
C SER B 544 -43.05 -51.39 -1.80
N SER B 545 -43.79 -51.15 -2.89
CA SER B 545 -44.37 -52.26 -3.64
C SER B 545 -43.29 -53.11 -4.28
N ASN B 546 -42.31 -52.48 -4.94
CA ASN B 546 -41.26 -53.27 -5.57
C ASN B 546 -40.44 -54.01 -4.53
N LEU B 547 -40.17 -53.38 -3.39
CA LEU B 547 -39.44 -54.07 -2.34
C LEU B 547 -40.21 -55.27 -1.83
N ALA B 548 -41.53 -55.14 -1.64
CA ALA B 548 -42.31 -56.29 -1.24
C ALA B 548 -42.25 -57.38 -2.29
N ALA B 549 -42.26 -57.01 -3.56
CA ALA B 549 -42.15 -58.02 -4.61
C ALA B 549 -40.80 -58.74 -4.53
N THR B 550 -39.72 -57.97 -4.53
CA THR B 550 -38.38 -58.55 -4.55
C THR B 550 -38.08 -59.33 -3.30
N ILE B 551 -38.80 -59.07 -2.21
CA ILE B 551 -38.70 -59.96 -1.06
C ILE B 551 -39.61 -61.16 -1.20
N ALA B 552 -40.70 -61.03 -1.94
CA ALA B 552 -41.63 -62.15 -2.06
C ALA B 552 -41.03 -63.29 -2.89
N ILE B 553 -40.44 -62.97 -4.04
CA ILE B 553 -39.88 -64.01 -4.89
C ILE B 553 -38.76 -64.73 -4.18
N THR B 554 -38.13 -64.08 -3.21
CA THR B 554 -37.14 -64.77 -2.39
C THR B 554 -37.75 -65.94 -1.64
N GLY B 555 -39.00 -65.81 -1.21
CA GLY B 555 -39.69 -66.91 -0.58
C GLY B 555 -40.24 -66.62 0.79
N LYS B 556 -40.11 -65.40 1.31
CA LYS B 556 -40.72 -65.05 2.58
C LYS B 556 -42.14 -64.55 2.35
N LYS B 557 -43.00 -64.79 3.32
CA LYS B 557 -44.38 -64.33 3.23
C LYS B 557 -44.41 -62.85 3.61
N VAL B 558 -44.94 -62.02 2.71
CA VAL B 558 -44.88 -60.58 2.84
C VAL B 558 -46.30 -60.03 2.90
N LEU B 559 -46.55 -59.15 3.86
CA LEU B 559 -47.82 -58.45 3.99
C LEU B 559 -47.57 -56.98 3.71
N PHE B 560 -48.35 -56.41 2.82
CA PHE B 560 -48.15 -55.04 2.38
C PHE B 560 -49.38 -54.23 2.77
N ILE B 561 -49.29 -53.52 3.89
CA ILE B 561 -50.38 -52.68 4.38
C ILE B 561 -50.20 -51.28 3.81
N ASP B 562 -51.27 -50.74 3.23
CA ASP B 562 -51.23 -49.37 2.69
C ASP B 562 -52.03 -48.48 3.62
N ALA B 563 -51.36 -47.98 4.66
CA ALA B 563 -52.00 -47.15 5.66
C ALA B 563 -52.04 -45.69 5.28
N ASP B 564 -51.93 -45.35 4.00
CA ASP B 564 -52.09 -43.96 3.56
C ASP B 564 -53.58 -43.70 3.42
N LEU B 565 -54.25 -43.60 4.58
CA LEU B 565 -55.70 -43.53 4.59
C LEU B 565 -56.25 -42.26 3.99
N ARG B 566 -55.43 -41.36 3.49
CA ARG B 566 -55.93 -40.12 2.93
C ARG B 566 -56.04 -40.18 1.40
N LYS B 567 -54.95 -40.47 0.71
CA LYS B 567 -54.99 -40.57 -0.74
C LYS B 567 -54.15 -41.75 -1.21
N GLY B 568 -54.32 -42.90 -0.54
CA GLY B 568 -53.66 -44.11 -0.99
C GLY B 568 -54.30 -44.62 -2.27
N TYR B 569 -53.47 -45.20 -3.14
CA TYR B 569 -53.95 -45.70 -4.42
C TYR B 569 -53.31 -47.03 -4.78
N ALA B 570 -52.85 -47.78 -3.78
CA ALA B 570 -52.27 -49.09 -4.06
C ALA B 570 -53.29 -50.02 -4.69
N HIS B 571 -54.53 -49.97 -4.22
CA HIS B 571 -55.59 -50.80 -4.82
C HIS B 571 -55.82 -50.41 -6.27
N LYS B 572 -55.55 -49.16 -6.62
CA LYS B 572 -55.63 -48.74 -8.02
C LYS B 572 -54.49 -49.29 -8.86
N MET B 573 -53.51 -49.95 -8.25
CA MET B 573 -52.35 -50.44 -8.95
C MET B 573 -52.25 -51.96 -9.02
N PHE B 574 -52.67 -52.67 -7.99
CA PHE B 574 -52.49 -54.11 -7.93
C PHE B 574 -53.71 -54.89 -8.39
N GLY B 575 -54.80 -54.21 -8.73
CA GLY B 575 -56.05 -54.90 -8.99
C GLY B 575 -56.70 -55.21 -7.66
N HIS B 576 -57.98 -54.87 -7.49
CA HIS B 576 -58.48 -54.79 -6.13
C HIS B 576 -59.96 -55.14 -6.06
N LYS B 577 -60.34 -55.58 -4.86
CA LYS B 577 -61.72 -55.54 -4.38
C LYS B 577 -61.78 -54.39 -3.38
N ASN B 578 -62.18 -53.20 -3.86
CA ASN B 578 -62.07 -51.99 -3.06
C ASN B 578 -62.85 -52.08 -1.76
N ASP B 579 -63.87 -52.92 -1.69
CA ASP B 579 -64.59 -53.12 -0.45
C ASP B 579 -63.68 -53.77 0.59
N LYS B 580 -63.95 -53.46 1.86
CA LYS B 580 -63.25 -54.06 2.99
C LYS B 580 -61.74 -53.80 2.91
N GLY B 581 -61.39 -52.52 2.83
CA GLY B 581 -60.00 -52.13 2.88
C GLY B 581 -59.49 -52.07 4.29
N LEU B 582 -58.59 -51.13 4.58
CA LEU B 582 -58.07 -51.00 5.94
C LEU B 582 -59.04 -50.20 6.83
N SER B 583 -59.54 -49.09 6.31
CA SER B 583 -60.44 -48.26 7.10
C SER B 583 -61.67 -49.03 7.51
N GLU B 584 -62.17 -49.89 6.62
CA GLU B 584 -63.32 -50.72 6.95
C GLU B 584 -63.02 -51.76 8.01
N PHE B 585 -61.75 -51.96 8.36
CA PHE B 585 -61.41 -52.82 9.48
C PHE B 585 -61.32 -52.04 10.77
N LEU B 586 -60.63 -50.90 10.75
CA LEU B 586 -60.50 -50.09 11.96
C LEU B 586 -61.86 -49.61 12.43
N SER B 587 -62.77 -49.37 11.50
CA SER B 587 -64.14 -49.03 11.88
C SER B 587 -64.88 -50.20 12.48
N GLY B 588 -64.32 -51.39 12.44
CA GLY B 588 -64.92 -52.56 13.07
C GLY B 588 -65.97 -53.26 12.23
N GLN B 589 -66.25 -52.79 11.02
CA GLN B 589 -67.27 -53.40 10.18
C GLN B 589 -66.72 -54.49 9.27
N ALA B 590 -65.44 -54.83 9.40
CA ALA B 590 -64.85 -55.94 8.67
C ALA B 590 -63.83 -56.64 9.56
N ALA B 591 -63.64 -57.93 9.32
CA ALA B 591 -62.69 -58.69 10.11
C ALA B 591 -61.33 -58.71 9.42
N ALA B 592 -60.35 -59.26 10.12
CA ALA B 592 -58.97 -59.24 9.64
C ALA B 592 -58.78 -60.06 8.37
N GLU B 593 -59.69 -60.98 8.07
CA GLU B 593 -59.45 -61.91 6.97
C GLU B 593 -60.01 -61.43 5.64
N MET B 594 -61.14 -60.74 5.64
CA MET B 594 -61.73 -60.32 4.38
C MET B 594 -61.05 -59.09 3.80
N ILE B 595 -60.11 -58.49 4.52
CA ILE B 595 -59.45 -57.28 4.04
C ILE B 595 -58.19 -57.64 3.28
N ILE B 596 -57.62 -58.81 3.59
CA ILE B 596 -56.39 -59.22 2.95
C ILE B 596 -56.65 -59.72 1.53
N ASP B 597 -55.75 -59.39 0.63
CA ASP B 597 -55.85 -59.76 -0.77
C ASP B 597 -54.60 -60.55 -1.16
N LYS B 598 -54.45 -60.80 -2.46
CA LYS B 598 -53.25 -61.46 -2.99
C LYS B 598 -52.94 -60.87 -4.36
N VAL B 599 -51.86 -60.09 -4.45
CA VAL B 599 -51.40 -59.61 -5.74
C VAL B 599 -50.80 -60.80 -6.49
N GLU B 600 -51.44 -61.18 -7.59
CA GLU B 600 -50.97 -62.35 -8.34
C GLU B 600 -49.58 -62.14 -8.91
N GLY B 601 -49.22 -60.90 -9.21
CA GLY B 601 -47.91 -60.64 -9.79
C GLY B 601 -46.78 -60.77 -8.81
N GLY B 602 -46.74 -59.88 -7.83
CA GLY B 602 -45.63 -59.88 -6.88
C GLY B 602 -45.65 -61.07 -5.94
N GLY B 603 -46.82 -61.64 -5.70
CA GLY B 603 -46.90 -62.77 -4.80
C GLY B 603 -46.86 -62.42 -3.33
N PHE B 604 -47.35 -61.24 -2.97
CA PHE B 604 -47.38 -60.82 -1.57
C PHE B 604 -48.79 -60.40 -1.20
N ASP B 605 -49.18 -60.69 0.04
CA ASP B 605 -50.51 -60.32 0.50
C ASP B 605 -50.59 -58.83 0.74
N TYR B 606 -51.65 -58.21 0.23
CA TYR B 606 -51.77 -56.78 0.17
C TYR B 606 -53.08 -56.36 0.83
N ILE B 607 -53.01 -55.32 1.67
CA ILE B 607 -54.18 -54.79 2.36
C ILE B 607 -54.41 -53.36 1.89
N GLY B 608 -55.49 -53.14 1.15
CA GLY B 608 -55.77 -51.81 0.66
C GLY B 608 -56.34 -50.94 1.77
N ARG B 609 -56.25 -49.63 1.56
CA ARG B 609 -56.80 -48.70 2.56
C ARG B 609 -58.31 -48.78 2.61
N GLY B 610 -58.96 -49.01 1.48
CA GLY B 610 -60.41 -49.01 1.44
C GLY B 610 -60.96 -47.61 1.23
N GLN B 611 -62.16 -47.35 1.75
CA GLN B 611 -62.76 -46.03 1.59
C GLN B 611 -62.01 -45.00 2.42
N ILE B 612 -61.87 -43.81 1.87
CA ILE B 612 -61.32 -42.68 2.62
C ILE B 612 -62.22 -42.43 3.82
N PRO B 613 -61.73 -42.59 5.04
CA PRO B 613 -62.55 -42.31 6.21
C PRO B 613 -62.61 -40.81 6.44
N PRO B 614 -63.58 -40.33 7.22
CA PRO B 614 -63.60 -38.90 7.52
C PRO B 614 -62.52 -38.48 8.50
N ASN B 615 -62.15 -39.36 9.43
CA ASN B 615 -61.15 -39.07 10.46
C ASN B 615 -60.05 -40.11 10.39
N PRO B 616 -58.98 -39.85 9.66
CA PRO B 616 -57.92 -40.86 9.52
C PRO B 616 -57.15 -41.07 10.80
N ALA B 617 -56.63 -39.98 11.35
CA ALA B 617 -55.74 -40.09 12.50
C ALA B 617 -56.47 -40.61 13.71
N GLU B 618 -57.72 -40.20 13.88
CA GLU B 618 -58.52 -40.74 14.99
C GLU B 618 -58.72 -42.23 14.83
N LEU B 619 -58.85 -42.71 13.59
CA LEU B 619 -58.98 -44.15 13.37
C LEU B 619 -57.69 -44.87 13.73
N LEU B 620 -56.55 -44.38 13.23
CA LEU B 620 -55.31 -45.11 13.42
C LEU B 620 -54.96 -45.30 14.88
N MET B 621 -55.42 -44.41 15.75
CA MET B 621 -55.17 -44.62 17.17
C MET B 621 -55.96 -45.78 17.73
N HIS B 622 -56.99 -46.24 17.03
CA HIS B 622 -57.88 -47.24 17.58
C HIS B 622 -57.10 -48.52 17.86
N PRO B 623 -57.33 -49.17 19.01
CA PRO B 623 -56.49 -50.32 19.39
C PRO B 623 -56.59 -51.50 18.46
N ARG B 624 -57.55 -51.54 17.54
CA ARG B 624 -57.61 -52.63 16.58
C ARG B 624 -56.39 -52.67 15.68
N PHE B 625 -55.78 -51.52 15.42
CA PHE B 625 -54.62 -51.48 14.53
C PHE B 625 -53.46 -52.29 15.09
N GLU B 626 -53.19 -52.13 16.38
CA GLU B 626 -52.11 -52.90 16.98
C GLU B 626 -52.46 -54.38 17.03
N GLN B 627 -53.74 -54.72 17.18
CA GLN B 627 -54.14 -56.11 17.09
C GLN B 627 -53.81 -56.67 15.71
N LEU B 628 -54.13 -55.91 14.68
CA LEU B 628 -53.83 -56.34 13.31
C LEU B 628 -52.35 -56.58 13.14
N LEU B 629 -51.52 -55.62 13.56
CA LEU B 629 -50.08 -55.77 13.38
C LEU B 629 -49.55 -56.95 14.18
N ASN B 630 -49.99 -57.11 15.43
CA ASN B 630 -49.49 -58.21 16.25
C ASN B 630 -49.85 -59.55 15.65
N TRP B 631 -51.08 -59.69 15.16
CA TRP B 631 -51.48 -60.94 14.50
C TRP B 631 -50.66 -61.17 13.24
N ALA B 632 -50.50 -60.14 12.42
CA ALA B 632 -49.80 -60.31 11.16
C ALA B 632 -48.35 -60.70 11.38
N SER B 633 -47.68 -60.04 12.33
CA SER B 633 -46.26 -60.26 12.55
C SER B 633 -46.02 -61.69 13.00
N GLN B 634 -47.09 -62.36 13.44
CA GLN B 634 -47.03 -63.80 13.67
C GLN B 634 -47.36 -64.61 12.43
N ASN B 635 -48.24 -64.12 11.57
CA ASN B 635 -48.61 -64.88 10.38
C ASN B 635 -47.85 -64.45 9.13
N TYR B 636 -46.93 -63.51 9.22
CA TYR B 636 -46.17 -63.09 8.04
C TYR B 636 -44.72 -62.84 8.43
N ASP B 637 -43.83 -63.02 7.47
CA ASP B 637 -42.41 -62.81 7.71
C ASP B 637 -42.01 -61.35 7.61
N LEU B 638 -42.72 -60.56 6.83
CA LEU B 638 -42.41 -59.15 6.70
C LEU B 638 -43.72 -58.38 6.59
N ILE B 639 -43.74 -57.16 7.12
CA ILE B 639 -44.89 -56.27 7.02
C ILE B 639 -44.40 -54.91 6.61
N ILE B 640 -44.81 -54.44 5.45
CA ILE B 640 -44.48 -53.12 4.96
C ILE B 640 -45.70 -52.24 5.09
N ILE B 641 -45.54 -51.09 5.72
CA ILE B 641 -46.64 -50.15 5.92
C ILE B 641 -46.31 -48.87 5.18
N ASP B 642 -47.24 -48.41 4.37
CA ASP B 642 -47.14 -47.12 3.71
C ASP B 642 -47.79 -46.08 4.61
N THR B 643 -47.10 -44.97 4.83
CA THR B 643 -47.75 -43.97 5.64
C THR B 643 -47.62 -42.60 4.97
N PRO B 644 -48.57 -41.70 5.20
CA PRO B 644 -48.49 -40.37 4.62
C PRO B 644 -47.27 -39.64 5.12
N PRO B 645 -46.84 -38.59 4.44
CA PRO B 645 -45.71 -37.81 4.93
C PRO B 645 -45.98 -37.26 6.31
N ILE B 646 -44.94 -37.18 7.12
CA ILE B 646 -45.08 -36.61 8.46
C ILE B 646 -45.18 -35.10 8.40
N LEU B 647 -44.65 -34.46 7.36
CA LEU B 647 -44.77 -33.01 7.25
C LEU B 647 -46.17 -32.56 6.92
N ALA B 648 -47.06 -33.45 6.53
CA ALA B 648 -48.41 -33.09 6.16
C ALA B 648 -49.43 -33.49 7.19
N VAL B 649 -49.45 -34.75 7.59
CA VAL B 649 -50.31 -35.23 8.64
C VAL B 649 -49.47 -36.01 9.64
N THR B 650 -50.12 -36.46 10.70
CA THR B 650 -49.44 -37.15 11.79
C THR B 650 -49.74 -38.64 11.82
N ASP B 651 -50.21 -39.20 10.71
CA ASP B 651 -50.48 -40.64 10.69
C ASP B 651 -49.19 -41.44 10.80
N ALA B 652 -48.14 -40.98 10.13
CA ALA B 652 -46.90 -41.73 10.13
C ALA B 652 -46.36 -41.90 11.54
N ALA B 653 -46.39 -40.85 12.34
CA ALA B 653 -45.94 -40.91 13.72
C ALA B 653 -46.89 -41.66 14.62
N ILE B 654 -48.11 -41.96 14.17
CA ILE B 654 -48.99 -42.81 14.95
C ILE B 654 -48.70 -44.27 14.68
N ILE B 655 -48.50 -44.62 13.41
CA ILE B 655 -48.19 -46.01 13.08
C ILE B 655 -46.79 -46.37 13.55
N GLY B 656 -45.88 -45.40 13.52
CA GLY B 656 -44.49 -45.68 13.86
C GLY B 656 -44.28 -46.19 15.26
N ARG B 657 -45.26 -46.05 16.14
CA ARG B 657 -45.11 -46.58 17.48
C ARG B 657 -44.92 -48.08 17.47
N TYR B 658 -45.52 -48.78 16.50
CA TYR B 658 -45.47 -50.23 16.44
C TYR B 658 -44.51 -50.76 15.40
N ALA B 659 -43.78 -49.90 14.71
CA ALA B 659 -42.89 -50.33 13.64
C ALA B 659 -41.48 -50.49 14.18
N GLY B 660 -40.89 -51.66 13.93
CA GLY B 660 -39.51 -51.88 14.35
C GLY B 660 -38.52 -51.03 13.58
N THR B 661 -38.75 -50.85 12.29
CA THR B 661 -37.83 -50.12 11.43
C THR B 661 -38.60 -49.07 10.63
N CYS B 662 -38.06 -47.86 10.57
CA CYS B 662 -38.70 -46.77 9.87
C CYS B 662 -37.71 -46.19 8.88
N LEU B 663 -38.16 -45.96 7.66
CA LEU B 663 -37.31 -45.42 6.62
C LEU B 663 -38.01 -44.27 5.92
N LEU B 664 -37.26 -43.27 5.51
CA LEU B 664 -37.79 -42.19 4.70
C LEU B 664 -37.37 -42.38 3.26
N VAL B 665 -38.24 -41.98 2.34
CA VAL B 665 -37.96 -42.01 0.91
C VAL B 665 -37.90 -40.58 0.41
N ALA B 666 -36.80 -40.21 -0.22
CA ALA B 666 -36.60 -38.85 -0.70
C ALA B 666 -36.38 -38.87 -2.20
N ARG B 667 -37.25 -38.20 -2.94
CA ARG B 667 -37.02 -38.04 -4.36
C ARG B 667 -35.70 -37.30 -4.57
N PHE B 668 -35.05 -37.55 -5.70
CA PHE B 668 -33.67 -37.15 -5.85
C PHE B 668 -33.50 -35.65 -5.72
N GLU B 669 -34.06 -34.89 -6.65
CA GLU B 669 -33.91 -33.44 -6.65
C GLU B 669 -35.13 -32.70 -6.15
N LYS B 670 -36.23 -33.39 -5.90
CA LYS B 670 -37.41 -32.68 -5.43
C LYS B 670 -37.29 -32.35 -3.95
N ASN B 671 -37.20 -33.37 -3.11
CA ASN B 671 -37.12 -33.13 -1.69
C ASN B 671 -35.77 -32.57 -1.31
N THR B 672 -35.76 -31.65 -0.36
CA THR B 672 -34.55 -31.00 0.10
C THR B 672 -34.02 -31.69 1.35
N VAL B 673 -32.82 -31.28 1.76
CA VAL B 673 -32.27 -31.78 3.01
C VAL B 673 -33.09 -31.26 4.18
N LYS B 674 -33.60 -30.04 4.07
CA LYS B 674 -34.38 -29.46 5.17
C LYS B 674 -35.60 -30.31 5.47
N GLU B 675 -36.29 -30.78 4.43
CA GLU B 675 -37.48 -31.59 4.65
C GLU B 675 -37.15 -32.89 5.36
N ILE B 676 -36.04 -33.53 4.98
CA ILE B 676 -35.64 -34.77 5.66
C ILE B 676 -35.28 -34.50 7.11
N ASP B 677 -34.53 -33.44 7.36
CA ASP B 677 -34.11 -33.16 8.72
C ASP B 677 -35.31 -32.85 9.61
N VAL B 678 -36.23 -32.04 9.12
CA VAL B 678 -37.41 -31.72 9.91
C VAL B 678 -38.27 -32.95 10.10
N SER B 679 -38.38 -33.78 9.07
CA SER B 679 -39.15 -35.01 9.19
C SER B 679 -38.57 -35.93 10.26
N MET B 680 -37.25 -36.10 10.28
CA MET B 680 -36.70 -36.95 11.33
C MET B 680 -36.80 -36.31 12.70
N LYS B 681 -36.69 -34.99 12.80
CA LYS B 681 -36.85 -34.39 14.12
C LYS B 681 -38.27 -34.54 14.63
N ARG B 682 -39.26 -34.39 13.75
CA ARG B 682 -40.64 -34.58 14.14
C ARG B 682 -40.96 -36.04 14.42
N PHE B 683 -40.26 -36.98 13.79
CA PHE B 683 -40.39 -38.37 14.19
C PHE B 683 -39.78 -38.62 15.55
N GLU B 684 -38.64 -37.99 15.82
CA GLU B 684 -37.99 -38.18 17.12
C GLU B 684 -38.85 -37.64 18.25
N GLN B 685 -39.44 -36.46 18.05
CA GLN B 685 -40.30 -35.89 19.09
C GLN B 685 -41.43 -36.83 19.44
N SER B 686 -41.94 -37.55 18.46
CA SER B 686 -43.06 -38.46 18.67
C SER B 686 -42.61 -39.82 19.15
N GLY B 687 -41.34 -39.99 19.46
CA GLY B 687 -40.85 -41.25 19.96
C GLY B 687 -40.62 -42.31 18.92
N VAL B 688 -40.52 -41.94 17.64
CA VAL B 688 -40.25 -42.87 16.56
C VAL B 688 -38.85 -42.58 16.04
N VAL B 689 -37.99 -43.58 16.06
CA VAL B 689 -36.59 -43.42 15.67
C VAL B 689 -36.47 -43.84 14.21
N VAL B 690 -36.25 -42.88 13.32
CA VAL B 690 -36.11 -43.18 11.91
C VAL B 690 -34.77 -43.84 11.68
N LYS B 691 -34.78 -45.02 11.09
CA LYS B 691 -33.52 -45.74 10.86
C LYS B 691 -32.64 -44.98 9.88
N GLY B 692 -33.19 -44.62 8.72
CA GLY B 692 -32.40 -43.97 7.70
C GLY B 692 -33.28 -43.62 6.53
N CYS B 693 -32.66 -43.14 5.47
CA CYS B 693 -33.38 -42.68 4.30
C CYS B 693 -33.14 -43.62 3.13
N ILE B 694 -33.96 -43.46 2.09
CA ILE B 694 -33.84 -44.23 0.86
C ILE B 694 -33.92 -43.23 -0.27
N LEU B 695 -32.79 -42.73 -0.73
CA LEU B 695 -32.83 -41.76 -1.80
C LEU B 695 -33.45 -42.42 -3.03
N ASN B 696 -34.30 -41.68 -3.71
CA ASN B 696 -35.14 -42.30 -4.73
C ASN B 696 -35.09 -41.48 -6.02
N GLY B 697 -35.30 -42.16 -7.13
CA GLY B 697 -35.36 -41.48 -8.40
C GLY B 697 -34.10 -40.71 -8.73
N VAL B 698 -32.94 -41.25 -8.38
CA VAL B 698 -31.68 -40.61 -8.71
C VAL B 698 -31.41 -40.78 -10.20
N VAL B 699 -30.97 -39.70 -10.84
CA VAL B 699 -30.76 -39.73 -12.28
C VAL B 699 -29.57 -40.62 -12.61
N LYS B 700 -29.62 -41.22 -13.80
CA LYS B 700 -28.58 -42.16 -14.21
C LYS B 700 -27.21 -41.49 -14.36
N LYS B 701 -27.17 -40.17 -14.54
CA LYS B 701 -25.89 -39.49 -14.58
C LYS B 701 -25.17 -39.58 -13.24
N ALA B 702 -25.91 -39.45 -12.14
CA ALA B 702 -25.32 -39.42 -10.82
C ALA B 702 -25.32 -40.77 -10.11
N SER B 703 -26.08 -41.74 -10.61
CA SER B 703 -26.11 -43.05 -9.98
C SER B 703 -24.95 -43.90 -10.46
N SER B 704 -24.38 -44.69 -9.56
CA SER B 704 -23.28 -45.57 -9.91
C SER B 704 -23.73 -46.88 -10.54
N TYR B 705 -25.02 -47.18 -10.48
CA TYR B 705 -25.53 -48.42 -11.08
C TYR B 705 -25.40 -48.37 -12.59
N TYR B 706 -25.13 -49.53 -13.18
CA TYR B 706 -25.09 -49.68 -14.63
C TYR B 706 -25.50 -51.09 -14.98
N ARG B 707 -25.94 -51.27 -16.22
CA ARG B 707 -26.34 -52.59 -16.68
C ARG B 707 -25.16 -53.54 -16.66
N TYR B 708 -25.43 -54.80 -16.35
CA TYR B 708 -24.36 -55.79 -16.23
C TYR B 708 -24.91 -57.13 -16.69
N GLY B 709 -24.42 -57.60 -17.84
CA GLY B 709 -24.87 -58.86 -18.39
C GLY B 709 -24.99 -58.84 -19.90
N ILE C 17 3.05 -32.65 -9.30
CA ILE C 17 3.03 -31.41 -10.06
C ILE C 17 4.29 -30.62 -9.77
N ASP C 18 5.07 -31.11 -8.81
CA ASP C 18 6.30 -30.46 -8.42
C ASP C 18 7.33 -30.58 -9.55
N LEU C 19 8.33 -29.70 -9.49
CA LEU C 19 9.43 -29.68 -10.46
C LEU C 19 9.97 -31.06 -10.76
N GLY C 20 10.19 -31.86 -9.71
CA GLY C 20 10.62 -33.24 -9.91
C GLY C 20 9.58 -34.05 -10.66
N ARG C 21 8.31 -33.93 -10.24
CA ARG C 21 7.24 -34.57 -10.97
C ARG C 21 7.13 -34.02 -12.38
N VAL C 22 7.36 -32.72 -12.54
CA VAL C 22 7.28 -32.10 -13.86
C VAL C 22 8.30 -32.73 -14.81
N ILE C 23 9.56 -32.76 -14.39
CA ILE C 23 10.59 -33.32 -15.25
C ILE C 23 10.38 -34.81 -15.46
N GLY C 24 9.89 -35.51 -14.43
CA GLY C 24 9.60 -36.92 -14.58
C GLY C 24 8.59 -37.17 -15.68
N GLU C 25 7.45 -36.48 -15.62
CA GLU C 25 6.43 -36.68 -16.64
C GLU C 25 6.89 -36.15 -17.99
N LEU C 26 7.75 -35.13 -18.00
CA LEU C 26 8.26 -34.63 -19.27
C LEU C 26 9.13 -35.66 -19.96
N ILE C 27 10.07 -36.27 -19.22
CA ILE C 27 10.90 -37.31 -19.81
C ILE C 27 10.05 -38.53 -20.15
N ASP C 28 9.05 -38.84 -19.31
CA ASP C 28 8.14 -39.92 -19.62
C ASP C 28 7.36 -39.63 -20.90
N HIS C 29 6.89 -38.39 -21.04
CA HIS C 29 6.21 -37.96 -22.25
C HIS C 29 7.14 -37.24 -23.20
N ARG C 30 8.45 -37.52 -23.13
CA ARG C 30 9.40 -36.83 -23.99
C ARG C 30 9.07 -37.05 -25.47
N LYS C 31 8.58 -38.24 -25.82
CA LYS C 31 8.16 -38.49 -27.19
C LYS C 31 7.11 -37.48 -27.64
N LEU C 32 6.05 -37.30 -26.85
CA LEU C 32 4.98 -36.38 -27.23
C LEU C 32 5.48 -34.95 -27.33
N ILE C 33 6.21 -34.48 -26.32
CA ILE C 33 6.59 -33.07 -26.28
C ILE C 33 7.57 -32.75 -27.39
N ILE C 34 8.56 -33.63 -27.60
CA ILE C 34 9.49 -33.35 -28.69
C ILE C 34 8.80 -33.48 -30.03
N SER C 35 7.83 -34.40 -30.16
CA SER C 35 7.12 -34.53 -31.43
C SER C 35 6.37 -33.24 -31.76
N ILE C 36 5.63 -32.71 -30.78
CA ILE C 36 4.82 -31.53 -31.06
C ILE C 36 5.71 -30.30 -31.27
N THR C 37 6.74 -30.13 -30.44
CA THR C 37 7.63 -29.00 -30.63
C THR C 37 8.34 -29.08 -31.97
N SER C 38 8.81 -30.28 -32.34
CA SER C 38 9.51 -30.45 -33.60
C SER C 38 8.58 -30.21 -34.78
N VAL C 39 7.32 -30.66 -34.70
CA VAL C 39 6.43 -30.47 -35.84
C VAL C 39 6.07 -29.00 -36.00
N PHE C 40 5.89 -28.26 -34.90
CA PHE C 40 5.64 -26.83 -35.05
C PHE C 40 6.89 -26.11 -35.55
N THR C 41 8.08 -26.53 -35.14
CA THR C 41 9.27 -25.94 -35.73
C THR C 41 9.41 -26.30 -37.20
N LEU C 42 8.93 -27.47 -37.60
CA LEU C 42 8.92 -27.81 -39.03
C LEU C 42 7.98 -26.90 -39.80
N PHE C 43 6.78 -26.65 -39.26
CA PHE C 43 5.90 -25.66 -39.89
C PHE C 43 6.57 -24.30 -39.96
N ALA C 44 7.23 -23.89 -38.88
CA ALA C 44 7.88 -22.59 -38.85
C ALA C 44 8.98 -22.51 -39.91
N ILE C 45 9.80 -23.55 -40.04
CA ILE C 45 10.91 -23.49 -40.97
C ILE C 45 10.41 -23.55 -42.41
N LEU C 46 9.39 -24.36 -42.68
CA LEU C 46 8.86 -24.39 -44.04
C LEU C 46 8.21 -23.06 -44.40
N TYR C 47 7.54 -22.42 -43.44
CA TYR C 47 6.95 -21.11 -43.70
C TYR C 47 8.02 -20.06 -43.92
N ALA C 48 9.09 -20.11 -43.13
CA ALA C 48 10.20 -19.17 -43.29
C ALA C 48 10.92 -19.37 -44.61
N LEU C 49 10.96 -20.60 -45.13
CA LEU C 49 11.62 -20.85 -46.40
C LEU C 49 10.69 -20.76 -47.59
N LEU C 50 9.38 -20.65 -47.38
CA LEU C 50 8.44 -20.56 -48.48
C LEU C 50 7.79 -19.20 -48.64
N ALA C 51 7.63 -18.44 -47.55
CA ALA C 51 7.05 -17.10 -47.67
C ALA C 51 7.94 -16.24 -48.56
N THR C 52 7.32 -15.59 -49.53
CA THR C 52 8.09 -14.86 -50.53
C THR C 52 8.93 -13.78 -49.85
N PRO C 53 10.18 -13.61 -50.26
CA PRO C 53 10.99 -12.53 -49.68
C PRO C 53 10.43 -11.18 -50.08
N ILE C 54 10.55 -10.21 -49.19
CA ILE C 54 10.03 -8.88 -49.41
C ILE C 54 11.16 -7.89 -49.19
N TYR C 55 11.66 -7.30 -50.26
CA TYR C 55 12.75 -6.36 -50.17
C TYR C 55 12.21 -4.98 -49.83
N GLU C 56 13.13 -4.11 -49.40
CA GLU C 56 12.78 -2.76 -48.99
C GLU C 56 13.80 -1.82 -49.61
N THR C 57 13.31 -0.76 -50.22
CA THR C 57 14.15 0.27 -50.81
C THR C 57 13.92 1.58 -50.11
N ASP C 58 14.91 2.46 -50.16
CA ASP C 58 14.84 3.74 -49.47
C ASP C 58 15.36 4.87 -50.34
N ALA C 59 14.88 6.07 -50.05
CA ALA C 59 15.35 7.28 -50.69
C ALA C 59 15.40 8.39 -49.66
N LEU C 60 16.14 9.44 -49.96
CA LEU C 60 16.31 10.57 -49.06
C LEU C 60 15.82 11.83 -49.76
N ILE C 61 14.74 12.41 -49.25
CA ILE C 61 14.21 13.66 -49.77
C ILE C 61 14.54 14.76 -48.77
N GLN C 62 15.19 15.81 -49.26
CA GLN C 62 15.61 16.92 -48.42
C GLN C 62 14.80 18.16 -48.77
N ILE C 63 14.33 18.85 -47.72
CA ILE C 63 13.62 20.11 -47.88
C ILE C 63 14.22 21.10 -46.88
N GLU C 64 13.62 22.27 -46.74
CA GLU C 64 14.11 23.23 -45.77
C GLU C 64 13.19 23.26 -44.56
N GLN C 85 9.78 22.00 -41.60
CA GLN C 85 8.36 21.65 -41.63
C GLN C 85 8.18 20.14 -41.82
N SER C 86 8.00 19.73 -43.08
CA SER C 86 7.90 18.34 -43.53
C SER C 86 6.63 17.65 -43.05
N ALA C 87 5.83 18.29 -42.23
CA ALA C 87 4.60 17.66 -41.77
C ALA C 87 3.53 17.66 -42.85
N PRO C 88 3.41 18.72 -43.67
CA PRO C 88 2.54 18.59 -44.83
C PRO C 88 3.06 17.61 -45.87
N GLU C 89 4.37 17.48 -45.99
CA GLU C 89 4.92 16.64 -47.07
C GLU C 89 4.72 15.17 -46.79
N THR C 90 4.79 14.75 -45.52
CA THR C 90 4.52 13.36 -45.21
C THR C 90 3.07 13.00 -45.50
N ALA C 91 2.21 13.99 -45.72
CA ALA C 91 0.84 13.73 -46.14
C ALA C 91 0.60 14.00 -47.61
N LEU C 92 1.37 14.90 -48.22
CA LEU C 92 1.19 15.14 -49.65
C LEU C 92 1.79 14.02 -50.47
N LEU C 93 2.88 13.41 -50.01
CA LEU C 93 3.45 12.27 -50.74
C LEU C 93 2.45 11.14 -50.83
N GLN C 94 1.77 10.85 -49.74
CA GLN C 94 0.81 9.75 -49.71
C GLN C 94 -0.56 10.17 -50.22
N SER C 95 -0.66 11.33 -50.85
CA SER C 95 -1.91 11.75 -51.45
C SER C 95 -2.13 11.01 -52.76
N ARG C 96 -3.40 10.97 -53.19
CA ARG C 96 -3.68 10.24 -54.40
C ARG C 96 -3.21 10.93 -55.67
N MET C 97 -2.92 12.24 -55.67
CA MET C 97 -2.38 12.75 -56.92
C MET C 97 -1.00 12.17 -57.18
N ILE C 98 -0.20 11.99 -56.13
CA ILE C 98 1.16 11.54 -56.31
C ILE C 98 1.19 10.08 -56.74
N LEU C 99 0.60 9.21 -55.93
CA LEU C 99 0.58 7.80 -56.27
C LEU C 99 -0.17 7.55 -57.57
N GLY C 100 -1.23 8.32 -57.81
CA GLY C 100 -2.00 8.17 -59.02
C GLY C 100 -1.25 8.52 -60.27
N LYS C 101 -0.27 9.40 -60.17
CA LYS C 101 0.51 9.67 -61.36
C LYS C 101 1.55 8.59 -61.60
N THR C 102 2.14 8.05 -60.54
CA THR C 102 3.05 6.91 -60.71
C THR C 102 2.32 5.73 -61.31
N ILE C 103 1.11 5.44 -60.84
CA ILE C 103 0.37 4.28 -61.33
C ILE C 103 0.18 4.40 -62.84
N ASP C 104 -0.23 5.57 -63.30
CA ASP C 104 -0.42 5.77 -64.72
C ASP C 104 0.89 5.86 -65.48
N ASP C 105 1.98 6.18 -64.80
CA ASP C 105 3.29 6.21 -65.46
C ASP C 105 3.84 4.80 -65.69
N LEU C 106 3.74 3.94 -64.69
CA LEU C 106 4.31 2.61 -64.74
C LEU C 106 3.29 1.54 -65.07
N ASN C 107 2.03 1.91 -65.28
CA ASN C 107 0.97 0.95 -65.59
C ASN C 107 0.88 -0.11 -64.50
N LEU C 108 0.79 0.35 -63.26
CA LEU C 108 0.75 -0.58 -62.13
C LEU C 108 -0.64 -1.12 -61.86
N GLN C 109 -1.65 -0.67 -62.58
CA GLN C 109 -2.95 -1.33 -62.53
C GLN C 109 -2.95 -2.61 -63.36
N ILE C 110 -1.89 -2.88 -64.10
CA ILE C 110 -1.73 -4.11 -64.86
C ILE C 110 -0.90 -5.05 -63.99
N GLN C 111 -1.56 -5.95 -63.29
CA GLN C 111 -0.89 -6.80 -62.32
C GLN C 111 -0.53 -8.14 -62.95
N ILE C 112 0.69 -8.61 -62.69
CA ILE C 112 1.20 -9.83 -63.30
C ILE C 112 1.76 -10.74 -62.21
N GLU C 113 1.32 -12.00 -62.20
CA GLU C 113 1.92 -13.03 -61.36
C GLU C 113 2.06 -14.34 -62.12
N GLN C 114 3.21 -14.99 -61.94
CA GLN C 114 3.40 -16.35 -62.40
C GLN C 114 2.46 -17.27 -61.66
N LYS C 115 1.82 -18.19 -62.38
CA LYS C 115 0.83 -19.06 -61.79
C LYS C 115 1.49 -20.26 -61.13
N TYR C 116 1.07 -20.58 -59.91
CA TYR C 116 1.44 -21.80 -59.23
C TYR C 116 0.19 -22.35 -58.58
N PHE C 117 -0.25 -23.53 -59.00
CA PHE C 117 -1.47 -24.11 -58.45
C PHE C 117 -1.44 -24.27 -56.94
N PRO C 118 -0.36 -24.70 -56.28
CA PRO C 118 -0.40 -24.79 -54.82
C PRO C 118 -0.20 -23.41 -54.21
N VAL C 119 -0.55 -23.30 -52.93
CA VAL C 119 -0.29 -22.08 -52.19
C VAL C 119 1.19 -21.88 -51.93
N ILE C 120 2.01 -22.90 -52.18
CA ILE C 120 3.44 -22.84 -51.94
C ILE C 120 4.24 -23.15 -53.20
N GLY C 121 3.59 -23.18 -54.36
CA GLY C 121 4.32 -23.44 -55.59
C GLY C 121 5.38 -22.40 -55.90
N ARG C 122 5.07 -21.13 -55.67
CA ARG C 122 6.03 -20.07 -55.91
C ARG C 122 7.24 -20.20 -54.99
N GLY C 123 6.99 -20.47 -53.72
CA GLY C 123 8.08 -20.59 -52.77
C GLY C 123 9.02 -21.74 -53.12
N LEU C 124 8.44 -22.91 -53.44
CA LEU C 124 9.27 -24.04 -53.83
C LEU C 124 9.99 -23.77 -55.15
N ALA C 125 9.36 -23.02 -56.05
CA ALA C 125 10.03 -22.64 -57.28
C ALA C 125 11.26 -21.81 -57.00
N ARG C 126 11.16 -20.85 -56.07
CA ARG C 126 12.34 -20.09 -55.68
C ARG C 126 13.37 -20.99 -55.01
N LEU C 127 12.94 -21.88 -54.14
CA LEU C 127 13.87 -22.74 -53.43
C LEU C 127 14.64 -23.63 -54.39
N MET C 128 13.97 -24.13 -55.42
CA MET C 128 14.65 -24.94 -56.43
C MET C 128 15.69 -24.13 -57.20
N GLY C 129 15.64 -22.81 -57.11
CA GLY C 129 16.52 -21.97 -57.87
C GLY C 129 16.01 -21.59 -59.24
N GLU C 130 14.77 -21.94 -59.56
CA GLU C 130 14.18 -21.51 -60.82
C GLU C 130 14.06 -20.00 -60.85
N LYS C 131 14.51 -19.40 -61.94
CA LYS C 131 14.39 -17.96 -62.09
C LYS C 131 12.94 -17.58 -62.29
N PRO C 132 12.39 -16.67 -61.51
CA PRO C 132 10.96 -16.35 -61.62
C PRO C 132 10.63 -15.72 -62.97
N GLY C 133 9.47 -16.10 -63.50
CA GLY C 133 9.04 -15.56 -64.77
C GLY C 133 8.54 -14.14 -64.63
N ASN C 134 8.74 -13.36 -65.69
CA ASN C 134 8.29 -11.97 -65.70
C ASN C 134 8.14 -11.51 -67.14
N ILE C 135 7.11 -10.71 -67.37
CA ILE C 135 6.80 -10.19 -68.69
C ILE C 135 6.43 -8.71 -68.55
N ASP C 136 6.49 -7.98 -69.66
CA ASP C 136 6.17 -6.56 -69.69
C ASP C 136 4.95 -6.34 -70.57
N ILE C 137 3.90 -5.76 -70.00
CA ILE C 137 2.70 -5.39 -70.74
C ILE C 137 2.67 -3.88 -70.79
N THR C 138 2.95 -3.31 -71.96
CA THR C 138 2.96 -1.87 -72.10
C THR C 138 1.57 -1.29 -72.30
N ARG C 139 0.58 -2.12 -72.60
CA ARG C 139 -0.76 -1.60 -72.92
C ARG C 139 -1.75 -2.74 -72.74
N LEU C 140 -2.66 -2.60 -71.78
CA LEU C 140 -3.67 -3.60 -71.50
C LEU C 140 -5.06 -2.99 -71.57
N TYR C 141 -5.98 -3.67 -72.25
CA TYR C 141 -7.39 -3.28 -72.24
C TYR C 141 -8.19 -4.57 -72.28
N LEU C 142 -8.77 -4.95 -71.14
CA LEU C 142 -9.59 -6.12 -71.05
C LEU C 142 -10.94 -5.85 -71.70
N PRO C 143 -11.80 -6.87 -71.83
CA PRO C 143 -13.18 -6.60 -72.26
C PRO C 143 -13.94 -5.73 -71.28
N ASP C 144 -13.35 -5.44 -70.13
CA ASP C 144 -13.90 -4.52 -69.14
C ASP C 144 -15.27 -5.00 -68.65
N SER C 145 -15.29 -6.26 -68.22
CA SER C 145 -16.45 -6.76 -67.50
C SER C 145 -16.77 -5.87 -66.31
N ASP C 146 -15.81 -5.74 -65.39
CA ASP C 146 -15.84 -4.73 -64.34
C ASP C 146 -17.15 -4.80 -63.54
N ASP C 147 -17.57 -6.01 -63.20
CA ASP C 147 -18.81 -6.19 -62.46
C ASP C 147 -18.66 -5.64 -61.04
N ILE C 148 -19.79 -5.62 -60.31
CA ILE C 148 -19.79 -5.08 -58.96
C ILE C 148 -18.87 -5.91 -58.06
N SER C 149 -19.01 -7.24 -58.14
CA SER C 149 -18.14 -8.10 -57.35
C SER C 149 -16.80 -8.32 -58.05
N ASN C 150 -16.84 -8.86 -59.26
CA ASN C 150 -15.62 -9.15 -60.01
C ASN C 150 -15.26 -7.95 -60.88
N ASN C 151 -14.96 -6.84 -60.21
CA ASN C 151 -14.45 -5.66 -60.89
C ASN C 151 -13.03 -5.84 -61.40
N THR C 152 -12.42 -7.00 -61.16
CA THR C 152 -11.07 -7.29 -61.62
C THR C 152 -11.11 -8.43 -62.63
N PRO C 153 -11.40 -8.15 -63.90
CA PRO C 153 -11.38 -9.21 -64.90
C PRO C 153 -10.03 -9.90 -64.94
N SER C 154 -10.03 -11.19 -64.63
CA SER C 154 -8.81 -11.96 -64.47
C SER C 154 -8.58 -12.84 -65.68
N ILE C 155 -7.40 -12.74 -66.27
CA ILE C 155 -7.04 -13.47 -67.48
C ILE C 155 -5.73 -14.19 -67.22
N ILE C 156 -5.46 -15.22 -68.03
CA ILE C 156 -4.27 -16.04 -67.88
C ILE C 156 -3.52 -16.07 -69.20
N LEU C 157 -2.21 -15.85 -69.14
CA LEU C 157 -1.35 -15.96 -70.30
C LEU C 157 -0.67 -17.32 -70.33
N THR C 158 -0.77 -18.01 -71.46
CA THR C 158 -0.06 -19.26 -71.69
C THR C 158 1.11 -18.96 -72.62
N VAL C 159 2.32 -19.09 -72.08
CA VAL C 159 3.53 -18.77 -72.85
C VAL C 159 3.83 -19.93 -73.79
N LYS C 160 3.75 -19.68 -75.09
CA LYS C 160 4.02 -20.72 -76.07
C LYS C 160 5.50 -20.81 -76.40
N ASP C 161 6.15 -19.68 -76.62
CA ASP C 161 7.59 -19.65 -76.89
C ASP C 161 8.12 -18.31 -76.41
N LYS C 162 9.32 -17.95 -76.86
CA LYS C 162 9.87 -16.63 -76.56
C LYS C 162 9.29 -15.54 -77.44
N GLU C 163 8.49 -15.88 -78.44
CA GLU C 163 7.95 -14.91 -79.37
C GLU C 163 6.42 -14.84 -79.33
N ASN C 164 5.75 -15.98 -79.49
CA ASN C 164 4.30 -16.03 -79.49
C ASN C 164 3.79 -16.60 -78.16
N TYR C 165 2.47 -16.55 -78.00
CA TYR C 165 1.81 -16.89 -76.75
C TYR C 165 0.33 -17.03 -77.03
N SER C 166 -0.40 -17.50 -76.03
CA SER C 166 -1.86 -17.60 -76.13
C SER C 166 -2.48 -17.11 -74.84
N ILE C 167 -3.67 -16.52 -74.98
CA ILE C 167 -4.39 -15.91 -73.87
C ILE C 167 -5.77 -16.54 -73.80
N ASN C 168 -6.10 -17.11 -72.65
CA ASN C 168 -7.43 -17.65 -72.41
C ASN C 168 -8.16 -16.76 -71.40
N SER C 169 -9.28 -16.19 -71.81
CA SER C 169 -10.09 -15.38 -70.92
C SER C 169 -11.01 -16.26 -70.07
N ASP C 170 -11.92 -16.98 -70.72
CA ASP C 170 -12.79 -17.95 -70.07
C ASP C 170 -12.78 -19.27 -70.83
N GLY C 171 -11.69 -19.53 -71.56
CA GLY C 171 -11.60 -20.71 -72.40
C GLY C 171 -11.22 -20.35 -73.81
N ILE C 172 -11.65 -19.17 -74.26
CA ILE C 172 -11.34 -18.71 -75.61
C ILE C 172 -9.88 -18.30 -75.66
N GLN C 173 -9.04 -19.17 -76.19
CA GLN C 173 -7.60 -18.92 -76.21
C GLN C 173 -7.23 -18.15 -77.47
N LEU C 174 -6.72 -16.94 -77.30
CA LEU C 174 -6.26 -16.11 -78.40
C LEU C 174 -4.75 -16.19 -78.48
N ASN C 175 -4.24 -16.73 -79.59
CA ASN C 175 -2.81 -16.82 -79.80
C ASN C 175 -2.28 -15.48 -80.26
N GLY C 176 -1.19 -15.04 -79.64
CA GLY C 176 -0.65 -13.72 -79.95
C GLY C 176 0.87 -13.73 -79.94
N VAL C 177 1.43 -12.70 -80.56
CA VAL C 177 2.86 -12.53 -80.69
C VAL C 177 3.25 -11.16 -80.16
N VAL C 178 4.42 -11.09 -79.52
CA VAL C 178 4.92 -9.81 -79.03
C VAL C 178 5.09 -8.87 -80.21
N GLY C 179 4.99 -7.57 -79.93
CA GLY C 179 4.94 -6.63 -81.03
C GLY C 179 3.50 -6.36 -81.40
N THR C 180 3.00 -7.10 -82.38
CA THR C 180 1.61 -6.99 -82.81
C THR C 180 0.66 -7.02 -81.61
N LEU C 181 -0.25 -6.06 -81.58
CA LEU C 181 -1.20 -5.93 -80.49
C LEU C 181 -2.42 -6.79 -80.79
N LEU C 182 -2.93 -7.46 -79.76
CA LEU C 182 -4.09 -8.33 -79.91
C LEU C 182 -5.35 -7.51 -79.63
N ASN C 183 -6.18 -7.30 -80.65
CA ASN C 183 -7.42 -6.54 -80.54
C ASN C 183 -8.56 -7.44 -81.01
N GLU C 184 -9.10 -8.23 -80.09
CA GLU C 184 -10.19 -9.14 -80.41
C GLU C 184 -11.13 -9.23 -79.21
N LYS C 185 -12.43 -9.31 -79.51
CA LYS C 185 -13.46 -9.46 -78.49
C LYS C 185 -13.40 -8.32 -77.47
N GLY C 186 -13.07 -7.13 -77.93
CA GLY C 186 -12.92 -6.01 -77.02
C GLY C 186 -11.72 -6.10 -76.10
N ILE C 187 -10.78 -6.99 -76.40
CA ILE C 187 -9.65 -7.26 -75.53
C ILE C 187 -8.40 -6.76 -76.24
N SER C 188 -7.73 -5.78 -75.65
CA SER C 188 -6.56 -5.15 -76.25
C SER C 188 -5.33 -5.44 -75.38
N LEU C 189 -4.41 -6.23 -75.92
CA LEU C 189 -3.17 -6.59 -75.25
C LEU C 189 -1.98 -6.19 -76.11
N LEU C 190 -1.09 -5.39 -75.54
CA LEU C 190 0.20 -5.09 -76.13
C LEU C 190 1.24 -5.59 -75.14
N VAL C 191 1.65 -6.83 -75.32
CA VAL C 191 2.59 -7.48 -74.41
C VAL C 191 3.87 -7.77 -75.16
N ASN C 192 5.00 -7.42 -74.55
CA ASN C 192 6.29 -7.48 -75.21
C ASN C 192 7.33 -7.99 -74.23
N GLU C 193 8.45 -8.47 -74.78
CA GLU C 193 9.57 -8.97 -73.99
C GLU C 193 9.12 -10.09 -73.06
N ILE C 194 8.35 -11.04 -73.60
CA ILE C 194 7.91 -12.17 -72.80
C ILE C 194 9.11 -12.99 -72.37
N ASP C 195 8.99 -13.62 -71.21
CA ASP C 195 10.10 -14.34 -70.62
C ASP C 195 10.40 -15.60 -71.42
N ALA C 196 11.44 -16.33 -70.99
CA ALA C 196 11.94 -17.46 -71.76
C ALA C 196 11.07 -18.70 -71.59
N LYS C 197 10.85 -19.12 -70.34
CA LYS C 197 10.20 -20.39 -70.05
C LYS C 197 8.79 -20.44 -70.63
N PRO C 198 8.55 -21.29 -71.63
CA PRO C 198 7.22 -21.40 -72.23
C PRO C 198 6.33 -22.30 -71.38
N GLY C 199 5.08 -22.43 -71.82
CA GLY C 199 4.10 -23.25 -71.12
C GLY C 199 3.66 -22.72 -69.78
N ASP C 200 4.28 -21.65 -69.28
CA ASP C 200 3.88 -21.10 -67.99
C ASP C 200 2.54 -20.39 -68.11
N GLN C 201 1.96 -20.10 -66.95
CA GLN C 201 0.69 -19.40 -66.87
C GLN C 201 0.90 -18.11 -66.08
N PHE C 202 0.41 -17.00 -66.64
CA PHE C 202 0.56 -15.69 -66.03
C PHE C 202 -0.81 -15.08 -65.84
N VAL C 203 -1.19 -14.85 -64.58
CA VAL C 203 -2.50 -14.30 -64.28
C VAL C 203 -2.41 -12.79 -64.39
N ILE C 204 -3.24 -12.22 -65.25
CA ILE C 204 -3.28 -10.78 -65.48
C ILE C 204 -4.56 -10.22 -64.87
N THR C 205 -4.42 -9.13 -64.12
CA THR C 205 -5.55 -8.53 -63.42
C THR C 205 -5.52 -7.04 -63.63
N GLN C 206 -6.56 -6.50 -64.26
CA GLN C 206 -6.68 -5.06 -64.47
C GLN C 206 -7.45 -4.44 -63.31
N LEU C 207 -6.84 -4.53 -62.13
CA LEU C 207 -7.49 -4.06 -60.92
C LEU C 207 -7.66 -2.54 -60.97
N PRO C 208 -8.66 -2.00 -60.28
CA PRO C 208 -9.03 -0.60 -60.48
C PRO C 208 -7.95 0.35 -59.98
N ARG C 209 -7.93 1.53 -60.59
CA ARG C 209 -6.92 2.53 -60.27
C ARG C 209 -6.91 2.84 -58.78
N LEU C 210 -8.08 2.92 -58.16
CA LEU C 210 -8.12 3.15 -56.71
C LEU C 210 -7.46 2.01 -55.95
N LYS C 211 -7.64 0.78 -56.42
CA LYS C 211 -6.97 -0.34 -55.77
C LYS C 211 -5.46 -0.25 -55.96
N ALA C 212 -5.05 0.13 -57.17
CA ALA C 212 -3.63 0.30 -57.47
C ALA C 212 -3.03 1.45 -56.69
N ILE C 213 -3.86 2.35 -56.19
CA ILE C 213 -3.41 3.32 -55.21
C ILE C 213 -3.28 2.69 -53.84
N SER C 214 -4.37 2.08 -53.37
CA SER C 214 -4.45 1.65 -51.99
C SER C 214 -3.36 0.66 -51.63
N ASP C 215 -3.07 -0.30 -52.52
CA ASP C 215 -2.02 -1.27 -52.21
C ASP C 215 -0.67 -0.59 -52.03
N LEU C 216 -0.31 0.27 -52.99
CA LEU C 216 0.95 0.99 -52.93
C LEU C 216 1.04 1.82 -51.66
N LEU C 217 -0.01 2.60 -51.39
CA LEU C 217 -0.04 3.42 -50.19
C LEU C 217 0.09 2.57 -48.94
N LYS C 218 -0.40 1.33 -48.99
CA LYS C 218 -0.18 0.43 -47.88
C LYS C 218 1.29 0.07 -47.74
N SER C 219 1.97 -0.17 -48.86
CA SER C 219 3.39 -0.51 -48.78
C SER C 219 4.27 0.71 -48.53
N PHE C 220 3.87 1.88 -49.03
CA PHE C 220 4.69 3.08 -48.98
C PHE C 220 4.74 3.66 -47.57
N SER C 221 5.86 4.29 -47.23
CA SER C 221 6.02 4.81 -45.87
C SER C 221 7.02 5.95 -45.87
N VAL C 222 6.79 6.91 -44.98
CA VAL C 222 7.57 8.14 -44.93
C VAL C 222 7.94 8.41 -43.46
N ALA C 223 9.07 9.06 -43.26
CA ALA C 223 9.50 9.48 -41.94
C ALA C 223 10.38 10.71 -42.07
N ASP C 224 10.78 11.28 -40.94
CA ASP C 224 11.56 12.51 -40.93
C ASP C 224 12.91 12.38 -40.23
N LEU C 225 12.96 11.66 -39.11
CA LEU C 225 14.14 11.38 -38.31
C LEU C 225 14.89 12.62 -37.83
N GLY C 226 14.33 13.81 -38.02
CA GLY C 226 14.93 14.98 -37.41
C GLY C 226 13.90 15.90 -36.76
N LYS C 227 12.63 15.66 -37.08
CA LYS C 227 11.47 16.35 -36.54
C LYS C 227 11.41 17.80 -37.00
N ASP C 228 12.51 18.30 -37.55
CA ASP C 228 12.49 19.54 -38.31
C ASP C 228 13.41 19.51 -39.52
N THR C 229 14.33 18.56 -39.60
CA THR C 229 15.27 18.52 -40.71
C THR C 229 14.53 18.25 -42.00
N GLY C 230 15.06 18.75 -43.10
CA GLY C 230 14.42 18.54 -44.37
C GLY C 230 14.46 17.11 -44.85
N MET C 231 15.17 16.25 -44.15
CA MET C 231 15.39 14.90 -44.63
C MET C 231 14.15 14.03 -44.44
N LEU C 232 13.71 13.38 -45.53
CA LEU C 232 12.62 12.42 -45.49
C LEU C 232 13.14 11.10 -46.05
N THR C 233 12.89 10.01 -45.33
CA THR C 233 13.34 8.70 -45.77
C THR C 233 12.16 7.91 -46.29
N LEU C 234 11.90 8.04 -47.58
CA LEU C 234 10.87 7.24 -48.20
C LEU C 234 11.29 5.78 -48.21
N THR C 235 10.38 4.89 -47.85
CA THR C 235 10.64 3.46 -47.91
C THR C 235 9.50 2.79 -48.63
N LEU C 236 9.83 1.96 -49.61
CA LEU C 236 8.84 1.18 -50.33
C LEU C 236 9.25 -0.28 -50.21
N THR C 237 8.31 -1.13 -49.83
CA THR C 237 8.58 -2.55 -49.65
C THR C 237 7.80 -3.34 -50.68
N GLY C 238 8.43 -4.37 -51.22
CA GLY C 238 7.76 -5.22 -52.19
C GLY C 238 8.56 -6.48 -52.43
N ASP C 239 7.99 -7.36 -53.25
CA ASP C 239 8.63 -8.62 -53.57
C ASP C 239 9.63 -8.47 -54.71
N ASN C 240 9.19 -7.96 -55.84
CA ASN C 240 10.05 -7.83 -57.00
C ASN C 240 11.09 -6.73 -56.75
N PRO C 241 12.35 -7.06 -56.55
CA PRO C 241 13.32 -6.04 -56.11
C PRO C 241 13.53 -4.93 -57.11
N LYS C 242 13.75 -5.28 -58.38
CA LYS C 242 14.01 -4.25 -59.38
C LYS C 242 12.81 -3.35 -59.61
N ARG C 243 11.60 -3.86 -59.39
CA ARG C 243 10.41 -3.07 -59.62
C ARG C 243 10.25 -1.98 -58.58
N ILE C 244 10.51 -2.31 -57.31
CA ILE C 244 10.24 -1.34 -56.26
C ILE C 244 11.18 -0.16 -56.32
N SER C 245 12.42 -0.35 -56.75
CA SER C 245 13.30 0.80 -56.92
C SER C 245 12.78 1.74 -57.98
N HIS C 246 12.32 1.20 -59.12
CA HIS C 246 11.75 2.06 -60.14
C HIS C 246 10.51 2.76 -59.65
N ILE C 247 9.66 2.06 -58.90
CA ILE C 247 8.43 2.69 -58.41
C ILE C 247 8.78 3.83 -57.47
N LEU C 248 9.74 3.62 -56.58
CA LEU C 248 10.10 4.67 -55.65
C LEU C 248 10.74 5.85 -56.38
N ASP C 249 11.57 5.57 -57.38
CA ASP C 249 12.11 6.67 -58.17
C ASP C 249 11.01 7.42 -58.89
N SER C 250 10.01 6.71 -59.40
CA SER C 250 8.89 7.38 -60.05
C SER C 250 8.15 8.26 -59.07
N ILE C 251 7.94 7.78 -57.84
CA ILE C 251 7.30 8.61 -56.83
C ILE C 251 8.11 9.87 -56.58
N SER C 252 9.42 9.71 -56.44
CA SER C 252 10.27 10.86 -56.15
C SER C 252 10.25 11.87 -57.29
N GLN C 253 10.34 11.38 -58.53
CA GLN C 253 10.31 12.29 -59.67
C GLN C 253 8.96 13.00 -59.77
N ASN C 254 7.87 12.28 -59.52
CA ASN C 254 6.56 12.93 -59.55
C ASN C 254 6.45 14.00 -58.50
N TYR C 255 7.00 13.73 -57.31
CA TYR C 255 6.97 14.74 -56.26
C TYR C 255 7.81 15.96 -56.62
N LEU C 256 9.01 15.73 -57.14
CA LEU C 256 9.84 16.82 -57.63
C LEU C 256 9.09 17.66 -58.65
N ALA C 257 8.53 17.00 -59.67
CA ALA C 257 7.86 17.71 -60.74
C ALA C 257 6.65 18.48 -60.22
N GLN C 258 5.89 17.88 -59.31
CA GLN C 258 4.69 18.56 -58.86
C GLN C 258 5.03 19.75 -57.98
N ASN C 259 6.12 19.68 -57.21
CA ASN C 259 6.48 20.87 -56.45
C ASN C 259 6.98 21.96 -57.38
N ILE C 260 7.76 21.61 -58.40
CA ILE C 260 8.10 22.60 -59.41
C ILE C 260 6.84 23.20 -60.01
N ALA C 261 5.83 22.36 -60.23
CA ALA C 261 4.61 22.80 -60.90
C ALA C 261 3.78 23.72 -60.02
N ARG C 262 3.77 23.50 -58.70
CA ARG C 262 2.90 24.29 -57.83
C ARG C 262 3.35 25.74 -57.71
N GLN C 263 4.59 25.94 -57.28
CA GLN C 263 5.10 27.29 -57.09
C GLN C 263 4.94 28.08 -58.37
N ALA C 264 5.16 27.39 -59.49
CA ALA C 264 4.90 27.99 -60.80
C ALA C 264 3.42 28.15 -61.09
N ALA C 265 2.56 27.33 -60.49
CA ALA C 265 1.13 27.38 -60.82
C ALA C 265 0.47 28.60 -60.19
N GLN C 266 0.95 29.01 -59.03
CA GLN C 266 0.57 30.32 -58.51
C GLN C 266 0.74 31.41 -59.57
N ASP C 267 1.99 31.60 -60.00
CA ASP C 267 2.29 32.57 -61.03
C ASP C 267 1.60 32.23 -62.34
N ALA C 268 1.24 30.97 -62.54
CA ALA C 268 0.63 30.55 -63.79
C ALA C 268 -0.83 30.97 -63.88
N LYS C 269 -1.57 30.87 -62.79
CA LYS C 269 -2.91 31.45 -62.76
C LYS C 269 -2.84 32.96 -62.90
N SER C 270 -1.86 33.58 -62.22
CA SER C 270 -1.66 35.02 -62.42
C SER C 270 -1.41 35.33 -63.90
N LEU C 271 -0.51 34.57 -64.53
CA LEU C 271 -0.18 34.76 -65.94
C LEU C 271 -1.40 34.51 -66.83
N GLU C 272 -2.20 33.51 -66.48
CA GLU C 272 -3.36 33.17 -67.28
C GLU C 272 -4.36 34.32 -67.31
N PHE C 273 -4.65 34.90 -66.14
CA PHE C 273 -5.58 36.03 -66.21
C PHE C 273 -4.94 37.27 -66.79
N LEU C 274 -3.62 37.43 -66.69
CA LEU C 274 -2.98 38.51 -67.42
C LEU C 274 -3.18 38.35 -68.92
N ASN C 275 -3.01 37.12 -69.42
CA ASN C 275 -3.25 36.85 -70.83
C ASN C 275 -4.71 37.07 -71.20
N GLN C 276 -5.63 36.74 -70.30
CA GLN C 276 -7.05 36.94 -70.54
C GLN C 276 -7.46 38.41 -70.48
N GLN C 277 -6.70 39.24 -69.77
CA GLN C 277 -7.10 40.62 -69.50
C GLN C 277 -6.40 41.65 -70.38
N LEU C 278 -5.40 41.24 -71.16
CA LEU C 278 -4.69 42.21 -72.00
C LEU C 278 -5.64 42.80 -73.04
N PRO C 279 -5.83 44.13 -73.05
CA PRO C 279 -6.68 44.82 -74.01
C PRO C 279 -6.15 44.74 -75.44
N GLY C 384 -4.18 53.66 -70.12
CA GLY C 384 -4.51 52.29 -70.49
C GLY C 384 -3.37 51.57 -71.17
N ARG C 385 -2.88 52.13 -72.28
CA ARG C 385 -1.77 51.50 -72.99
C ARG C 385 -0.48 51.57 -72.19
N ALA C 386 -0.28 52.66 -71.43
CA ALA C 386 0.82 52.68 -70.47
C ALA C 386 0.62 51.61 -69.41
N VAL C 387 -0.62 51.44 -68.95
CA VAL C 387 -0.93 50.37 -68.01
C VAL C 387 -0.78 49.02 -68.71
N TYR C 388 -1.06 48.95 -70.01
CA TYR C 388 -0.76 47.76 -70.78
C TYR C 388 0.72 47.44 -70.74
N LEU C 389 1.57 48.45 -70.85
CA LEU C 389 3.01 48.24 -70.77
C LEU C 389 3.44 47.81 -69.37
N GLN C 390 2.80 48.37 -68.34
CA GLN C 390 3.08 47.92 -66.98
C GLN C 390 2.69 46.45 -66.80
N LEU C 391 1.55 46.05 -67.35
CA LEU C 391 1.15 44.65 -67.30
C LEU C 391 2.12 43.78 -68.10
N LEU C 392 2.67 44.33 -69.19
CA LEU C 392 3.69 43.60 -69.94
C LEU C 392 4.95 43.40 -69.11
N ASN C 393 5.33 44.42 -68.33
CA ASN C 393 6.48 44.27 -67.43
C ASN C 393 6.22 43.17 -66.41
N ARG C 394 5.03 43.17 -65.80
CA ARG C 394 4.68 42.10 -64.87
C ARG C 394 4.63 40.74 -65.57
N GLN C 395 4.15 40.71 -66.81
CA GLN C 395 4.11 39.49 -67.60
C GLN C 395 5.50 38.93 -67.81
N GLN C 396 6.45 39.78 -68.18
CA GLN C 396 7.81 39.32 -68.40
C GLN C 396 8.48 38.91 -67.08
N GLU C 397 8.07 39.53 -65.98
CA GLU C 397 8.53 39.05 -64.68
C GLU C 397 8.03 37.64 -64.41
N LEU C 398 6.76 37.37 -64.70
CA LEU C 398 6.17 36.09 -64.34
C LEU C 398 6.60 34.96 -65.28
N ASN C 399 6.72 35.24 -66.58
CA ASN C 399 6.92 34.17 -67.55
C ASN C 399 8.18 33.37 -67.26
N ILE C 400 9.31 34.05 -67.07
CA ILE C 400 10.58 33.37 -66.88
C ILE C 400 10.58 32.62 -65.54
N ALA C 401 9.92 33.17 -64.53
CA ALA C 401 9.86 32.58 -63.20
C ALA C 401 9.37 31.15 -63.26
N LYS C 402 8.35 30.88 -64.07
CA LYS C 402 7.80 29.53 -64.17
C LYS C 402 8.87 28.54 -64.62
N SER C 403 9.65 28.91 -65.64
CA SER C 403 10.73 28.02 -66.08
C SER C 403 11.82 27.91 -65.03
N SER C 404 12.07 28.99 -64.29
CA SER C 404 13.18 29.02 -63.34
C SER C 404 12.78 28.61 -61.93
N ALA C 405 11.51 28.30 -61.67
CA ALA C 405 11.05 27.98 -60.31
C ALA C 405 11.24 26.49 -60.03
N ILE C 406 12.48 26.13 -59.70
CA ILE C 406 12.85 24.76 -59.35
C ILE C 406 13.52 24.81 -57.98
N GLY C 407 12.88 24.20 -56.98
CA GLY C 407 13.48 24.11 -55.66
C GLY C 407 12.54 23.55 -54.64
N ASN C 408 13.05 23.45 -53.40
CA ASN C 408 12.39 23.10 -52.15
C ASN C 408 12.26 21.61 -51.88
N VAL C 409 12.52 20.74 -52.86
CA VAL C 409 12.55 19.29 -52.65
C VAL C 409 13.76 18.72 -53.34
N ARG C 410 14.35 17.69 -52.74
CA ARG C 410 15.67 17.28 -53.18
C ARG C 410 15.78 15.77 -53.07
N ILE C 411 16.27 15.12 -54.11
CA ILE C 411 16.59 13.70 -54.03
C ILE C 411 18.08 13.64 -53.69
N ILE C 412 18.38 13.50 -52.39
CA ILE C 412 19.77 13.36 -51.98
C ILE C 412 20.38 12.11 -52.60
N ASP C 413 19.60 11.03 -52.69
CA ASP C 413 20.04 9.82 -53.36
C ASP C 413 18.81 9.06 -53.82
N ASN C 414 18.83 8.63 -55.08
CA ASN C 414 17.69 7.89 -55.61
C ASN C 414 17.54 6.56 -54.87
N ALA C 415 16.44 5.87 -55.18
CA ALA C 415 16.10 4.66 -54.46
C ALA C 415 16.99 3.50 -54.87
N VAL C 416 17.52 2.78 -53.89
CA VAL C 416 18.18 1.51 -54.14
C VAL C 416 17.60 0.48 -53.19
N THR C 417 17.55 -0.76 -53.65
CA THR C 417 16.91 -1.83 -52.90
C THR C 417 17.94 -2.55 -52.04
N ASP C 418 17.65 -2.68 -50.77
CA ASP C 418 18.52 -3.44 -49.88
C ASP C 418 18.40 -4.91 -50.26
N PRO C 419 19.50 -5.57 -50.64
CA PRO C 419 19.39 -6.96 -51.10
C PRO C 419 18.87 -7.94 -50.06
N ASN C 420 19.03 -7.65 -48.78
CA ASN C 420 18.57 -8.56 -47.74
C ASN C 420 17.10 -8.34 -47.47
N PRO C 421 16.23 -9.32 -47.70
CA PRO C 421 14.80 -9.12 -47.47
C PRO C 421 14.53 -8.80 -46.01
N VAL C 422 13.59 -7.89 -45.78
CA VAL C 422 13.19 -7.55 -44.43
C VAL C 422 12.06 -8.44 -43.93
N ARG C 423 11.34 -9.10 -44.83
CA ARG C 423 10.29 -10.02 -44.48
C ARG C 423 10.29 -11.07 -45.58
N PRO C 424 10.12 -12.36 -45.25
CA PRO C 424 9.84 -12.89 -43.92
C PRO C 424 11.04 -12.84 -42.98
N LYS C 425 10.79 -12.47 -41.72
CA LYS C 425 11.85 -12.35 -40.74
C LYS C 425 12.31 -13.71 -40.26
N LYS C 426 13.36 -14.24 -40.88
CA LYS C 426 13.92 -15.50 -40.42
C LYS C 426 14.48 -15.34 -39.01
N THR C 427 14.59 -16.46 -38.30
CA THR C 427 15.14 -16.53 -36.95
C THR C 427 14.31 -15.72 -35.95
N ILE C 428 13.16 -15.21 -36.37
CA ILE C 428 12.27 -14.51 -35.46
C ILE C 428 10.96 -15.27 -35.38
N ILE C 429 10.61 -15.94 -36.46
CA ILE C 429 9.42 -16.80 -36.41
C ILE C 429 9.78 -18.22 -36.00
N ILE C 430 10.96 -18.70 -36.39
CA ILE C 430 11.36 -20.06 -36.00
C ILE C 430 11.48 -20.17 -34.49
N VAL C 431 12.04 -19.15 -33.85
CA VAL C 431 12.00 -19.14 -32.39
C VAL C 431 10.58 -19.01 -31.89
N ILE C 432 9.72 -18.28 -32.60
CA ILE C 432 8.32 -18.26 -32.24
C ILE C 432 7.68 -19.62 -32.45
N GLY C 433 8.11 -20.35 -33.48
CA GLY C 433 7.66 -21.73 -33.63
C GLY C 433 8.07 -22.60 -32.47
N VAL C 434 9.32 -22.48 -32.01
CA VAL C 434 9.78 -23.24 -30.87
C VAL C 434 8.96 -22.91 -29.63
N VAL C 435 8.79 -21.63 -29.34
CA VAL C 435 8.08 -21.25 -28.13
C VAL C 435 6.61 -21.61 -28.22
N LEU C 436 5.99 -21.54 -29.40
CA LEU C 436 4.61 -21.94 -29.54
C LEU C 436 4.45 -23.44 -29.30
N GLY C 437 5.35 -24.23 -29.88
CA GLY C 437 5.33 -25.65 -29.61
C GLY C 437 5.51 -25.97 -28.14
N LEU C 438 6.44 -25.29 -27.48
CA LEU C 438 6.69 -25.55 -26.07
C LEU C 438 5.47 -25.19 -25.22
N ILE C 439 4.90 -24.00 -25.45
CA ILE C 439 3.76 -23.57 -24.65
C ILE C 439 2.54 -24.44 -24.90
N VAL C 440 2.27 -24.82 -26.15
CA VAL C 440 1.11 -25.67 -26.38
C VAL C 440 1.35 -27.06 -25.82
N SER C 441 2.60 -27.56 -25.87
CA SER C 441 2.89 -28.87 -25.30
C SER C 441 2.64 -28.88 -23.81
N VAL C 442 3.11 -27.85 -23.10
CA VAL C 442 2.90 -27.84 -21.66
C VAL C 442 1.42 -27.64 -21.33
N VAL C 443 0.72 -26.78 -22.09
CA VAL C 443 -0.68 -26.57 -21.76
C VAL C 443 -1.51 -27.80 -22.07
N LEU C 444 -1.05 -28.66 -22.97
CA LEU C 444 -1.73 -29.91 -23.24
C LEU C 444 -1.40 -30.99 -22.22
N VAL C 445 -0.12 -31.08 -21.83
CA VAL C 445 0.30 -32.08 -20.86
C VAL C 445 -0.31 -31.81 -19.49
N LEU C 446 -0.33 -30.54 -19.07
CA LEU C 446 -1.01 -30.20 -17.83
C LEU C 446 -2.49 -30.52 -17.91
N PHE C 447 -3.12 -30.30 -19.07
CA PHE C 447 -4.52 -30.65 -19.22
C PHE C 447 -4.72 -32.15 -19.05
N GLN C 448 -3.85 -32.96 -19.66
CA GLN C 448 -3.95 -34.40 -19.49
C GLN C 448 -3.69 -34.82 -18.05
N VAL C 449 -2.81 -34.11 -17.35
CA VAL C 449 -2.58 -34.38 -15.94
C VAL C 449 -3.87 -34.15 -15.15
N PHE C 450 -4.53 -33.03 -15.40
CA PHE C 450 -5.79 -32.75 -14.74
C PHE C 450 -6.99 -33.43 -15.40
N LEU C 451 -6.74 -34.34 -16.33
CA LEU C 451 -7.83 -35.10 -16.95
C LEU C 451 -8.12 -36.38 -16.18
N ARG C 452 -7.14 -37.27 -16.07
CA ARG C 452 -7.37 -38.58 -15.49
C ARG C 452 -7.64 -38.48 -13.99
N ARG C 453 -8.43 -39.42 -13.48
CA ARG C 453 -8.80 -39.43 -12.08
C ARG C 453 -8.62 -40.79 -11.42
N GLY C 454 -8.21 -41.82 -12.15
CA GLY C 454 -8.09 -43.14 -11.61
C GLY C 454 -7.00 -43.25 -10.56
N ILE C 455 -6.90 -44.42 -9.92
CA ILE C 455 -5.89 -44.62 -8.88
C ILE C 455 -4.51 -44.49 -9.51
N GLU C 456 -3.60 -43.84 -8.80
CA GLU C 456 -2.25 -43.64 -9.30
C GLU C 456 -1.20 -44.38 -8.51
N SER C 457 -1.49 -44.82 -7.31
CA SER C 457 -0.52 -45.47 -6.46
C SER C 457 -1.23 -46.02 -5.23
N PRO C 458 -0.75 -47.10 -4.63
CA PRO C 458 -1.45 -47.65 -3.47
C PRO C 458 -1.57 -46.68 -2.32
N GLU C 459 -0.70 -45.67 -2.26
CA GLU C 459 -0.78 -44.71 -1.17
C GLU C 459 -2.12 -43.98 -1.15
N GLN C 460 -2.71 -43.76 -2.32
CA GLN C 460 -4.04 -43.15 -2.36
C GLN C 460 -5.05 -44.03 -1.64
N LEU C 461 -5.02 -45.34 -1.88
CA LEU C 461 -5.98 -46.22 -1.23
C LEU C 461 -5.68 -46.36 0.26
N GLU C 462 -4.40 -46.40 0.64
CA GLU C 462 -4.09 -46.49 2.06
C GLU C 462 -4.38 -45.20 2.80
N GLU C 463 -4.48 -44.08 2.10
CA GLU C 463 -4.91 -42.85 2.75
C GLU C 463 -6.34 -42.98 3.28
N ILE C 464 -7.22 -43.57 2.48
CA ILE C 464 -8.60 -43.80 2.92
C ILE C 464 -8.68 -44.83 4.02
N GLY C 465 -7.64 -45.64 4.21
CA GLY C 465 -7.67 -46.68 5.20
C GLY C 465 -8.00 -48.03 4.60
N ILE C 466 -7.39 -48.32 3.45
CA ILE C 466 -7.62 -49.56 2.74
C ILE C 466 -6.30 -50.28 2.61
N ASN C 467 -6.21 -51.49 3.14
CA ASN C 467 -4.95 -52.23 3.16
C ASN C 467 -4.73 -52.83 1.78
N VAL C 468 -3.98 -52.13 0.93
CA VAL C 468 -3.68 -52.67 -0.39
C VAL C 468 -2.76 -53.87 -0.22
N TYR C 469 -3.26 -55.06 -0.54
CA TYR C 469 -2.48 -56.26 -0.31
C TYR C 469 -1.49 -56.57 -1.42
N ALA C 470 -1.61 -55.95 -2.59
CA ALA C 470 -0.72 -56.29 -3.68
C ALA C 470 -0.78 -55.18 -4.72
N SER C 471 0.21 -55.17 -5.59
CA SER C 471 0.22 -54.28 -6.74
C SER C 471 0.67 -55.13 -7.92
N ILE C 472 -0.27 -55.77 -8.60
CA ILE C 472 0.07 -56.70 -9.66
C ILE C 472 0.47 -55.90 -10.89
N PRO C 473 1.70 -56.02 -11.36
CA PRO C 473 2.08 -55.31 -12.58
C PRO C 473 1.42 -55.92 -13.79
N ILE C 474 1.23 -55.08 -14.81
CA ILE C 474 0.58 -55.53 -16.03
C ILE C 474 1.56 -56.38 -16.83
N SER C 475 1.13 -57.57 -17.21
CA SER C 475 1.97 -58.47 -17.97
C SER C 475 1.75 -58.27 -19.46
N GLU C 476 2.83 -58.39 -20.24
CA GLU C 476 2.73 -58.17 -21.68
C GLU C 476 1.79 -59.19 -22.32
N TRP C 477 1.81 -60.42 -21.85
CA TRP C 477 0.98 -61.49 -22.39
C TRP C 477 -0.50 -61.12 -22.36
N ASP C 494 -4.15 -69.24 -24.26
CA ASP C 494 -5.34 -69.01 -23.44
C ASP C 494 -5.16 -69.60 -22.05
N THR C 495 -4.11 -70.39 -21.87
CA THR C 495 -3.87 -71.03 -20.59
C THR C 495 -3.40 -70.01 -19.56
N LEU C 496 -3.39 -70.43 -18.30
CA LEU C 496 -3.05 -69.53 -17.21
C LEU C 496 -1.63 -69.01 -17.35
N LEU C 497 -1.46 -67.72 -17.10
CA LEU C 497 -0.11 -67.16 -17.06
C LEU C 497 0.74 -67.83 -15.99
N ALA C 498 0.13 -68.20 -14.87
CA ALA C 498 0.88 -68.84 -13.80
C ALA C 498 1.42 -70.21 -14.17
N VAL C 499 0.93 -70.80 -15.27
CA VAL C 499 1.52 -72.02 -15.79
C VAL C 499 2.09 -71.85 -17.18
N GLY C 500 1.73 -70.80 -17.90
CA GLY C 500 2.32 -70.54 -19.19
C GLY C 500 3.73 -69.99 -19.06
N ASN C 501 3.88 -68.94 -18.26
CA ASN C 501 5.15 -68.23 -18.09
C ASN C 501 5.42 -68.04 -16.62
N PRO C 502 5.76 -69.12 -15.91
CA PRO C 502 5.73 -69.08 -14.45
C PRO C 502 6.63 -68.03 -13.83
N ALA C 503 7.61 -67.52 -14.55
CA ALA C 503 8.55 -66.56 -14.00
C ALA C 503 8.27 -65.13 -14.42
N ASP C 504 7.09 -64.85 -14.95
CA ASP C 504 6.75 -63.48 -15.33
C ASP C 504 6.60 -62.62 -14.08
N LEU C 505 6.75 -61.31 -14.26
CA LEU C 505 6.62 -60.38 -13.13
C LEU C 505 5.23 -60.45 -12.54
N ALA C 506 4.20 -60.45 -13.37
CA ALA C 506 2.84 -60.46 -12.87
C ALA C 506 2.55 -61.71 -12.06
N VAL C 507 3.32 -62.77 -12.23
CA VAL C 507 3.16 -63.95 -11.41
C VAL C 507 4.01 -63.87 -10.14
N GLU C 508 5.17 -63.21 -10.21
CA GLU C 508 5.92 -63.01 -8.98
C GLU C 508 5.16 -62.15 -8.00
N ALA C 509 4.47 -61.12 -8.48
CA ALA C 509 3.65 -60.32 -7.59
C ALA C 509 2.48 -61.10 -7.04
N ILE C 510 1.97 -62.10 -7.77
CA ILE C 510 0.87 -62.88 -7.24
C ILE C 510 1.37 -63.89 -6.22
N ARG C 511 2.61 -64.35 -6.36
CA ARG C 511 3.18 -65.11 -5.24
C ARG C 511 3.37 -64.21 -4.03
N GLY C 512 3.78 -62.97 -4.25
CA GLY C 512 3.87 -62.04 -3.14
C GLY C 512 2.53 -61.77 -2.49
N LEU C 513 1.47 -61.83 -3.29
CA LEU C 513 0.12 -61.78 -2.73
C LEU C 513 -0.22 -63.06 -1.99
N ARG C 514 0.21 -64.20 -2.50
CA ARG C 514 -0.11 -65.46 -1.84
C ARG C 514 0.44 -65.49 -0.43
N THR C 515 1.69 -65.07 -0.25
CA THR C 515 2.27 -65.11 1.09
C THR C 515 1.55 -64.16 2.03
N SER C 516 1.25 -62.95 1.56
CA SER C 516 0.60 -61.97 2.41
C SER C 516 -0.81 -62.41 2.78
N LEU C 517 -1.53 -63.04 1.85
CA LEU C 517 -2.83 -63.60 2.19
C LEU C 517 -2.68 -64.74 3.17
N HIS C 518 -1.74 -65.65 2.92
CA HIS C 518 -1.54 -66.76 3.84
C HIS C 518 -1.36 -66.26 5.25
N PHE C 519 -0.64 -65.16 5.42
CA PHE C 519 -0.58 -64.59 6.76
C PHE C 519 -1.93 -64.01 7.17
N ALA C 520 -2.56 -63.23 6.30
CA ALA C 520 -3.79 -62.56 6.68
C ALA C 520 -4.99 -63.50 6.69
N MET C 521 -4.85 -64.70 6.13
CA MET C 521 -6.01 -65.58 6.07
C MET C 521 -6.09 -66.57 7.22
N MET C 522 -5.07 -66.69 8.07
CA MET C 522 -5.35 -67.35 9.32
C MET C 522 -6.12 -66.41 10.23
N GLU C 523 -6.74 -66.97 11.26
CA GLU C 523 -7.75 -66.38 12.14
C GLU C 523 -9.04 -66.02 11.42
N ALA C 524 -9.14 -66.22 10.11
CA ALA C 524 -10.42 -66.03 9.45
C ALA C 524 -11.38 -67.14 9.85
N LYS C 525 -12.66 -66.83 9.89
CA LYS C 525 -13.62 -67.79 10.42
C LYS C 525 -13.70 -69.05 9.58
N ASN C 526 -13.39 -68.95 8.29
CA ASN C 526 -13.35 -70.12 7.43
C ASN C 526 -12.47 -69.80 6.22
N ASN C 527 -12.12 -70.84 5.48
CA ASN C 527 -11.11 -70.74 4.44
C ASN C 527 -11.69 -70.37 3.09
N VAL C 528 -12.77 -69.58 3.07
CA VAL C 528 -13.39 -69.14 1.83
C VAL C 528 -12.98 -67.70 1.55
N LEU C 529 -12.39 -67.47 0.38
CA LEU C 529 -11.94 -66.14 0.00
C LEU C 529 -12.79 -65.65 -1.16
N MET C 530 -13.33 -64.45 -1.01
CA MET C 530 -14.19 -63.85 -2.03
C MET C 530 -13.45 -62.66 -2.63
N ILE C 531 -13.32 -62.65 -3.95
CA ILE C 531 -12.61 -61.61 -4.65
C ILE C 531 -13.57 -60.98 -5.64
N SER C 532 -13.87 -59.69 -5.46
CA SER C 532 -14.83 -59.00 -6.31
C SER C 532 -14.16 -57.80 -6.94
N GLY C 533 -14.15 -57.74 -8.26
CA GLY C 533 -13.59 -56.58 -8.93
C GLY C 533 -14.35 -55.33 -8.59
N ALA C 534 -13.70 -54.19 -8.78
CA ALA C 534 -14.39 -52.93 -8.53
C ALA C 534 -15.34 -52.57 -9.66
N SER C 535 -15.21 -53.20 -10.80
CA SER C 535 -16.01 -52.94 -11.99
C SER C 535 -15.67 -54.03 -13.00
N PRO C 536 -16.45 -54.20 -14.05
CA PRO C 536 -15.98 -55.05 -15.14
C PRO C 536 -14.70 -54.46 -15.71
N SER C 537 -13.86 -55.34 -16.26
CA SER C 537 -12.55 -54.96 -16.77
C SER C 537 -11.64 -54.45 -15.66
N ALA C 538 -11.75 -55.05 -14.47
CA ALA C 538 -10.75 -54.88 -13.44
C ALA C 538 -9.85 -56.11 -13.31
N GLY C 539 -10.08 -57.13 -14.11
CA GLY C 539 -9.20 -58.28 -14.12
C GLY C 539 -9.44 -59.24 -12.97
N MET C 540 -10.60 -59.18 -12.34
CA MET C 540 -10.85 -60.01 -11.17
C MET C 540 -10.59 -61.48 -11.45
N THR C 541 -11.01 -61.96 -12.63
CA THR C 541 -10.80 -63.38 -12.91
C THR C 541 -9.35 -63.70 -13.23
N PHE C 542 -8.62 -62.76 -13.85
CA PHE C 542 -7.20 -62.95 -14.06
C PHE C 542 -6.48 -63.20 -12.74
N ILE C 543 -6.68 -62.30 -11.79
CA ILE C 543 -5.98 -62.40 -10.51
C ILE C 543 -6.45 -63.62 -9.74
N SER C 544 -7.76 -63.83 -9.67
CA SER C 544 -8.23 -64.98 -8.89
C SER C 544 -7.75 -66.30 -9.48
N SER C 545 -7.75 -66.42 -10.81
CA SER C 545 -7.32 -67.67 -11.42
C SER C 545 -5.83 -67.90 -11.18
N ASN C 546 -4.99 -66.88 -11.41
CA ASN C 546 -3.56 -67.06 -11.19
C ASN C 546 -3.25 -67.33 -9.74
N LEU C 547 -3.96 -66.67 -8.82
CA LEU C 547 -3.78 -66.95 -7.41
C LEU C 547 -4.14 -68.39 -7.10
N ALA C 548 -5.22 -68.90 -7.70
CA ALA C 548 -5.57 -70.29 -7.49
C ALA C 548 -4.48 -71.22 -8.02
N ALA C 549 -3.88 -70.87 -9.15
CA ALA C 549 -2.81 -71.70 -9.69
C ALA C 549 -1.61 -71.69 -8.77
N THR C 550 -1.16 -70.49 -8.37
CA THR C 550 0.02 -70.37 -7.54
C THR C 550 -0.19 -70.94 -6.14
N ILE C 551 -1.43 -71.09 -5.71
CA ILE C 551 -1.66 -71.80 -4.46
C ILE C 551 -1.80 -73.30 -4.67
N ALA C 552 -2.23 -73.72 -5.87
CA ALA C 552 -2.32 -75.15 -6.13
C ALA C 552 -0.95 -75.79 -6.16
N ILE C 553 0.01 -75.17 -6.87
CA ILE C 553 1.32 -75.78 -7.02
C ILE C 553 2.04 -75.87 -5.70
N THR C 554 1.69 -75.01 -4.74
CA THR C 554 2.23 -75.14 -3.39
C THR C 554 1.97 -76.53 -2.83
N GLY C 555 0.80 -77.10 -3.10
CA GLY C 555 0.43 -78.40 -2.59
C GLY C 555 -0.90 -78.42 -1.85
N LYS C 556 -1.59 -77.31 -1.74
CA LYS C 556 -2.90 -77.29 -1.11
C LYS C 556 -3.98 -77.57 -2.15
N LYS C 557 -5.08 -78.15 -1.70
CA LYS C 557 -6.22 -78.36 -2.57
C LYS C 557 -7.01 -77.06 -2.65
N VAL C 558 -7.28 -76.60 -3.86
CA VAL C 558 -7.96 -75.34 -4.09
C VAL C 558 -9.20 -75.60 -4.94
N LEU C 559 -10.31 -74.97 -4.56
CA LEU C 559 -11.53 -74.98 -5.35
C LEU C 559 -11.81 -73.55 -5.80
N PHE C 560 -12.08 -73.38 -7.08
CA PHE C 560 -12.24 -72.05 -7.65
C PHE C 560 -13.68 -71.91 -8.15
N ILE C 561 -14.53 -71.34 -7.32
CA ILE C 561 -15.94 -71.13 -7.65
C ILE C 561 -16.07 -69.85 -8.45
N ASP C 562 -16.74 -69.93 -9.60
CA ASP C 562 -16.99 -68.73 -10.39
C ASP C 562 -18.46 -68.34 -10.23
N ALA C 563 -18.74 -67.64 -9.13
CA ALA C 563 -20.10 -67.25 -8.82
C ALA C 563 -20.52 -65.97 -9.51
N ASP C 564 -19.88 -65.60 -10.62
CA ASP C 564 -20.34 -64.49 -11.44
C ASP C 564 -21.39 -65.05 -12.39
N LEU C 565 -22.59 -65.22 -11.87
CA LEU C 565 -23.65 -65.86 -12.66
C LEU C 565 -24.11 -65.02 -13.83
N ARG C 566 -23.72 -63.76 -13.91
CA ARG C 566 -24.26 -62.86 -14.93
C ARG C 566 -23.48 -62.92 -16.23
N LYS C 567 -22.18 -62.66 -16.19
CA LYS C 567 -21.38 -62.76 -17.41
C LYS C 567 -20.01 -63.36 -17.09
N GLY C 568 -19.99 -64.44 -16.30
CA GLY C 568 -18.73 -65.10 -15.99
C GLY C 568 -18.28 -66.03 -17.10
N TYR C 569 -16.99 -65.99 -17.41
CA TYR C 569 -16.45 -66.71 -18.56
C TYR C 569 -15.23 -67.54 -18.20
N ALA C 570 -15.08 -67.91 -16.93
CA ALA C 570 -13.96 -68.75 -16.53
C ALA C 570 -13.99 -70.09 -17.24
N HIS C 571 -15.18 -70.66 -17.42
CA HIS C 571 -15.29 -71.90 -18.17
C HIS C 571 -14.86 -71.72 -19.62
N LYS C 572 -14.99 -70.51 -20.16
CA LYS C 572 -14.48 -70.22 -21.49
C LYS C 572 -12.97 -70.14 -21.54
N MET C 573 -12.30 -70.22 -20.40
CA MET C 573 -10.85 -70.05 -20.35
C MET C 573 -10.10 -71.24 -19.77
N PHE C 574 -10.75 -72.07 -18.95
CA PHE C 574 -10.11 -73.27 -18.43
C PHE C 574 -10.38 -74.50 -19.26
N GLY C 575 -11.26 -74.43 -20.25
CA GLY C 575 -11.72 -75.64 -20.89
C GLY C 575 -12.80 -76.24 -20.00
N HIS C 576 -13.94 -76.63 -20.57
CA HIS C 576 -15.10 -76.82 -19.74
C HIS C 576 -16.04 -77.87 -20.30
N LYS C 577 -16.83 -78.44 -19.40
CA LYS C 577 -18.11 -79.06 -19.73
C LYS C 577 -19.17 -78.08 -19.24
N ASN C 578 -19.70 -77.28 -20.17
CA ASN C 578 -20.60 -76.19 -19.80
C ASN C 578 -21.83 -76.69 -19.05
N ASP C 579 -22.24 -77.92 -19.28
CA ASP C 579 -23.35 -78.49 -18.54
C ASP C 579 -23.02 -78.61 -17.06
N LYS C 580 -24.05 -78.45 -16.24
CA LYS C 580 -23.93 -78.63 -14.79
C LYS C 580 -22.89 -77.68 -14.20
N GLY C 581 -23.09 -76.39 -14.45
CA GLY C 581 -22.27 -75.38 -13.83
C GLY C 581 -22.76 -75.06 -12.43
N LEU C 582 -22.54 -73.82 -11.97
CA LEU C 582 -23.02 -73.46 -10.64
C LEU C 582 -24.53 -73.29 -10.63
N SER C 583 -25.06 -72.54 -11.59
CA SER C 583 -26.48 -72.22 -11.59
C SER C 583 -27.31 -73.49 -11.67
N GLU C 584 -26.87 -74.46 -12.44
CA GLU C 584 -27.59 -75.72 -12.53
C GLU C 584 -27.58 -76.48 -11.22
N PHE C 585 -26.73 -76.11 -10.27
CA PHE C 585 -26.75 -76.71 -8.95
C PHE C 585 -27.73 -76.03 -8.02
N LEU C 586 -27.73 -74.69 -8.02
CA LEU C 586 -28.64 -73.95 -7.16
C LEU C 586 -30.09 -74.26 -7.51
N SER C 587 -30.38 -74.41 -8.80
CA SER C 587 -31.71 -74.82 -9.22
C SER C 587 -32.06 -76.24 -8.79
N GLY C 588 -31.12 -76.97 -8.19
CA GLY C 588 -31.40 -78.29 -7.67
C GLY C 588 -31.41 -79.39 -8.70
N GLN C 589 -31.11 -79.08 -9.96
CA GLN C 589 -31.11 -80.08 -11.02
C GLN C 589 -29.75 -80.72 -11.22
N ALA C 590 -28.76 -80.39 -10.39
CA ALA C 590 -27.45 -81.04 -10.44
C ALA C 590 -26.93 -81.20 -9.04
N ALA C 591 -26.16 -82.26 -8.81
CA ALA C 591 -25.60 -82.53 -7.50
C ALA C 591 -24.23 -81.88 -7.37
N ALA C 592 -23.72 -81.88 -6.14
CA ALA C 592 -22.48 -81.20 -5.84
C ALA C 592 -21.27 -81.81 -6.55
N GLU C 593 -21.38 -83.06 -7.01
CA GLU C 593 -20.22 -83.73 -7.58
C GLU C 593 -20.06 -83.47 -9.07
N MET C 594 -21.15 -83.39 -9.82
CA MET C 594 -21.02 -83.23 -11.26
C MET C 594 -20.68 -81.81 -11.69
N ILE C 595 -20.51 -80.88 -10.75
CA ILE C 595 -20.26 -79.50 -11.12
C ILE C 595 -18.77 -79.18 -11.06
N ILE C 596 -18.05 -79.84 -10.14
CA ILE C 596 -16.63 -79.56 -9.99
C ILE C 596 -15.88 -80.10 -11.19
N ASP C 597 -14.78 -79.44 -11.52
CA ASP C 597 -13.97 -79.83 -12.67
C ASP C 597 -12.52 -79.97 -12.22
N LYS C 598 -11.62 -80.15 -13.20
CA LYS C 598 -10.20 -80.26 -12.93
C LYS C 598 -9.48 -79.49 -14.03
N VAL C 599 -8.99 -78.30 -13.72
CA VAL C 599 -8.15 -77.60 -14.69
C VAL C 599 -6.81 -78.30 -14.71
N GLU C 600 -6.51 -78.96 -15.83
CA GLU C 600 -5.29 -79.76 -15.90
C GLU C 600 -4.05 -78.89 -15.76
N GLY C 601 -4.12 -77.63 -16.16
CA GLY C 601 -2.98 -76.75 -16.06
C GLY C 601 -2.69 -76.34 -14.62
N GLY C 602 -3.62 -75.59 -14.03
CA GLY C 602 -3.38 -75.11 -12.68
C GLY C 602 -3.34 -76.22 -11.64
N GLY C 603 -4.13 -77.27 -11.83
CA GLY C 603 -4.24 -78.28 -10.80
C GLY C 603 -5.16 -77.91 -9.66
N PHE C 604 -6.17 -77.10 -9.92
CA PHE C 604 -7.15 -76.71 -8.92
C PHE C 604 -8.55 -76.97 -9.43
N ASP C 605 -9.42 -77.45 -8.55
CA ASP C 605 -10.77 -77.81 -8.96
C ASP C 605 -11.59 -76.56 -9.27
N TYR C 606 -12.33 -76.61 -10.37
CA TYR C 606 -13.02 -75.45 -10.89
C TYR C 606 -14.51 -75.70 -10.97
N ILE C 607 -15.30 -74.72 -10.55
CA ILE C 607 -16.76 -74.75 -10.67
C ILE C 607 -17.19 -73.56 -11.48
N GLY C 608 -17.86 -73.81 -12.59
CA GLY C 608 -18.29 -72.75 -13.49
C GLY C 608 -19.70 -72.30 -13.18
N ARG C 609 -20.04 -71.12 -13.70
CA ARG C 609 -21.38 -70.59 -13.47
C ARG C 609 -22.44 -71.41 -14.18
N GLY C 610 -22.08 -72.10 -15.25
CA GLY C 610 -23.07 -72.78 -16.05
C GLY C 610 -23.90 -71.78 -16.85
N GLN C 611 -25.14 -72.16 -17.12
CA GLN C 611 -26.02 -71.29 -17.87
C GLN C 611 -26.39 -70.05 -17.07
N ILE C 612 -26.53 -68.93 -17.77
CA ILE C 612 -26.97 -67.69 -17.15
C ILE C 612 -28.41 -67.91 -16.68
N PRO C 613 -28.70 -67.79 -15.39
CA PRO C 613 -30.05 -68.02 -14.93
C PRO C 613 -30.87 -66.74 -15.00
N PRO C 614 -32.20 -66.86 -15.13
CA PRO C 614 -33.02 -65.64 -15.16
C PRO C 614 -32.89 -64.81 -13.90
N ASN C 615 -32.73 -65.43 -12.74
CA ASN C 615 -32.73 -64.73 -11.46
C ASN C 615 -31.45 -65.07 -10.69
N PRO C 616 -30.37 -64.32 -10.92
CA PRO C 616 -29.11 -64.67 -10.26
C PRO C 616 -29.15 -64.49 -8.76
N ALA C 617 -29.54 -63.29 -8.32
CA ALA C 617 -29.50 -62.97 -6.91
C ALA C 617 -30.51 -63.80 -6.13
N GLU C 618 -31.65 -64.10 -6.75
CA GLU C 618 -32.62 -64.97 -6.12
C GLU C 618 -32.04 -66.37 -5.92
N LEU C 619 -31.23 -66.82 -6.86
CA LEU C 619 -30.58 -68.12 -6.73
C LEU C 619 -29.58 -68.11 -5.59
N LEU C 620 -28.72 -67.10 -5.56
CA LEU C 620 -27.64 -67.11 -4.57
C LEU C 620 -28.16 -67.12 -3.15
N MET C 621 -29.38 -66.63 -2.91
CA MET C 621 -29.92 -66.69 -1.56
C MET C 621 -30.38 -68.10 -1.18
N HIS C 622 -30.52 -68.98 -2.15
CA HIS C 622 -31.04 -70.31 -1.85
C HIS C 622 -30.09 -71.04 -0.91
N PRO C 623 -30.61 -71.73 0.10
CA PRO C 623 -29.73 -72.31 1.12
C PRO C 623 -28.82 -73.41 0.61
N ARG C 624 -29.00 -73.88 -0.63
CA ARG C 624 -28.07 -74.87 -1.16
C ARG C 624 -26.67 -74.32 -1.33
N PHE C 625 -26.53 -73.01 -1.56
CA PHE C 625 -25.21 -72.43 -1.74
C PHE C 625 -24.37 -72.54 -0.47
N GLU C 626 -24.97 -72.26 0.68
CA GLU C 626 -24.23 -72.41 1.92
C GLU C 626 -23.91 -73.87 2.19
N GLN C 627 -24.77 -74.80 1.77
CA GLN C 627 -24.44 -76.21 1.86
C GLN C 627 -23.20 -76.53 1.03
N LEU C 628 -23.15 -75.99 -0.19
CA LEU C 628 -21.98 -76.18 -1.03
C LEU C 628 -20.71 -75.69 -0.35
N LEU C 629 -20.76 -74.47 0.18
CA LEU C 629 -19.56 -73.92 0.80
C LEU C 629 -19.17 -74.69 2.06
N ASN C 630 -20.16 -75.09 2.86
CA ASN C 630 -19.86 -75.87 4.05
C ASN C 630 -19.18 -77.18 3.69
N TRP C 631 -19.67 -77.84 2.65
CA TRP C 631 -19.06 -79.09 2.20
C TRP C 631 -17.64 -78.85 1.68
N ALA C 632 -17.47 -77.84 0.84
CA ALA C 632 -16.19 -77.63 0.19
C ALA C 632 -15.12 -77.20 1.18
N SER C 633 -15.49 -76.35 2.15
CA SER C 633 -14.52 -75.87 3.12
C SER C 633 -14.05 -77.01 4.01
N GLN C 634 -14.78 -78.12 3.99
CA GLN C 634 -14.33 -79.33 4.64
C GLN C 634 -13.52 -80.22 3.72
N ASN C 635 -13.80 -80.21 2.42
CA ASN C 635 -13.03 -81.01 1.49
C ASN C 635 -11.95 -80.23 0.74
N TYR C 636 -11.73 -78.97 1.07
CA TYR C 636 -10.72 -78.18 0.39
C TYR C 636 -9.95 -77.32 1.37
N ASP C 637 -8.74 -76.97 0.98
CA ASP C 637 -7.89 -76.11 1.80
C ASP C 637 -8.16 -74.64 1.57
N LEU C 638 -8.62 -74.28 0.38
CA LEU C 638 -8.93 -72.89 0.06
C LEU C 638 -10.07 -72.89 -0.93
N ILE C 639 -10.95 -71.91 -0.82
CA ILE C 639 -12.05 -71.71 -1.76
C ILE C 639 -12.02 -70.27 -2.20
N ILE C 640 -11.88 -70.05 -3.49
CA ILE C 640 -11.87 -68.72 -4.07
C ILE C 640 -13.14 -68.54 -4.87
N ILE C 641 -13.82 -67.42 -4.64
CA ILE C 641 -15.12 -67.15 -5.26
C ILE C 641 -14.99 -65.89 -6.10
N ASP C 642 -15.54 -65.93 -7.30
CA ASP C 642 -15.63 -64.78 -8.17
C ASP C 642 -17.02 -64.18 -8.09
N THR C 643 -17.10 -62.89 -7.79
CA THR C 643 -18.41 -62.31 -7.69
C THR C 643 -18.48 -61.03 -8.52
N PRO C 644 -19.66 -60.67 -9.01
CA PRO C 644 -19.78 -59.46 -9.81
C PRO C 644 -19.51 -58.25 -8.96
N PRO C 645 -19.26 -57.10 -9.58
CA PRO C 645 -19.09 -55.86 -8.80
C PRO C 645 -20.27 -55.64 -7.86
N ILE C 646 -20.00 -54.89 -6.80
CA ILE C 646 -21.06 -54.50 -5.88
C ILE C 646 -21.70 -53.19 -6.29
N LEU C 647 -21.05 -52.41 -7.15
CA LEU C 647 -21.68 -51.20 -7.65
C LEU C 647 -22.76 -51.49 -8.68
N ALA C 648 -22.78 -52.68 -9.25
CA ALA C 648 -23.73 -53.01 -10.30
C ALA C 648 -24.85 -53.91 -9.81
N VAL C 649 -24.51 -55.06 -9.24
CA VAL C 649 -25.50 -55.96 -8.69
C VAL C 649 -25.12 -56.28 -7.26
N THR C 650 -26.06 -56.89 -6.53
CA THR C 650 -25.87 -57.18 -5.12
C THR C 650 -25.45 -58.61 -4.87
N ASP C 651 -24.98 -59.31 -5.90
CA ASP C 651 -24.54 -60.68 -5.71
C ASP C 651 -23.38 -60.76 -4.74
N ALA C 652 -22.43 -59.84 -4.87
CA ALA C 652 -21.25 -59.88 -4.02
C ALA C 652 -21.62 -59.77 -2.56
N ALA C 653 -22.59 -58.93 -2.23
CA ALA C 653 -23.04 -58.77 -0.86
C ALA C 653 -23.86 -59.96 -0.37
N ILE C 654 -24.34 -60.81 -1.26
CA ILE C 654 -25.00 -62.02 -0.82
C ILE C 654 -24.00 -63.10 -0.51
N ILE C 655 -22.99 -63.25 -1.38
CA ILE C 655 -21.97 -64.28 -1.14
C ILE C 655 -21.08 -63.89 0.03
N GLY C 656 -20.86 -62.60 0.25
CA GLY C 656 -19.95 -62.17 1.28
C GLY C 656 -20.36 -62.58 2.68
N ARG C 657 -21.62 -62.98 2.86
CA ARG C 657 -22.04 -63.42 4.18
C ARG C 657 -21.29 -64.67 4.61
N TYR C 658 -20.90 -65.52 3.67
CA TYR C 658 -20.26 -66.79 3.98
C TYR C 658 -18.76 -66.79 3.74
N ALA C 659 -18.17 -65.66 3.40
CA ALA C 659 -16.76 -65.60 3.08
C ALA C 659 -15.97 -65.10 4.28
N GLY C 660 -14.90 -65.82 4.62
CA GLY C 660 -14.05 -65.36 5.69
C GLY C 660 -13.29 -64.10 5.34
N THR C 661 -12.80 -64.02 4.10
CA THR C 661 -11.98 -62.90 3.68
C THR C 661 -12.49 -62.39 2.33
N CYS C 662 -12.63 -61.08 2.22
CA CYS C 662 -13.09 -60.47 0.98
C CYS C 662 -12.09 -59.43 0.53
N LEU C 663 -11.80 -59.41 -0.76
CA LEU C 663 -10.87 -58.45 -1.32
C LEU C 663 -11.46 -57.81 -2.56
N LEU C 664 -11.15 -56.55 -2.78
CA LEU C 664 -11.50 -55.88 -4.02
C LEU C 664 -10.31 -55.97 -4.95
N VAL C 665 -10.58 -55.97 -6.25
CA VAL C 665 -9.55 -55.82 -7.26
C VAL C 665 -9.82 -54.54 -8.01
N ALA C 666 -8.85 -53.65 -8.05
CA ALA C 666 -9.02 -52.35 -8.68
C ALA C 666 -8.01 -52.21 -9.81
N ARG C 667 -8.50 -52.03 -11.02
CA ARG C 667 -7.59 -51.72 -12.13
C ARG C 667 -6.86 -50.43 -11.82
N PHE C 668 -5.63 -50.34 -12.30
CA PHE C 668 -4.73 -49.28 -11.84
C PHE C 668 -5.29 -47.91 -12.17
N GLU C 669 -5.45 -47.60 -13.45
CA GLU C 669 -5.90 -46.29 -13.88
C GLU C 669 -7.38 -46.21 -14.22
N LYS C 670 -8.07 -47.34 -14.34
CA LYS C 670 -9.48 -47.27 -14.70
C LYS C 670 -10.34 -46.91 -13.51
N ASN C 671 -10.34 -47.75 -12.48
CA ASN C 671 -11.17 -47.51 -11.32
C ASN C 671 -10.64 -46.33 -10.52
N THR C 672 -11.56 -45.56 -9.95
CA THR C 672 -11.20 -44.41 -9.14
C THR C 672 -11.33 -44.74 -7.66
N VAL C 673 -10.73 -43.89 -6.83
CA VAL C 673 -10.85 -44.07 -5.40
C VAL C 673 -12.30 -44.00 -4.96
N LYS C 674 -13.11 -43.23 -5.70
CA LYS C 674 -14.52 -43.13 -5.35
C LYS C 674 -15.21 -44.48 -5.47
N GLU C 675 -14.91 -45.22 -6.54
CA GLU C 675 -15.54 -46.53 -6.69
C GLU C 675 -15.15 -47.47 -5.56
N ILE C 676 -13.88 -47.47 -5.17
CA ILE C 676 -13.45 -48.35 -4.08
C ILE C 676 -14.10 -47.93 -2.77
N ASP C 677 -14.17 -46.64 -2.51
CA ASP C 677 -14.76 -46.18 -1.26
C ASP C 677 -16.23 -46.55 -1.19
N VAL C 678 -16.97 -46.29 -2.26
CA VAL C 678 -18.39 -46.61 -2.26
C VAL C 678 -18.59 -48.12 -2.18
N SER C 679 -17.75 -48.89 -2.86
CA SER C 679 -17.88 -50.34 -2.81
C SER C 679 -17.64 -50.87 -1.41
N MET C 680 -16.62 -50.38 -0.72
CA MET C 680 -16.39 -50.85 0.64
C MET C 680 -17.49 -50.43 1.58
N LYS C 681 -18.01 -49.21 1.43
CA LYS C 681 -19.11 -48.82 2.31
C LYS C 681 -20.36 -49.62 2.04
N ARG C 682 -20.63 -49.92 0.77
CA ARG C 682 -21.79 -50.73 0.45
C ARG C 682 -21.62 -52.18 0.89
N PHE C 683 -20.39 -52.67 0.94
CA PHE C 683 -20.19 -53.98 1.53
C PHE C 683 -20.42 -53.93 3.03
N GLU C 684 -19.97 -52.87 3.69
CA GLU C 684 -20.18 -52.79 5.14
C GLU C 684 -21.66 -52.69 5.47
N GLN C 685 -22.43 -51.93 4.70
CA GLN C 685 -23.85 -51.83 4.95
C GLN C 685 -24.51 -53.19 4.96
N SER C 686 -24.10 -54.07 4.05
CA SER C 686 -24.64 -55.41 3.96
C SER C 686 -23.99 -56.37 4.94
N GLY C 687 -23.21 -55.87 5.89
CA GLY C 687 -22.60 -56.72 6.88
C GLY C 687 -21.37 -57.48 6.43
N VAL C 688 -20.78 -57.10 5.32
CA VAL C 688 -19.57 -57.74 4.80
C VAL C 688 -18.41 -56.80 5.00
N VAL C 689 -17.40 -57.26 5.73
CA VAL C 689 -16.24 -56.45 6.05
C VAL C 689 -15.17 -56.72 5.00
N VAL C 690 -14.87 -55.72 4.18
CA VAL C 690 -13.88 -55.86 3.13
C VAL C 690 -12.49 -55.80 3.76
N LYS C 691 -11.70 -56.86 3.56
CA LYS C 691 -10.39 -56.91 4.17
C LYS C 691 -9.46 -55.87 3.56
N GLY C 692 -9.41 -55.80 2.24
CA GLY C 692 -8.54 -54.86 1.57
C GLY C 692 -8.67 -54.99 0.07
N CYS C 693 -7.82 -54.28 -0.65
CA CYS C 693 -7.86 -54.28 -2.10
C CYS C 693 -6.63 -54.96 -2.67
N ILE C 694 -6.69 -55.24 -3.96
CA ILE C 694 -5.59 -55.82 -4.71
C ILE C 694 -5.44 -54.97 -5.96
N LEU C 695 -4.64 -53.91 -5.89
CA LEU C 695 -4.46 -53.08 -7.05
C LEU C 695 -3.91 -53.92 -8.19
N ASN C 696 -4.41 -53.66 -9.40
CA ASN C 696 -4.12 -54.55 -10.51
C ASN C 696 -3.71 -53.73 -11.72
N GLY C 697 -2.98 -54.38 -12.62
CA GLY C 697 -2.62 -53.74 -13.87
C GLY C 697 -1.83 -52.46 -13.69
N VAL C 698 -1.00 -52.40 -12.67
CA VAL C 698 -0.17 -51.22 -12.45
C VAL C 698 0.97 -51.22 -13.46
N VAL C 699 1.20 -50.08 -14.10
CA VAL C 699 2.16 -50.01 -15.18
C VAL C 699 3.57 -50.18 -14.62
N LYS C 700 4.44 -50.78 -15.44
CA LYS C 700 5.78 -51.12 -14.95
C LYS C 700 6.60 -49.91 -14.54
N LYS C 701 6.22 -48.72 -14.98
CA LYS C 701 6.93 -47.53 -14.53
C LYS C 701 6.71 -47.30 -13.03
N ALA C 702 5.48 -47.50 -12.57
CA ALA C 702 5.15 -47.29 -11.17
C ALA C 702 5.18 -48.57 -10.34
N SER C 703 5.38 -49.73 -10.97
CA SER C 703 5.49 -50.97 -10.23
C SER C 703 6.90 -51.13 -9.70
N SER C 704 6.99 -51.52 -8.42
CA SER C 704 8.30 -51.71 -7.80
C SER C 704 8.97 -53.00 -8.24
N TYR C 705 8.23 -53.93 -8.84
CA TYR C 705 8.80 -55.22 -9.23
C TYR C 705 9.70 -55.05 -10.44
N TYR C 706 10.67 -55.96 -10.55
CA TYR C 706 11.56 -56.00 -11.70
C TYR C 706 12.11 -57.42 -11.82
N ARG C 707 12.67 -57.71 -12.98
CA ARG C 707 13.22 -59.05 -13.20
C ARG C 707 14.45 -59.24 -12.32
N TYR C 708 14.58 -60.45 -11.79
CA TYR C 708 15.67 -60.76 -10.86
C TYR C 708 16.09 -62.20 -11.09
N GLY C 709 17.13 -62.40 -11.88
CA GLY C 709 17.62 -63.72 -12.21
C GLY C 709 18.39 -63.76 -13.51
N ILE D 17 19.38 -26.79 1.30
CA ILE D 17 19.29 -25.44 0.77
C ILE D 17 19.49 -24.43 1.91
N ASP D 18 20.74 -24.22 2.27
CA ASP D 18 21.11 -23.26 3.31
C ASP D 18 22.61 -23.03 3.24
N LEU D 19 23.03 -21.83 3.63
CA LEU D 19 24.40 -21.35 3.45
C LEU D 19 25.43 -22.33 4.00
N GLY D 20 25.12 -22.99 5.11
CA GLY D 20 26.10 -23.86 5.74
C GLY D 20 26.58 -24.96 4.81
N ARG D 21 25.71 -25.89 4.45
CA ARG D 21 26.18 -26.91 3.52
C ARG D 21 26.16 -26.42 2.08
N VAL D 22 25.67 -25.20 1.80
CA VAL D 22 26.03 -24.58 0.52
C VAL D 22 27.54 -24.46 0.43
N ILE D 23 28.16 -23.83 1.43
CA ILE D 23 29.62 -23.75 1.42
C ILE D 23 30.21 -25.15 1.54
N GLY D 24 29.53 -26.04 2.25
CA GLY D 24 29.99 -27.42 2.32
C GLY D 24 30.14 -28.14 0.99
N GLU D 25 29.06 -28.27 0.22
CA GLU D 25 29.18 -28.99 -1.05
C GLU D 25 29.87 -28.15 -2.12
N LEU D 26 29.99 -26.83 -1.93
CA LEU D 26 30.92 -26.09 -2.79
C LEU D 26 32.36 -26.43 -2.48
N ILE D 27 32.73 -26.60 -1.21
CA ILE D 27 34.05 -27.12 -0.89
C ILE D 27 34.20 -28.52 -1.46
N ASP D 28 33.12 -29.29 -1.46
CA ASP D 28 33.17 -30.63 -2.03
C ASP D 28 33.44 -30.59 -3.53
N HIS D 29 32.59 -29.88 -4.27
CA HIS D 29 32.70 -29.80 -5.72
C HIS D 29 33.59 -28.64 -6.16
N ARG D 30 34.52 -28.23 -5.30
CA ARG D 30 35.51 -27.26 -5.74
C ARG D 30 36.20 -27.71 -7.03
N LYS D 31 36.56 -28.98 -7.13
CA LYS D 31 37.21 -29.44 -8.35
C LYS D 31 36.36 -29.05 -9.56
N LEU D 32 35.06 -29.35 -9.52
CA LEU D 32 34.18 -29.01 -10.63
C LEU D 32 34.11 -27.50 -10.86
N ILE D 33 33.89 -26.73 -9.79
CA ILE D 33 33.61 -25.30 -10.00
C ILE D 33 34.83 -24.60 -10.57
N ILE D 34 36.01 -24.79 -9.95
CA ILE D 34 37.16 -24.11 -10.53
C ILE D 34 37.46 -24.68 -11.90
N SER D 35 37.20 -25.97 -12.14
CA SER D 35 37.43 -26.53 -13.47
C SER D 35 36.65 -25.76 -14.52
N ILE D 36 35.34 -25.59 -14.31
CA ILE D 36 34.52 -25.04 -15.38
C ILE D 36 34.67 -23.52 -15.46
N THR D 37 34.78 -22.84 -14.32
CA THR D 37 35.05 -21.41 -14.39
C THR D 37 36.39 -21.14 -15.05
N SER D 38 37.40 -21.96 -14.78
CA SER D 38 38.68 -21.79 -15.45
C SER D 38 38.56 -22.09 -16.93
N VAL D 39 37.77 -23.09 -17.32
CA VAL D 39 37.57 -23.34 -18.74
C VAL D 39 36.96 -22.13 -19.43
N PHE D 40 35.94 -21.54 -18.80
CA PHE D 40 35.31 -20.38 -19.41
C PHE D 40 36.26 -19.18 -19.44
N THR D 41 37.06 -18.99 -18.40
CA THR D 41 38.00 -17.87 -18.41
C THR D 41 39.10 -18.07 -19.43
N LEU D 42 39.56 -19.30 -19.65
CA LEU D 42 40.49 -19.55 -20.75
C LEU D 42 39.83 -19.31 -22.11
N PHE D 43 38.55 -19.68 -22.25
CA PHE D 43 37.84 -19.33 -23.47
C PHE D 43 37.81 -17.83 -23.67
N ALA D 44 37.54 -17.09 -22.60
CA ALA D 44 37.52 -15.63 -22.70
C ALA D 44 38.92 -15.10 -23.00
N ILE D 45 39.96 -15.69 -22.40
CA ILE D 45 41.33 -15.24 -22.65
C ILE D 45 41.68 -15.42 -24.12
N LEU D 46 41.33 -16.58 -24.69
CA LEU D 46 41.67 -16.81 -26.08
C LEU D 46 40.82 -15.97 -27.01
N TYR D 47 39.57 -15.68 -26.64
CA TYR D 47 38.75 -14.81 -27.46
C TYR D 47 39.30 -13.39 -27.45
N ALA D 48 39.63 -12.89 -26.26
CA ALA D 48 40.18 -11.54 -26.13
C ALA D 48 41.54 -11.41 -26.79
N LEU D 49 42.34 -12.47 -26.83
CA LEU D 49 43.64 -12.40 -27.45
C LEU D 49 43.63 -12.83 -28.91
N LEU D 50 42.49 -13.28 -29.42
CA LEU D 50 42.37 -13.67 -30.82
C LEU D 50 41.41 -12.81 -31.61
N ALA D 51 40.46 -12.12 -30.95
CA ALA D 51 39.56 -11.24 -31.67
C ALA D 51 40.34 -10.09 -32.30
N THR D 52 40.06 -9.83 -33.57
CA THR D 52 40.78 -8.79 -34.29
C THR D 52 40.52 -7.44 -33.64
N PRO D 53 41.55 -6.64 -33.37
CA PRO D 53 41.32 -5.34 -32.73
C PRO D 53 40.65 -4.38 -33.68
N ILE D 54 39.86 -3.48 -33.11
CA ILE D 54 39.16 -2.46 -33.88
C ILE D 54 39.56 -1.09 -33.33
N TYR D 55 40.09 -0.24 -34.20
CA TYR D 55 40.47 1.12 -33.84
C TYR D 55 39.39 2.07 -34.33
N GLU D 56 39.20 3.17 -33.61
CA GLU D 56 38.28 4.20 -34.05
C GLU D 56 39.02 5.53 -34.09
N THR D 57 38.80 6.27 -35.18
CA THR D 57 39.38 7.59 -35.37
C THR D 57 38.30 8.65 -35.34
N ASP D 58 38.62 9.79 -34.76
CA ASP D 58 37.67 10.88 -34.65
C ASP D 58 38.24 12.11 -35.33
N ALA D 59 37.43 12.74 -36.17
CA ALA D 59 37.80 14.00 -36.80
C ALA D 59 36.78 15.06 -36.39
N LEU D 60 37.21 16.31 -36.40
CA LEU D 60 36.39 17.41 -35.93
C LEU D 60 36.16 18.39 -37.08
N ILE D 61 34.90 18.73 -37.32
CA ILE D 61 34.51 19.57 -38.44
C ILE D 61 33.74 20.76 -37.90
N GLN D 62 34.08 21.96 -38.36
CA GLN D 62 33.48 23.21 -37.89
C GLN D 62 32.60 23.81 -38.96
N ILE D 63 31.41 24.25 -38.55
CA ILE D 63 30.50 25.04 -39.37
C ILE D 63 29.87 26.10 -38.48
N GLU D 64 29.14 27.02 -39.10
CA GLU D 64 28.46 28.07 -38.34
C GLU D 64 27.15 27.54 -37.76
N GLN D 85 22.55 24.62 -35.94
CA GLN D 85 21.83 23.54 -36.60
C GLN D 85 22.62 22.25 -36.61
N SER D 86 23.18 21.93 -37.78
CA SER D 86 23.97 20.74 -38.08
C SER D 86 23.13 19.48 -38.06
N ALA D 87 21.85 19.55 -37.70
CA ALA D 87 20.97 18.40 -37.72
C ALA D 87 20.82 17.85 -39.13
N PRO D 88 20.63 18.67 -40.16
CA PRO D 88 20.65 18.12 -41.53
C PRO D 88 21.98 17.48 -41.88
N GLU D 89 23.09 17.99 -41.36
CA GLU D 89 24.39 17.47 -41.77
C GLU D 89 24.64 16.10 -41.17
N THR D 90 24.10 15.84 -39.99
CA THR D 90 24.21 14.51 -39.39
C THR D 90 23.62 13.43 -40.27
N ALA D 91 22.69 13.77 -41.17
CA ALA D 91 22.15 12.81 -42.11
C ALA D 91 22.62 13.03 -43.54
N LEU D 92 23.14 14.21 -43.86
CA LEU D 92 23.67 14.43 -45.19
C LEU D 92 25.03 13.78 -45.39
N LEU D 93 25.86 13.79 -44.34
CA LEU D 93 27.14 13.10 -44.42
C LEU D 93 26.94 11.60 -44.61
N GLN D 94 25.97 11.03 -43.91
CA GLN D 94 25.70 9.61 -44.01
C GLN D 94 24.85 9.26 -45.22
N SER D 95 24.74 10.17 -46.18
CA SER D 95 24.00 9.87 -47.40
C SER D 95 24.87 9.09 -48.37
N ARG D 96 24.21 8.36 -49.27
CA ARG D 96 24.95 7.64 -50.29
C ARG D 96 25.68 8.57 -51.24
N MET D 97 25.32 9.86 -51.26
CA MET D 97 26.03 10.78 -52.14
C MET D 97 27.46 11.02 -51.66
N ILE D 98 27.64 11.28 -50.37
CA ILE D 98 28.97 11.60 -49.86
C ILE D 98 29.79 10.33 -49.67
N LEU D 99 29.22 9.35 -48.98
CA LEU D 99 29.92 8.07 -48.83
C LEU D 99 30.19 7.44 -50.18
N GLY D 100 29.19 7.44 -51.06
CA GLY D 100 29.38 6.88 -52.38
C GLY D 100 30.47 7.56 -53.18
N LYS D 101 30.82 8.79 -52.84
CA LYS D 101 31.96 9.40 -53.50
C LYS D 101 33.27 8.87 -52.96
N THR D 102 33.37 8.68 -51.64
CA THR D 102 34.60 8.16 -51.07
C THR D 102 34.85 6.73 -51.52
N ILE D 103 33.79 5.92 -51.62
CA ILE D 103 33.97 4.55 -52.11
C ILE D 103 34.60 4.56 -53.49
N ASP D 104 34.08 5.40 -54.38
CA ASP D 104 34.64 5.50 -55.71
C ASP D 104 36.00 6.17 -55.71
N ASP D 105 36.33 6.91 -54.67
CA ASP D 105 37.59 7.63 -54.61
C ASP D 105 38.74 6.72 -54.18
N LEU D 106 38.53 5.94 -53.13
CA LEU D 106 39.57 5.08 -52.59
C LEU D 106 39.43 3.63 -53.02
N ASN D 107 38.56 3.35 -53.99
CA ASN D 107 38.37 2.00 -54.50
C ASN D 107 38.05 1.03 -53.38
N LEU D 108 37.10 1.41 -52.53
CA LEU D 108 36.84 0.63 -51.34
C LEU D 108 35.99 -0.60 -51.62
N GLN D 109 35.51 -0.76 -52.85
CA GLN D 109 34.79 -1.98 -53.22
C GLN D 109 35.72 -3.12 -53.58
N ILE D 110 37.02 -2.95 -53.40
CA ILE D 110 38.00 -4.01 -53.57
C ILE D 110 38.45 -4.44 -52.18
N GLN D 111 37.91 -5.54 -51.69
CA GLN D 111 38.21 -6.03 -50.34
C GLN D 111 39.35 -7.02 -50.38
N ILE D 112 40.20 -6.98 -49.35
CA ILE D 112 41.38 -7.82 -49.29
C ILE D 112 41.60 -8.32 -47.87
N GLU D 113 41.93 -9.60 -47.72
CA GLU D 113 42.37 -10.17 -46.46
C GLU D 113 43.51 -11.16 -46.69
N GLN D 114 44.47 -11.18 -45.76
CA GLN D 114 45.29 -12.36 -45.55
C GLN D 114 44.42 -13.57 -45.28
N LYS D 115 44.69 -14.65 -46.02
CA LYS D 115 43.95 -15.90 -45.86
C LYS D 115 44.55 -16.72 -44.73
N TYR D 116 43.71 -17.13 -43.80
CA TYR D 116 44.09 -18.06 -42.74
C TYR D 116 43.03 -19.16 -42.73
N PHE D 117 43.45 -20.38 -43.03
CA PHE D 117 42.49 -21.49 -43.05
C PHE D 117 41.75 -21.66 -41.72
N PRO D 118 42.34 -21.46 -40.54
CA PRO D 118 41.52 -21.50 -39.32
C PRO D 118 40.80 -20.18 -39.12
N VAL D 119 39.80 -20.21 -38.24
CA VAL D 119 39.09 -18.99 -37.87
C VAL D 119 39.95 -18.08 -37.01
N ILE D 120 41.05 -18.58 -36.47
CA ILE D 120 41.90 -17.82 -35.57
C ILE D 120 43.32 -17.64 -36.11
N GLY D 121 43.57 -17.98 -37.37
CA GLY D 121 44.90 -17.82 -37.93
C GLY D 121 45.38 -16.38 -37.91
N ARG D 122 44.50 -15.43 -38.19
CA ARG D 122 44.89 -14.03 -38.18
C ARG D 122 45.30 -13.59 -36.78
N GLY D 123 44.52 -13.96 -35.76
CA GLY D 123 44.86 -13.55 -34.41
C GLY D 123 46.18 -14.13 -33.96
N LEU D 124 46.39 -15.43 -34.18
CA LEU D 124 47.64 -16.06 -33.78
C LEU D 124 48.82 -15.47 -34.56
N ALA D 125 48.61 -15.16 -35.83
CA ALA D 125 49.67 -14.50 -36.60
C ALA D 125 50.04 -13.16 -35.98
N ARG D 126 49.04 -12.42 -35.51
CA ARG D 126 49.33 -11.19 -34.77
C ARG D 126 50.09 -11.49 -33.48
N LEU D 127 49.68 -12.54 -32.78
CA LEU D 127 50.31 -12.85 -31.49
C LEU D 127 51.78 -13.17 -31.66
N MET D 128 52.14 -13.87 -32.74
CA MET D 128 53.54 -14.11 -33.03
C MET D 128 54.29 -12.81 -33.34
N GLY D 129 53.56 -11.73 -33.62
CA GLY D 129 54.17 -10.50 -34.05
C GLY D 129 54.40 -10.40 -35.54
N GLU D 130 53.92 -11.37 -36.31
CA GLU D 130 54.06 -11.32 -37.75
C GLU D 130 53.35 -10.09 -38.29
N LYS D 131 54.06 -9.30 -39.09
CA LYS D 131 53.47 -8.10 -39.65
C LYS D 131 52.43 -8.47 -40.68
N PRO D 132 51.19 -7.99 -40.55
CA PRO D 132 50.12 -8.43 -41.46
C PRO D 132 50.40 -8.02 -42.89
N GLY D 133 50.00 -8.88 -43.82
CA GLY D 133 50.22 -8.61 -45.22
C GLY D 133 49.19 -7.65 -45.78
N ASN D 134 49.61 -6.88 -46.79
CA ASN D 134 48.73 -5.92 -47.44
C ASN D 134 49.29 -5.60 -48.81
N ILE D 135 48.40 -5.46 -49.79
CA ILE D 135 48.80 -5.12 -51.14
C ILE D 135 47.93 -3.97 -51.62
N ASP D 136 48.15 -3.49 -52.84
CA ASP D 136 47.44 -2.34 -53.37
C ASP D 136 46.99 -2.62 -54.79
N ILE D 137 45.68 -2.52 -55.02
CA ILE D 137 45.08 -2.68 -56.34
C ILE D 137 44.44 -1.36 -56.70
N THR D 138 45.02 -0.67 -57.67
CA THR D 138 44.41 0.54 -58.20
C THR D 138 43.37 0.25 -59.27
N ARG D 139 43.26 -1.00 -59.73
CA ARG D 139 42.29 -1.32 -60.78
C ARG D 139 42.02 -2.81 -60.73
N LEU D 140 40.79 -3.19 -60.37
CA LEU D 140 40.36 -4.58 -60.35
C LEU D 140 39.09 -4.73 -61.18
N TYR D 141 39.09 -5.72 -62.07
CA TYR D 141 37.88 -6.07 -62.82
C TYR D 141 37.79 -7.60 -62.85
N LEU D 142 36.91 -8.16 -62.03
CA LEU D 142 36.66 -9.58 -62.03
C LEU D 142 35.89 -9.97 -63.29
N PRO D 143 35.78 -11.26 -63.58
CA PRO D 143 35.01 -11.69 -64.77
C PRO D 143 33.56 -11.29 -64.69
N ASP D 144 33.16 -10.69 -63.57
CA ASP D 144 31.81 -10.16 -63.37
C ASP D 144 30.77 -11.27 -63.49
N SER D 145 31.01 -12.37 -62.76
CA SER D 145 29.98 -13.39 -62.62
C SER D 145 28.72 -12.79 -62.02
N ASP D 146 28.84 -12.22 -60.83
CA ASP D 146 27.80 -11.38 -60.23
C ASP D 146 26.45 -12.10 -60.21
N ASP D 147 26.47 -13.36 -59.81
CA ASP D 147 25.24 -14.14 -59.75
C ASP D 147 24.32 -13.59 -58.65
N ILE D 148 23.09 -14.11 -58.62
CA ILE D 148 22.12 -13.63 -57.64
C ILE D 148 22.61 -13.94 -56.23
N SER D 149 23.09 -15.17 -56.01
CA SER D 149 23.61 -15.54 -54.71
C SER D 149 25.04 -15.05 -54.54
N ASN D 150 25.95 -15.52 -55.40
CA ASN D 150 27.35 -15.13 -55.34
C ASN D 150 27.57 -13.88 -56.20
N ASN D 151 26.93 -12.80 -55.77
CA ASN D 151 27.15 -11.50 -56.39
C ASN D 151 28.52 -10.91 -56.07
N THR D 152 29.29 -11.58 -55.24
CA THR D 152 30.65 -11.17 -54.90
C THR D 152 31.63 -12.19 -55.44
N PRO D 153 32.05 -12.08 -56.70
CA PRO D 153 33.08 -12.99 -57.22
C PRO D 153 34.35 -12.88 -56.38
N SER D 154 34.94 -14.03 -56.09
CA SER D 154 36.11 -14.10 -55.23
C SER D 154 37.28 -14.74 -55.96
N ILE D 155 38.46 -14.14 -55.81
CA ILE D 155 39.70 -14.70 -56.32
C ILE D 155 40.72 -14.68 -55.20
N ILE D 156 41.77 -15.47 -55.37
CA ILE D 156 42.84 -15.57 -54.39
C ILE D 156 44.15 -15.25 -55.08
N LEU D 157 44.91 -14.35 -54.50
CA LEU D 157 46.23 -14.00 -55.03
C LEU D 157 47.28 -14.82 -54.29
N THR D 158 48.11 -15.53 -55.05
CA THR D 158 49.22 -16.30 -54.50
C THR D 158 50.49 -15.50 -54.71
N VAL D 159 51.08 -15.04 -53.62
CA VAL D 159 52.26 -14.18 -53.71
C VAL D 159 53.46 -15.04 -54.09
N LYS D 160 54.04 -14.77 -55.26
CA LYS D 160 55.24 -15.48 -55.66
C LYS D 160 56.51 -14.79 -55.18
N ASP D 161 56.61 -13.49 -55.39
CA ASP D 161 57.73 -12.71 -54.87
C ASP D 161 57.25 -11.28 -54.62
N LYS D 162 58.20 -10.37 -54.45
CA LYS D 162 57.87 -8.96 -54.29
C LYS D 162 57.45 -8.31 -55.60
N GLU D 163 57.68 -8.97 -56.74
CA GLU D 163 57.38 -8.39 -58.04
C GLU D 163 56.27 -9.15 -58.75
N ASN D 164 56.42 -10.45 -58.95
CA ASN D 164 55.44 -11.26 -59.65
C ASN D 164 54.56 -12.01 -58.66
N TYR D 165 53.50 -12.61 -59.20
CA TYR D 165 52.45 -13.22 -58.39
C TYR D 165 51.58 -14.05 -59.31
N SER D 166 50.71 -14.86 -58.71
CA SER D 166 49.76 -15.66 -59.47
C SER D 166 48.39 -15.58 -58.80
N ILE D 167 47.37 -15.53 -59.64
CA ILE D 167 45.98 -15.39 -59.18
C ILE D 167 45.19 -16.55 -59.74
N ASN D 168 44.50 -17.28 -58.86
CA ASN D 168 43.58 -18.33 -59.27
C ASN D 168 42.16 -17.91 -58.95
N SER D 169 41.30 -17.91 -59.96
CA SER D 169 39.88 -17.63 -59.78
C SER D 169 39.14 -18.88 -59.33
N ASP D 170 39.21 -19.94 -60.13
CA ASP D 170 38.65 -21.24 -59.78
C ASP D 170 39.59 -22.36 -60.18
N GLY D 171 40.89 -22.08 -60.25
CA GLY D 171 41.88 -23.07 -60.61
C GLY D 171 42.86 -22.59 -61.65
N ILE D 172 42.41 -21.77 -62.59
CA ILE D 172 43.28 -21.23 -63.63
C ILE D 172 44.12 -20.13 -63.00
N GLN D 173 45.39 -20.42 -62.76
CA GLN D 173 46.29 -19.48 -62.12
C GLN D 173 46.97 -18.62 -63.17
N LEU D 174 46.76 -17.31 -63.09
CA LEU D 174 47.36 -16.36 -64.02
C LEU D 174 48.54 -15.69 -63.35
N ASN D 175 49.73 -15.85 -63.93
CA ASN D 175 50.93 -15.26 -63.38
C ASN D 175 51.04 -13.80 -63.84
N GLY D 176 51.27 -12.91 -62.89
CA GLY D 176 51.36 -11.50 -63.22
C GLY D 176 52.39 -10.80 -62.37
N VAL D 177 52.82 -9.63 -62.86
CA VAL D 177 53.81 -8.79 -62.20
C VAL D 177 53.22 -7.41 -62.00
N VAL D 178 53.70 -6.72 -60.96
CA VAL D 178 53.31 -5.33 -60.75
C VAL D 178 53.66 -4.50 -61.98
N GLY D 179 52.99 -3.37 -62.13
CA GLY D 179 53.18 -2.58 -63.33
C GLY D 179 52.16 -2.97 -64.37
N THR D 180 52.53 -3.90 -65.24
CA THR D 180 51.61 -4.43 -66.23
C THR D 180 50.36 -4.99 -65.57
N LEU D 181 49.22 -4.75 -66.20
CA LEU D 181 47.95 -5.28 -65.72
C LEU D 181 47.64 -6.58 -66.42
N LEU D 182 47.03 -7.51 -65.69
CA LEU D 182 46.60 -8.78 -66.27
C LEU D 182 45.19 -8.61 -66.83
N ASN D 183 45.06 -8.74 -68.14
CA ASN D 183 43.76 -8.65 -68.81
C ASN D 183 43.56 -9.93 -69.61
N GLU D 184 43.05 -10.96 -68.95
CA GLU D 184 42.82 -12.25 -69.57
C GLU D 184 41.52 -12.84 -69.03
N LYS D 185 40.82 -13.56 -69.90
CA LYS D 185 39.57 -14.23 -69.53
C LYS D 185 38.56 -13.25 -68.94
N GLY D 186 38.52 -12.04 -69.47
CA GLY D 186 37.63 -11.03 -68.93
C GLY D 186 38.01 -10.53 -67.56
N ILE D 187 39.24 -10.78 -67.12
CA ILE D 187 39.71 -10.42 -65.80
C ILE D 187 40.76 -9.34 -65.96
N SER D 188 40.51 -8.16 -65.41
CA SER D 188 41.48 -7.07 -65.40
C SER D 188 41.90 -6.79 -63.98
N LEU D 189 43.19 -6.93 -63.71
CA LEU D 189 43.74 -6.70 -62.38
C LEU D 189 45.01 -5.87 -62.50
N LEU D 190 45.08 -4.78 -61.75
CA LEU D 190 46.30 -4.02 -61.58
C LEU D 190 46.61 -3.94 -60.09
N VAL D 191 47.54 -4.77 -59.63
CA VAL D 191 48.00 -4.76 -58.26
C VAL D 191 49.43 -4.26 -58.24
N ASN D 192 49.75 -3.40 -57.27
CA ASN D 192 51.07 -2.82 -57.18
C ASN D 192 51.47 -2.74 -55.71
N GLU D 193 52.79 -2.64 -55.48
CA GLU D 193 53.35 -2.52 -54.14
C GLU D 193 52.87 -3.67 -53.24
N ILE D 194 52.88 -4.88 -53.78
CA ILE D 194 52.45 -6.04 -53.00
C ILE D 194 53.45 -6.31 -51.88
N ASP D 195 52.95 -6.90 -50.80
CA ASP D 195 53.76 -7.09 -49.60
C ASP D 195 54.92 -8.04 -49.87
N ALA D 196 55.79 -8.20 -48.87
CA ALA D 196 57.05 -8.91 -49.05
C ALA D 196 56.87 -10.42 -48.98
N LYS D 197 56.18 -10.91 -47.94
CA LYS D 197 56.13 -12.33 -47.64
C LYS D 197 55.55 -13.13 -48.79
N PRO D 198 56.34 -13.97 -49.45
CA PRO D 198 55.85 -14.74 -50.59
C PRO D 198 55.07 -15.96 -50.13
N GLY D 199 54.40 -16.60 -51.09
CA GLY D 199 53.62 -17.78 -50.81
C GLY D 199 52.31 -17.54 -50.09
N ASP D 200 52.01 -16.29 -49.73
CA ASP D 200 50.79 -16.00 -49.00
C ASP D 200 49.57 -16.06 -49.93
N GLN D 201 48.40 -16.00 -49.32
CA GLN D 201 47.15 -15.99 -50.06
C GLN D 201 46.35 -14.75 -49.69
N PHE D 202 45.93 -14.01 -50.70
CA PHE D 202 45.11 -12.80 -50.55
C PHE D 202 43.78 -13.04 -51.24
N VAL D 203 42.72 -13.13 -50.46
CA VAL D 203 41.38 -13.24 -51.02
C VAL D 203 40.90 -11.86 -51.44
N ILE D 204 40.41 -11.75 -52.66
CA ILE D 204 39.98 -10.48 -53.23
C ILE D 204 38.51 -10.58 -53.58
N THR D 205 37.74 -9.59 -53.14
CA THR D 205 36.30 -9.58 -53.35
C THR D 205 35.90 -8.22 -53.90
N GLN D 206 35.27 -8.21 -55.07
CA GLN D 206 34.78 -6.96 -55.67
C GLN D 206 33.32 -6.78 -55.27
N LEU D 207 33.12 -6.55 -53.98
CA LEU D 207 31.78 -6.43 -53.44
C LEU D 207 31.08 -5.20 -54.04
N PRO D 208 29.78 -5.27 -54.23
CA PRO D 208 29.09 -4.22 -54.99
C PRO D 208 29.10 -2.89 -54.26
N ARG D 209 28.85 -1.83 -55.04
CA ARG D 209 28.93 -0.48 -54.52
C ARG D 209 28.01 -0.27 -53.33
N LEU D 210 26.79 -0.79 -53.40
CA LEU D 210 25.87 -0.63 -52.29
C LEU D 210 26.38 -1.31 -51.03
N LYS D 211 26.95 -2.50 -51.15
CA LYS D 211 27.51 -3.16 -49.98
C LYS D 211 28.69 -2.36 -49.42
N ALA D 212 29.54 -1.86 -50.31
CA ALA D 212 30.70 -1.07 -49.89
C ALA D 212 30.28 0.25 -49.28
N ILE D 213 29.06 0.71 -49.52
CA ILE D 213 28.53 1.87 -48.83
C ILE D 213 27.93 1.47 -47.50
N SER D 214 27.18 0.37 -47.47
CA SER D 214 26.47 -0.02 -46.26
C SER D 214 27.43 -0.41 -45.14
N ASP D 215 28.50 -1.13 -45.44
CA ASP D 215 29.42 -1.49 -44.36
C ASP D 215 30.09 -0.24 -43.80
N LEU D 216 30.53 0.66 -44.67
CA LEU D 216 31.14 1.90 -44.23
C LEU D 216 30.19 2.70 -43.36
N LEU D 217 28.94 2.83 -43.80
CA LEU D 217 27.95 3.56 -43.02
C LEU D 217 27.72 2.88 -41.68
N LYS D 218 27.78 1.56 -41.64
CA LYS D 218 27.65 0.87 -40.37
C LYS D 218 28.81 1.21 -39.45
N SER D 219 30.02 1.32 -39.98
CA SER D 219 31.17 1.71 -39.18
C SER D 219 31.19 3.21 -38.88
N PHE D 220 30.74 4.03 -39.82
CA PHE D 220 30.80 5.48 -39.68
C PHE D 220 29.74 5.98 -38.70
N SER D 221 30.02 7.12 -38.08
CA SER D 221 29.09 7.69 -37.11
C SER D 221 29.39 9.17 -36.92
N VAL D 222 28.34 9.95 -36.69
CA VAL D 222 28.43 11.40 -36.55
C VAL D 222 27.77 11.79 -35.24
N ALA D 223 28.18 12.94 -34.70
CA ALA D 223 27.55 13.52 -33.54
C ALA D 223 27.81 15.03 -33.55
N ASP D 224 27.28 15.72 -32.55
CA ASP D 224 27.42 17.16 -32.44
C ASP D 224 27.99 17.62 -31.11
N LEU D 225 27.70 16.90 -30.03
CA LEU D 225 28.21 17.11 -28.68
C LEU D 225 27.93 18.51 -28.14
N GLY D 226 27.15 19.32 -28.83
CA GLY D 226 26.76 20.61 -28.30
C GLY D 226 25.27 20.87 -28.46
N LYS D 227 24.63 20.03 -29.27
CA LYS D 227 23.19 20.02 -29.53
C LYS D 227 22.77 21.23 -30.35
N ASP D 228 23.65 22.22 -30.48
CA ASP D 228 23.48 23.31 -31.43
C ASP D 228 24.78 23.74 -32.07
N THR D 229 25.93 23.34 -31.56
CA THR D 229 27.20 23.89 -31.96
C THR D 229 27.57 23.46 -33.37
N GLY D 230 28.46 24.22 -33.98
CA GLY D 230 29.04 23.82 -35.25
C GLY D 230 30.02 22.68 -35.17
N MET D 231 30.27 22.16 -33.96
CA MET D 231 31.20 21.05 -33.80
C MET D 231 30.55 19.76 -34.26
N LEU D 232 31.11 19.14 -35.28
CA LEU D 232 30.68 17.83 -35.74
C LEU D 232 31.84 16.87 -35.52
N THR D 233 31.71 16.01 -34.52
CA THR D 233 32.72 14.98 -34.28
C THR D 233 32.35 13.79 -35.15
N LEU D 234 33.21 13.51 -36.11
CA LEU D 234 33.02 12.32 -36.94
C LEU D 234 33.85 11.19 -36.39
N THR D 235 33.29 9.99 -36.43
CA THR D 235 33.96 8.81 -35.91
C THR D 235 33.88 7.70 -36.93
N LEU D 236 34.99 7.01 -37.15
CA LEU D 236 35.04 5.85 -38.01
C LEU D 236 35.81 4.75 -37.31
N THR D 237 35.27 3.53 -37.33
CA THR D 237 35.86 2.40 -36.63
C THR D 237 36.24 1.32 -37.62
N GLY D 238 37.43 0.77 -37.47
CA GLY D 238 37.89 -0.27 -38.37
C GLY D 238 39.09 -0.97 -37.79
N ASP D 239 39.56 -1.99 -38.52
CA ASP D 239 40.68 -2.77 -38.06
C ASP D 239 42.01 -2.16 -38.47
N ASN D 240 42.22 -1.94 -39.76
CA ASN D 240 43.48 -1.37 -40.19
C ASN D 240 43.56 0.10 -39.80
N PRO D 241 44.55 0.51 -39.01
CA PRO D 241 44.56 1.90 -38.52
C PRO D 241 44.69 2.92 -39.62
N LYS D 242 45.72 2.78 -40.44
CA LYS D 242 45.96 3.74 -41.51
C LYS D 242 44.79 3.81 -42.47
N ARG D 243 44.18 2.68 -42.77
CA ARG D 243 43.07 2.69 -43.71
C ARG D 243 41.93 3.56 -43.20
N ILE D 244 41.58 3.43 -41.93
CA ILE D 244 40.47 4.25 -41.40
C ILE D 244 40.75 5.75 -41.39
N SER D 245 41.95 6.17 -41.02
CA SER D 245 42.23 7.60 -40.98
C SER D 245 42.09 8.20 -42.38
N HIS D 246 42.58 7.49 -43.39
CA HIS D 246 42.46 7.96 -44.76
C HIS D 246 41.01 8.00 -45.21
N ILE D 247 40.22 7.00 -44.83
CA ILE D 247 38.82 7.01 -45.25
C ILE D 247 38.09 8.19 -44.63
N LEU D 248 38.32 8.46 -43.35
CA LEU D 248 37.65 9.58 -42.70
C LEU D 248 38.11 10.90 -43.29
N ASP D 249 39.39 11.02 -43.62
CA ASP D 249 39.86 12.24 -44.26
C ASP D 249 39.21 12.42 -45.62
N SER D 250 39.07 11.33 -46.38
CA SER D 250 38.40 11.43 -47.67
C SER D 250 36.96 11.88 -47.51
N ILE D 251 36.25 11.32 -46.51
CA ILE D 251 34.88 11.74 -46.27
C ILE D 251 34.82 13.23 -45.95
N SER D 252 35.66 13.66 -45.02
CA SER D 252 35.65 15.06 -44.60
C SER D 252 35.98 15.98 -45.77
N GLN D 253 36.97 15.60 -46.57
CA GLN D 253 37.37 16.48 -47.66
C GLN D 253 36.35 16.47 -48.79
N ASN D 254 35.66 15.36 -49.01
CA ASN D 254 34.56 15.38 -49.97
C ASN D 254 33.47 16.33 -49.51
N TYR D 255 33.13 16.31 -48.23
CA TYR D 255 32.11 17.23 -47.74
C TYR D 255 32.57 18.67 -47.85
N LEU D 256 33.83 18.93 -47.51
CA LEU D 256 34.40 20.26 -47.68
C LEU D 256 34.35 20.71 -49.14
N ALA D 257 34.74 19.83 -50.05
CA ALA D 257 34.75 20.19 -51.46
C ALA D 257 33.35 20.42 -51.99
N GLN D 258 32.35 19.70 -51.46
CA GLN D 258 30.97 19.97 -51.84
C GLN D 258 30.55 21.36 -51.38
N ASN D 259 30.86 21.72 -50.15
CA ASN D 259 30.43 23.03 -49.69
C ASN D 259 31.28 24.16 -50.25
N ILE D 260 32.43 23.84 -50.84
CA ILE D 260 33.14 24.81 -51.67
C ILE D 260 32.56 24.87 -53.07
N ALA D 261 32.06 23.73 -53.56
CA ALA D 261 31.31 23.70 -54.82
C ALA D 261 30.12 24.63 -54.75
N ARG D 262 29.51 24.76 -53.55
CA ARG D 262 28.69 25.94 -53.30
C ARG D 262 29.31 27.20 -53.87
N GLN D 263 30.43 27.63 -53.27
CA GLN D 263 30.90 28.98 -53.46
C GLN D 263 31.33 29.22 -54.89
N ALA D 264 31.79 28.16 -55.56
CA ALA D 264 32.27 28.31 -56.93
C ALA D 264 31.21 28.05 -58.00
N ALA D 265 30.11 27.36 -57.66
CA ALA D 265 29.22 26.86 -58.71
C ALA D 265 28.36 27.97 -59.32
N GLN D 266 27.95 28.95 -58.51
CA GLN D 266 26.91 29.88 -58.95
C GLN D 266 27.30 30.61 -60.22
N ASP D 267 28.54 31.07 -60.30
CA ASP D 267 29.04 31.74 -61.49
C ASP D 267 29.74 30.78 -62.46
N ALA D 268 29.84 29.51 -62.11
CA ALA D 268 30.57 28.56 -62.94
C ALA D 268 29.82 28.27 -64.23
N LYS D 269 30.57 28.14 -65.33
CA LYS D 269 29.97 27.81 -66.62
C LYS D 269 29.50 26.36 -66.67
N SER D 270 30.01 25.52 -65.76
CA SER D 270 29.68 24.09 -65.76
C SER D 270 28.17 23.87 -65.68
N LEU D 271 27.46 24.75 -64.97
CA LEU D 271 26.01 24.63 -64.88
C LEU D 271 25.36 24.69 -66.25
N GLU D 272 25.65 25.73 -67.02
CA GLU D 272 25.07 25.85 -68.35
C GLU D 272 25.60 24.77 -69.28
N PHE D 273 26.87 24.38 -69.10
CA PHE D 273 27.42 23.29 -69.88
C PHE D 273 26.60 22.02 -69.71
N LEU D 274 26.27 21.67 -68.47
CA LEU D 274 25.43 20.50 -68.23
C LEU D 274 24.03 20.71 -68.78
N ASN D 275 23.48 21.91 -68.59
CA ASN D 275 22.12 22.20 -69.07
C ASN D 275 21.99 21.97 -70.56
N GLN D 276 23.03 22.32 -71.33
CA GLN D 276 23.01 22.11 -72.76
C GLN D 276 23.50 20.72 -73.16
N GLN D 277 24.35 20.09 -72.35
CA GLN D 277 24.95 18.81 -72.71
C GLN D 277 23.97 17.66 -72.53
N LEU D 278 23.11 17.74 -71.52
CA LEU D 278 22.16 16.65 -71.30
C LEU D 278 21.29 16.36 -72.52
N PRO D 279 20.69 17.35 -73.19
CA PRO D 279 19.81 17.04 -74.34
C PRO D 279 20.50 16.28 -75.46
N LYS D 280 21.73 16.63 -75.81
CA LYS D 280 22.41 15.95 -76.93
C LYS D 280 22.75 14.52 -76.57
N VAL D 281 23.19 14.30 -75.34
CA VAL D 281 23.51 12.95 -74.89
C VAL D 281 22.26 12.08 -74.88
N ARG D 282 21.14 12.64 -74.40
CA ARG D 282 19.89 11.87 -74.44
C ARG D 282 19.43 11.64 -75.87
N ALA D 283 19.74 12.57 -76.77
CA ALA D 283 19.39 12.37 -78.18
C ALA D 283 20.16 11.21 -78.78
N GLU D 284 21.46 11.14 -78.53
CA GLU D 284 22.21 9.99 -79.02
C GLU D 284 21.80 8.71 -78.30
N LEU D 285 21.38 8.81 -77.05
CA LEU D 285 20.80 7.67 -76.35
C LEU D 285 19.58 7.14 -77.08
N ASP D 286 18.65 8.03 -77.43
CA ASP D 286 17.46 7.63 -78.17
C ASP D 286 17.84 7.03 -79.52
N SER D 287 18.79 7.65 -80.21
CA SER D 287 19.22 7.13 -81.51
C SER D 287 19.82 5.75 -81.38
N ALA D 288 20.61 5.52 -80.32
CA ALA D 288 21.26 4.23 -80.12
C ALA D 288 20.24 3.14 -79.82
N GLU D 289 19.25 3.43 -78.98
CA GLU D 289 18.22 2.42 -78.73
C GLU D 289 17.41 2.15 -80.00
N ASP D 290 17.16 3.19 -80.79
CA ASP D 290 16.51 2.98 -82.09
C ASP D 290 17.34 2.07 -82.98
N LYS D 291 18.65 2.25 -82.99
CA LYS D 291 19.52 1.37 -83.77
C LYS D 291 19.44 -0.07 -83.27
N LEU D 292 19.44 -0.25 -81.95
CA LEU D 292 19.24 -1.60 -81.40
C LEU D 292 17.94 -2.21 -81.89
N ASN D 293 16.86 -1.44 -81.85
CA ASN D 293 15.57 -1.96 -82.30
C ASN D 293 15.61 -2.32 -83.78
N ALA D 294 16.28 -1.49 -84.58
CA ALA D 294 16.38 -1.77 -86.01
C ALA D 294 17.16 -3.05 -86.28
N TYR D 295 18.28 -3.24 -85.61
CA TYR D 295 19.10 -4.42 -85.85
C TYR D 295 18.49 -5.68 -85.25
N ARG D 296 17.73 -5.54 -84.16
CA ARG D 296 17.07 -6.70 -83.56
C ARG D 296 15.78 -7.03 -84.28
N LYS D 297 15.17 -6.05 -84.94
CA LYS D 297 13.92 -6.28 -85.67
C LYS D 297 14.10 -5.98 -87.15
N LEU D 304 25.09 -15.28 -79.19
CA LEU D 304 25.45 -15.10 -77.79
C LEU D 304 26.75 -15.83 -77.45
N ASN D 305 27.85 -15.38 -78.05
CA ASN D 305 29.18 -15.87 -77.68
C ASN D 305 29.59 -15.30 -76.33
N MET D 306 30.12 -16.15 -75.45
CA MET D 306 30.41 -15.75 -74.07
C MET D 306 31.42 -14.61 -74.00
N GLU D 307 32.53 -14.75 -74.72
CA GLU D 307 33.57 -13.74 -74.68
C GLU D 307 33.04 -12.40 -75.16
N ALA D 308 32.03 -12.42 -76.05
CA ALA D 308 31.42 -11.16 -76.48
C ALA D 308 30.81 -10.40 -75.32
N LYS D 309 30.01 -11.06 -74.47
CA LYS D 309 29.46 -10.35 -73.32
C LYS D 309 30.55 -9.97 -72.34
N SER D 310 31.53 -10.86 -72.13
CA SER D 310 32.58 -10.55 -71.18
C SER D 310 33.31 -9.27 -71.57
N VAL D 311 33.78 -9.19 -72.81
CA VAL D 311 34.51 -8.01 -73.23
C VAL D 311 33.59 -6.80 -73.33
N LEU D 312 32.31 -7.01 -73.66
CA LEU D 312 31.38 -5.88 -73.71
C LEU D 312 31.24 -5.23 -72.34
N ASP D 313 30.99 -6.05 -71.32
CA ASP D 313 30.87 -5.53 -69.96
C ASP D 313 32.17 -4.90 -69.50
N GLN D 314 33.30 -5.51 -69.86
CA GLN D 314 34.59 -4.96 -69.46
C GLN D 314 34.82 -3.58 -70.07
N ILE D 315 34.56 -3.44 -71.38
CA ILE D 315 34.73 -2.16 -72.04
C ILE D 315 33.79 -1.12 -71.45
N VAL D 316 32.55 -1.52 -71.15
CA VAL D 316 31.59 -0.56 -70.61
C VAL D 316 32.06 -0.06 -69.24
N ASN D 317 32.53 -0.98 -68.39
CA ASN D 317 33.09 -0.57 -67.10
C ASN D 317 34.26 0.38 -67.30
N VAL D 318 35.14 0.06 -68.27
CA VAL D 318 36.30 0.91 -68.53
C VAL D 318 35.86 2.31 -68.97
N ASP D 319 34.88 2.37 -69.87
CA ASP D 319 34.43 3.67 -70.37
C ASP D 319 33.78 4.48 -69.27
N ASN D 320 32.98 3.84 -68.42
CA ASN D 320 32.38 4.56 -67.31
C ASN D 320 33.46 5.11 -66.39
N GLN D 321 34.50 4.32 -66.12
CA GLN D 321 35.60 4.79 -65.29
C GLN D 321 36.38 5.91 -65.97
N LEU D 322 36.57 5.82 -67.29
CA LEU D 322 37.25 6.88 -68.02
C LEU D 322 36.48 8.18 -67.94
N ASN D 323 35.16 8.13 -68.11
CA ASN D 323 34.37 9.35 -67.98
C ASN D 323 34.50 9.89 -66.57
N GLU D 324 34.14 9.09 -65.58
CA GLU D 324 34.15 9.59 -64.20
C GLU D 324 35.53 10.12 -63.82
N LEU D 325 36.60 9.55 -64.39
CA LEU D 325 37.92 10.06 -64.10
C LEU D 325 38.21 11.36 -64.82
N THR D 326 37.71 11.54 -66.05
CA THR D 326 37.87 12.84 -66.71
C THR D 326 37.19 13.94 -65.92
N PHE D 327 35.91 13.72 -65.57
CA PHE D 327 35.16 14.76 -64.85
C PHE D 327 35.67 14.91 -63.43
N ARG D 328 36.37 13.88 -62.93
CA ARG D 328 37.05 13.98 -61.65
C ARG D 328 38.30 14.84 -61.77
N GLU D 329 39.08 14.61 -62.82
CA GLU D 329 40.23 15.47 -63.11
C GLU D 329 39.77 16.92 -63.24
N ALA D 330 38.55 17.11 -63.78
CA ALA D 330 38.00 18.44 -63.95
C ALA D 330 37.99 19.22 -62.63
N GLU D 331 37.76 18.53 -61.52
CA GLU D 331 37.75 19.20 -60.22
C GLU D 331 39.09 19.14 -59.49
N VAL D 332 39.86 18.06 -59.67
CA VAL D 332 41.15 18.01 -59.00
C VAL D 332 42.11 19.03 -59.62
N SER D 333 41.84 19.44 -60.86
CA SER D 333 42.75 20.36 -61.55
C SER D 333 42.77 21.74 -60.90
N GLN D 334 41.62 22.27 -60.49
CA GLN D 334 41.63 23.58 -59.87
C GLN D 334 41.58 23.50 -58.34
N LEU D 335 41.04 22.41 -57.79
CA LEU D 335 41.11 22.27 -56.34
C LEU D 335 42.53 21.96 -55.87
N TYR D 336 43.30 21.25 -56.68
CA TYR D 336 44.68 20.88 -56.34
C TYR D 336 45.59 21.13 -57.52
N THR D 337 46.84 20.71 -57.38
CA THR D 337 47.89 20.98 -58.36
C THR D 337 48.27 19.71 -59.11
N LYS D 338 49.08 19.90 -60.16
CA LYS D 338 49.52 18.77 -60.96
C LYS D 338 50.52 17.91 -60.18
N GLU D 339 51.50 18.53 -59.54
CA GLU D 339 52.47 17.78 -58.76
C GLU D 339 51.85 17.16 -57.51
N HIS D 340 50.62 17.55 -57.16
CA HIS D 340 49.94 16.92 -56.04
C HIS D 340 49.69 15.44 -56.36
N PRO D 341 50.03 14.53 -55.45
CA PRO D 341 50.00 13.10 -55.79
C PRO D 341 48.65 12.59 -56.24
N THR D 342 47.55 13.20 -55.78
CA THR D 342 46.22 12.71 -56.18
C THR D 342 46.01 12.83 -57.68
N TYR D 343 46.40 13.97 -58.26
CA TYR D 343 46.28 14.18 -59.70
C TYR D 343 47.14 13.20 -60.47
N LYS D 344 48.36 12.96 -59.98
CA LYS D 344 49.21 11.93 -60.55
C LYS D 344 48.52 10.57 -60.53
N ALA D 345 47.81 10.26 -59.44
CA ALA D 345 47.09 9.01 -59.35
C ALA D 345 46.00 8.93 -60.41
N LEU D 346 45.33 10.05 -60.67
CA LEU D 346 44.31 10.07 -61.71
C LEU D 346 44.93 9.72 -63.06
N MET D 347 46.03 10.38 -63.44
CA MET D 347 46.62 10.09 -64.74
C MET D 347 47.20 8.68 -64.80
N GLU D 348 47.74 8.18 -63.69
CA GLU D 348 48.25 6.81 -63.66
C GLU D 348 47.13 5.79 -63.84
N LYS D 349 46.02 5.97 -63.13
CA LYS D 349 44.97 4.97 -63.24
C LYS D 349 44.30 5.06 -64.61
N ARG D 350 44.26 6.25 -65.22
CA ARG D 350 43.80 6.28 -66.61
C ARG D 350 44.79 5.70 -67.61
N GLN D 351 46.09 5.84 -67.39
CA GLN D 351 46.97 5.15 -68.33
C GLN D 351 46.76 3.65 -68.20
N THR D 352 46.47 3.20 -66.98
CA THR D 352 46.01 1.82 -66.79
C THR D 352 44.74 1.55 -67.58
N LEU D 353 43.75 2.43 -67.47
CA LEU D 353 42.47 2.20 -68.11
C LEU D 353 42.57 2.26 -69.63
N GLN D 354 43.43 3.14 -70.16
CA GLN D 354 43.65 3.20 -71.59
C GLN D 354 44.36 1.95 -72.08
N GLU D 355 45.31 1.43 -71.29
CA GLU D 355 45.89 0.13 -71.61
C GLU D 355 44.82 -0.96 -71.65
N GLU D 356 43.92 -0.94 -70.66
CA GLU D 356 42.85 -1.95 -70.60
C GLU D 356 41.92 -1.83 -71.79
N LYS D 357 41.54 -0.60 -72.17
CA LYS D 357 40.69 -0.40 -73.33
C LYS D 357 41.41 -0.84 -74.60
N SER D 358 42.72 -0.56 -74.69
CA SER D 358 43.49 -0.98 -75.85
C SER D 358 43.46 -2.50 -75.98
N LYS D 359 43.69 -3.21 -74.87
CA LYS D 359 43.62 -4.67 -74.90
C LYS D 359 42.23 -5.15 -75.26
N LEU D 360 41.19 -4.50 -74.72
CA LEU D 360 39.82 -4.89 -75.03
C LEU D 360 39.51 -4.71 -76.51
N ASN D 361 39.98 -3.61 -77.10
CA ASN D 361 39.76 -3.37 -78.52
C ASN D 361 40.54 -4.38 -79.36
N LYS D 362 41.75 -4.73 -78.93
CA LYS D 362 42.51 -5.77 -79.59
C LYS D 362 41.72 -7.07 -79.59
N ARG D 363 41.09 -7.40 -78.46
CA ARG D 363 40.28 -8.61 -78.39
C ARG D 363 39.03 -8.50 -79.26
N VAL D 364 38.41 -7.32 -79.31
CA VAL D 364 37.19 -7.14 -80.10
C VAL D 364 37.48 -7.35 -81.58
N SER D 365 38.61 -6.80 -82.05
CA SER D 365 38.93 -6.87 -83.47
C SER D 365 39.04 -8.32 -83.95
N SER D 366 39.43 -9.25 -83.07
CA SER D 366 39.76 -10.60 -83.47
C SER D 366 38.54 -11.51 -83.65
N MET D 367 37.41 -11.19 -83.05
CA MET D 367 36.27 -12.08 -83.13
C MET D 367 35.35 -11.71 -84.30
N PRO D 368 34.46 -12.64 -84.71
CA PRO D 368 33.72 -12.44 -85.96
C PRO D 368 32.89 -11.17 -85.99
N SER D 369 32.71 -10.66 -87.22
CA SER D 369 31.97 -9.42 -87.42
C SER D 369 30.51 -9.57 -87.01
N THR D 370 29.97 -10.79 -87.10
CA THR D 370 28.61 -11.02 -86.61
C THR D 370 28.50 -10.67 -85.14
N GLN D 371 29.61 -10.81 -84.39
CA GLN D 371 29.67 -10.38 -83.01
C GLN D 371 30.13 -8.94 -82.87
N GLN D 372 31.05 -8.50 -83.73
CA GLN D 372 31.58 -7.13 -83.64
C GLN D 372 30.48 -6.10 -83.86
N GLU D 373 29.61 -6.35 -84.83
CA GLU D 373 28.50 -5.43 -85.12
C GLU D 373 27.63 -5.24 -83.89
N VAL D 374 27.18 -6.36 -83.29
CA VAL D 374 26.33 -6.29 -82.11
C VAL D 374 27.08 -5.68 -80.94
N LEU D 375 28.38 -5.97 -80.82
CA LEU D 375 29.14 -5.43 -79.70
C LEU D 375 29.30 -3.92 -79.79
N ARG D 376 29.60 -3.41 -80.98
CA ARG D 376 29.67 -1.96 -81.16
C ARG D 376 28.31 -1.31 -80.91
N LEU D 377 27.24 -1.92 -81.41
CA LEU D 377 25.91 -1.36 -81.24
C LEU D 377 25.51 -1.34 -79.77
N SER D 378 25.86 -2.39 -79.01
CA SER D 378 25.57 -2.40 -77.58
C SER D 378 26.48 -1.45 -76.81
N ARG D 379 27.74 -1.31 -77.24
CA ARG D 379 28.66 -0.39 -76.59
C ARG D 379 28.12 1.02 -76.66
N ASP D 380 27.76 1.47 -77.87
CA ASP D 380 27.21 2.81 -78.00
C ASP D 380 26.03 3.01 -77.05
N VAL D 381 25.17 2.00 -76.94
CA VAL D 381 23.91 2.10 -76.21
C VAL D 381 24.11 2.19 -74.71
N GLU D 382 24.73 1.17 -74.11
CA GLU D 382 24.85 1.18 -72.66
C GLU D 382 25.93 2.16 -72.20
N SER D 383 26.89 2.49 -73.07
CA SER D 383 27.74 3.63 -72.78
C SER D 383 26.94 4.92 -72.74
N GLY D 384 25.96 5.06 -73.63
CA GLY D 384 25.12 6.24 -73.60
C GLY D 384 24.31 6.34 -72.32
N ARG D 385 23.69 5.25 -71.91
CA ARG D 385 23.01 5.24 -70.60
C ARG D 385 23.96 5.51 -69.44
N ALA D 386 25.17 4.96 -69.46
CA ALA D 386 26.09 5.23 -68.36
C ALA D 386 26.40 6.73 -68.27
N VAL D 387 26.75 7.33 -69.41
CA VAL D 387 27.03 8.77 -69.43
C VAL D 387 25.80 9.56 -69.03
N TYR D 388 24.62 9.12 -69.47
CA TYR D 388 23.37 9.80 -69.16
C TYR D 388 23.10 9.80 -67.65
N LEU D 389 23.25 8.64 -67.03
CA LEU D 389 23.07 8.53 -65.58
C LEU D 389 24.08 9.41 -64.86
N GLN D 390 25.34 9.39 -65.31
CA GLN D 390 26.34 10.26 -64.72
C GLN D 390 25.89 11.71 -64.80
N LEU D 391 25.47 12.15 -65.98
CA LEU D 391 25.09 13.55 -66.17
C LEU D 391 23.91 13.94 -65.30
N LEU D 392 22.95 13.03 -65.15
CA LEU D 392 21.85 13.28 -64.22
C LEU D 392 22.39 13.51 -62.82
N ASN D 393 23.30 12.64 -62.38
CA ASN D 393 23.94 12.84 -61.10
C ASN D 393 24.62 14.20 -61.04
N ARG D 394 25.25 14.57 -62.16
CA ARG D 394 26.13 15.73 -62.22
C ARG D 394 25.32 16.99 -62.00
N GLN D 395 24.24 17.10 -62.76
CA GLN D 395 23.27 18.17 -62.61
C GLN D 395 22.70 18.18 -61.20
N GLN D 396 22.44 16.98 -60.66
CA GLN D 396 21.81 16.90 -59.33
C GLN D 396 22.68 17.54 -58.27
N GLU D 397 23.91 17.07 -58.08
CA GLU D 397 24.62 17.62 -56.92
C GLU D 397 25.20 18.99 -57.25
N LEU D 398 25.33 19.33 -58.54
CA LEU D 398 25.62 20.72 -58.86
C LEU D 398 24.51 21.63 -58.37
N ASN D 399 23.26 21.20 -58.52
CA ASN D 399 22.17 21.94 -57.88
C ASN D 399 22.29 21.95 -56.36
N ILE D 400 22.92 20.95 -55.76
CA ILE D 400 23.05 20.91 -54.30
C ILE D 400 23.91 22.06 -53.80
N ALA D 401 24.86 22.50 -54.62
CA ALA D 401 25.60 23.70 -54.29
C ALA D 401 24.68 24.89 -54.06
N LYS D 402 23.59 24.99 -54.83
CA LYS D 402 22.75 26.17 -54.79
C LYS D 402 21.99 26.31 -53.47
N SER D 403 21.23 25.30 -53.08
CA SER D 403 20.32 25.49 -51.95
C SER D 403 20.96 25.20 -50.61
N SER D 404 22.29 25.08 -50.55
CA SER D 404 22.99 24.91 -49.28
C SER D 404 23.32 26.29 -48.73
N ALA D 405 22.82 26.57 -47.53
CA ALA D 405 22.97 27.90 -46.93
C ALA D 405 24.20 28.03 -46.06
N ILE D 406 25.02 27.00 -45.99
CA ILE D 406 26.23 27.01 -45.17
C ILE D 406 27.30 27.83 -45.89
N GLY D 407 28.14 28.50 -45.12
CA GLY D 407 29.20 29.31 -45.70
C GLY D 407 30.51 28.57 -45.71
N ASN D 408 31.38 28.87 -44.76
CA ASN D 408 32.66 28.19 -44.65
C ASN D 408 32.49 26.91 -43.83
N VAL D 409 33.12 25.84 -44.30
CA VAL D 409 32.95 24.52 -43.73
C VAL D 409 34.29 24.00 -43.23
N ARG D 410 35.11 24.93 -42.69
CA ARG D 410 36.45 24.61 -42.22
C ARG D 410 36.52 23.27 -41.50
N ILE D 411 37.56 22.51 -41.81
CA ILE D 411 37.93 21.32 -41.07
C ILE D 411 38.96 21.76 -40.03
N ILE D 412 38.69 21.43 -38.76
CA ILE D 412 39.57 21.89 -37.68
C ILE D 412 40.85 21.06 -37.66
N ASP D 413 40.71 19.74 -37.48
CA ASP D 413 41.87 18.86 -37.41
C ASP D 413 41.58 17.55 -38.12
N ASN D 414 42.51 17.14 -38.96
CA ASN D 414 42.34 15.92 -39.73
C ASN D 414 42.27 14.71 -38.82
N ALA D 415 41.69 13.64 -39.33
CA ALA D 415 41.44 12.45 -38.53
C ALA D 415 42.73 11.73 -38.19
N VAL D 416 42.83 11.29 -36.94
CA VAL D 416 43.93 10.44 -36.49
C VAL D 416 43.36 9.33 -35.63
N THR D 417 43.91 8.14 -35.77
CA THR D 417 43.36 6.96 -35.12
C THR D 417 43.93 6.82 -33.72
N ASP D 418 43.04 6.53 -32.78
CA ASP D 418 43.48 6.21 -31.43
C ASP D 418 44.31 4.93 -31.46
N PRO D 419 45.54 4.94 -30.99
CA PRO D 419 46.33 3.69 -31.00
C PRO D 419 45.72 2.59 -30.17
N ASN D 420 44.99 2.91 -29.12
CA ASN D 420 44.40 1.88 -28.28
C ASN D 420 43.14 1.34 -28.93
N PRO D 421 43.06 0.03 -29.19
CA PRO D 421 41.84 -0.52 -29.75
C PRO D 421 40.69 -0.46 -28.75
N VAL D 422 39.51 -0.13 -29.24
CA VAL D 422 38.35 -0.06 -28.36
C VAL D 422 37.63 -1.41 -28.28
N ARG D 423 37.73 -2.22 -29.32
CA ARG D 423 37.21 -3.58 -29.26
C ARG D 423 38.24 -4.50 -29.89
N PRO D 424 38.41 -5.73 -29.37
CA PRO D 424 37.64 -6.29 -28.26
C PRO D 424 38.01 -5.68 -26.92
N LYS D 425 37.01 -5.44 -26.07
CA LYS D 425 37.27 -4.78 -24.80
C LYS D 425 38.03 -5.71 -23.87
N LYS D 426 39.25 -5.34 -23.53
CA LYS D 426 40.00 -6.08 -22.52
C LYS D 426 39.32 -5.96 -21.17
N THR D 427 39.36 -7.04 -20.40
CA THR D 427 38.88 -7.09 -19.02
C THR D 427 37.39 -6.79 -18.89
N ILE D 428 36.66 -6.73 -19.99
CA ILE D 428 35.21 -6.57 -19.92
C ILE D 428 34.48 -7.79 -20.47
N ILE D 429 35.19 -8.71 -21.11
CA ILE D 429 34.62 -10.01 -21.46
C ILE D 429 35.23 -11.02 -20.52
N ILE D 430 36.43 -10.73 -20.03
CA ILE D 430 37.13 -11.66 -19.15
C ILE D 430 36.38 -11.79 -17.82
N VAL D 431 36.01 -10.65 -17.23
CA VAL D 431 35.19 -10.72 -16.03
C VAL D 431 33.85 -11.35 -16.34
N ILE D 432 33.30 -11.13 -17.54
CA ILE D 432 32.07 -11.80 -17.92
C ILE D 432 32.31 -13.30 -18.06
N GLY D 433 33.47 -13.70 -18.57
CA GLY D 433 33.80 -15.12 -18.55
C GLY D 433 33.82 -15.68 -17.14
N VAL D 434 34.36 -14.92 -16.19
CA VAL D 434 34.41 -15.34 -14.79
C VAL D 434 33.02 -15.54 -14.25
N VAL D 435 32.16 -14.50 -14.33
CA VAL D 435 30.83 -14.65 -13.76
C VAL D 435 29.99 -15.66 -14.53
N LEU D 436 30.25 -15.86 -15.81
CA LEU D 436 29.50 -16.86 -16.55
C LEU D 436 29.86 -18.26 -16.09
N GLY D 437 31.16 -18.52 -15.91
CA GLY D 437 31.57 -19.78 -15.31
C GLY D 437 31.00 -19.97 -13.92
N LEU D 438 30.99 -18.92 -13.11
CA LEU D 438 30.47 -19.02 -11.76
C LEU D 438 28.97 -19.34 -11.76
N ILE D 439 28.19 -18.64 -12.58
CA ILE D 439 26.75 -18.87 -12.61
C ILE D 439 26.42 -20.22 -13.22
N VAL D 440 27.12 -20.65 -14.28
CA VAL D 440 26.86 -21.99 -14.75
C VAL D 440 27.27 -23.02 -13.72
N SER D 441 28.30 -22.73 -12.92
CA SER D 441 28.68 -23.64 -11.85
C SER D 441 27.56 -23.78 -10.82
N VAL D 442 27.01 -22.67 -10.36
CA VAL D 442 25.98 -22.77 -9.34
C VAL D 442 24.74 -23.46 -9.90
N VAL D 443 24.33 -23.10 -11.12
CA VAL D 443 23.13 -23.71 -11.67
C VAL D 443 23.35 -25.18 -12.00
N LEU D 444 24.59 -25.61 -12.20
CA LEU D 444 24.84 -27.02 -12.46
C LEU D 444 24.98 -27.82 -11.17
N VAL D 445 25.66 -27.25 -10.17
CA VAL D 445 25.85 -27.93 -8.91
C VAL D 445 24.54 -28.08 -8.16
N LEU D 446 23.71 -27.02 -8.12
CA LEU D 446 22.42 -27.17 -7.48
C LEU D 446 21.52 -28.13 -8.24
N PHE D 447 21.63 -28.16 -9.56
CA PHE D 447 20.87 -29.10 -10.35
C PHE D 447 21.26 -30.53 -10.00
N GLN D 448 22.57 -30.81 -9.91
CA GLN D 448 23.00 -32.13 -9.46
C GLN D 448 22.60 -32.42 -8.03
N VAL D 449 22.52 -31.39 -7.18
CA VAL D 449 22.05 -31.58 -5.81
C VAL D 449 20.62 -32.10 -5.84
N PHE D 450 19.77 -31.47 -6.64
CA PHE D 450 18.39 -31.90 -6.76
C PHE D 450 18.23 -33.06 -7.73
N LEU D 451 19.33 -33.59 -8.25
CA LEU D 451 19.28 -34.76 -9.12
C LEU D 451 19.23 -36.05 -8.31
N ARG D 452 20.21 -36.27 -7.44
CA ARG D 452 20.26 -37.53 -6.70
C ARG D 452 19.15 -37.57 -5.67
N ARG D 453 18.64 -38.79 -5.43
CA ARG D 453 17.53 -39.02 -4.53
C ARG D 453 17.82 -40.04 -3.45
N GLY D 454 18.97 -40.69 -3.49
CA GLY D 454 19.27 -41.75 -2.55
C GLY D 454 19.43 -41.29 -1.11
N ILE D 455 19.68 -42.25 -0.22
CA ILE D 455 19.96 -41.94 1.17
C ILE D 455 21.22 -41.10 1.24
N GLU D 456 21.27 -40.18 2.20
CA GLU D 456 22.46 -39.38 2.43
C GLU D 456 23.01 -39.51 3.84
N SER D 457 22.21 -39.99 4.79
CA SER D 457 22.66 -40.13 6.16
C SER D 457 21.69 -40.98 6.96
N PRO D 458 22.16 -41.66 8.01
CA PRO D 458 21.26 -42.53 8.78
C PRO D 458 20.10 -41.79 9.40
N GLU D 459 20.20 -40.48 9.61
CA GLU D 459 19.07 -39.74 10.12
C GLU D 459 17.87 -39.80 9.20
N GLN D 460 18.08 -39.93 7.89
CA GLN D 460 16.96 -40.05 6.98
C GLN D 460 16.17 -41.31 7.28
N LEU D 461 16.85 -42.42 7.56
CA LEU D 461 16.14 -43.63 7.90
C LEU D 461 15.53 -43.55 9.29
N GLU D 462 16.28 -43.03 10.27
CA GLU D 462 15.76 -43.02 11.62
C GLU D 462 14.61 -42.04 11.79
N GLU D 463 14.44 -41.09 10.86
CA GLU D 463 13.23 -40.30 10.84
C GLU D 463 12.02 -41.17 10.56
N ILE D 464 12.15 -42.11 9.62
CA ILE D 464 11.09 -43.05 9.34
C ILE D 464 10.83 -44.00 10.50
N GLY D 465 11.82 -44.21 11.34
CA GLY D 465 11.66 -45.12 12.47
C GLY D 465 12.36 -46.44 12.24
N ILE D 466 13.56 -46.40 11.67
CA ILE D 466 14.32 -47.59 11.32
C ILE D 466 15.62 -47.55 12.11
N ASN D 467 15.87 -48.60 12.90
CA ASN D 467 17.07 -48.65 13.71
C ASN D 467 18.25 -49.01 12.83
N VAL D 468 19.01 -48.01 12.40
CA VAL D 468 20.20 -48.27 11.60
C VAL D 468 21.25 -48.88 12.52
N TYR D 469 21.56 -50.15 12.32
CA TYR D 469 22.49 -50.82 13.22
C TYR D 469 23.95 -50.55 12.90
N ALA D 470 24.25 -50.06 11.70
CA ALA D 470 25.64 -49.83 11.35
C ALA D 470 25.69 -48.93 10.12
N SER D 471 26.87 -48.38 9.88
CA SER D 471 27.16 -47.60 8.68
C SER D 471 28.50 -48.10 8.15
N ILE D 472 28.48 -49.15 7.35
CA ILE D 472 29.72 -49.74 6.88
C ILE D 472 30.34 -48.83 5.84
N PRO D 473 31.55 -48.33 6.04
CA PRO D 473 32.17 -47.45 5.05
C PRO D 473 32.67 -48.22 3.85
N ILE D 474 32.80 -47.50 2.73
CA ILE D 474 33.28 -48.12 1.50
C ILE D 474 34.75 -48.46 1.65
N SER D 475 35.12 -49.67 1.24
CA SER D 475 36.51 -50.11 1.27
C SER D 475 37.09 -50.06 -0.14
N GLU D 476 38.36 -49.65 -0.23
CA GLU D 476 38.99 -49.49 -1.53
C GLU D 476 39.09 -50.81 -2.28
N TRP D 477 39.39 -51.89 -1.56
CA TRP D 477 39.58 -53.20 -2.18
C TRP D 477 38.40 -53.62 -3.04
N ASP D 494 40.06 -62.42 -3.92
CA ASP D 494 38.68 -62.87 -3.87
C ASP D 494 38.29 -63.29 -2.46
N THR D 495 39.31 -63.48 -1.62
CA THR D 495 39.07 -63.94 -0.26
C THR D 495 38.38 -62.85 0.56
N LEU D 496 37.89 -63.24 1.73
CA LEU D 496 37.07 -62.34 2.53
C LEU D 496 37.90 -61.16 3.03
N LEU D 497 37.34 -59.96 2.94
CA LEU D 497 38.00 -58.79 3.47
C LEU D 497 38.28 -58.93 4.96
N ALA D 498 37.41 -59.62 5.68
CA ALA D 498 37.60 -59.82 7.11
C ALA D 498 38.76 -60.75 7.42
N VAL D 499 39.25 -61.50 6.44
CA VAL D 499 40.46 -62.31 6.62
C VAL D 499 41.58 -61.88 5.72
N GLY D 500 41.32 -61.06 4.70
CA GLY D 500 42.38 -60.55 3.85
C GLY D 500 43.06 -59.33 4.45
N ASN D 501 42.27 -58.35 4.85
CA ASN D 501 42.78 -57.10 5.42
C ASN D 501 42.05 -56.83 6.73
N PRO D 502 42.41 -57.56 7.79
CA PRO D 502 41.57 -57.55 8.99
C PRO D 502 41.41 -56.20 9.64
N ALA D 503 42.29 -55.24 9.36
CA ALA D 503 42.23 -53.95 10.03
C ALA D 503 41.61 -52.87 9.16
N ASP D 504 40.96 -53.24 8.06
CA ASP D 504 40.33 -52.23 7.22
C ASP D 504 39.12 -51.64 7.92
N LEU D 505 38.83 -50.37 7.61
CA LEU D 505 37.76 -49.67 8.30
C LEU D 505 36.45 -50.40 8.20
N ALA D 506 36.15 -50.93 7.01
CA ALA D 506 34.90 -51.67 6.86
C ALA D 506 34.82 -52.85 7.80
N VAL D 507 35.93 -53.53 8.04
CA VAL D 507 35.90 -54.64 8.98
C VAL D 507 35.73 -54.16 10.42
N GLU D 508 36.32 -53.03 10.80
CA GLU D 508 36.06 -52.52 12.14
C GLU D 508 34.60 -52.15 12.32
N ALA D 509 33.99 -51.53 11.31
CA ALA D 509 32.57 -51.22 11.39
C ALA D 509 31.73 -52.48 11.43
N ILE D 510 32.18 -53.55 10.77
CA ILE D 510 31.43 -54.79 10.84
C ILE D 510 31.58 -55.44 12.21
N ARG D 511 32.73 -55.29 12.85
CA ARG D 511 32.82 -55.73 14.24
C ARG D 511 31.89 -54.93 15.14
N GLY D 512 31.77 -53.63 14.88
CA GLY D 512 30.82 -52.83 15.63
C GLY D 512 29.40 -53.32 15.43
N LEU D 513 29.05 -53.68 14.20
CA LEU D 513 27.76 -54.30 13.95
C LEU D 513 27.64 -55.62 14.70
N ARG D 514 28.72 -56.39 14.79
CA ARG D 514 28.67 -57.63 15.55
C ARG D 514 28.30 -57.38 17.00
N THR D 515 28.92 -56.40 17.63
CA THR D 515 28.60 -56.13 19.03
C THR D 515 27.17 -55.64 19.19
N SER D 516 26.75 -54.71 18.31
CA SER D 516 25.40 -54.21 18.43
C SER D 516 24.37 -55.32 18.22
N LEU D 517 24.63 -56.23 17.30
CA LEU D 517 23.73 -57.36 17.11
C LEU D 517 23.74 -58.26 18.33
N HIS D 518 24.93 -58.64 18.80
CA HIS D 518 25.02 -59.53 19.95
C HIS D 518 24.24 -59.00 21.13
N PHE D 519 24.20 -57.68 21.29
CA PHE D 519 23.27 -57.16 22.29
C PHE D 519 21.83 -57.31 21.83
N ALA D 520 21.53 -56.91 20.59
CA ALA D 520 20.15 -56.89 20.14
C ALA D 520 19.63 -58.27 19.77
N MET D 521 20.49 -59.24 19.54
CA MET D 521 20.05 -60.55 19.08
C MET D 521 19.67 -61.48 20.22
N MET D 522 20.10 -61.20 21.44
CA MET D 522 19.66 -62.01 22.56
C MET D 522 18.16 -61.79 22.79
N GLU D 523 17.55 -62.73 23.51
CA GLU D 523 16.12 -62.81 23.84
C GLU D 523 15.21 -62.79 22.62
N ALA D 524 15.77 -62.92 21.41
CA ALA D 524 14.99 -63.27 20.23
C ALA D 524 14.64 -64.75 20.29
N LYS D 525 13.60 -65.14 19.54
CA LYS D 525 13.06 -66.48 19.72
C LYS D 525 14.05 -67.57 19.33
N ASN D 526 14.95 -67.30 18.40
CA ASN D 526 15.98 -68.27 18.05
C ASN D 526 17.18 -67.52 17.50
N ASN D 527 18.25 -68.27 17.22
CA ASN D 527 19.53 -67.70 16.82
C ASN D 527 19.70 -67.64 15.30
N VAL D 528 18.63 -67.44 14.55
CA VAL D 528 18.71 -67.33 13.10
C VAL D 528 18.61 -65.86 12.75
N LEU D 529 19.50 -65.40 11.87
CA LEU D 529 19.53 -64.02 11.43
C LEU D 529 19.34 -63.99 9.93
N MET D 530 18.37 -63.22 9.46
CA MET D 530 18.09 -63.09 8.04
C MET D 530 18.50 -61.70 7.61
N ILE D 531 19.40 -61.63 6.63
CA ILE D 531 19.88 -60.36 6.12
C ILE D 531 19.44 -60.25 4.67
N SER D 532 18.60 -59.25 4.39
CA SER D 532 18.02 -59.08 3.07
C SER D 532 18.45 -57.74 2.51
N GLY D 533 19.07 -57.77 1.33
CA GLY D 533 19.40 -56.53 0.67
C GLY D 533 18.13 -55.79 0.26
N ALA D 534 18.24 -54.47 0.20
CA ALA D 534 17.10 -53.71 -0.29
C ALA D 534 16.96 -53.79 -1.79
N SER D 535 17.98 -54.28 -2.47
CA SER D 535 18.07 -54.31 -3.91
C SER D 535 19.27 -55.17 -4.29
N PRO D 536 19.33 -55.72 -5.49
CA PRO D 536 20.59 -56.27 -5.95
C PRO D 536 21.60 -55.12 -6.03
N SER D 537 22.87 -55.47 -5.84
CA SER D 537 23.94 -54.48 -5.77
C SER D 537 23.73 -53.53 -4.58
N ALA D 538 23.22 -54.07 -3.48
CA ALA D 538 23.27 -53.38 -2.21
C ALA D 538 24.35 -53.92 -1.29
N GLY D 539 25.08 -54.94 -1.73
CA GLY D 539 26.16 -55.48 -0.94
C GLY D 539 25.74 -56.44 0.13
N MET D 540 24.58 -57.10 -0.04
CA MET D 540 24.11 -58.02 0.98
C MET D 540 25.15 -59.07 1.30
N THR D 541 25.75 -59.69 0.28
CA THR D 541 26.65 -60.79 0.55
C THR D 541 27.99 -60.32 1.08
N PHE D 542 28.44 -59.13 0.70
CA PHE D 542 29.64 -58.55 1.30
C PHE D 542 29.49 -58.48 2.82
N ILE D 543 28.43 -57.82 3.27
CA ILE D 543 28.22 -57.63 4.70
C ILE D 543 27.98 -58.96 5.37
N SER D 544 27.13 -59.81 4.79
CA SER D 544 26.82 -61.07 5.45
C SER D 544 28.06 -61.94 5.61
N SER D 545 28.87 -62.05 4.56
CA SER D 545 30.05 -62.90 4.62
C SER D 545 31.05 -62.35 5.62
N ASN D 546 31.35 -61.06 5.56
CA ASN D 546 32.34 -60.53 6.50
C ASN D 546 31.84 -60.62 7.93
N LEU D 547 30.55 -60.36 8.13
CA LEU D 547 30.00 -60.47 9.47
C LEU D 547 30.11 -61.90 9.98
N ALA D 548 29.85 -62.88 9.13
CA ALA D 548 30.02 -64.26 9.54
C ALA D 548 31.47 -64.56 9.89
N ALA D 549 32.42 -64.01 9.13
CA ALA D 549 33.82 -64.24 9.45
C ALA D 549 34.18 -63.62 10.80
N THR D 550 33.74 -62.39 11.02
CA THR D 550 34.07 -61.68 12.25
C THR D 550 33.42 -62.32 13.46
N ILE D 551 32.29 -63.00 13.27
CA ILE D 551 31.70 -63.74 14.38
C ILE D 551 32.34 -65.10 14.55
N ALA D 552 32.82 -65.72 13.48
CA ALA D 552 33.45 -67.03 13.61
C ALA D 552 34.79 -66.92 14.31
N ILE D 553 35.58 -65.90 13.96
CA ILE D 553 36.90 -65.77 14.60
C ILE D 553 36.75 -65.56 16.09
N THR D 554 35.62 -65.03 16.54
CA THR D 554 35.38 -64.87 17.96
C THR D 554 35.40 -66.21 18.67
N GLY D 555 34.86 -67.25 18.06
CA GLY D 555 34.87 -68.56 18.65
C GLY D 555 33.52 -69.25 18.63
N LYS D 556 32.58 -68.68 17.90
CA LYS D 556 31.26 -69.29 17.77
C LYS D 556 31.15 -70.08 16.47
N LYS D 557 30.38 -71.15 16.52
CA LYS D 557 30.08 -71.92 15.33
C LYS D 557 29.06 -71.15 14.51
N VAL D 558 29.39 -70.83 13.27
CA VAL D 558 28.53 -70.01 12.42
C VAL D 558 28.22 -70.77 11.15
N LEU D 559 26.94 -70.74 10.75
CA LEU D 559 26.50 -71.33 9.51
C LEU D 559 25.97 -70.22 8.61
N PHE D 560 26.38 -70.23 7.35
CA PHE D 560 26.04 -69.18 6.41
C PHE D 560 25.23 -69.79 5.27
N ILE D 561 23.92 -69.63 5.32
CA ILE D 561 23.04 -70.18 4.30
C ILE D 561 22.81 -69.12 3.23
N ASP D 562 23.06 -69.47 1.98
CA ASP D 562 22.83 -68.55 0.87
C ASP D 562 21.52 -68.94 0.21
N ALA D 563 20.42 -68.46 0.79
CA ALA D 563 19.10 -68.82 0.30
C ALA D 563 18.66 -67.90 -0.83
N ASP D 564 19.61 -67.30 -1.54
CA ASP D 564 19.30 -66.51 -2.73
C ASP D 564 19.32 -67.46 -3.91
N LEU D 565 18.25 -68.23 -4.05
CA LEU D 565 18.20 -69.28 -5.06
C LEU D 565 18.13 -68.73 -6.47
N ARG D 566 17.89 -67.44 -6.67
CA ARG D 566 17.68 -66.96 -8.02
C ARG D 566 18.99 -66.61 -8.72
N LYS D 567 19.79 -65.73 -8.13
CA LYS D 567 21.09 -65.42 -8.72
C LYS D 567 22.17 -65.31 -7.65
N GLY D 568 22.18 -66.26 -6.71
CA GLY D 568 23.20 -66.26 -5.69
C GLY D 568 24.54 -66.71 -6.24
N TYR D 569 25.61 -66.09 -5.71
CA TYR D 569 26.96 -66.37 -6.22
C TYR D 569 27.99 -66.45 -5.11
N ALA D 570 27.58 -66.67 -3.86
CA ALA D 570 28.55 -66.79 -2.78
C ALA D 570 29.50 -67.96 -3.00
N HIS D 571 28.95 -69.09 -3.48
CA HIS D 571 29.80 -70.23 -3.79
C HIS D 571 30.84 -69.90 -4.86
N LYS D 572 30.55 -68.95 -5.75
CA LYS D 572 31.55 -68.50 -6.71
C LYS D 572 32.66 -67.68 -6.07
N MET D 573 32.50 -67.30 -4.81
CA MET D 573 33.47 -66.47 -4.13
C MET D 573 34.19 -67.15 -2.98
N PHE D 574 33.57 -68.14 -2.35
CA PHE D 574 34.22 -68.84 -1.26
C PHE D 574 35.03 -70.05 -1.70
N GLY D 575 34.92 -70.46 -2.97
CA GLY D 575 35.46 -71.74 -3.37
C GLY D 575 34.46 -72.80 -2.98
N HIS D 576 34.08 -73.68 -3.91
CA HIS D 576 32.87 -74.43 -3.70
C HIS D 576 32.91 -75.78 -4.40
N LYS D 577 32.06 -76.68 -3.91
CA LYS D 577 31.57 -77.84 -4.64
C LYS D 577 30.14 -77.49 -5.05
N ASN D 578 29.98 -77.07 -6.30
CA ASN D 578 28.71 -76.50 -6.75
C ASN D 578 27.56 -77.49 -6.65
N ASP D 579 27.82 -78.78 -6.77
CA ASP D 579 26.78 -79.77 -6.64
C ASP D 579 26.26 -79.82 -5.21
N LYS D 580 25.00 -80.23 -5.08
CA LYS D 580 24.38 -80.46 -3.78
C LYS D 580 24.42 -79.21 -2.90
N GLY D 581 23.95 -78.10 -3.46
CA GLY D 581 23.82 -76.86 -2.72
C GLY D 581 22.60 -76.89 -1.82
N LEU D 582 21.92 -75.74 -1.74
CA LEU D 582 20.69 -75.67 -0.97
C LEU D 582 19.51 -76.21 -1.75
N SER D 583 19.41 -75.83 -3.03
CA SER D 583 18.26 -76.24 -3.83
C SER D 583 18.18 -77.74 -3.95
N GLU D 584 19.33 -78.41 -4.10
CA GLU D 584 19.33 -79.86 -4.16
C GLU D 584 18.88 -80.50 -2.85
N PHE D 585 18.83 -79.74 -1.75
CA PHE D 585 18.32 -80.29 -0.51
C PHE D 585 16.81 -80.13 -0.42
N LEU D 586 16.29 -78.95 -0.73
CA LEU D 586 14.85 -78.75 -0.72
C LEU D 586 14.17 -79.71 -1.69
N SER D 587 14.83 -80.03 -2.80
CA SER D 587 14.29 -80.99 -3.74
C SER D 587 14.25 -82.40 -3.16
N GLY D 588 14.90 -82.63 -2.02
CA GLY D 588 14.91 -83.94 -1.41
C GLY D 588 15.92 -84.90 -1.97
N GLN D 589 16.75 -84.48 -2.91
CA GLN D 589 17.75 -85.34 -3.52
C GLN D 589 19.12 -85.19 -2.87
N ALA D 590 19.20 -84.54 -1.71
CA ALA D 590 20.45 -84.40 -0.99
C ALA D 590 20.17 -84.44 0.49
N ALA D 591 21.16 -84.87 1.27
CA ALA D 591 21.01 -84.96 2.71
C ALA D 591 21.47 -83.68 3.37
N ALA D 592 21.12 -83.53 4.65
CA ALA D 592 21.44 -82.31 5.37
C ALA D 592 22.93 -82.11 5.57
N GLU D 593 23.68 -83.18 5.79
CA GLU D 593 25.12 -83.06 6.03
C GLU D 593 25.92 -82.98 4.75
N MET D 594 25.39 -83.48 3.65
CA MET D 594 26.14 -83.54 2.41
C MET D 594 26.25 -82.17 1.74
N ILE D 595 25.54 -81.16 2.22
CA ILE D 595 25.48 -79.88 1.54
C ILE D 595 26.36 -78.86 2.26
N ILE D 596 26.68 -79.13 3.52
CA ILE D 596 27.45 -78.19 4.32
C ILE D 596 28.91 -78.23 3.91
N ASP D 597 29.56 -77.07 3.96
CA ASP D 597 30.93 -76.91 3.50
C ASP D 597 31.79 -76.29 4.61
N LYS D 598 33.02 -75.93 4.24
CA LYS D 598 33.96 -75.25 5.12
C LYS D 598 34.64 -74.15 4.31
N VAL D 599 34.37 -72.89 4.65
CA VAL D 599 35.19 -71.82 4.12
C VAL D 599 36.48 -71.80 4.93
N GLU D 600 37.59 -72.22 4.32
CA GLU D 600 38.83 -72.34 5.08
C GLU D 600 39.29 -71.00 5.61
N GLY D 601 38.97 -69.92 4.91
CA GLY D 601 39.37 -68.60 5.36
C GLY D 601 38.57 -68.13 6.56
N GLY D 602 37.27 -67.92 6.37
CA GLY D 602 36.45 -67.39 7.44
C GLY D 602 36.33 -68.33 8.63
N GLY D 603 36.37 -69.63 8.38
CA GLY D 603 36.15 -70.57 9.46
C GLY D 603 34.71 -70.71 9.87
N PHE D 604 33.78 -70.62 8.93
CA PHE D 604 32.37 -70.81 9.20
C PHE D 604 31.77 -71.74 8.16
N ASP D 605 30.78 -72.53 8.58
CA ASP D 605 30.15 -73.47 7.68
C ASP D 605 29.24 -72.74 6.70
N TYR D 606 29.30 -73.17 5.44
CA TYR D 606 28.68 -72.45 4.34
C TYR D 606 27.77 -73.38 3.56
N ILE D 607 26.58 -72.91 3.22
CA ILE D 607 25.64 -73.66 2.39
C ILE D 607 25.33 -72.85 1.15
N GLY D 608 25.75 -73.34 0.00
CA GLY D 608 25.51 -72.63 -1.24
C GLY D 608 24.15 -72.93 -1.80
N ARG D 609 23.71 -72.08 -2.74
CA ARG D 609 22.40 -72.27 -3.33
C ARG D 609 22.33 -73.51 -4.21
N GLY D 610 23.45 -73.96 -4.75
CA GLY D 610 23.40 -75.06 -5.69
C GLY D 610 22.84 -74.60 -7.02
N GLN D 611 22.21 -75.52 -7.73
CA GLN D 611 21.65 -75.20 -9.04
C GLN D 611 20.42 -74.31 -8.89
N ILE D 612 20.28 -73.36 -9.81
CA ILE D 612 19.11 -72.50 -9.83
C ILE D 612 17.90 -73.36 -10.19
N PRO D 613 16.92 -73.47 -9.31
CA PRO D 613 15.75 -74.28 -9.63
C PRO D 613 14.75 -73.48 -10.42
N PRO D 614 13.77 -74.13 -11.05
CA PRO D 614 12.75 -73.38 -11.79
C PRO D 614 11.67 -72.79 -10.90
N ASN D 615 11.51 -73.28 -9.67
CA ASN D 615 10.47 -72.82 -8.75
C ASN D 615 11.09 -72.48 -7.41
N PRO D 616 11.74 -71.32 -7.31
CA PRO D 616 12.37 -70.95 -6.04
C PRO D 616 11.37 -70.82 -4.89
N ALA D 617 10.40 -69.92 -5.06
CA ALA D 617 9.48 -69.63 -3.97
C ALA D 617 8.64 -70.84 -3.63
N GLU D 618 8.38 -71.69 -4.61
CA GLU D 618 7.68 -72.94 -4.33
C GLU D 618 8.55 -73.91 -3.55
N LEU D 619 9.86 -73.87 -3.78
CA LEU D 619 10.77 -74.71 -3.02
C LEU D 619 10.86 -74.25 -1.58
N LEU D 620 11.05 -72.94 -1.37
CA LEU D 620 11.32 -72.45 -0.02
C LEU D 620 10.16 -72.73 0.93
N MET D 621 8.97 -72.96 0.39
CA MET D 621 7.84 -73.27 1.27
C MET D 621 7.85 -74.71 1.73
N HIS D 622 8.71 -75.55 1.17
CA HIS D 622 8.73 -76.94 1.55
C HIS D 622 9.17 -77.08 3.00
N PRO D 623 8.57 -77.99 3.77
CA PRO D 623 8.92 -78.09 5.21
C PRO D 623 10.35 -78.53 5.48
N ARG D 624 11.06 -79.03 4.48
CA ARG D 624 12.46 -79.36 4.70
C ARG D 624 13.27 -78.14 5.09
N PHE D 625 12.86 -76.95 4.66
CA PHE D 625 13.55 -75.75 5.10
C PHE D 625 13.36 -75.54 6.60
N GLU D 626 12.16 -75.77 7.09
CA GLU D 626 11.91 -75.72 8.52
C GLU D 626 12.78 -76.72 9.26
N GLN D 627 12.87 -77.94 8.73
CA GLN D 627 13.69 -78.96 9.39
C GLN D 627 15.15 -78.55 9.41
N LEU D 628 15.64 -78.02 8.29
CA LEU D 628 17.03 -77.62 8.20
C LEU D 628 17.36 -76.55 9.23
N LEU D 629 16.53 -75.52 9.31
CA LEU D 629 16.80 -74.47 10.28
C LEU D 629 16.69 -74.99 11.71
N ASN D 630 15.69 -75.82 11.99
CA ASN D 630 15.56 -76.35 13.34
C ASN D 630 16.77 -77.18 13.74
N TRP D 631 17.30 -77.96 12.80
CA TRP D 631 18.47 -78.76 13.09
C TRP D 631 19.70 -77.89 13.27
N ALA D 632 19.92 -76.94 12.35
CA ALA D 632 21.11 -76.12 12.41
C ALA D 632 21.14 -75.25 13.66
N SER D 633 20.00 -74.68 14.03
CA SER D 633 19.95 -73.77 15.18
C SER D 633 20.26 -74.53 16.46
N GLN D 634 20.21 -75.86 16.38
CA GLN D 634 20.68 -76.70 17.48
C GLN D 634 22.13 -77.07 17.32
N ASN D 635 22.64 -77.17 16.09
CA ASN D 635 24.04 -77.51 15.89
C ASN D 635 24.93 -76.31 15.59
N TYR D 636 24.42 -75.09 15.68
CA TYR D 636 25.22 -73.91 15.41
C TYR D 636 24.85 -72.80 16.36
N ASP D 637 25.80 -71.88 16.57
CA ASP D 637 25.58 -70.73 17.43
C ASP D 637 24.86 -69.60 16.73
N LEU D 638 25.13 -69.41 15.44
CA LEU D 638 24.48 -68.36 14.67
C LEU D 638 24.26 -68.86 13.26
N ILE D 639 23.14 -68.46 12.66
CA ILE D 639 22.80 -68.84 11.30
C ILE D 639 22.46 -67.56 10.55
N ILE D 640 23.20 -67.28 9.49
CA ILE D 640 22.96 -66.11 8.66
C ILE D 640 22.37 -66.58 7.35
N ILE D 641 21.32 -65.90 6.89
CA ILE D 641 20.63 -66.26 5.67
C ILE D 641 20.68 -65.08 4.72
N ASP D 642 21.04 -65.34 3.48
CA ASP D 642 20.97 -64.34 2.42
C ASP D 642 19.68 -64.57 1.64
N THR D 643 18.90 -63.52 1.45
CA THR D 643 17.65 -63.63 0.74
C THR D 643 17.58 -62.61 -0.37
N PRO D 644 16.83 -62.89 -1.43
CA PRO D 644 16.64 -61.91 -2.48
C PRO D 644 15.87 -60.72 -1.94
N PRO D 645 15.92 -59.58 -2.63
CA PRO D 645 15.13 -58.44 -2.19
C PRO D 645 13.65 -58.81 -2.10
N ILE D 646 12.93 -58.06 -1.27
CA ILE D 646 11.50 -58.23 -1.17
C ILE D 646 10.76 -57.38 -2.19
N LEU D 647 11.41 -56.36 -2.74
CA LEU D 647 10.82 -55.60 -3.83
C LEU D 647 10.78 -56.38 -5.13
N ALA D 648 11.55 -57.47 -5.23
CA ALA D 648 11.65 -58.20 -6.48
C ALA D 648 10.94 -59.54 -6.44
N VAL D 649 11.14 -60.33 -5.39
CA VAL D 649 10.49 -61.61 -5.24
C VAL D 649 9.91 -61.69 -3.84
N THR D 650 9.29 -62.83 -3.53
CA THR D 650 8.69 -63.05 -2.22
C THR D 650 9.47 -64.03 -1.37
N ASP D 651 10.70 -64.37 -1.76
CA ASP D 651 11.46 -65.35 -1.00
C ASP D 651 11.76 -64.85 0.40
N ALA D 652 12.11 -63.58 0.53
CA ALA D 652 12.48 -63.05 1.83
C ALA D 652 11.34 -63.17 2.82
N ALA D 653 10.11 -62.93 2.39
CA ALA D 653 8.96 -63.06 3.27
C ALA D 653 8.59 -64.49 3.55
N ILE D 654 9.14 -65.44 2.81
CA ILE D 654 8.95 -66.84 3.13
C ILE D 654 9.95 -67.31 4.17
N ILE D 655 11.20 -66.86 4.04
CA ILE D 655 12.20 -67.25 5.02
C ILE D 655 12.00 -66.51 6.34
N GLY D 656 11.62 -65.24 6.29
CA GLY D 656 11.36 -64.50 7.50
C GLY D 656 10.28 -65.10 8.37
N ARG D 657 9.60 -66.13 7.85
CA ARG D 657 8.68 -66.89 8.68
C ARG D 657 9.40 -67.45 9.91
N TYR D 658 10.69 -67.74 9.77
CA TYR D 658 11.42 -68.56 10.73
C TYR D 658 12.61 -67.84 11.34
N ALA D 659 12.86 -66.60 11.00
CA ALA D 659 14.06 -65.90 11.41
C ALA D 659 13.80 -65.13 12.70
N GLY D 660 14.72 -65.24 13.66
CA GLY D 660 14.59 -64.46 14.87
C GLY D 660 14.80 -62.98 14.65
N THR D 661 15.69 -62.62 13.74
CA THR D 661 16.00 -61.23 13.46
C THR D 661 16.14 -61.03 11.96
N CYS D 662 15.55 -59.96 11.45
CA CYS D 662 15.62 -59.65 10.03
C CYS D 662 16.16 -58.25 9.86
N LEU D 663 17.11 -58.08 8.95
CA LEU D 663 17.78 -56.81 8.74
C LEU D 663 17.77 -56.47 7.27
N LEU D 664 17.66 -55.18 6.97
CA LEU D 664 17.79 -54.72 5.60
C LEU D 664 19.15 -54.08 5.40
N VAL D 665 19.72 -54.28 4.22
CA VAL D 665 20.99 -53.67 3.83
C VAL D 665 20.71 -52.70 2.71
N ALA D 666 21.18 -51.47 2.85
CA ALA D 666 20.89 -50.41 1.88
C ALA D 666 22.19 -49.74 1.49
N ARG D 667 22.49 -49.73 0.19
CA ARG D 667 23.64 -48.99 -0.29
C ARG D 667 23.49 -47.52 0.06
N PHE D 668 24.61 -46.82 0.17
CA PHE D 668 24.58 -45.47 0.71
C PHE D 668 23.77 -44.51 -0.14
N GLU D 669 24.13 -44.35 -1.40
CA GLU D 669 23.45 -43.39 -2.24
C GLU D 669 22.57 -44.03 -3.30
N LYS D 670 22.56 -45.36 -3.41
CA LYS D 670 21.72 -45.98 -4.42
C LYS D 670 20.28 -46.09 -3.95
N ASN D 671 20.04 -46.87 -2.89
CA ASN D 671 18.68 -47.14 -2.48
C ASN D 671 18.08 -45.93 -1.81
N THR D 672 16.81 -45.66 -2.11
CA THR D 672 16.15 -44.48 -1.59
C THR D 672 15.45 -44.81 -0.28
N VAL D 673 14.95 -43.77 0.37
CA VAL D 673 14.16 -44.01 1.57
C VAL D 673 12.89 -44.75 1.23
N LYS D 674 12.30 -44.48 0.07
CA LYS D 674 11.06 -45.15 -0.31
C LYS D 674 11.27 -46.66 -0.43
N GLU D 675 12.39 -47.09 -0.99
CA GLU D 675 12.59 -48.53 -1.12
C GLU D 675 12.66 -49.20 0.24
N ILE D 676 13.34 -48.59 1.21
CA ILE D 676 13.41 -49.20 2.53
C ILE D 676 12.05 -49.17 3.21
N ASP D 677 11.32 -48.06 3.07
CA ASP D 677 10.00 -47.98 3.68
C ASP D 677 9.07 -49.04 3.11
N VAL D 678 9.04 -49.15 1.79
CA VAL D 678 8.16 -50.13 1.16
C VAL D 678 8.58 -51.54 1.51
N SER D 679 9.90 -51.79 1.57
CA SER D 679 10.35 -53.12 1.93
C SER D 679 9.98 -53.49 3.35
N MET D 680 10.13 -52.56 4.29
CA MET D 680 9.72 -52.88 5.65
C MET D 680 8.22 -53.07 5.78
N LYS D 681 7.43 -52.23 5.10
CA LYS D 681 5.99 -52.42 5.20
C LYS D 681 5.54 -53.72 4.54
N ARG D 682 6.13 -54.08 3.41
CA ARG D 682 5.79 -55.35 2.77
C ARG D 682 6.29 -56.52 3.57
N PHE D 683 7.34 -56.37 4.34
CA PHE D 683 7.71 -57.41 5.28
C PHE D 683 6.66 -57.54 6.37
N GLU D 684 6.17 -56.43 6.87
CA GLU D 684 5.17 -56.48 7.94
C GLU D 684 3.88 -57.12 7.46
N GLN D 685 3.45 -56.81 6.23
CA GLN D 685 2.26 -57.45 5.70
C GLN D 685 2.38 -58.96 5.72
N SER D 686 3.58 -59.47 5.58
CA SER D 686 3.80 -60.89 5.51
C SER D 686 4.08 -61.52 6.86
N GLY D 687 3.94 -60.76 7.94
CA GLY D 687 4.17 -61.28 9.26
C GLY D 687 5.63 -61.28 9.69
N VAL D 688 6.49 -60.59 8.97
CA VAL D 688 7.91 -60.54 9.27
C VAL D 688 8.24 -59.13 9.75
N VAL D 689 8.77 -59.02 10.95
CA VAL D 689 9.09 -57.73 11.55
C VAL D 689 10.57 -57.47 11.32
N VAL D 690 10.87 -56.46 10.50
CA VAL D 690 12.24 -56.10 10.21
C VAL D 690 12.82 -55.37 11.40
N LYS D 691 13.86 -55.94 12.00
CA LYS D 691 14.44 -55.35 13.20
C LYS D 691 14.99 -53.96 12.92
N GLY D 692 15.71 -53.80 11.82
CA GLY D 692 16.29 -52.52 11.49
C GLY D 692 17.01 -52.59 10.18
N CYS D 693 17.80 -51.56 9.90
CA CYS D 693 18.52 -51.46 8.64
C CYS D 693 20.01 -51.49 8.90
N ILE D 694 20.78 -51.69 7.83
CA ILE D 694 22.23 -51.65 7.89
C ILE D 694 22.71 -50.84 6.69
N LEU D 695 22.95 -49.55 6.89
CA LEU D 695 23.47 -48.75 5.80
C LEU D 695 24.80 -49.32 5.36
N ASN D 696 25.11 -49.17 4.08
CA ASN D 696 26.27 -49.85 3.53
C ASN D 696 26.92 -48.97 2.47
N GLY D 697 28.22 -49.17 2.29
CA GLY D 697 28.94 -48.43 1.27
C GLY D 697 28.88 -46.93 1.45
N VAL D 698 28.90 -46.46 2.69
CA VAL D 698 28.89 -45.04 2.95
C VAL D 698 30.28 -44.47 2.70
N VAL D 699 30.35 -43.33 2.01
CA VAL D 699 31.62 -42.75 1.64
C VAL D 699 32.36 -42.27 2.89
N LYS D 700 33.69 -42.35 2.85
CA LYS D 700 34.49 -41.97 4.00
C LYS D 700 34.38 -40.49 4.34
N LYS D 701 33.83 -39.67 3.44
CA LYS D 701 33.55 -38.29 3.80
C LYS D 701 32.42 -38.22 4.83
N ALA D 702 31.44 -39.11 4.72
CA ALA D 702 30.28 -39.09 5.59
C ALA D 702 30.33 -40.11 6.71
N SER D 703 31.28 -41.04 6.68
CA SER D 703 31.40 -42.01 7.75
C SER D 703 32.27 -41.45 8.87
N SER D 704 31.87 -41.72 10.10
CA SER D 704 32.62 -41.28 11.26
C SER D 704 33.82 -42.16 11.56
N TYR D 705 33.98 -43.27 10.86
CA TYR D 705 35.08 -44.18 11.11
C TYR D 705 36.37 -43.62 10.54
N TYR D 706 37.47 -43.91 11.23
CA TYR D 706 38.80 -43.52 10.78
C TYR D 706 39.82 -44.49 11.35
N ARG D 707 41.01 -44.47 10.78
CA ARG D 707 42.06 -45.36 11.25
C ARG D 707 42.47 -45.01 12.66
N TYR D 708 42.89 -46.01 13.41
CA TYR D 708 43.25 -45.82 14.81
C TYR D 708 44.29 -46.87 15.17
N GLY D 709 45.54 -46.45 15.32
CA GLY D 709 46.61 -47.37 15.66
C GLY D 709 47.82 -47.24 14.75
N ILE E 17 26.15 -14.12 19.27
CA ILE E 17 26.18 -13.24 18.10
C ILE E 17 25.55 -11.90 18.45
N ASP E 18 24.97 -11.84 19.64
CA ASP E 18 24.32 -10.63 20.11
C ASP E 18 25.36 -9.55 20.42
N LEU E 19 24.89 -8.31 20.45
CA LEU E 19 25.71 -7.14 20.75
C LEU E 19 26.66 -7.40 21.92
N GLY E 20 26.15 -7.98 23.00
CA GLY E 20 26.99 -8.34 24.11
C GLY E 20 28.05 -9.35 23.71
N ARG E 21 27.63 -10.38 22.98
CA ARG E 21 28.58 -11.35 22.46
C ARG E 21 29.54 -10.69 21.49
N VAL E 22 29.05 -9.75 20.67
CA VAL E 22 29.90 -9.08 19.70
C VAL E 22 31.02 -8.32 20.42
N ILE E 23 30.67 -7.50 21.40
CA ILE E 23 31.68 -6.72 22.09
C ILE E 23 32.60 -7.62 22.89
N GLY E 24 32.06 -8.70 23.48
CA GLY E 24 32.89 -9.62 24.21
C GLY E 24 33.96 -10.24 23.34
N GLU E 25 33.56 -10.75 22.17
CA GLU E 25 34.54 -11.36 21.27
C GLU E 25 35.47 -10.32 20.69
N LEU E 26 34.98 -9.09 20.47
CA LEU E 26 35.85 -8.05 19.94
C LEU E 26 36.95 -7.71 20.93
N ILE E 27 36.60 -7.55 22.21
CA ILE E 27 37.62 -7.30 23.22
C ILE E 27 38.50 -8.53 23.37
N ASP E 28 37.92 -9.73 23.26
CA ASP E 28 38.72 -10.94 23.29
C ASP E 28 39.69 -10.98 22.12
N HIS E 29 39.20 -10.64 20.93
CA HIS E 29 40.04 -10.54 19.74
C HIS E 29 40.51 -9.12 19.49
N ARG E 30 40.61 -8.29 20.54
CA ARG E 30 41.03 -6.91 20.35
C ARG E 30 42.40 -6.84 19.72
N LYS E 31 43.29 -7.78 20.05
CA LYS E 31 44.60 -7.80 19.40
C LYS E 31 44.47 -7.89 17.89
N LEU E 32 43.65 -8.83 17.40
CA LEU E 32 43.52 -9.03 15.96
C LEU E 32 42.90 -7.81 15.29
N ILE E 33 41.77 -7.32 15.82
CA ILE E 33 41.07 -6.22 15.17
C ILE E 33 41.95 -4.98 15.14
N ILE E 34 42.55 -4.63 16.28
CA ILE E 34 43.39 -3.43 16.28
C ILE E 34 44.61 -3.65 15.39
N SER E 35 45.15 -4.87 15.34
CA SER E 35 46.33 -5.11 14.52
C SER E 35 46.04 -4.88 13.04
N ILE E 36 44.98 -5.51 12.52
CA ILE E 36 44.74 -5.41 11.08
C ILE E 36 44.20 -4.04 10.71
N THR E 37 43.31 -3.47 11.53
CA THR E 37 42.85 -2.12 11.23
C THR E 37 44.02 -1.14 11.29
N SER E 38 44.90 -1.28 12.28
CA SER E 38 46.04 -0.38 12.39
C SER E 38 47.00 -0.56 11.23
N VAL E 39 47.21 -1.80 10.77
CA VAL E 39 48.15 -1.98 9.67
C VAL E 39 47.57 -1.43 8.37
N PHE E 40 46.27 -1.56 8.15
CA PHE E 40 45.68 -0.94 6.96
C PHE E 40 45.70 0.58 7.06
N THR E 41 45.49 1.12 8.26
CA THR E 41 45.65 2.55 8.41
C THR E 41 47.10 2.95 8.16
N LEU E 42 48.05 2.10 8.53
CA LEU E 42 49.45 2.37 8.24
C LEU E 42 49.72 2.40 6.74
N PHE E 43 49.14 1.45 6.00
CA PHE E 43 49.26 1.50 4.54
C PHE E 43 48.64 2.78 4.00
N ALA E 44 47.49 3.18 4.54
CA ALA E 44 46.86 4.41 4.10
C ALA E 44 47.74 5.63 4.37
N ILE E 45 48.36 5.68 5.55
CA ILE E 45 49.25 6.79 5.87
C ILE E 45 50.44 6.83 4.92
N LEU E 46 51.09 5.67 4.73
CA LEU E 46 52.28 5.68 3.89
C LEU E 46 51.92 6.01 2.44
N TYR E 47 50.76 5.57 1.97
CA TYR E 47 50.34 5.92 0.62
C TYR E 47 50.02 7.39 0.50
N ALA E 48 49.31 7.95 1.49
CA ALA E 48 49.01 9.36 1.49
C ALA E 48 50.27 10.22 1.57
N LEU E 49 51.33 9.71 2.20
CA LEU E 49 52.56 10.48 2.31
C LEU E 49 53.56 10.18 1.20
N LEU E 50 53.33 9.15 0.39
CA LEU E 50 54.22 8.84 -0.71
C LEU E 50 53.63 9.11 -2.08
N ALA E 51 52.30 9.09 -2.22
CA ALA E 51 51.69 9.36 -3.52
C ALA E 51 52.03 10.76 -3.98
N THR E 52 52.50 10.86 -5.23
CA THR E 52 53.02 12.12 -5.73
C THR E 52 51.94 13.19 -5.69
N PRO E 53 52.24 14.39 -5.21
CA PRO E 53 51.23 15.45 -5.19
C PRO E 53 50.88 15.87 -6.61
N ILE E 54 49.65 16.35 -6.77
CA ILE E 54 49.16 16.80 -8.06
C ILE E 54 48.54 18.17 -7.86
N TYR E 55 49.17 19.20 -8.41
CA TYR E 55 48.67 20.56 -8.27
C TYR E 55 47.69 20.89 -9.38
N GLU E 56 46.85 21.89 -9.12
CA GLU E 56 45.81 22.30 -10.04
C GLU E 56 45.91 23.79 -10.29
N THR E 57 46.09 24.18 -11.53
CA THR E 57 46.14 25.58 -11.90
C THR E 57 44.88 25.96 -12.65
N ASP E 58 44.52 27.24 -12.56
CA ASP E 58 43.29 27.72 -13.17
C ASP E 58 43.54 29.02 -13.91
N ALA E 59 42.73 29.25 -14.93
CA ALA E 59 42.72 30.50 -15.66
C ALA E 59 41.27 30.90 -15.88
N LEU E 60 41.06 32.15 -16.28
CA LEU E 60 39.73 32.65 -16.58
C LEU E 60 39.74 33.25 -17.97
N ILE E 61 38.94 32.68 -18.86
CA ILE E 61 38.79 33.14 -20.22
C ILE E 61 37.38 33.68 -20.39
N GLN E 62 37.27 34.89 -20.92
CA GLN E 62 35.99 35.53 -21.13
C GLN E 62 35.68 35.56 -22.63
N ILE E 63 34.41 35.35 -22.97
CA ILE E 63 33.91 35.51 -24.33
C ILE E 63 32.52 36.13 -24.24
N GLU E 64 31.83 36.26 -25.37
CA GLU E 64 30.46 36.77 -25.36
C GLU E 64 29.46 35.64 -25.49
N GLN E 85 27.25 31.74 -25.29
CA GLN E 85 27.42 30.47 -26.00
C GLN E 85 28.35 29.55 -25.25
N SER E 86 29.64 29.59 -25.62
CA SER E 86 30.71 28.89 -24.91
C SER E 86 30.59 27.38 -25.04
N ALA E 87 29.53 26.90 -25.68
CA ALA E 87 29.39 25.48 -25.92
C ALA E 87 30.34 25.03 -27.03
N PRO E 88 30.54 25.81 -28.09
CA PRO E 88 31.62 25.44 -29.03
C PRO E 88 32.99 25.56 -28.42
N GLU E 89 33.23 26.60 -27.63
CA GLU E 89 34.59 26.87 -27.15
C GLU E 89 35.06 25.76 -26.22
N THR E 90 34.18 25.26 -25.35
CA THR E 90 34.57 24.18 -24.47
C THR E 90 34.97 22.92 -25.24
N ALA E 91 34.75 22.90 -26.55
CA ALA E 91 35.22 21.80 -27.38
C ALA E 91 36.27 22.22 -28.39
N LEU E 92 36.38 23.51 -28.70
CA LEU E 92 37.45 23.97 -29.57
C LEU E 92 38.78 24.01 -28.83
N LEU E 93 38.75 24.37 -27.55
CA LEU E 93 39.97 24.35 -26.75
C LEU E 93 40.53 22.94 -26.65
N GLN E 94 39.66 21.96 -26.43
CA GLN E 94 40.07 20.57 -26.31
C GLN E 94 40.30 19.91 -27.66
N SER E 95 40.40 20.68 -28.72
CA SER E 95 40.71 20.12 -30.02
C SER E 95 42.20 19.82 -30.12
N ARG E 96 42.55 18.91 -31.03
CA ARG E 96 43.96 18.66 -31.27
C ARG E 96 44.65 19.84 -31.93
N MET E 97 43.91 20.74 -32.56
CA MET E 97 44.58 21.87 -33.21
C MET E 97 45.21 22.80 -32.19
N ILE E 98 44.52 23.09 -31.11
CA ILE E 98 45.06 23.99 -30.10
C ILE E 98 46.15 23.30 -29.29
N LEU E 99 45.81 22.16 -28.68
CA LEU E 99 46.76 21.48 -27.81
C LEU E 99 47.99 21.05 -28.58
N GLY E 100 47.81 20.60 -29.83
CA GLY E 100 48.93 20.23 -30.65
C GLY E 100 49.84 21.38 -30.98
N LYS E 101 49.39 22.61 -30.75
CA LYS E 101 50.29 23.73 -30.95
C LYS E 101 51.12 23.98 -29.70
N THR E 102 50.52 23.89 -28.51
CA THR E 102 51.31 23.99 -27.29
C THR E 102 52.34 22.88 -27.22
N ILE E 103 51.99 21.69 -27.70
CA ILE E 103 52.93 20.58 -27.66
C ILE E 103 54.19 20.94 -28.43
N ASP E 104 54.01 21.43 -29.66
CA ASP E 104 55.16 21.84 -30.45
C ASP E 104 55.80 23.10 -29.91
N ASP E 105 55.09 23.86 -29.09
CA ASP E 105 55.63 25.09 -28.53
C ASP E 105 56.58 24.83 -27.37
N LEU E 106 56.15 23.99 -26.43
CA LEU E 106 56.92 23.72 -25.23
C LEU E 106 57.73 22.43 -25.31
N ASN E 107 57.70 21.74 -26.44
CA ASN E 107 58.39 20.47 -26.61
C ASN E 107 57.94 19.47 -25.54
N LEU E 108 56.63 19.31 -25.43
CA LEU E 108 56.07 18.43 -24.41
C LEU E 108 56.10 16.97 -24.79
N GLN E 109 56.44 16.64 -26.04
CA GLN E 109 56.66 15.25 -26.40
C GLN E 109 57.99 14.73 -25.88
N ILE E 110 58.77 15.58 -25.23
CA ILE E 110 60.04 15.20 -24.62
C ILE E 110 59.79 15.05 -23.14
N GLN E 111 59.55 13.83 -22.68
CA GLN E 111 59.27 13.57 -21.27
C GLN E 111 60.57 13.32 -20.53
N ILE E 112 60.66 13.87 -19.32
CA ILE E 112 61.86 13.76 -18.50
C ILE E 112 61.44 13.41 -17.08
N GLU E 113 62.00 12.33 -16.54
CA GLU E 113 61.66 11.87 -15.20
C GLU E 113 62.92 11.53 -14.44
N GLN E 114 63.06 12.07 -13.24
CA GLN E 114 64.12 11.64 -12.34
C GLN E 114 63.92 10.16 -12.00
N LYS E 115 64.98 9.37 -12.11
CA LYS E 115 64.87 7.94 -11.95
C LYS E 115 64.90 7.57 -10.47
N TYR E 116 63.98 6.69 -10.07
CA TYR E 116 63.99 6.08 -8.75
C TYR E 116 63.69 4.61 -8.93
N PHE E 117 64.66 3.75 -8.57
CA PHE E 117 64.46 2.32 -8.75
C PHE E 117 63.23 1.77 -8.04
N PRO E 118 62.88 2.16 -6.82
CA PRO E 118 61.65 1.63 -6.22
C PRO E 118 60.44 2.36 -6.76
N VAL E 119 59.28 1.76 -6.52
CA VAL E 119 58.02 2.42 -6.85
C VAL E 119 57.75 3.60 -5.92
N ILE E 120 58.52 3.73 -4.84
CA ILE E 120 58.33 4.80 -3.87
C ILE E 120 59.58 5.63 -3.67
N GLY E 121 60.62 5.44 -4.49
CA GLY E 121 61.84 6.22 -4.31
C GLY E 121 61.62 7.71 -4.46
N ARG E 122 60.78 8.12 -5.41
CA ARG E 122 60.48 9.53 -5.60
C ARG E 122 59.79 10.11 -4.38
N GLY E 123 58.81 9.38 -3.84
CA GLY E 123 58.09 9.88 -2.67
C GLY E 123 59.00 10.07 -1.48
N LEU E 124 59.82 9.06 -1.17
CA LEU E 124 60.72 9.18 -0.03
C LEU E 124 61.77 10.25 -0.27
N ALA E 125 62.21 10.41 -1.53
CA ALA E 125 63.14 11.48 -1.85
C ALA E 125 62.52 12.84 -1.52
N ARG E 126 61.25 13.02 -1.85
CA ARG E 126 60.58 14.25 -1.46
C ARG E 126 60.49 14.36 0.06
N LEU E 127 60.10 13.27 0.74
CA LEU E 127 59.96 13.30 2.19
C LEU E 127 61.27 13.64 2.86
N MET E 128 62.39 13.20 2.27
CA MET E 128 63.69 13.58 2.81
C MET E 128 64.00 15.05 2.62
N GLY E 129 63.14 15.78 1.91
CA GLY E 129 63.39 17.18 1.61
C GLY E 129 64.32 17.40 0.44
N GLU E 130 64.72 16.34 -0.25
CA GLU E 130 65.61 16.49 -1.39
C GLU E 130 64.90 17.21 -2.53
N LYS E 131 65.53 18.25 -3.04
CA LYS E 131 64.93 19.01 -4.12
C LYS E 131 64.91 18.15 -5.39
N PRO E 132 63.76 17.99 -6.03
CA PRO E 132 63.68 17.10 -7.19
C PRO E 132 64.52 17.62 -8.35
N GLY E 133 65.13 16.67 -9.06
CA GLY E 133 65.96 17.02 -10.18
C GLY E 133 65.15 17.38 -11.41
N ASN E 134 65.72 18.25 -12.24
CA ASN E 134 65.06 18.65 -13.48
C ASN E 134 66.08 19.22 -14.43
N ILE E 135 65.88 18.99 -15.72
CA ILE E 135 66.75 19.48 -16.77
C ILE E 135 65.89 20.15 -17.84
N ASP E 136 66.54 20.62 -18.89
CA ASP E 136 65.87 21.31 -19.99
C ASP E 136 66.46 20.84 -21.31
N ILE E 137 65.63 20.20 -22.13
CA ILE E 137 66.04 19.73 -23.44
C ILE E 137 65.31 20.58 -24.46
N THR E 138 66.02 21.54 -25.06
CA THR E 138 65.39 22.43 -26.02
C THR E 138 65.07 21.72 -27.34
N ARG E 139 65.70 20.58 -27.60
CA ARG E 139 65.42 19.84 -28.82
C ARG E 139 65.94 18.42 -28.63
N LEU E 140 65.11 17.44 -28.95
CA LEU E 140 65.46 16.02 -28.84
C LEU E 140 65.16 15.33 -30.15
N TYR E 141 66.12 14.54 -30.63
CA TYR E 141 65.90 13.70 -31.80
C TYR E 141 66.58 12.36 -31.54
N LEU E 142 65.81 11.39 -31.08
CA LEU E 142 66.32 10.06 -30.80
C LEU E 142 66.64 9.36 -32.11
N PRO E 143 67.25 8.16 -32.06
CA PRO E 143 67.44 7.39 -33.29
C PRO E 143 66.14 6.97 -33.93
N ASP E 144 65.01 7.19 -33.24
CA ASP E 144 63.67 6.95 -33.79
C ASP E 144 63.48 5.48 -34.15
N SER E 145 63.72 4.63 -33.15
CA SER E 145 63.33 3.24 -33.28
C SER E 145 61.84 3.13 -33.60
N ASP E 146 61.00 3.70 -32.73
CA ASP E 146 59.59 3.92 -33.02
C ASP E 146 58.88 2.65 -33.49
N ASP E 147 59.19 1.54 -32.82
CA ASP E 147 58.60 0.27 -33.21
C ASP E 147 57.11 0.27 -32.92
N ILE E 148 56.44 -0.80 -33.37
CA ILE E 148 54.99 -0.90 -33.19
C ILE E 148 54.66 -0.95 -31.70
N SER E 149 55.38 -1.79 -30.95
CA SER E 149 55.17 -1.85 -29.51
C SER E 149 55.92 -0.72 -28.80
N ASN E 150 57.25 -0.67 -28.98
CA ASN E 150 58.07 0.35 -28.35
C ASN E 150 58.22 1.54 -29.30
N ASN E 151 57.09 2.21 -29.53
CA ASN E 151 57.11 3.48 -30.23
C ASN E 151 57.70 4.60 -29.38
N THR E 152 58.14 4.28 -28.17
CA THR E 152 58.72 5.26 -27.26
C THR E 152 60.18 4.90 -27.00
N PRO E 153 61.09 5.31 -27.87
CA PRO E 153 62.52 5.09 -27.59
C PRO E 153 62.90 5.75 -26.28
N SER E 154 63.42 4.95 -25.36
CA SER E 154 63.75 5.42 -24.03
C SER E 154 65.26 5.43 -23.83
N ILE E 155 65.76 6.55 -23.31
CA ILE E 155 67.17 6.69 -22.97
C ILE E 155 67.26 7.22 -21.55
N ILE E 156 68.44 7.08 -20.97
CA ILE E 156 68.68 7.50 -19.59
C ILE E 156 69.87 8.45 -19.58
N LEU E 157 69.71 9.59 -18.91
CA LEU E 157 70.79 10.55 -18.77
C LEU E 157 71.49 10.35 -17.43
N THR E 158 72.80 10.20 -17.48
CA THR E 158 73.62 10.09 -16.28
C THR E 158 74.32 11.42 -16.07
N VAL E 159 73.95 12.12 -15.01
CA VAL E 159 74.47 13.46 -14.76
C VAL E 159 75.88 13.31 -14.20
N LYS E 160 76.87 13.80 -14.95
CA LYS E 160 78.25 13.74 -14.48
C LYS E 160 78.61 14.95 -13.62
N ASP E 161 78.27 16.14 -14.10
CA ASP E 161 78.47 17.37 -13.33
C ASP E 161 77.40 18.37 -13.73
N LYS E 162 77.61 19.64 -13.41
CA LYS E 162 76.69 20.69 -13.82
C LYS E 162 76.92 21.13 -15.26
N GLU E 163 78.02 20.71 -15.89
CA GLU E 163 78.29 21.01 -17.30
C GLU E 163 78.12 19.78 -18.18
N ASN E 164 78.87 18.73 -17.94
CA ASN E 164 78.88 17.55 -18.80
C ASN E 164 78.01 16.45 -18.21
N TYR E 165 77.82 15.42 -19.01
CA TYR E 165 76.87 14.35 -18.71
C TYR E 165 77.12 13.20 -19.67
N SER E 166 76.44 12.09 -19.43
CA SER E 166 76.50 10.96 -20.34
C SER E 166 75.12 10.33 -20.46
N ILE E 167 74.82 9.84 -21.66
CA ILE E 167 73.52 9.24 -21.96
C ILE E 167 73.77 7.84 -22.49
N ASN E 168 73.09 6.85 -21.91
CA ASN E 168 73.11 5.48 -22.40
C ASN E 168 71.76 5.15 -23.01
N SER E 169 71.77 4.77 -24.29
CA SER E 169 70.56 4.29 -24.95
C SER E 169 70.31 2.83 -24.62
N ASP E 170 71.22 1.96 -25.05
CA ASP E 170 71.17 0.55 -24.72
C ASP E 170 72.51 0.08 -24.15
N GLY E 171 73.26 0.99 -23.55
CA GLY E 171 74.57 0.68 -23.02
C GLY E 171 75.64 1.59 -23.56
N ILE E 172 75.45 2.07 -24.79
CA ILE E 172 76.43 2.96 -25.42
C ILE E 172 76.29 4.33 -24.80
N GLN E 173 77.19 4.67 -23.89
CA GLN E 173 77.12 5.92 -23.16
C GLN E 173 77.86 7.01 -23.92
N LEU E 174 77.14 8.03 -24.35
CA LEU E 174 77.72 9.16 -25.07
C LEU E 174 77.87 10.32 -24.10
N ASN E 175 79.10 10.78 -23.92
CA ASN E 175 79.37 11.88 -23.00
C ASN E 175 79.16 13.21 -23.73
N GLY E 176 78.44 14.12 -23.10
CA GLY E 176 78.16 15.40 -23.71
C GLY E 176 78.06 16.49 -22.67
N VAL E 177 78.14 17.73 -23.16
CA VAL E 177 78.11 18.92 -22.32
C VAL E 177 76.96 19.81 -22.79
N VAL E 178 76.40 20.56 -21.85
CA VAL E 178 75.40 21.56 -22.21
C VAL E 178 76.04 22.56 -23.17
N GLY E 179 75.21 23.13 -24.04
CA GLY E 179 75.80 23.96 -25.08
C GLY E 179 76.05 23.16 -26.34
N THR E 180 77.27 22.63 -26.45
CA THR E 180 77.61 21.74 -27.57
C THR E 180 76.55 20.67 -27.77
N LEU E 181 76.25 20.40 -29.03
CA LEU E 181 75.14 19.54 -29.39
C LEU E 181 75.62 18.13 -29.72
N LEU E 182 74.90 17.15 -29.20
CA LEU E 182 75.26 15.75 -29.38
C LEU E 182 74.46 15.19 -30.55
N ASN E 183 75.15 14.87 -31.64
CA ASN E 183 74.52 14.29 -32.82
C ASN E 183 75.36 13.10 -33.26
N GLU E 184 75.08 11.93 -32.67
CA GLU E 184 75.81 10.71 -32.97
C GLU E 184 74.85 9.53 -33.00
N LYS E 185 75.13 8.57 -33.87
CA LYS E 185 74.31 7.37 -34.03
C LYS E 185 72.86 7.72 -34.32
N GLY E 186 72.63 8.83 -35.01
CA GLY E 186 71.28 9.29 -35.21
C GLY E 186 70.60 9.79 -33.95
N ILE E 187 71.34 9.94 -32.86
CA ILE E 187 70.81 10.44 -31.60
C ILE E 187 71.18 11.91 -31.53
N SER E 188 70.17 12.77 -31.60
CA SER E 188 70.36 14.21 -31.63
C SER E 188 69.71 14.79 -30.37
N LEU E 189 70.53 15.26 -29.44
CA LEU E 189 70.08 15.75 -28.15
C LEU E 189 70.78 17.05 -27.82
N LEU E 190 70.01 18.03 -27.31
CA LEU E 190 70.53 19.29 -26.80
C LEU E 190 69.86 19.57 -25.46
N VAL E 191 70.53 19.20 -24.37
CA VAL E 191 70.05 19.49 -23.04
C VAL E 191 70.90 20.62 -22.46
N ASN E 192 70.24 21.60 -21.85
CA ASN E 192 70.93 22.74 -21.30
C ASN E 192 70.35 23.04 -19.92
N GLU E 193 71.12 23.76 -19.11
CA GLU E 193 70.73 24.10 -17.74
C GLU E 193 70.42 22.85 -16.93
N ILE E 194 71.27 21.83 -17.08
CA ILE E 194 71.08 20.59 -16.35
C ILE E 194 71.19 20.88 -14.85
N ASP E 195 70.54 20.03 -14.06
CA ASP E 195 70.45 20.26 -12.63
C ASP E 195 71.81 20.06 -11.97
N ALA E 196 71.85 20.32 -10.66
CA ALA E 196 73.12 20.31 -9.92
C ALA E 196 73.55 18.89 -9.58
N LYS E 197 72.67 18.12 -8.93
CA LYS E 197 73.01 16.81 -8.38
C LYS E 197 73.51 15.86 -9.46
N PRO E 198 74.78 15.50 -9.43
CA PRO E 198 75.34 14.60 -10.44
C PRO E 198 75.02 13.15 -10.08
N GLY E 199 75.42 12.24 -10.97
CA GLY E 199 75.18 10.84 -10.78
C GLY E 199 73.74 10.40 -10.90
N ASP E 200 72.80 11.34 -11.03
CA ASP E 200 71.40 10.97 -11.13
C ASP E 200 71.10 10.40 -12.52
N GLN E 201 69.95 9.76 -12.63
CA GLN E 201 69.48 9.15 -13.86
C GLN E 201 68.17 9.80 -14.26
N PHE E 202 68.06 10.18 -15.53
CA PHE E 202 66.87 10.85 -16.05
C PHE E 202 66.32 10.06 -17.21
N VAL E 203 65.08 9.60 -17.10
CA VAL E 203 64.43 8.86 -18.17
C VAL E 203 63.91 9.87 -19.18
N ILE E 204 64.35 9.75 -20.42
CA ILE E 204 63.91 10.61 -21.50
C ILE E 204 63.14 9.78 -22.51
N THR E 205 61.93 10.20 -22.83
CA THR E 205 61.04 9.46 -23.71
C THR E 205 60.52 10.40 -24.77
N GLN E 206 60.66 10.03 -26.03
CA GLN E 206 60.12 10.81 -27.13
C GLN E 206 58.79 10.21 -27.58
N LEU E 207 57.82 10.29 -26.67
CA LEU E 207 56.51 9.73 -26.94
C LEU E 207 55.84 10.50 -28.08
N PRO E 208 54.97 9.83 -28.85
CA PRO E 208 54.47 10.44 -30.09
C PRO E 208 53.60 11.65 -29.82
N ARG E 209 53.50 12.49 -30.85
CA ARG E 209 52.77 13.75 -30.73
C ARG E 209 51.34 13.53 -30.28
N LEU E 210 50.68 12.50 -30.82
CA LEU E 210 49.31 12.24 -30.40
C LEU E 210 49.24 11.84 -28.94
N LYS E 211 50.19 11.05 -28.46
CA LYS E 211 50.19 10.68 -27.05
C LYS E 211 50.42 11.90 -26.18
N ALA E 212 51.35 12.77 -26.60
CA ALA E 212 51.64 13.98 -25.87
C ALA E 212 50.49 14.97 -25.93
N ILE E 213 49.57 14.80 -26.87
CA ILE E 213 48.32 15.54 -26.85
C ILE E 213 47.33 14.90 -25.89
N SER E 214 47.19 13.57 -25.97
CA SER E 214 46.15 12.89 -25.22
C SER E 214 46.36 12.97 -23.73
N ASP E 215 47.61 12.91 -23.27
CA ASP E 215 47.85 13.01 -21.83
C ASP E 215 47.48 14.39 -21.30
N LEU E 216 47.98 15.43 -21.97
CA LEU E 216 47.58 16.79 -21.62
C LEU E 216 46.08 16.91 -21.60
N LEU E 217 45.42 16.32 -22.60
CA LEU E 217 43.98 16.43 -22.69
C LEU E 217 43.27 15.72 -21.56
N LYS E 218 43.79 14.56 -21.10
CA LYS E 218 43.11 13.93 -19.98
C LYS E 218 43.28 14.78 -18.73
N SER E 219 44.41 15.50 -18.62
CA SER E 219 44.58 16.40 -17.49
C SER E 219 43.80 17.70 -17.67
N PHE E 220 43.58 18.14 -18.91
CA PHE E 220 42.97 19.43 -19.17
C PHE E 220 41.47 19.38 -18.89
N SER E 221 40.89 20.54 -18.58
CA SER E 221 39.46 20.58 -18.29
C SER E 221 38.94 22.01 -18.43
N VAL E 222 37.67 22.14 -18.81
CA VAL E 222 37.03 23.43 -19.02
C VAL E 222 35.68 23.41 -18.32
N ALA E 223 35.16 24.61 -18.03
CA ALA E 223 33.83 24.76 -17.47
C ALA E 223 33.33 26.16 -17.80
N ASP E 224 32.07 26.44 -17.43
CA ASP E 224 31.45 27.72 -17.74
C ASP E 224 30.97 28.47 -16.51
N LEU E 225 30.40 27.78 -15.53
CA LEU E 225 29.88 28.31 -14.27
C LEU E 225 28.84 29.41 -14.44
N GLY E 226 28.40 29.71 -15.67
CA GLY E 226 27.32 30.65 -15.83
C GLY E 226 26.25 30.16 -16.79
N LYS E 227 26.62 29.15 -17.57
CA LYS E 227 25.73 28.44 -18.50
C LYS E 227 25.38 29.31 -19.69
N ASP E 228 25.67 30.61 -19.59
CA ASP E 228 25.71 31.51 -20.74
C ASP E 228 26.83 32.53 -20.64
N THR E 229 27.43 32.70 -19.46
CA THR E 229 28.47 33.69 -19.29
C THR E 229 29.70 33.30 -20.09
N GLY E 230 30.40 34.33 -20.61
CA GLY E 230 31.61 34.07 -21.34
C GLY E 230 32.76 33.58 -20.49
N MET E 231 32.58 33.55 -19.17
CA MET E 231 33.65 33.11 -18.28
C MET E 231 33.93 31.63 -18.50
N LEU E 232 35.20 31.30 -18.69
CA LEU E 232 35.65 29.92 -18.81
C LEU E 232 36.73 29.67 -17.78
N THR E 233 36.60 28.58 -17.03
CA THR E 233 37.57 28.23 -15.99
C THR E 233 38.43 27.07 -16.49
N LEU E 234 39.46 27.38 -17.24
CA LEU E 234 40.38 26.34 -17.66
C LEU E 234 41.15 25.81 -16.47
N THR E 235 41.17 24.50 -16.31
CA THR E 235 41.86 23.89 -15.19
C THR E 235 42.76 22.78 -15.71
N LEU E 236 44.02 22.81 -15.28
CA LEU E 236 44.98 21.79 -15.63
C LEU E 236 45.59 21.25 -14.36
N THR E 237 45.77 19.93 -14.30
CA THR E 237 46.32 19.27 -13.12
C THR E 237 47.60 18.54 -13.50
N GLY E 238 48.59 18.61 -12.62
CA GLY E 238 49.85 17.93 -12.87
C GLY E 238 50.68 17.91 -11.61
N ASP E 239 51.88 17.36 -11.73
CA ASP E 239 52.80 17.28 -10.61
C ASP E 239 53.74 18.48 -10.54
N ASN E 240 54.44 18.76 -11.63
CA ASN E 240 55.37 19.89 -11.63
C ASN E 240 54.58 21.19 -11.53
N PRO E 241 54.64 21.92 -10.42
CA PRO E 241 53.78 23.10 -10.28
C PRO E 241 54.12 24.19 -11.28
N LYS E 242 55.38 24.58 -11.37
CA LYS E 242 55.74 25.64 -12.31
C LYS E 242 55.42 25.27 -13.74
N ARG E 243 55.55 24.00 -14.11
CA ARG E 243 55.36 23.60 -15.50
C ARG E 243 53.92 23.77 -15.94
N ILE E 244 52.97 23.34 -15.11
CA ILE E 244 51.57 23.37 -15.53
C ILE E 244 51.06 24.79 -15.69
N SER E 245 51.60 25.75 -14.93
CA SER E 245 51.21 27.13 -15.16
C SER E 245 51.67 27.61 -16.52
N HIS E 246 52.91 27.28 -16.92
CA HIS E 246 53.35 27.64 -18.26
C HIS E 246 52.51 26.96 -19.32
N ILE E 247 52.16 25.69 -19.10
CA ILE E 247 51.38 24.97 -20.10
C ILE E 247 50.02 25.62 -20.28
N LEU E 248 49.36 25.97 -19.17
CA LEU E 248 48.04 26.58 -19.29
C LEU E 248 48.14 27.97 -19.89
N ASP E 249 49.18 28.73 -19.56
CA ASP E 249 49.36 30.03 -20.19
C ASP E 249 49.53 29.87 -21.69
N SER E 250 50.35 28.91 -22.12
CA SER E 250 50.54 28.71 -23.54
C SER E 250 49.26 28.28 -24.22
N ILE E 251 48.44 27.47 -23.55
CA ILE E 251 47.15 27.13 -24.11
C ILE E 251 46.29 28.37 -24.30
N SER E 252 46.25 29.22 -23.29
CA SER E 252 45.44 30.44 -23.39
C SER E 252 45.91 31.32 -24.55
N GLN E 253 47.23 31.50 -24.65
CA GLN E 253 47.77 32.36 -25.70
C GLN E 253 47.53 31.77 -27.08
N ASN E 254 47.66 30.44 -27.22
CA ASN E 254 47.38 29.82 -28.50
C ASN E 254 45.92 30.00 -28.89
N TYR E 255 45.02 29.86 -27.93
CA TYR E 255 43.61 30.07 -28.22
C TYR E 255 43.34 31.51 -28.64
N LEU E 256 43.96 32.47 -27.95
CA LEU E 256 43.79 33.86 -28.32
C LEU E 256 44.35 34.11 -29.72
N ALA E 257 45.48 33.49 -30.03
CA ALA E 257 46.11 33.67 -31.34
C ALA E 257 45.23 33.11 -32.45
N GLN E 258 44.63 31.93 -32.23
CA GLN E 258 43.75 31.40 -33.27
C GLN E 258 42.55 32.29 -33.45
N ASN E 259 42.00 32.84 -32.36
CA ASN E 259 40.85 33.71 -32.52
C ASN E 259 41.21 34.98 -33.28
N ILE E 260 42.40 35.54 -33.01
CA ILE E 260 42.82 36.72 -33.75
C ILE E 260 43.03 36.38 -35.21
N ALA E 261 43.72 35.26 -35.51
CA ALA E 261 43.91 34.86 -36.89
C ALA E 261 42.60 34.59 -37.60
N ARG E 262 41.55 34.24 -36.86
CA ARG E 262 40.20 34.34 -37.41
C ARG E 262 39.77 35.77 -37.66
N GLN E 263 40.05 36.69 -36.74
CA GLN E 263 39.55 38.04 -36.96
C GLN E 263 40.38 38.77 -38.02
N ALA E 264 41.71 38.65 -37.96
CA ALA E 264 42.57 39.40 -38.86
C ALA E 264 42.37 38.98 -40.30
N ALA E 265 42.24 37.67 -40.55
CA ALA E 265 42.02 37.19 -41.91
C ALA E 265 40.65 37.61 -42.43
N GLN E 266 39.70 37.86 -41.53
CA GLN E 266 38.35 38.25 -41.94
C GLN E 266 38.07 39.69 -41.54
N ILE E 406 38.74 40.67 -32.74
CA ILE E 406 37.39 40.27 -32.41
C ILE E 406 36.98 41.07 -31.16
N GLY E 407 35.91 40.64 -30.49
CA GLY E 407 35.43 41.33 -29.32
C GLY E 407 36.07 40.85 -28.05
N ASN E 408 35.28 40.19 -27.20
CA ASN E 408 35.62 40.00 -25.80
C ASN E 408 36.21 38.62 -25.51
N VAL E 409 37.03 38.08 -26.41
CA VAL E 409 37.84 36.92 -26.04
C VAL E 409 39.07 37.41 -25.29
N ARG E 410 39.08 37.19 -23.98
CA ARG E 410 39.97 37.93 -23.10
C ARG E 410 40.45 37.03 -21.98
N ILE E 411 41.76 37.04 -21.72
CA ILE E 411 42.35 36.30 -20.62
C ILE E 411 42.22 37.19 -19.38
N ILE E 412 41.23 36.90 -18.54
CA ILE E 412 40.98 37.73 -17.37
C ILE E 412 42.16 37.67 -16.41
N ASP E 413 42.62 36.47 -16.09
CA ASP E 413 43.81 36.31 -15.26
C ASP E 413 44.59 35.11 -15.74
N ASN E 414 45.90 35.29 -15.88
CA ASN E 414 46.75 34.21 -16.31
C ASN E 414 46.76 33.09 -15.28
N ALA E 415 47.22 31.93 -15.72
CA ALA E 415 47.15 30.73 -14.88
C ALA E 415 48.12 30.82 -13.72
N VAL E 416 47.66 30.46 -12.54
CA VAL E 416 48.51 30.30 -11.37
C VAL E 416 48.17 28.99 -10.69
N THR E 417 49.18 28.33 -10.16
CA THR E 417 49.03 27.03 -9.55
C THR E 417 48.69 27.17 -8.08
N ASP E 418 47.67 26.45 -7.64
CA ASP E 418 47.33 26.46 -6.24
C ASP E 418 48.41 25.73 -5.46
N PRO E 419 49.08 26.37 -4.50
CA PRO E 419 50.17 25.70 -3.80
C PRO E 419 49.75 24.47 -3.02
N ASN E 420 48.46 24.32 -2.72
CA ASN E 420 47.98 23.17 -1.99
C ASN E 420 47.61 22.06 -2.97
N PRO E 421 48.29 20.91 -2.95
CA PRO E 421 47.93 19.82 -3.85
C PRO E 421 46.51 19.34 -3.60
N VAL E 422 45.83 18.97 -4.69
CA VAL E 422 44.48 18.45 -4.59
C VAL E 422 44.45 16.93 -4.56
N ARG E 423 45.53 16.27 -4.97
CA ARG E 423 45.65 14.83 -4.91
C ARG E 423 47.11 14.53 -4.64
N PRO E 424 47.41 13.53 -3.79
CA PRO E 424 46.46 12.64 -3.14
C PRO E 424 45.69 13.32 -2.03
N LYS E 425 44.41 13.01 -1.91
CA LYS E 425 43.57 13.65 -0.90
C LYS E 425 43.87 13.07 0.48
N LYS E 426 44.75 13.73 1.22
CA LYS E 426 45.03 13.29 2.58
C LYS E 426 43.77 13.41 3.44
N THR E 427 43.73 12.62 4.51
CA THR E 427 42.64 12.58 5.47
C THR E 427 41.32 12.15 4.85
N ILE E 428 41.32 11.75 3.58
CA ILE E 428 40.11 11.25 2.95
C ILE E 428 40.34 9.79 2.59
N ILE E 429 41.58 9.43 2.32
CA ILE E 429 41.91 8.02 2.12
C ILE E 429 42.31 7.37 3.43
N ILE E 430 42.96 8.12 4.33
CA ILE E 430 43.32 7.58 5.64
C ILE E 430 42.07 7.19 6.41
N VAL E 431 41.04 8.03 6.37
CA VAL E 431 39.77 7.66 6.95
C VAL E 431 39.17 6.47 6.21
N ILE E 432 39.32 6.43 4.89
CA ILE E 432 38.91 5.25 4.15
C ILE E 432 39.76 4.05 4.55
N GLY E 433 41.04 4.27 4.84
CA GLY E 433 41.84 3.18 5.38
C GLY E 433 41.30 2.66 6.69
N VAL E 434 40.88 3.56 7.58
CA VAL E 434 40.31 3.15 8.86
C VAL E 434 39.04 2.34 8.64
N VAL E 435 38.13 2.85 7.82
CA VAL E 435 36.86 2.16 7.63
C VAL E 435 37.08 0.83 6.89
N LEU E 436 38.03 0.78 5.97
CA LEU E 436 38.33 -0.48 5.29
C LEU E 436 38.89 -1.51 6.25
N GLY E 437 39.84 -1.12 7.10
CA GLY E 437 40.34 -2.03 8.11
C GLY E 437 39.25 -2.49 9.05
N LEU E 438 38.38 -1.58 9.49
CA LEU E 438 37.32 -1.97 10.41
C LEU E 438 36.35 -2.93 9.75
N ILE E 439 35.93 -2.65 8.51
CA ILE E 439 34.97 -3.50 7.85
C ILE E 439 35.57 -4.87 7.53
N VAL E 440 36.85 -4.93 7.14
CA VAL E 440 37.42 -6.24 6.88
C VAL E 440 37.62 -7.00 8.17
N SER E 441 37.96 -6.32 9.27
CA SER E 441 38.10 -7.00 10.55
C SER E 441 36.77 -7.58 11.00
N VAL E 442 35.71 -6.77 10.91
CA VAL E 442 34.39 -7.27 11.30
C VAL E 442 34.01 -8.45 10.43
N VAL E 443 34.18 -8.33 9.12
CA VAL E 443 33.71 -9.41 8.27
C VAL E 443 34.51 -10.68 8.52
N LEU E 444 35.82 -10.56 8.79
CA LEU E 444 36.67 -11.71 9.03
C LEU E 444 36.39 -12.37 10.37
N VAL E 445 36.18 -11.58 11.42
CA VAL E 445 35.90 -12.16 12.73
C VAL E 445 34.55 -12.86 12.69
N LEU E 446 33.60 -12.33 11.92
CA LEU E 446 32.33 -13.05 11.77
C LEU E 446 32.50 -14.37 11.02
N PHE E 447 33.34 -14.41 9.97
CA PHE E 447 33.59 -15.71 9.35
C PHE E 447 34.24 -16.68 10.32
N GLN E 448 35.21 -16.21 11.11
CA GLN E 448 35.82 -17.11 12.06
C GLN E 448 34.85 -17.58 13.13
N VAL E 449 33.86 -16.75 13.48
CA VAL E 449 32.82 -17.20 14.40
C VAL E 449 31.98 -18.29 13.74
N PHE E 450 31.56 -18.06 12.50
CA PHE E 450 30.79 -19.07 11.78
C PHE E 450 31.65 -20.19 11.22
N LEU E 451 32.92 -20.24 11.57
CA LEU E 451 33.82 -21.31 11.13
C LEU E 451 33.86 -22.45 12.14
N ARG E 452 34.18 -22.14 13.40
CA ARG E 452 34.31 -23.18 14.41
C ARG E 452 32.95 -23.78 14.74
N ARG E 453 32.96 -25.10 14.96
CA ARG E 453 31.73 -25.83 15.25
C ARG E 453 31.82 -26.66 16.51
N GLY E 454 32.95 -26.68 17.20
CA GLY E 454 33.11 -27.52 18.36
C GLY E 454 32.28 -27.08 19.55
N ILE E 455 32.38 -27.82 20.65
CA ILE E 455 31.67 -27.44 21.86
C ILE E 455 32.17 -26.09 22.34
N GLU E 456 31.24 -25.25 22.80
CA GLU E 456 31.62 -23.96 23.36
C GLU E 456 31.32 -23.82 24.84
N SER E 457 30.47 -24.66 25.41
CA SER E 457 30.14 -24.58 26.82
C SER E 457 29.31 -25.78 27.24
N PRO E 458 29.38 -26.19 28.51
CA PRO E 458 28.59 -27.34 28.95
C PRO E 458 27.10 -27.19 28.72
N GLU E 459 26.59 -25.97 28.59
CA GLU E 459 25.17 -25.81 28.31
C GLU E 459 24.79 -26.49 27.00
N GLN E 460 25.70 -26.50 26.03
CA GLN E 460 25.37 -27.17 24.77
C GLN E 460 25.14 -28.65 24.98
N LEU E 461 26.00 -29.29 25.78
CA LEU E 461 25.81 -30.72 26.03
C LEU E 461 24.60 -30.97 26.92
N GLU E 462 24.28 -30.05 27.81
CA GLU E 462 23.11 -30.26 28.66
C GLU E 462 21.80 -29.96 27.93
N GLU E 463 21.86 -29.23 26.82
CA GLU E 463 20.68 -29.11 25.97
C GLU E 463 20.31 -30.46 25.38
N ILE E 464 21.31 -31.26 25.00
CA ILE E 464 21.06 -32.59 24.50
C ILE E 464 20.61 -33.55 25.58
N GLY E 465 20.98 -33.28 26.84
CA GLY E 465 20.61 -34.15 27.93
C GLY E 465 21.73 -35.05 28.40
N ILE E 466 22.94 -34.50 28.40
CA ILE E 466 24.14 -35.22 28.83
C ILE E 466 24.67 -34.52 30.06
N ASN E 467 24.86 -35.28 31.14
CA ASN E 467 25.24 -34.71 32.42
C ASN E 467 26.73 -34.44 32.44
N VAL E 468 27.12 -33.20 32.16
CA VAL E 468 28.54 -32.85 32.14
C VAL E 468 29.04 -32.88 33.57
N TYR E 469 29.86 -33.87 33.90
CA TYR E 469 30.25 -34.07 35.29
C TYR E 469 31.37 -33.15 35.74
N ALA E 470 32.10 -32.53 34.83
CA ALA E 470 33.17 -31.64 35.22
C ALA E 470 33.53 -30.77 34.02
N SER E 471 34.28 -29.71 34.30
CA SER E 471 34.83 -28.85 33.24
C SER E 471 36.29 -28.62 33.62
N ILE E 472 37.16 -29.52 33.18
CA ILE E 472 38.56 -29.44 33.57
C ILE E 472 39.22 -28.32 32.77
N PRO E 473 39.76 -27.29 33.43
CA PRO E 473 40.44 -26.24 32.68
C PRO E 473 41.77 -26.70 32.14
N ILE E 474 42.18 -26.09 31.03
CA ILE E 474 43.46 -26.41 30.45
C ILE E 474 44.57 -25.91 31.36
N SER E 475 45.55 -26.76 31.62
CA SER E 475 46.69 -26.39 32.44
C SER E 475 47.87 -26.03 31.54
N GLU E 476 48.66 -25.05 31.98
CA GLU E 476 49.77 -24.56 31.17
C GLU E 476 50.80 -25.64 30.92
N TRP E 477 51.11 -26.44 31.95
CA TRP E 477 52.11 -27.49 31.85
C TRP E 477 51.79 -28.45 30.70
N ASP E 494 57.41 -35.42 33.28
CA ASP E 494 56.59 -36.45 32.66
C ASP E 494 55.69 -37.11 33.69
N THR E 495 55.92 -36.80 34.96
CA THR E 495 55.13 -37.37 36.03
C THR E 495 53.72 -36.77 36.04
N LEU E 496 52.87 -37.35 36.86
CA LEU E 496 51.47 -36.94 36.93
C LEU E 496 51.38 -35.49 37.39
N LEU E 497 50.51 -34.72 36.76
CA LEU E 497 50.24 -33.37 37.25
C LEU E 497 49.68 -33.41 38.67
N ALA E 498 48.88 -34.42 38.99
CA ALA E 498 48.28 -34.53 40.31
C ALA E 498 49.30 -34.85 41.39
N VAL E 499 50.53 -35.18 41.02
CA VAL E 499 51.60 -35.27 42.00
C VAL E 499 52.73 -34.28 41.74
N GLY E 500 52.90 -33.81 40.51
CA GLY E 500 53.91 -32.82 40.24
C GLY E 500 53.53 -31.47 40.81
N ASN E 501 52.36 -30.98 40.44
CA ASN E 501 51.88 -29.66 40.86
C ASN E 501 50.50 -29.82 41.49
N PRO E 502 50.45 -30.34 42.72
CA PRO E 502 49.16 -30.75 43.29
C PRO E 502 48.14 -29.65 43.43
N ALA E 503 48.55 -28.38 43.34
CA ALA E 503 47.63 -27.27 43.57
C ALA E 503 47.15 -26.61 42.29
N ASP E 504 47.44 -27.20 41.14
CA ASP E 504 47.06 -26.55 39.88
C ASP E 504 45.54 -26.55 39.72
N LEU E 505 45.05 -25.61 38.92
CA LEU E 505 43.61 -25.52 38.67
C LEU E 505 43.08 -26.80 38.06
N ALA E 506 43.79 -27.34 37.07
CA ALA E 506 43.33 -28.57 36.45
C ALA E 506 43.24 -29.71 37.45
N VAL E 507 43.99 -29.66 38.54
CA VAL E 507 43.89 -30.68 39.56
C VAL E 507 42.79 -30.37 40.57
N GLU E 508 42.52 -29.10 40.85
CA GLU E 508 41.39 -28.81 41.70
C GLU E 508 40.09 -29.20 41.03
N ALA E 509 39.97 -28.98 39.73
CA ALA E 509 38.76 -29.42 39.04
C ALA E 509 38.66 -30.93 39.00
N ILE E 510 39.78 -31.64 38.95
CA ILE E 510 39.72 -33.09 38.95
C ILE E 510 39.36 -33.59 40.34
N ARG E 511 39.75 -32.90 41.40
CA ARG E 511 39.22 -33.24 42.71
C ARG E 511 37.71 -33.00 42.77
N GLY E 512 37.26 -31.91 42.17
CA GLY E 512 35.84 -31.65 42.11
C GLY E 512 35.09 -32.74 41.36
N LEU E 513 35.68 -33.25 40.29
CA LEU E 513 35.12 -34.41 39.62
C LEU E 513 35.17 -35.64 40.49
N ARG E 514 36.22 -35.80 41.29
CA ARG E 514 36.29 -36.97 42.16
C ARG E 514 35.12 -36.99 43.12
N THR E 515 34.78 -35.83 43.69
CA THR E 515 33.67 -35.80 44.64
C THR E 515 32.35 -36.10 43.95
N SER E 516 32.14 -35.53 42.77
CA SER E 516 30.90 -35.76 42.05
C SER E 516 30.77 -37.21 41.63
N LEU E 517 31.90 -37.87 41.33
CA LEU E 517 31.86 -39.30 41.05
C LEU E 517 31.55 -40.09 42.30
N HIS E 518 32.24 -39.78 43.39
CA HIS E 518 32.00 -40.50 44.63
C HIS E 518 30.55 -40.46 45.01
N PHE E 519 29.86 -39.38 44.65
CA PHE E 519 28.42 -39.40 44.87
C PHE E 519 27.70 -40.15 43.76
N ALA E 520 28.14 -39.99 42.51
CA ALA E 520 27.43 -40.60 41.40
C ALA E 520 27.70 -42.09 41.26
N MET E 521 28.81 -42.58 41.78
CA MET E 521 29.15 -43.98 41.59
C MET E 521 28.58 -44.90 42.64
N MET E 522 28.14 -44.38 43.77
CA MET E 522 27.41 -45.25 44.68
C MET E 522 26.09 -45.65 44.03
N GLU E 523 25.55 -46.79 44.48
CA GLU E 523 24.47 -47.55 43.86
C GLU E 523 24.80 -48.11 42.48
N ALA E 524 26.02 -47.93 41.98
CA ALA E 524 26.39 -48.59 40.74
C ALA E 524 26.65 -50.07 41.01
N LYS E 525 26.46 -50.89 39.97
CA LYS E 525 26.46 -52.33 40.18
C LYS E 525 27.82 -52.86 40.59
N ASN E 526 28.90 -52.15 40.26
CA ASN E 526 30.22 -52.56 40.70
C ASN E 526 31.13 -51.33 40.68
N ASN E 527 32.31 -51.49 41.25
CA ASN E 527 33.23 -50.37 41.41
C ASN E 527 34.20 -50.25 40.25
N VAL E 528 33.78 -50.61 39.04
CA VAL E 528 34.58 -50.43 37.84
C VAL E 528 34.07 -49.20 37.11
N LEU E 529 34.97 -48.28 36.77
CA LEU E 529 34.65 -47.07 36.06
C LEU E 529 35.35 -47.09 34.72
N MET E 530 34.62 -46.81 33.65
CA MET E 530 35.20 -46.78 32.31
C MET E 530 35.17 -45.35 31.82
N ILE E 531 36.25 -44.91 31.21
CA ILE E 531 36.34 -43.60 30.59
C ILE E 531 36.77 -43.81 29.15
N SER E 532 36.06 -43.22 28.21
CA SER E 532 36.45 -43.27 26.81
C SER E 532 36.43 -41.86 26.24
N GLY E 533 37.58 -41.40 25.75
CA GLY E 533 37.61 -40.13 25.07
C GLY E 533 36.69 -40.17 23.86
N ALA E 534 36.11 -39.02 23.55
CA ALA E 534 35.21 -38.97 22.42
C ALA E 534 35.95 -39.08 21.10
N SER E 535 37.25 -38.90 21.12
CA SER E 535 38.10 -38.96 19.94
C SER E 535 39.53 -38.92 20.43
N PRO E 536 40.51 -39.31 19.62
CA PRO E 536 41.90 -39.17 20.05
C PRO E 536 42.21 -37.72 20.30
N SER E 537 43.21 -37.50 21.17
CA SER E 537 43.59 -36.14 21.58
C SER E 537 42.46 -35.45 22.33
N ALA E 538 41.64 -36.22 23.04
CA ALA E 538 40.71 -35.66 24.00
C ALA E 538 41.23 -35.74 25.41
N GLY E 539 42.42 -36.27 25.62
CA GLY E 539 43.04 -36.26 26.94
C GLY E 539 42.50 -37.30 27.89
N MET E 540 41.89 -38.35 27.37
CA MET E 540 41.26 -39.33 28.24
C MET E 540 42.25 -39.95 29.21
N THR E 541 43.50 -40.14 28.79
CA THR E 541 44.48 -40.67 29.72
C THR E 541 44.97 -39.62 30.69
N PHE E 542 45.03 -38.35 30.28
CA PHE E 542 45.34 -37.27 31.21
C PHE E 542 44.35 -37.27 32.36
N ILE E 543 43.06 -37.25 32.04
CA ILE E 543 42.02 -37.17 33.05
C ILE E 543 41.99 -38.45 33.88
N SER E 544 42.02 -39.61 33.23
CA SER E 544 41.93 -40.84 34.01
C SER E 544 43.13 -41.04 34.92
N SER E 545 44.34 -40.73 34.44
CA SER E 545 45.51 -40.88 35.29
C SER E 545 45.47 -39.91 36.46
N ASN E 546 45.18 -38.63 36.20
CA ASN E 546 45.10 -37.67 37.31
C ASN E 546 44.00 -38.04 38.27
N LEU E 547 42.86 -38.52 37.77
CA LEU E 547 41.78 -38.92 38.66
C LEU E 547 42.20 -40.08 39.54
N ALA E 548 42.91 -41.06 38.97
CA ALA E 548 43.38 -42.16 39.79
C ALA E 548 44.37 -41.67 40.83
N ALA E 549 45.19 -40.69 40.48
CA ALA E 549 46.11 -40.14 41.46
C ALA E 549 45.36 -39.48 42.60
N THR E 550 44.42 -38.60 42.27
CA THR E 550 43.68 -37.85 43.27
C THR E 550 42.73 -38.72 44.06
N ILE E 551 42.44 -39.93 43.60
CA ILE E 551 41.69 -40.86 44.42
C ILE E 551 42.60 -41.75 45.26
N ALA E 552 43.81 -42.03 44.80
CA ALA E 552 44.71 -42.84 45.60
C ALA E 552 45.14 -42.11 46.87
N ILE E 553 45.48 -40.82 46.76
CA ILE E 553 45.94 -40.08 47.92
C ILE E 553 44.85 -39.98 48.97
N THR E 554 43.59 -40.09 48.55
CA THR E 554 42.50 -40.11 49.51
C THR E 554 42.63 -41.30 50.46
N GLY E 555 43.13 -42.41 49.96
CA GLY E 555 43.33 -43.60 50.78
C GLY E 555 42.72 -44.86 50.23
N LYS E 556 42.06 -44.83 49.08
CA LYS E 556 41.48 -46.02 48.49
C LYS E 556 42.49 -46.70 47.58
N LYS E 557 42.41 -48.02 47.51
CA LYS E 557 43.25 -48.78 46.59
C LYS E 557 42.68 -48.65 45.19
N VAL E 558 43.49 -48.16 44.25
CA VAL E 558 43.03 -47.87 42.91
C VAL E 558 43.85 -48.66 41.91
N LEU E 559 43.17 -49.29 40.96
CA LEU E 559 43.81 -49.99 39.86
C LEU E 559 43.47 -49.30 38.57
N PHE E 560 44.46 -49.05 37.76
CA PHE E 560 44.28 -48.29 36.52
C PHE E 560 44.59 -49.21 35.34
N ILE E 561 43.54 -49.68 34.69
CA ILE E 561 43.67 -50.57 33.54
C ILE E 561 43.69 -49.73 32.27
N ASP E 562 44.72 -49.88 31.46
CA ASP E 562 44.82 -49.14 30.21
C ASP E 562 44.44 -50.08 29.06
N ALA E 563 43.15 -50.21 28.85
CA ALA E 563 42.64 -51.13 27.84
C ALA E 563 42.58 -50.51 26.46
N ASP E 564 43.41 -49.53 26.16
CA ASP E 564 43.51 -49.00 24.80
C ASP E 564 44.54 -49.84 24.06
N LEU E 565 44.14 -51.04 23.69
CA LEU E 565 45.07 -52.00 23.13
C LEU E 565 45.56 -51.64 21.73
N ARG E 566 45.20 -50.48 21.21
CA ARG E 566 45.61 -50.12 19.86
C ARG E 566 46.77 -49.13 19.84
N LYS E 567 46.64 -48.00 20.51
CA LYS E 567 47.73 -47.03 20.58
C LYS E 567 47.84 -46.44 21.97
N GLY E 568 47.72 -47.28 22.99
CA GLY E 568 47.84 -46.80 24.36
C GLY E 568 49.29 -46.56 24.72
N TYR E 569 49.53 -45.43 25.39
CA TYR E 569 50.89 -45.02 25.74
C TYR E 569 51.00 -44.67 27.23
N ALA E 570 50.09 -45.19 28.04
CA ALA E 570 50.15 -44.89 29.47
C ALA E 570 51.42 -45.47 30.10
N HIS E 571 51.82 -46.67 29.67
CA HIS E 571 53.06 -47.24 30.16
C HIS E 571 54.26 -46.38 29.80
N LYS E 572 54.19 -45.69 28.66
CA LYS E 572 55.24 -44.76 28.26
C LYS E 572 55.30 -43.52 29.14
N MET E 573 54.37 -43.39 30.08
CA MET E 573 54.23 -42.17 30.86
C MET E 573 54.48 -42.37 32.35
N PHE E 574 54.22 -43.56 32.89
CA PHE E 574 54.38 -43.80 34.31
C PHE E 574 55.68 -44.51 34.66
N GLY E 575 56.46 -44.93 33.66
CA GLY E 575 57.55 -45.85 33.92
C GLY E 575 57.00 -47.26 33.94
N HIS E 576 57.63 -48.17 33.22
CA HIS E 576 56.94 -49.41 32.90
C HIS E 576 57.89 -50.58 32.82
N LYS E 577 57.33 -51.78 33.02
CA LYS E 577 57.91 -53.03 32.55
C LYS E 577 57.00 -53.48 31.40
N ASN E 578 57.38 -53.11 30.18
CA ASN E 578 56.48 -53.29 29.03
C ASN E 578 56.09 -54.74 28.81
N ASP E 579 56.90 -55.68 29.29
CA ASP E 579 56.51 -57.09 29.22
C ASP E 579 55.30 -57.34 30.09
N LYS E 580 54.51 -58.33 29.69
CA LYS E 580 53.36 -58.79 30.46
C LYS E 580 52.38 -57.64 30.72
N GLY E 581 51.94 -57.01 29.64
CA GLY E 581 50.93 -55.98 29.74
C GLY E 581 49.54 -56.56 29.88
N LEU E 582 48.57 -55.99 29.17
CA LEU E 582 47.22 -56.52 29.21
C LEU E 582 47.02 -57.57 28.12
N SER E 583 47.45 -57.27 26.90
CA SER E 583 47.31 -58.23 25.81
C SER E 583 48.04 -59.52 26.13
N GLU E 584 49.16 -59.43 26.84
CA GLU E 584 49.86 -60.62 27.29
C GLU E 584 49.09 -61.39 28.34
N PHE E 585 48.05 -60.80 28.92
CA PHE E 585 47.21 -61.56 29.85
C PHE E 585 46.02 -62.16 29.14
N LEU E 586 45.39 -61.39 28.24
CA LEU E 586 44.25 -61.91 27.48
C LEU E 586 44.68 -63.10 26.63
N SER E 587 45.84 -63.02 26.00
CA SER E 587 46.36 -64.15 25.25
C SER E 587 46.68 -65.34 26.13
N GLY E 588 46.60 -65.20 27.44
CA GLY E 588 46.79 -66.31 28.35
C GLY E 588 48.23 -66.63 28.68
N GLN E 589 49.20 -65.89 28.13
CA GLN E 589 50.60 -66.18 28.38
C GLN E 589 51.15 -65.47 29.60
N ALA E 590 50.32 -64.75 30.34
CA ALA E 590 50.76 -64.11 31.58
C ALA E 590 49.63 -64.20 32.61
N ALA E 591 50.02 -64.33 33.87
CA ALA E 591 49.06 -64.49 34.96
C ALA E 591 48.58 -63.13 35.45
N ALA E 592 47.64 -63.16 36.39
CA ALA E 592 47.02 -61.93 36.87
C ALA E 592 47.98 -61.06 37.66
N GLU E 593 49.04 -61.64 38.23
CA GLU E 593 49.86 -60.90 39.17
C GLU E 593 51.06 -60.24 38.50
N MET E 594 51.61 -60.84 37.46
CA MET E 594 52.80 -60.30 36.84
C MET E 594 52.50 -59.08 35.98
N ILE E 595 51.24 -58.72 35.81
CA ILE E 595 50.86 -57.64 34.91
C ILE E 595 50.65 -56.34 35.68
N ILE E 596 50.21 -56.43 36.93
CA ILE E 596 49.98 -55.21 37.70
C ILE E 596 51.31 -54.61 38.13
N ASP E 597 51.33 -53.29 38.21
CA ASP E 597 52.53 -52.53 38.54
C ASP E 597 52.22 -51.60 39.71
N LYS E 598 53.14 -50.67 39.95
CA LYS E 598 52.94 -49.63 40.96
C LYS E 598 53.51 -48.33 40.42
N VAL E 599 52.66 -47.33 40.21
CA VAL E 599 53.17 -45.99 39.93
C VAL E 599 53.61 -45.39 41.25
N GLU E 600 54.92 -45.23 41.43
CA GLU E 600 55.44 -44.77 42.71
C GLU E 600 54.94 -43.36 43.02
N GLY E 601 54.70 -42.55 42.01
CA GLY E 601 54.23 -41.19 42.22
C GLY E 601 52.78 -41.12 42.65
N GLY E 602 51.88 -41.60 41.78
CA GLY E 602 50.46 -41.52 42.09
C GLY E 602 50.04 -42.43 43.22
N GLY E 603 50.77 -43.52 43.43
CA GLY E 603 50.40 -44.46 44.47
C GLY E 603 49.24 -45.35 44.13
N PHE E 604 49.05 -45.69 42.86
CA PHE E 604 47.99 -46.58 42.45
C PHE E 604 48.56 -47.69 41.57
N ASP E 605 47.98 -48.89 41.70
CA ASP E 605 48.41 -50.01 40.89
C ASP E 605 48.01 -49.82 39.44
N TYR E 606 48.93 -50.12 38.54
CA TYR E 606 48.78 -49.80 37.13
C TYR E 606 48.89 -51.07 36.29
N ILE E 607 48.05 -51.18 35.27
CA ILE E 607 48.14 -52.23 34.27
C ILE E 607 48.28 -51.59 32.91
N GLY E 608 49.33 -51.93 32.19
CA GLY E 608 49.57 -51.41 30.87
C GLY E 608 49.03 -52.33 29.80
N ARG E 609 48.90 -51.80 28.59
CA ARG E 609 48.38 -52.63 27.51
C ARG E 609 49.34 -53.74 27.14
N GLY E 610 50.63 -53.49 27.22
CA GLY E 610 51.60 -54.45 26.69
C GLY E 610 51.73 -54.32 25.19
N GLN E 611 52.18 -55.39 24.56
CA GLN E 611 52.38 -55.38 23.12
C GLN E 611 51.06 -55.21 22.37
N ILE E 612 51.12 -54.47 21.28
CA ILE E 612 49.94 -54.31 20.42
C ILE E 612 49.63 -55.65 19.79
N PRO E 613 48.45 -56.21 20.03
CA PRO E 613 48.10 -57.47 19.41
C PRO E 613 47.45 -57.22 18.07
N PRO E 614 47.37 -58.24 17.19
CA PRO E 614 46.71 -58.04 15.90
C PRO E 614 45.20 -58.08 15.97
N ASN E 615 44.62 -58.64 17.03
CA ASN E 615 43.17 -58.80 17.15
C ASN E 615 42.72 -58.22 18.49
N PRO E 616 42.61 -56.90 18.58
CA PRO E 616 42.26 -56.30 19.88
C PRO E 616 40.87 -56.64 20.33
N ALA E 617 39.87 -56.37 19.50
CA ALA E 617 38.49 -56.59 19.92
C ALA E 617 38.26 -58.05 20.26
N GLU E 618 38.73 -58.95 19.39
CA GLU E 618 38.55 -60.37 19.66
C GLU E 618 39.24 -60.78 20.94
N LEU E 619 40.31 -60.09 21.32
CA LEU E 619 40.94 -60.36 22.60
C LEU E 619 40.05 -59.90 23.75
N LEU E 620 39.52 -58.69 23.65
CA LEU E 620 38.72 -58.15 24.74
C LEU E 620 37.48 -58.97 25.03
N MET E 621 37.04 -59.80 24.07
CA MET E 621 35.89 -60.64 24.31
C MET E 621 36.25 -61.94 25.03
N HIS E 622 37.54 -62.20 25.18
CA HIS E 622 37.94 -63.42 25.84
C HIS E 622 37.35 -63.43 27.24
N PRO E 623 37.00 -64.68 27.71
CA PRO E 623 36.39 -64.68 29.05
C PRO E 623 37.31 -64.18 30.13
N ARG E 624 38.62 -64.23 29.91
CA ARG E 624 39.55 -63.79 30.93
C ARG E 624 39.36 -62.33 31.34
N PHE E 625 39.13 -61.43 30.39
CA PHE E 625 38.96 -60.03 30.75
C PHE E 625 37.98 -59.87 31.90
N GLU E 626 36.86 -60.58 31.85
CA GLU E 626 35.90 -60.56 32.94
C GLU E 626 36.45 -61.18 34.21
N GLN E 627 37.25 -62.23 34.09
CA GLN E 627 37.85 -62.80 35.28
C GLN E 627 38.74 -61.77 35.96
N LEU E 628 39.50 -61.03 35.18
CA LEU E 628 40.35 -59.98 35.73
C LEU E 628 39.53 -58.92 36.44
N LEU E 629 38.47 -58.43 35.79
CA LEU E 629 37.68 -57.39 36.43
C LEU E 629 37.02 -57.91 37.71
N ASN E 630 36.48 -59.13 37.67
CA ASN E 630 35.84 -59.67 38.87
C ASN E 630 36.85 -59.81 40.01
N TRP E 631 38.07 -60.24 39.69
CA TRP E 631 39.09 -60.37 40.71
C TRP E 631 39.48 -59.01 41.28
N ALA E 632 39.76 -58.05 40.41
CA ALA E 632 40.24 -56.75 40.88
C ALA E 632 39.16 -56.01 41.66
N SER E 633 37.91 -56.10 41.21
CA SER E 633 36.80 -55.41 41.87
C SER E 633 36.62 -55.95 43.27
N GLN E 634 37.19 -57.12 43.54
CA GLN E 634 37.26 -57.62 44.91
C GLN E 634 38.53 -57.18 45.61
N ASN E 635 39.63 -57.01 44.89
CA ASN E 635 40.88 -56.64 45.52
C ASN E 635 41.22 -55.16 45.41
N TYR E 636 40.34 -54.35 44.85
CA TYR E 636 40.57 -52.91 44.77
C TYR E 636 39.29 -52.16 45.06
N ASP E 637 39.44 -50.93 45.53
CA ASP E 637 38.29 -50.08 45.78
C ASP E 637 37.79 -49.39 44.53
N LEU E 638 38.67 -49.11 43.58
CA LEU E 638 38.26 -48.49 42.33
C LEU E 638 39.09 -49.07 41.20
N ILE E 639 38.47 -49.18 40.02
CA ILE E 639 39.13 -49.67 38.81
C ILE E 639 38.77 -48.69 37.70
N ILE E 640 39.77 -48.08 37.09
CA ILE E 640 39.57 -47.16 35.99
C ILE E 640 40.10 -47.80 34.73
N ILE E 641 39.29 -47.79 33.68
CA ILE E 641 39.64 -48.44 32.43
C ILE E 641 39.66 -47.38 31.33
N ASP E 642 40.74 -47.37 30.56
CA ASP E 642 40.83 -46.55 29.37
C ASP E 642 40.37 -47.36 28.17
N THR E 643 39.50 -46.78 27.36
CA THR E 643 39.10 -47.49 26.17
C THR E 643 39.23 -46.57 24.96
N PRO E 644 39.45 -47.14 23.78
CA PRO E 644 39.55 -46.32 22.59
C PRO E 644 38.23 -45.64 22.31
N PRO E 645 38.21 -44.62 21.46
CA PRO E 645 36.95 -43.99 21.09
C PRO E 645 35.99 -45.00 20.49
N ILE E 646 34.70 -44.78 20.73
CA ILE E 646 33.67 -45.63 20.15
C ILE E 646 33.31 -45.19 18.73
N LEU E 647 33.70 -43.99 18.33
CA LEU E 647 33.52 -43.60 16.94
C LEU E 647 34.55 -44.23 16.02
N ALA E 648 35.60 -44.84 16.55
CA ALA E 648 36.69 -45.36 15.74
C ALA E 648 36.76 -46.87 15.77
N VAL E 649 36.67 -47.48 16.94
CA VAL E 649 36.63 -48.92 17.07
C VAL E 649 35.44 -49.28 17.95
N THR E 650 35.27 -50.57 18.20
CA THR E 650 34.19 -51.06 19.04
C THR E 650 34.68 -51.58 20.38
N ASP E 651 35.93 -51.30 20.74
CA ASP E 651 36.45 -51.82 22.00
C ASP E 651 35.68 -51.25 23.18
N ALA E 652 35.34 -49.98 23.13
CA ALA E 652 34.66 -49.35 24.26
C ALA E 652 33.34 -50.03 24.54
N ALA E 653 32.61 -50.42 23.51
CA ALA E 653 31.32 -51.08 23.67
C ALA E 653 31.46 -52.53 24.08
N ILE E 654 32.65 -53.11 23.97
CA ILE E 654 32.89 -54.43 24.52
C ILE E 654 33.20 -54.34 26.00
N ILE E 655 34.03 -53.37 26.37
CA ILE E 655 34.43 -53.25 27.76
C ILE E 655 33.29 -52.71 28.61
N GLY E 656 32.52 -51.77 28.06
CA GLY E 656 31.46 -51.14 28.84
C GLY E 656 30.38 -52.08 29.29
N ARG E 657 30.32 -53.28 28.71
CA ARG E 657 29.37 -54.27 29.22
C ARG E 657 29.60 -54.55 30.69
N TYR E 658 30.83 -54.38 31.17
CA TYR E 658 31.15 -54.75 32.52
C TYR E 658 31.43 -53.56 33.42
N ALA E 659 31.35 -52.35 32.90
CA ALA E 659 31.69 -51.16 33.66
C ALA E 659 30.46 -50.63 34.38
N GLY E 660 30.59 -50.39 35.68
CA GLY E 660 29.48 -49.83 36.43
C GLY E 660 29.13 -48.43 36.00
N THR E 661 30.12 -47.63 35.65
CA THR E 661 29.89 -46.26 35.24
C THR E 661 30.77 -45.91 34.05
N CYS E 662 30.18 -45.28 33.05
CA CYS E 662 30.88 -44.93 31.83
C CYS E 662 30.80 -43.44 31.61
N LEU E 663 31.88 -42.84 31.14
CA LEU E 663 31.94 -41.40 30.91
C LEU E 663 32.62 -41.11 29.59
N LEU E 664 32.19 -40.05 28.93
CA LEU E 664 32.84 -39.58 27.73
C LEU E 664 33.66 -38.34 28.06
N VAL E 665 34.90 -38.31 27.61
CA VAL E 665 35.76 -37.14 27.74
C VAL E 665 35.79 -36.45 26.39
N ALA E 666 35.50 -35.16 26.39
CA ALA E 666 35.47 -34.39 25.15
C ALA E 666 36.34 -33.15 25.32
N ARG E 667 37.30 -32.96 24.43
CA ARG E 667 38.07 -31.73 24.43
C ARG E 667 37.13 -30.55 24.22
N PHE E 668 37.52 -29.40 24.76
CA PHE E 668 36.59 -28.27 24.83
C PHE E 668 36.12 -27.85 23.46
N GLU E 669 37.03 -27.42 22.60
CA GLU E 669 36.65 -26.88 21.31
C GLU E 669 36.89 -27.84 20.16
N LYS E 670 37.56 -28.96 20.40
CA LYS E 670 37.85 -29.88 19.30
C LYS E 670 36.63 -30.72 18.94
N ASN E 671 36.19 -31.55 19.88
CA ASN E 671 35.05 -32.42 19.60
C ASN E 671 33.78 -31.59 19.47
N THR E 672 32.87 -32.04 18.63
CA THR E 672 31.60 -31.38 18.45
C THR E 672 30.50 -32.10 19.23
N VAL E 673 29.35 -31.45 19.33
CA VAL E 673 28.22 -32.08 19.98
C VAL E 673 27.73 -33.26 19.17
N LYS E 674 27.92 -33.21 17.86
CA LYS E 674 27.53 -34.34 17.03
C LYS E 674 28.27 -35.60 17.43
N GLU E 675 29.58 -35.49 17.67
CA GLU E 675 30.33 -36.67 18.08
C GLU E 675 29.87 -37.21 19.42
N ILE E 676 29.59 -36.34 20.39
CA ILE E 676 29.12 -36.83 21.68
C ILE E 676 27.78 -37.52 21.55
N ASP E 677 26.86 -36.91 20.81
CA ASP E 677 25.55 -37.52 20.66
C ASP E 677 25.64 -38.86 19.96
N VAL E 678 26.38 -38.92 18.85
CA VAL E 678 26.53 -40.17 18.12
C VAL E 678 27.20 -41.22 18.98
N SER E 679 28.23 -40.84 19.72
CA SER E 679 28.93 -41.80 20.55
C SER E 679 28.05 -42.35 21.66
N MET E 680 27.27 -41.48 22.30
CA MET E 680 26.37 -41.99 23.33
C MET E 680 25.29 -42.87 22.74
N LYS E 681 24.77 -42.53 21.56
CA LYS E 681 23.77 -43.40 20.96
C LYS E 681 24.37 -44.74 20.57
N ARG E 682 25.60 -44.75 20.08
CA ARG E 682 26.23 -46.00 19.73
C ARG E 682 26.60 -46.82 20.95
N PHE E 683 26.86 -46.17 22.07
CA PHE E 683 26.99 -46.93 23.31
C PHE E 683 25.65 -47.51 23.72
N GLU E 684 24.57 -46.78 23.50
CA GLU E 684 23.26 -47.28 23.90
C GLU E 684 22.84 -48.46 23.04
N GLN E 685 23.14 -48.44 21.74
CA GLN E 685 22.81 -49.57 20.89
C GLN E 685 23.52 -50.83 21.38
N SER E 686 24.71 -50.68 21.91
CA SER E 686 25.49 -51.82 22.37
C SER E 686 25.16 -52.20 23.80
N GLY E 687 24.14 -51.60 24.39
CA GLY E 687 23.73 -51.93 25.72
C GLY E 687 24.54 -51.31 26.83
N VAL E 688 25.33 -50.28 26.53
CA VAL E 688 26.15 -49.60 27.53
C VAL E 688 25.56 -48.23 27.74
N VAL E 689 25.23 -47.92 29.00
CA VAL E 689 24.58 -46.67 29.35
C VAL E 689 25.65 -45.69 29.78
N VAL E 690 25.89 -44.66 28.98
CA VAL E 690 26.89 -43.66 29.30
C VAL E 690 26.34 -42.76 30.40
N LYS E 691 27.04 -42.71 31.53
CA LYS E 691 26.55 -41.92 32.65
C LYS E 691 26.51 -40.45 32.30
N GLY E 692 27.57 -39.95 31.69
CA GLY E 692 27.62 -38.55 31.32
C GLY E 692 28.99 -38.18 30.84
N CYS E 693 29.13 -36.93 30.42
CA CYS E 693 30.34 -36.46 29.78
C CYS E 693 31.23 -35.73 30.77
N ILE E 694 32.51 -35.63 30.42
CA ILE E 694 33.50 -34.90 31.21
C ILE E 694 34.15 -33.92 30.26
N LEU E 695 33.62 -32.72 30.18
CA LEU E 695 34.23 -31.73 29.31
C LEU E 695 35.67 -31.50 29.76
N ASN E 696 36.56 -31.36 28.79
CA ASN E 696 37.99 -31.33 29.10
C ASN E 696 38.66 -30.21 28.34
N GLY E 697 39.78 -29.75 28.88
CA GLY E 697 40.59 -28.76 28.20
C GLY E 697 39.86 -27.47 27.91
N VAL E 698 39.00 -27.05 28.83
CA VAL E 698 38.29 -25.80 28.64
C VAL E 698 39.21 -24.63 28.96
N VAL E 699 39.19 -23.61 28.11
CA VAL E 699 40.10 -22.50 28.26
C VAL E 699 39.78 -21.71 29.53
N LYS E 700 40.81 -21.11 30.13
CA LYS E 700 40.62 -20.41 31.39
C LYS E 700 39.71 -19.20 31.26
N LYS E 701 39.46 -18.71 30.04
CA LYS E 701 38.50 -17.64 29.87
C LYS E 701 37.09 -18.11 30.16
N ALA E 702 36.74 -19.32 29.74
CA ALA E 702 35.39 -19.85 29.90
C ALA E 702 35.23 -20.68 31.16
N SER E 703 36.31 -21.14 31.77
CA SER E 703 36.21 -21.91 33.00
C SER E 703 35.96 -20.99 34.18
N SER E 704 35.08 -21.43 35.07
CA SER E 704 34.78 -20.66 36.27
C SER E 704 35.86 -20.79 37.33
N TYR E 705 36.72 -21.80 37.23
CA TYR E 705 37.73 -22.03 38.24
C TYR E 705 38.75 -20.90 38.26
N TYR E 706 39.33 -20.68 39.44
CA TYR E 706 40.37 -19.67 39.60
C TYR E 706 41.21 -20.03 40.81
N ARG E 707 42.37 -19.40 40.90
CA ARG E 707 43.23 -19.64 42.05
C ARG E 707 42.55 -19.15 43.32
N TYR E 708 42.77 -19.88 44.41
CA TYR E 708 42.19 -19.51 45.70
C TYR E 708 43.17 -19.93 46.78
N GLY E 709 43.81 -18.95 47.42
CA GLY E 709 44.77 -19.23 48.47
C GLY E 709 45.96 -18.29 48.45
N ILE F 17 15.00 -0.44 32.21
CA ILE F 17 15.26 0.39 31.04
C ILE F 17 14.00 1.18 30.69
N ASP F 18 12.91 0.90 31.40
CA ASP F 18 11.66 1.60 31.18
C ASP F 18 11.77 3.04 31.68
N LEU F 19 10.88 3.88 31.17
CA LEU F 19 10.80 5.29 31.54
C LEU F 19 10.94 5.51 33.04
N GLY F 20 10.21 4.72 33.84
CA GLY F 20 10.34 4.82 35.28
C GLY F 20 11.72 4.48 35.75
N ARG F 21 12.25 3.36 35.25
CA ARG F 21 13.64 2.99 35.54
C ARG F 21 14.59 4.06 35.03
N VAL F 22 14.30 4.61 33.85
CA VAL F 22 15.16 5.64 33.27
C VAL F 22 15.28 6.82 34.21
N ILE F 23 14.14 7.39 34.61
CA ILE F 23 14.17 8.58 35.46
C ILE F 23 14.73 8.25 36.84
N GLY F 24 14.43 7.06 37.35
CA GLY F 24 14.96 6.67 38.63
C GLY F 24 16.47 6.69 38.62
N GLU F 25 17.07 6.11 37.59
CA GLU F 25 18.53 6.07 37.54
C GLU F 25 19.11 7.42 37.19
N LEU F 26 18.41 8.23 36.39
CA LEU F 26 18.89 9.57 36.10
C LEU F 26 18.97 10.39 37.37
N ILE F 27 17.96 10.30 38.23
CA ILE F 27 18.03 10.97 39.52
C ILE F 27 19.11 10.34 40.38
N ASP F 28 19.25 9.01 40.32
CA ASP F 28 20.31 8.35 41.08
C ASP F 28 21.68 8.82 40.62
N HIS F 29 21.89 8.90 39.31
CA HIS F 29 23.12 9.42 38.75
C HIS F 29 23.00 10.90 38.39
N ARG F 30 22.13 11.64 39.09
CA ARG F 30 21.98 13.06 38.78
C ARG F 30 23.29 13.81 38.93
N LYS F 31 24.14 13.40 39.87
CA LYS F 31 25.45 14.03 40.00
C LYS F 31 26.24 13.90 38.70
N LEU F 32 26.31 12.69 38.14
CA LEU F 32 27.11 12.48 36.94
C LEU F 32 26.54 13.22 35.74
N ILE F 33 25.24 13.04 35.48
CA ILE F 33 24.63 13.64 34.30
C ILE F 33 24.71 15.16 34.39
N ILE F 34 24.35 15.74 35.54
CA ILE F 34 24.42 17.18 35.68
C ILE F 34 25.86 17.66 35.61
N SER F 35 26.81 16.91 36.16
CA SER F 35 28.19 17.33 36.12
C SER F 35 28.72 17.42 34.70
N ILE F 36 28.52 16.37 33.91
CA ILE F 36 29.09 16.38 32.56
C ILE F 36 28.32 17.33 31.64
N THR F 37 26.99 17.37 31.77
CA THR F 37 26.23 18.34 30.99
C THR F 37 26.67 19.76 31.34
N SER F 38 26.84 20.05 32.62
CA SER F 38 27.24 21.39 33.04
C SER F 38 28.65 21.72 32.56
N VAL F 39 29.56 20.75 32.58
CA VAL F 39 30.92 21.06 32.16
C VAL F 39 30.97 21.29 30.65
N PHE F 40 30.20 20.53 29.87
CA PHE F 40 30.14 20.82 28.44
C PHE F 40 29.50 22.16 28.16
N THR F 41 28.46 22.51 28.92
CA THR F 41 27.92 23.86 28.79
C THR F 41 28.98 24.90 29.14
N LEU F 42 29.85 24.60 30.10
CA LEU F 42 30.91 25.54 30.45
C LEU F 42 31.91 25.72 29.31
N PHE F 43 32.32 24.62 28.67
CA PHE F 43 33.19 24.79 27.50
C PHE F 43 32.48 25.58 26.41
N ALA F 44 31.19 25.31 26.19
CA ALA F 44 30.45 26.07 25.19
C ALA F 44 30.42 27.55 25.54
N ILE F 45 30.22 27.87 26.82
CA ILE F 45 30.20 29.26 27.25
C ILE F 45 31.55 29.91 27.01
N LEU F 46 32.62 29.24 27.41
CA LEU F 46 33.95 29.79 27.26
C LEU F 46 34.31 29.97 25.80
N TYR F 47 33.92 29.03 24.95
CA TYR F 47 34.19 29.15 23.53
C TYR F 47 33.41 30.31 22.92
N ALA F 48 32.15 30.47 23.34
CA ALA F 48 31.36 31.60 22.86
C ALA F 48 31.92 32.93 23.30
N LEU F 49 32.52 32.99 24.49
CA LEU F 49 33.05 34.25 24.99
C LEU F 49 34.51 34.49 24.65
N LEU F 50 35.20 33.49 24.09
CA LEU F 50 36.60 33.66 23.72
C LEU F 50 36.85 33.63 22.22
N ALA F 51 35.94 33.04 21.43
CA ALA F 51 36.14 33.01 19.98
C ALA F 51 36.14 34.43 19.44
N THR F 52 37.14 34.73 18.61
CA THR F 52 37.33 36.09 18.13
C THR F 52 36.12 36.53 17.32
N PRO F 53 35.66 37.77 17.49
CA PRO F 53 34.48 38.22 16.74
C PRO F 53 34.79 38.33 15.26
N ILE F 54 33.76 38.16 14.45
CA ILE F 54 33.89 38.29 13.00
C ILE F 54 32.71 39.13 12.52
N TYR F 55 33.00 40.34 12.06
CA TYR F 55 31.98 41.24 11.56
C TYR F 55 31.75 41.03 10.07
N GLU F 56 30.63 41.55 9.59
CA GLU F 56 30.25 41.42 8.19
C GLU F 56 29.80 42.76 7.67
N THR F 57 30.39 43.20 6.57
CA THR F 57 30.06 44.46 5.94
C THR F 57 29.43 44.22 4.58
N ASP F 58 28.55 45.14 4.17
CA ASP F 58 27.80 44.98 2.94
C ASP F 58 27.88 46.24 2.09
N ALA F 59 27.87 46.03 0.78
CA ALA F 59 27.79 47.12 -0.18
C ALA F 59 26.81 46.72 -1.26
N LEU F 60 26.23 47.72 -1.91
CA LEU F 60 25.20 47.49 -2.91
C LEU F 60 25.67 48.01 -4.25
N ILE F 61 25.82 47.11 -5.21
CA ILE F 61 26.27 47.44 -6.56
C ILE F 61 25.11 47.23 -7.51
N GLN F 62 24.85 48.22 -8.36
CA GLN F 62 23.77 48.17 -9.33
C GLN F 62 24.34 48.06 -10.74
N ILE F 63 23.72 47.23 -11.57
CA ILE F 63 24.00 47.18 -12.99
C ILE F 63 22.68 47.05 -13.73
N GLU F 64 22.73 46.93 -15.05
CA GLU F 64 21.50 46.77 -15.83
C GLU F 64 21.30 45.29 -16.19
N GLN F 85 21.43 40.49 -16.06
CA GLN F 85 22.53 39.55 -16.17
C GLN F 85 23.15 39.24 -14.82
N SER F 86 24.27 39.92 -14.53
CA SER F 86 24.95 39.84 -13.24
C SER F 86 25.58 38.48 -13.01
N ALA F 87 25.37 37.55 -13.93
CA ALA F 87 25.95 36.22 -13.83
C ALA F 87 27.45 36.26 -14.19
N PRO F 88 27.89 37.08 -15.14
CA PRO F 88 29.34 37.26 -15.28
C PRO F 88 29.97 38.07 -14.17
N GLU F 89 29.26 39.10 -13.70
CA GLU F 89 29.85 39.98 -12.70
C GLU F 89 30.16 39.23 -11.42
N THR F 90 29.27 38.33 -10.99
CA THR F 90 29.50 37.59 -9.77
C THR F 90 30.77 36.75 -9.84
N ALA F 91 31.28 36.48 -11.04
CA ALA F 91 32.56 35.80 -11.19
C ALA F 91 33.69 36.73 -11.54
N LEU F 92 33.40 37.88 -12.17
CA LEU F 92 34.46 38.84 -12.44
C LEU F 92 34.97 39.49 -11.18
N LEU F 93 34.08 39.78 -10.23
CA LEU F 93 34.51 40.37 -8.97
C LEU F 93 35.46 39.45 -8.22
N GLN F 94 35.16 38.16 -8.21
CA GLN F 94 35.97 37.20 -7.50
C GLN F 94 37.19 36.76 -8.29
N SER F 95 37.46 37.39 -9.43
CA SER F 95 38.64 37.06 -10.21
C SER F 95 39.88 37.64 -9.56
N ARG F 96 41.01 36.95 -9.74
CA ARG F 96 42.24 37.45 -9.17
C ARG F 96 42.63 38.80 -9.71
N MET F 97 42.13 39.19 -10.89
CA MET F 97 42.46 40.49 -11.44
C MET F 97 41.95 41.62 -10.56
N ILE F 98 40.75 41.49 -10.02
CA ILE F 98 40.19 42.54 -9.19
C ILE F 98 40.76 42.48 -7.77
N LEU F 99 40.65 41.32 -7.14
CA LEU F 99 41.11 41.19 -5.76
C LEU F 99 42.59 41.51 -5.65
N GLY F 100 43.40 40.98 -6.58
CA GLY F 100 44.82 41.23 -6.54
C GLY F 100 45.19 42.67 -6.72
N LYS F 101 44.26 43.50 -7.20
CA LYS F 101 44.56 44.92 -7.25
C LYS F 101 44.34 45.58 -5.90
N THR F 102 43.28 45.22 -5.18
CA THR F 102 43.15 45.71 -3.81
C THR F 102 44.31 45.21 -2.97
N ILE F 103 44.81 44.01 -3.26
CA ILE F 103 45.93 43.47 -2.50
C ILE F 103 47.13 44.40 -2.58
N ASP F 104 47.50 44.80 -3.80
CA ASP F 104 48.63 45.70 -3.91
C ASP F 104 48.26 47.12 -3.51
N ASP F 105 46.97 47.44 -3.45
CA ASP F 105 46.56 48.79 -3.10
C ASP F 105 46.65 49.04 -1.61
N LEU F 106 46.16 48.12 -0.80
CA LEU F 106 46.18 48.27 0.65
C LEU F 106 47.35 47.56 1.31
N ASN F 107 48.24 46.96 0.52
CA ASN F 107 49.38 46.22 1.06
C ASN F 107 48.90 45.09 1.97
N LEU F 108 47.96 44.29 1.47
CA LEU F 108 47.32 43.26 2.28
C LEU F 108 48.12 41.98 2.36
N GLN F 109 49.25 41.89 1.67
CA GLN F 109 50.15 40.77 1.88
C GLN F 109 51.05 40.97 3.09
N ILE F 110 50.90 42.09 3.78
CA ILE F 110 51.61 42.37 5.02
C ILE F 110 50.63 42.08 6.16
N GLN F 111 50.70 40.89 6.72
CA GLN F 111 49.82 40.50 7.80
C GLN F 111 50.40 40.93 9.13
N ILE F 112 49.56 41.47 10.00
CA ILE F 112 49.98 41.97 11.29
C ILE F 112 49.08 41.37 12.36
N GLU F 113 49.68 40.76 13.37
CA GLU F 113 48.92 40.13 14.44
C GLU F 113 49.56 40.45 15.79
N GLN F 114 48.74 40.92 16.73
CA GLN F 114 49.20 41.06 18.11
C GLN F 114 49.49 39.68 18.68
N LYS F 115 50.62 39.55 19.36
CA LYS F 115 51.07 38.26 19.85
C LYS F 115 50.42 37.94 21.18
N TYR F 116 49.93 36.71 21.32
CA TYR F 116 49.47 36.17 22.59
C TYR F 116 49.96 34.73 22.68
N PHE F 117 50.80 34.46 23.67
CA PHE F 117 51.36 33.11 23.79
C PHE F 117 50.30 32.02 23.92
N PRO F 118 49.20 32.16 24.67
CA PRO F 118 48.21 31.10 24.71
C PRO F 118 47.32 31.16 23.48
N VAL F 119 46.61 30.05 23.25
CA VAL F 119 45.62 30.02 22.17
C VAL F 119 44.43 30.91 22.48
N ILE F 120 44.29 31.36 23.73
CA ILE F 120 43.18 32.20 24.14
C ILE F 120 43.64 33.54 24.70
N GLY F 121 44.91 33.90 24.54
CA GLY F 121 45.38 35.18 25.06
C GLY F 121 44.66 36.36 24.46
N ARG F 122 44.41 36.32 23.15
CA ARG F 122 43.72 37.42 22.47
C ARG F 122 42.30 37.57 22.99
N GLY F 123 41.58 36.46 23.12
CA GLY F 123 40.21 36.53 23.58
C GLY F 123 40.10 37.09 24.98
N LEU F 124 40.94 36.59 25.89
CA LEU F 124 40.92 37.10 27.26
C LEU F 124 41.36 38.56 27.30
N ALA F 125 42.32 38.94 26.45
CA ALA F 125 42.74 40.33 26.40
C ALA F 125 41.58 41.23 26.02
N ARG F 126 40.77 40.81 25.05
CA ARG F 126 39.56 41.58 24.75
C ARG F 126 38.62 41.57 25.95
N LEU F 127 38.43 40.40 26.58
CA LEU F 127 37.48 40.28 27.68
C LEU F 127 37.87 41.19 28.83
N MET F 128 39.17 41.43 29.01
CA MET F 128 39.61 42.38 30.01
C MET F 128 39.31 43.82 29.62
N GLY F 129 38.80 44.05 28.41
CA GLY F 129 38.58 45.39 27.92
C GLY F 129 39.81 46.05 27.35
N GLU F 130 40.92 45.33 27.23
CA GLU F 130 42.14 45.91 26.68
C GLU F 130 41.94 46.22 25.19
N LYS F 131 42.29 47.43 24.81
CA LYS F 131 42.16 47.81 23.41
C LYS F 131 43.21 47.07 22.58
N PRO F 132 42.80 46.38 21.51
CA PRO F 132 43.75 45.58 20.75
C PRO F 132 44.79 46.45 20.06
N GLY F 133 46.02 45.92 19.97
CA GLY F 133 47.09 46.65 19.33
C GLY F 133 47.02 46.57 17.82
N ASN F 134 47.52 47.63 17.18
CA ASN F 134 47.55 47.69 15.73
C ASN F 134 48.58 48.71 15.30
N ILE F 135 49.28 48.41 14.21
CA ILE F 135 50.29 49.29 13.64
C ILE F 135 49.99 49.47 12.15
N ASP F 136 50.85 50.24 11.49
CA ASP F 136 50.69 50.51 10.07
C ASP F 136 52.04 50.38 9.38
N ILE F 137 52.14 49.45 8.45
CA ILE F 137 53.35 49.23 7.67
C ILE F 137 53.06 49.65 6.24
N THR F 138 53.52 50.84 5.87
CA THR F 138 53.26 51.33 4.52
C THR F 138 54.01 50.54 3.47
N ARG F 139 55.07 49.84 3.85
CA ARG F 139 55.86 49.07 2.89
C ARG F 139 56.71 48.08 3.69
N LEU F 140 56.70 46.82 3.26
CA LEU F 140 57.49 45.77 3.89
C LEU F 140 58.29 45.03 2.85
N TYR F 141 59.59 44.86 3.10
CA TYR F 141 60.45 44.04 2.26
C TYR F 141 61.34 43.23 3.19
N LEU F 142 60.93 41.99 3.44
CA LEU F 142 61.68 41.09 4.28
C LEU F 142 62.95 40.66 3.57
N PRO F 143 63.84 39.92 4.25
CA PRO F 143 65.00 39.35 3.53
C PRO F 143 64.61 38.37 2.44
N ASP F 144 63.33 37.99 2.39
CA ASP F 144 62.78 37.16 1.34
C ASP F 144 63.46 35.78 1.31
N SER F 145 63.45 35.14 2.47
CA SER F 145 63.83 33.75 2.54
C SER F 145 62.99 32.92 1.58
N ASP F 146 61.66 32.96 1.76
CA ASP F 146 60.72 32.45 0.77
C ASP F 146 61.02 31.01 0.38
N ASP F 147 61.32 30.19 1.37
CA ASP F 147 61.65 28.80 1.12
C ASP F 147 60.41 28.05 0.62
N ILE F 148 60.63 26.80 0.21
CA ILE F 148 59.53 25.99 -0.31
C ILE F 148 58.48 25.77 0.77
N SER F 149 58.92 25.40 1.98
CA SER F 149 57.99 25.22 3.08
C SER F 149 57.66 26.56 3.74
N ASN F 150 58.68 27.25 4.24
CA ASN F 150 58.49 28.54 4.91
C ASN F 150 58.61 29.67 3.89
N ASN F 151 57.67 29.69 2.96
CA ASN F 151 57.54 30.80 2.03
C ASN F 151 56.98 32.05 2.69
N THR F 152 56.65 31.98 3.98
CA THR F 152 56.13 33.12 4.72
C THR F 152 57.16 33.55 5.75
N PRO F 153 58.13 34.39 5.38
CA PRO F 153 59.10 34.87 6.37
C PRO F 153 58.40 35.61 7.49
N SER F 154 58.64 35.18 8.72
CA SER F 154 57.97 35.70 9.90
C SER F 154 58.96 36.47 10.77
N ILE F 155 58.58 37.70 11.12
CA ILE F 155 59.33 38.50 12.07
C ILE F 155 58.38 39.00 13.13
N ILE F 156 58.94 39.42 14.26
CA ILE F 156 58.16 39.87 15.40
C ILE F 156 58.61 41.28 15.77
N LEU F 157 57.67 42.19 15.93
CA LEU F 157 57.96 43.55 16.31
C LEU F 157 57.82 43.71 17.82
N THR F 158 58.87 44.21 18.46
CA THR F 158 58.86 44.52 19.87
C THR F 158 58.68 46.03 20.01
N VAL F 159 57.52 46.45 20.51
CA VAL F 159 57.22 47.87 20.61
C VAL F 159 57.96 48.43 21.82
N LYS F 160 58.90 49.35 21.57
CA LYS F 160 59.64 49.96 22.67
C LYS F 160 58.91 51.16 23.24
N ASP F 161 58.43 52.05 22.38
CA ASP F 161 57.65 53.20 22.83
C ASP F 161 56.68 53.58 21.71
N LYS F 162 56.12 54.78 21.79
CA LYS F 162 55.25 55.29 20.75
C LYS F 162 56.01 55.75 19.52
N GLU F 163 57.35 55.86 19.59
CA GLU F 163 58.15 56.31 18.47
C GLU F 163 59.07 55.21 17.96
N ASN F 164 59.92 54.66 18.82
CA ASN F 164 60.91 53.66 18.42
C ASN F 164 60.42 52.26 18.77
N TYR F 165 61.16 51.27 18.28
CA TYR F 165 60.76 49.87 18.37
C TYR F 165 61.96 49.03 17.99
N SER F 166 61.83 47.72 18.19
CA SER F 166 62.84 46.78 17.75
C SER F 166 62.17 45.57 17.13
N ILE F 167 62.84 44.98 16.13
CA ILE F 167 62.32 43.84 15.41
C ILE F 167 63.37 42.74 15.47
N ASN F 168 62.95 41.55 15.88
CA ASN F 168 63.81 40.36 15.85
C ASN F 168 63.32 39.42 14.77
N SER F 169 64.21 39.10 13.82
CA SER F 169 63.90 38.11 12.80
C SER F 169 64.17 36.70 13.32
N ASP F 170 65.43 36.40 13.65
CA ASP F 170 65.80 35.14 14.27
C ASP F 170 66.64 35.39 15.51
N GLY F 171 66.46 36.54 16.15
CA GLY F 171 67.24 36.91 17.31
C GLY F 171 67.91 38.25 17.13
N ILE F 172 68.27 38.58 15.89
CA ILE F 172 68.94 39.84 15.60
C ILE F 172 67.92 40.96 15.69
N GLN F 173 67.92 41.67 16.81
CA GLN F 173 66.93 42.71 17.05
C GLN F 173 67.43 44.04 16.49
N LEU F 174 66.71 44.57 15.51
CA LEU F 174 67.04 45.84 14.88
C LEU F 174 66.14 46.92 15.45
N ASN F 175 66.74 47.92 16.09
CA ASN F 175 65.98 49.01 16.68
C ASN F 175 65.67 50.05 15.61
N GLY F 176 64.41 50.48 15.56
CA GLY F 176 63.99 51.45 14.57
C GLY F 176 62.91 52.36 15.11
N VAL F 177 62.76 53.50 14.43
CA VAL F 177 61.78 54.50 14.79
C VAL F 177 60.85 54.73 13.61
N VAL F 178 59.60 55.06 13.90
CA VAL F 178 58.66 55.38 12.84
C VAL F 178 59.18 56.59 12.06
N GLY F 179 58.86 56.64 10.78
CA GLY F 179 59.46 57.66 9.94
C GLY F 179 60.70 57.13 9.26
N THR F 180 61.86 57.34 9.90
CA THR F 180 63.13 56.81 9.40
C THR F 180 63.00 55.34 9.05
N LEU F 181 63.51 54.99 7.87
CA LEU F 181 63.27 53.68 7.29
C LEU F 181 64.40 52.70 7.63
N LEU F 182 64.02 51.49 8.01
CA LEU F 182 64.98 50.45 8.36
C LEU F 182 65.26 49.59 7.13
N ASN F 183 66.50 49.65 6.64
CA ASN F 183 66.95 48.81 5.53
C ASN F 183 68.29 48.20 5.91
N GLU F 184 68.25 47.05 6.59
CA GLU F 184 69.46 46.37 7.01
C GLU F 184 69.29 44.87 6.82
N LYS F 185 70.40 44.20 6.49
CA LYS F 185 70.41 42.75 6.27
C LYS F 185 69.39 42.34 5.22
N GLY F 186 69.15 43.20 4.23
CA GLY F 186 68.09 42.94 3.28
C GLY F 186 66.69 43.02 3.85
N ILE F 187 66.56 43.48 5.08
CA ILE F 187 65.26 43.62 5.74
C ILE F 187 64.86 45.09 5.60
N SER F 188 63.80 45.33 4.84
CA SER F 188 63.34 46.66 4.54
C SER F 188 61.94 46.83 5.12
N LEU F 189 61.84 47.61 6.19
CA LEU F 189 60.59 47.82 6.92
C LEU F 189 60.37 49.30 7.16
N LEU F 190 59.14 49.76 6.93
CA LEU F 190 58.69 51.09 7.28
C LEU F 190 57.34 50.96 7.97
N VAL F 191 57.36 50.98 9.31
CA VAL F 191 56.14 50.99 10.10
C VAL F 191 55.97 52.38 10.69
N ASN F 192 54.75 52.90 10.62
CA ASN F 192 54.44 54.22 11.13
C ASN F 192 53.11 54.15 11.88
N GLU F 193 52.88 55.17 12.70
CA GLU F 193 51.68 55.24 13.55
C GLU F 193 51.58 53.99 14.43
N ILE F 194 52.72 53.58 14.98
CA ILE F 194 52.75 52.42 15.86
C ILE F 194 51.86 52.68 17.07
N ASP F 195 51.29 51.62 17.61
CA ASP F 195 50.32 51.75 18.68
C ASP F 195 50.99 52.21 19.97
N ALA F 196 50.17 52.43 20.99
CA ALA F 196 50.66 53.03 22.23
C ALA F 196 51.36 52.01 23.11
N LYS F 197 50.69 50.90 23.43
CA LYS F 197 51.17 49.94 24.40
C LYS F 197 52.54 49.38 24.02
N PRO F 198 53.59 49.71 24.77
CA PRO F 198 54.93 49.23 24.45
C PRO F 198 55.12 47.80 24.96
N GLY F 199 56.29 47.24 24.65
CA GLY F 199 56.62 45.89 25.04
C GLY F 199 55.84 44.80 24.36
N ASP F 200 54.83 45.13 23.56
CA ASP F 200 54.03 44.12 22.89
C ASP F 200 54.83 43.50 21.76
N GLN F 201 54.32 42.38 21.27
CA GLN F 201 54.92 41.65 20.16
C GLN F 201 53.92 41.57 19.02
N PHE F 202 54.36 41.91 17.81
CA PHE F 202 53.51 41.87 16.63
C PHE F 202 54.11 40.91 15.63
N VAL F 203 53.36 39.86 15.28
CA VAL F 203 53.81 38.90 14.30
C VAL F 203 53.57 39.47 12.91
N ILE F 204 54.63 39.61 12.12
CA ILE F 204 54.55 40.15 10.77
C ILE F 204 54.83 39.02 9.79
N THR F 205 54.00 38.92 8.77
CA THR F 205 54.12 37.86 7.79
C THR F 205 53.93 38.45 6.40
N GLN F 206 54.93 38.27 5.54
CA GLN F 206 54.85 38.71 4.15
C GLN F 206 54.41 37.53 3.27
N LEU F 207 53.20 37.07 3.53
CA LEU F 207 52.66 35.94 2.81
C LEU F 207 52.49 36.29 1.33
N PRO F 208 52.58 35.29 0.44
CA PRO F 208 52.64 35.60 -0.99
C PRO F 208 51.35 36.21 -1.51
N ARG F 209 51.50 36.92 -2.63
CA ARG F 209 50.37 37.63 -3.23
C ARG F 209 49.20 36.69 -3.51
N LEU F 210 49.50 35.49 -4.01
CA LEU F 210 48.44 34.52 -4.26
C LEU F 210 47.70 34.12 -2.98
N LYS F 211 48.43 33.91 -1.89
CA LYS F 211 47.77 33.55 -0.65
C LYS F 211 46.92 34.70 -0.12
N ALA F 212 47.43 35.92 -0.25
CA ALA F 212 46.69 37.11 0.17
C ALA F 212 45.48 37.35 -0.71
N ILE F 213 45.46 36.79 -1.91
CA ILE F 213 44.25 36.79 -2.72
C ILE F 213 43.29 35.71 -2.26
N SER F 214 43.83 34.52 -2.00
CA SER F 214 42.99 33.38 -1.68
C SER F 214 42.22 33.57 -0.39
N ASP F 215 42.87 34.06 0.66
CA ASP F 215 42.16 34.21 1.93
C ASP F 215 41.03 35.23 1.78
N LEU F 216 41.32 36.35 1.10
CA LEU F 216 40.30 37.35 0.85
C LEU F 216 39.14 36.75 0.08
N LEU F 217 39.42 36.03 -0.99
CA LEU F 217 38.37 35.42 -1.79
C LEU F 217 37.55 34.46 -0.96
N LYS F 218 38.19 33.78 -0.01
CA LYS F 218 37.45 32.91 0.90
C LYS F 218 36.52 33.73 1.79
N SER F 219 36.96 34.91 2.21
CA SER F 219 36.10 35.77 3.04
C SER F 219 35.05 36.49 2.20
N PHE F 220 35.38 36.83 0.96
CA PHE F 220 34.51 37.62 0.11
C PHE F 220 33.32 36.79 -0.38
N SER F 221 32.22 37.47 -0.69
CA SER F 221 31.04 36.77 -1.14
C SER F 221 30.13 37.73 -1.90
N VAL F 222 29.41 37.21 -2.90
CA VAL F 222 28.54 38.02 -3.73
C VAL F 222 27.21 37.31 -3.90
N ALA F 223 26.13 38.09 -4.00
CA ALA F 223 24.80 37.56 -4.25
C ALA F 223 24.00 38.62 -5.02
N ASP F 224 22.86 38.21 -5.56
CA ASP F 224 22.09 39.06 -6.47
C ASP F 224 20.69 39.39 -5.98
N LEU F 225 20.03 38.44 -5.31
CA LEU F 225 18.71 38.57 -4.67
C LEU F 225 17.61 39.03 -5.62
N GLY F 226 17.85 39.10 -6.93
CA GLY F 226 16.78 39.41 -7.85
C GLY F 226 16.76 38.51 -9.07
N LYS F 227 17.87 37.80 -9.27
CA LYS F 227 18.04 36.76 -10.30
C LYS F 227 18.12 37.38 -11.69
N ASP F 228 17.75 38.65 -11.81
CA ASP F 228 18.08 39.48 -12.95
C ASP F 228 18.41 40.91 -12.56
N THR F 229 18.08 41.32 -11.34
CA THR F 229 18.28 42.69 -10.92
C THR F 229 19.76 43.03 -10.91
N GLY F 230 20.07 44.28 -11.24
CA GLY F 230 21.45 44.73 -11.16
C GLY F 230 22.00 44.79 -9.76
N MET F 231 21.15 44.62 -8.76
CA MET F 231 21.61 44.72 -7.37
C MET F 231 22.48 43.53 -7.01
N LEU F 232 23.69 43.81 -6.57
CA LEU F 232 24.64 42.80 -6.11
C LEU F 232 25.02 43.17 -4.69
N THR F 233 24.89 42.22 -3.77
CA THR F 233 25.20 42.48 -2.37
C THR F 233 26.57 41.91 -2.03
N LEU F 234 27.60 42.73 -2.16
CA LEU F 234 28.92 42.31 -1.75
C LEU F 234 28.97 42.22 -0.23
N THR F 235 29.52 41.12 0.27
CA THR F 235 29.67 40.93 1.71
C THR F 235 31.08 40.46 1.99
N LEU F 236 31.71 41.08 2.99
CA LEU F 236 33.06 40.70 3.38
C LEU F 236 33.09 40.50 4.88
N THR F 237 33.70 39.40 5.31
CA THR F 237 33.70 39.00 6.72
C THR F 237 35.13 39.02 7.23
N GLY F 238 35.34 39.65 8.37
CA GLY F 238 36.66 39.71 8.97
C GLY F 238 36.58 40.10 10.42
N ASP F 239 37.73 40.09 11.07
CA ASP F 239 37.80 40.43 12.48
C ASP F 239 37.90 41.93 12.71
N ASN F 240 38.90 42.56 12.11
CA ASN F 240 39.09 44.00 12.28
C ASN F 240 37.94 44.74 11.61
N PRO F 241 37.04 45.37 12.36
CA PRO F 241 35.84 45.95 11.74
C PRO F 241 36.16 47.07 10.78
N LYS F 242 36.98 48.02 11.21
CA LYS F 242 37.31 49.15 10.35
C LYS F 242 38.05 48.72 9.10
N ARG F 243 38.83 47.64 9.17
CA ARG F 243 39.64 47.24 8.03
C ARG F 243 38.79 46.68 6.90
N ILE F 244 37.79 45.87 7.23
CA ILE F 244 37.03 45.20 6.19
C ILE F 244 36.17 46.18 5.41
N SER F 245 35.68 47.25 6.04
CA SER F 245 34.95 48.24 5.27
C SER F 245 35.86 48.89 4.24
N HIS F 246 37.10 49.20 4.63
CA HIS F 246 38.04 49.77 3.68
C HIS F 246 38.34 48.79 2.56
N ILE F 247 38.54 47.52 2.88
CA ILE F 247 38.84 46.55 1.84
C ILE F 247 37.69 46.44 0.87
N LEU F 248 36.46 46.39 1.38
CA LEU F 248 35.30 46.28 0.50
C LEU F 248 35.14 47.52 -0.35
N ASP F 249 35.36 48.71 0.22
CA ASP F 249 35.30 49.92 -0.57
C ASP F 249 36.34 49.89 -1.69
N SER F 250 37.55 49.43 -1.37
CA SER F 250 38.58 49.37 -2.40
C SER F 250 38.20 48.39 -3.49
N ILE F 251 37.57 47.28 -3.12
CA ILE F 251 37.08 46.35 -4.13
C ILE F 251 36.07 47.03 -5.04
N SER F 252 35.14 47.78 -4.45
CA SER F 252 34.13 48.46 -5.24
C SER F 252 34.77 49.48 -6.19
N GLN F 253 35.71 50.27 -5.69
CA GLN F 253 36.35 51.29 -6.52
C GLN F 253 37.14 50.65 -7.65
N ASN F 254 37.87 49.57 -7.35
CA ASN F 254 38.63 48.90 -8.40
C ASN F 254 37.70 48.31 -9.45
N TYR F 255 36.58 47.71 -9.02
CA TYR F 255 35.62 47.21 -9.97
C TYR F 255 35.06 48.32 -10.86
N LEU F 256 34.73 49.45 -10.25
CA LEU F 256 34.19 50.58 -11.00
C LEU F 256 35.20 51.07 -12.02
N ALA F 257 36.44 51.28 -11.59
CA ALA F 257 37.46 51.78 -12.49
C ALA F 257 37.72 50.81 -13.63
N GLN F 258 37.76 49.51 -13.32
CA GLN F 258 38.01 48.51 -14.35
C GLN F 258 36.87 48.47 -15.35
N ASN F 259 35.63 48.60 -14.88
CA ASN F 259 34.51 48.66 -15.81
C ASN F 259 34.58 49.91 -16.67
N ILE F 260 35.01 51.04 -16.10
CA ILE F 260 35.25 52.22 -16.91
C ILE F 260 36.33 51.94 -17.95
N ALA F 261 37.40 51.25 -17.54
CA ALA F 261 38.46 50.87 -18.46
C ALA F 261 37.94 49.89 -19.51
N ILE F 406 30.09 54.34 -19.36
CA ILE F 406 29.20 53.27 -18.95
C ILE F 406 28.13 53.85 -18.03
N GLY F 407 27.03 53.11 -17.85
CA GLY F 407 25.87 53.65 -17.19
C GLY F 407 25.77 53.39 -15.71
N ASN F 408 24.91 52.45 -15.33
CA ASN F 408 24.33 52.39 -13.99
C ASN F 408 25.16 51.56 -13.01
N VAL F 409 26.43 51.33 -13.30
CA VAL F 409 27.29 50.66 -12.33
C VAL F 409 27.65 51.66 -11.23
N ARG F 410 27.14 51.44 -10.03
CA ARG F 410 27.29 52.41 -8.97
C ARG F 410 27.50 51.72 -7.63
N ILE F 411 28.15 52.42 -6.72
CA ILE F 411 28.07 52.11 -5.30
C ILE F 411 26.88 52.89 -4.77
N ILE F 412 25.75 52.20 -4.61
CA ILE F 412 24.56 52.86 -4.05
C ILE F 412 24.87 53.38 -2.66
N ASP F 413 25.52 52.56 -1.84
CA ASP F 413 25.92 52.94 -0.51
C ASP F 413 27.27 52.29 -0.19
N ASN F 414 28.19 53.07 0.36
CA ASN F 414 29.50 52.53 0.67
C ASN F 414 29.38 51.46 1.75
N ALA F 415 30.40 50.61 1.80
CA ALA F 415 30.38 49.49 2.73
C ALA F 415 30.52 49.98 4.16
N VAL F 416 29.64 49.50 5.03
CA VAL F 416 29.71 49.80 6.46
C VAL F 416 29.55 48.50 7.22
N THR F 417 30.19 48.44 8.39
CA THR F 417 30.26 47.22 9.16
C THR F 417 29.20 47.20 10.25
N ASP F 418 28.46 46.11 10.32
CA ASP F 418 27.46 45.96 11.37
C ASP F 418 28.18 45.85 12.71
N PRO F 419 27.92 46.74 13.68
CA PRO F 419 28.61 46.64 14.96
C PRO F 419 28.36 45.35 15.69
N ASN F 420 27.24 44.67 15.42
CA ASN F 420 26.96 43.40 16.05
C ASN F 420 27.71 42.29 15.33
N PRO F 421 28.63 41.59 15.98
CA PRO F 421 29.32 40.47 15.31
C PRO F 421 28.32 39.39 14.92
N VAL F 422 28.60 38.73 13.80
CA VAL F 422 27.76 37.63 13.37
C VAL F 422 28.33 36.28 13.79
N ARG F 423 29.61 36.22 14.16
CA ARG F 423 30.21 35.01 14.65
C ARG F 423 31.33 35.42 15.60
N PRO F 424 31.51 34.72 16.73
CA PRO F 424 30.80 33.49 17.09
C PRO F 424 29.35 33.71 17.48
N LYS F 425 28.48 32.80 17.06
CA LYS F 425 27.05 32.91 17.32
C LYS F 425 26.79 32.53 18.77
N LYS F 426 26.66 33.55 19.61
CA LYS F 426 26.26 33.30 20.99
C LYS F 426 24.84 32.75 21.01
N THR F 427 24.49 32.13 22.14
CA THR F 427 23.19 31.54 22.44
C THR F 427 22.74 30.55 21.37
N ILE F 428 23.64 30.13 20.49
CA ILE F 428 23.33 29.14 19.47
C ILE F 428 24.24 27.95 19.69
N ILE F 429 25.41 28.19 20.27
CA ILE F 429 26.30 27.10 20.63
C ILE F 429 26.17 26.72 22.11
N ILE F 430 25.82 27.69 22.96
CA ILE F 430 25.59 27.37 24.38
C ILE F 430 24.45 26.36 24.50
N VAL F 431 23.38 26.55 23.73
CA VAL F 431 22.30 25.58 23.68
C VAL F 431 22.77 24.29 23.06
N ILE F 432 23.64 24.37 22.06
CA ILE F 432 24.24 23.15 21.52
C ILE F 432 25.12 22.49 22.56
N GLY F 433 25.81 23.29 23.39
CA GLY F 433 26.53 22.71 24.51
C GLY F 433 25.61 21.98 25.48
N VAL F 434 24.45 22.55 25.76
CA VAL F 434 23.49 21.91 26.65
C VAL F 434 23.02 20.59 26.06
N VAL F 435 22.59 20.61 24.81
CA VAL F 435 22.06 19.39 24.21
C VAL F 435 23.15 18.35 24.04
N LEU F 436 24.39 18.77 23.78
CA LEU F 436 25.49 17.83 23.67
C LEU F 436 25.81 17.18 25.00
N GLY F 437 25.88 17.97 26.07
CA GLY F 437 26.09 17.39 27.39
C GLY F 437 24.97 16.45 27.77
N LEU F 438 23.73 16.81 27.49
CA LEU F 438 22.60 15.95 27.81
C LEU F 438 22.66 14.65 27.02
N ILE F 439 22.93 14.72 25.71
CA ILE F 439 22.92 13.53 24.90
C ILE F 439 24.09 12.62 25.24
N VAL F 440 25.28 13.17 25.52
CA VAL F 440 26.38 12.31 25.91
C VAL F 440 26.11 11.71 27.28
N SER F 441 25.47 12.46 28.18
CA SER F 441 25.13 11.90 29.48
C SER F 441 24.16 10.74 29.34
N VAL F 442 23.15 10.90 28.49
CA VAL F 442 22.18 9.82 28.28
C VAL F 442 22.87 8.59 27.69
N VAL F 443 23.69 8.80 26.66
CA VAL F 443 24.30 7.66 26.01
C VAL F 443 25.32 6.99 26.92
N LEU F 444 25.90 7.73 27.87
CA LEU F 444 26.85 7.12 28.79
C LEU F 444 26.15 6.43 29.96
N VAL F 445 25.06 7.01 30.48
CA VAL F 445 24.35 6.37 31.58
C VAL F 445 23.67 5.11 31.09
N LEU F 446 23.15 5.11 29.87
CA LEU F 446 22.58 3.88 29.34
C LEU F 446 23.67 2.83 29.10
N PHE F 447 24.86 3.27 28.70
CA PHE F 447 25.97 2.36 28.56
C PHE F 447 26.32 1.72 29.91
N GLN F 448 26.35 2.53 30.96
CA GLN F 448 26.60 1.97 32.28
C GLN F 448 25.44 1.11 32.77
N VAL F 449 24.23 1.38 32.27
CA VAL F 449 23.10 0.48 32.55
C VAL F 449 23.39 -0.89 31.98
N PHE F 450 23.77 -0.93 30.72
CA PHE F 450 24.06 -2.19 30.05
C PHE F 450 25.48 -2.66 30.32
N LEU F 451 26.18 -2.05 31.27
CA LEU F 451 27.52 -2.49 31.64
C LEU F 451 27.49 -3.51 32.77
N ARG F 452 26.81 -3.20 33.87
CA ARG F 452 26.80 -4.08 35.03
C ARG F 452 25.92 -5.29 34.77
N ARG F 453 26.33 -6.43 35.33
CA ARG F 453 25.57 -7.66 35.24
C ARG F 453 25.29 -8.32 36.59
N GLY F 454 25.74 -7.74 37.70
CA GLY F 454 25.55 -8.38 38.98
C GLY F 454 24.10 -8.49 39.39
N ILE F 455 23.83 -9.16 40.51
CA ILE F 455 22.47 -9.20 41.03
C ILE F 455 22.04 -7.79 41.38
N GLU F 456 20.78 -7.47 41.09
CA GLU F 456 20.24 -6.17 41.41
C GLU F 456 19.15 -6.20 42.47
N SER F 457 18.55 -7.36 42.74
CA SER F 457 17.50 -7.46 43.73
C SER F 457 17.16 -8.92 43.99
N PRO F 458 16.59 -9.23 45.15
CA PRO F 458 16.26 -10.64 45.44
C PRO F 458 15.30 -11.25 44.45
N GLU F 459 14.47 -10.47 43.76
CA GLU F 459 13.55 -11.06 42.81
C GLU F 459 14.29 -11.76 41.67
N GLN F 460 15.47 -11.27 41.31
CA GLN F 460 16.23 -11.96 40.28
C GLN F 460 16.61 -13.36 40.72
N LEU F 461 17.04 -13.51 41.96
CA LEU F 461 17.32 -14.86 42.45
C LEU F 461 16.04 -15.68 42.54
N GLU F 462 14.95 -15.07 42.99
CA GLU F 462 13.73 -15.84 43.19
C GLU F 462 13.04 -16.23 41.89
N GLU F 463 13.36 -15.59 40.77
CA GLU F 463 12.78 -16.07 39.52
C GLU F 463 13.33 -17.45 39.19
N ILE F 464 14.61 -17.68 39.45
CA ILE F 464 15.23 -18.97 39.20
C ILE F 464 14.74 -20.05 40.15
N GLY F 465 14.26 -19.65 41.32
CA GLY F 465 13.82 -20.62 42.32
C GLY F 465 14.81 -20.76 43.46
N ILE F 466 15.37 -19.65 43.90
CA ILE F 466 16.37 -19.61 44.97
C ILE F 466 15.80 -18.78 46.11
N ASN F 467 15.54 -19.41 47.24
CA ASN F 467 14.89 -18.72 48.36
C ASN F 467 15.90 -17.78 49.01
N VAL F 468 15.81 -16.50 48.70
CA VAL F 468 16.66 -15.52 49.35
C VAL F 468 16.17 -15.38 50.80
N TYR F 469 16.96 -15.90 51.75
CA TYR F 469 16.52 -15.87 53.13
C TYR F 469 16.65 -14.49 53.76
N ALA F 470 17.49 -13.62 53.22
CA ALA F 470 17.67 -12.30 53.80
C ALA F 470 18.41 -11.44 52.79
N SER F 471 18.40 -10.14 53.03
CA SER F 471 19.16 -9.18 52.23
C SER F 471 19.80 -8.24 53.23
N ILE F 472 21.06 -8.50 53.56
CA ILE F 472 21.76 -7.72 54.56
C ILE F 472 22.22 -6.40 53.97
N PRO F 473 21.80 -5.26 54.51
CA PRO F 473 22.27 -3.99 53.99
C PRO F 473 23.71 -3.73 54.37
N ILE F 474 24.43 -3.05 53.47
CA ILE F 474 25.83 -2.72 53.70
C ILE F 474 25.93 -1.72 54.84
N SER F 475 26.78 -2.01 55.80
CA SER F 475 27.02 -1.12 56.93
C SER F 475 28.22 -0.25 56.66
N GLU F 476 28.18 0.99 57.17
CA GLU F 476 29.27 1.93 56.92
C GLU F 476 30.57 1.45 57.53
N TRP F 477 30.51 0.87 58.72
CA TRP F 477 31.70 0.42 59.43
C TRP F 477 32.54 -0.52 58.59
N ASP F 494 37.80 -3.73 65.35
CA ASP F 494 37.96 -5.02 64.71
C ASP F 494 37.01 -6.05 65.31
N THR F 495 36.33 -5.66 66.38
CA THR F 495 35.38 -6.56 67.01
C THR F 495 34.14 -6.71 66.14
N LEU F 496 33.30 -7.67 66.51
CA LEU F 496 32.11 -7.97 65.71
C LEU F 496 31.16 -6.79 65.69
N LEU F 497 30.58 -6.53 64.52
CA LEU F 497 29.56 -5.49 64.44
C LEU F 497 28.38 -5.82 65.35
N ALA F 498 28.04 -7.09 65.48
CA ALA F 498 26.91 -7.49 66.31
C ALA F 498 27.12 -7.19 67.78
N VAL F 499 28.34 -6.92 68.20
CA VAL F 499 28.60 -6.48 69.57
C VAL F 499 29.13 -5.06 69.63
N GLY F 500 29.68 -4.52 68.56
CA GLY F 500 30.19 -3.17 68.57
C GLY F 500 29.09 -2.14 68.46
N ASN F 501 28.20 -2.33 67.49
CA ASN F 501 27.10 -1.40 67.22
C ASN F 501 25.81 -2.20 67.11
N PRO F 502 25.31 -2.73 68.22
CA PRO F 502 24.22 -3.72 68.14
C PRO F 502 22.96 -3.21 67.50
N ALA F 503 22.79 -1.90 67.35
CA ALA F 503 21.59 -1.34 66.75
C ALA F 503 21.76 -0.99 65.29
N ASP F 504 22.88 -1.37 64.68
CA ASP F 504 23.08 -1.03 63.27
C ASP F 504 22.13 -1.84 62.41
N LEU F 505 21.79 -1.29 61.25
CA LEU F 505 20.81 -1.94 60.37
C LEU F 505 21.28 -3.32 59.96
N ALA F 506 22.58 -3.46 59.67
CA ALA F 506 23.10 -4.73 59.22
C ALA F 506 23.02 -5.80 60.29
N VAL F 507 22.81 -5.41 61.55
CA VAL F 507 22.57 -6.41 62.58
C VAL F 507 21.08 -6.67 62.75
N GLU F 508 20.23 -5.66 62.53
CA GLU F 508 18.80 -5.92 62.54
C GLU F 508 18.43 -6.91 61.46
N ALA F 509 19.00 -6.75 60.27
CA ALA F 509 18.72 -7.70 59.21
C ALA F 509 19.25 -9.09 59.52
N ILE F 510 20.33 -9.19 60.28
CA ILE F 510 20.85 -10.50 60.63
C ILE F 510 20.00 -11.15 61.71
N ARG F 511 19.41 -10.36 62.60
CA ARG F 511 18.40 -10.94 63.48
C ARG F 511 17.20 -11.42 62.69
N GLY F 512 16.82 -10.67 61.65
CA GLY F 512 15.77 -11.14 60.78
C GLY F 512 16.13 -12.46 60.12
N LEU F 513 17.39 -12.62 59.74
CA LEU F 513 17.84 -13.90 59.22
C LEU F 513 17.79 -14.96 60.30
N ARG F 514 18.11 -14.61 61.54
CA ARG F 514 18.11 -15.58 62.62
C ARG F 514 16.73 -16.17 62.80
N THR F 515 15.69 -15.34 62.79
CA THR F 515 14.34 -15.87 63.00
C THR F 515 13.93 -16.78 61.84
N SER F 516 14.20 -16.35 60.60
CA SER F 516 13.80 -17.16 59.46
C SER F 516 14.56 -18.47 59.43
N LEU F 517 15.80 -18.49 59.89
CA LEU F 517 16.52 -19.76 59.99
C LEU F 517 15.93 -20.63 61.07
N HIS F 518 15.71 -20.06 62.26
CA HIS F 518 15.16 -20.84 63.37
C HIS F 518 13.85 -21.51 62.97
N PHE F 519 13.07 -20.84 62.12
CA PHE F 519 11.92 -21.52 61.55
C PHE F 519 12.35 -22.55 60.50
N ALA F 520 13.35 -22.22 59.69
CA ALA F 520 13.72 -23.10 58.58
C ALA F 520 14.68 -24.19 59.00
N MET F 521 15.53 -23.95 59.97
CA MET F 521 16.52 -24.94 60.34
C MET F 521 15.95 -26.09 61.15
N MET F 522 14.77 -25.95 61.72
CA MET F 522 14.14 -27.10 62.36
C MET F 522 13.67 -28.07 61.28
N GLU F 523 13.43 -29.31 61.70
CA GLU F 523 13.25 -30.50 60.87
C GLU F 523 14.48 -30.86 60.06
N ALA F 524 15.59 -30.13 60.18
CA ALA F 524 16.82 -30.57 59.55
C ALA F 524 17.35 -31.80 60.26
N LYS F 525 18.16 -32.59 59.55
CA LYS F 525 18.62 -33.84 60.12
C LYS F 525 19.57 -33.63 61.29
N ASN F 526 20.23 -32.48 61.36
CA ASN F 526 21.09 -32.16 62.49
C ASN F 526 21.21 -30.65 62.57
N ASN F 527 21.84 -30.18 63.64
CA ASN F 527 21.94 -28.75 63.89
C ASN F 527 23.23 -28.15 63.34
N VAL F 528 23.73 -28.65 62.21
CA VAL F 528 24.90 -28.08 61.55
C VAL F 528 24.43 -27.21 60.40
N LEU F 529 24.94 -25.99 60.35
CA LEU F 529 24.68 -25.07 59.25
C LEU F 529 25.99 -24.82 58.53
N MET F 530 25.98 -24.92 57.21
CA MET F 530 27.15 -24.60 56.40
C MET F 530 26.81 -23.40 55.56
N ILE F 531 27.63 -22.36 55.65
CA ILE F 531 27.45 -21.13 54.91
C ILE F 531 28.65 -20.94 54.01
N SER F 532 28.42 -20.88 52.71
CA SER F 532 29.51 -20.76 51.75
C SER F 532 29.26 -19.55 50.86
N GLY F 533 30.23 -18.65 50.80
CA GLY F 533 30.10 -17.51 49.92
C GLY F 533 30.12 -17.93 48.46
N ALA F 534 29.52 -17.11 47.62
CA ALA F 534 29.50 -17.43 46.20
C ALA F 534 30.86 -17.24 45.55
N SER F 535 31.76 -16.55 46.21
CA SER F 535 33.11 -16.28 45.75
C SER F 535 33.81 -15.57 46.90
N PRO F 536 35.13 -15.47 46.90
CA PRO F 536 35.77 -14.58 47.87
C PRO F 536 35.28 -13.17 47.64
N SER F 537 35.37 -12.35 48.69
CA SER F 537 34.80 -11.01 48.70
C SER F 537 33.28 -11.06 48.61
N ALA F 538 32.68 -12.13 49.14
CA ALA F 538 31.24 -12.17 49.34
C ALA F 538 30.84 -11.88 50.76
N GLY F 539 31.79 -11.65 51.66
CA GLY F 539 31.47 -11.31 53.02
C GLY F 539 31.01 -12.47 53.85
N MET F 540 31.31 -13.69 53.43
CA MET F 540 30.76 -14.86 54.10
C MET F 540 31.16 -14.90 55.57
N THR F 541 32.38 -14.51 55.90
CA THR F 541 32.76 -14.53 57.31
C THR F 541 32.13 -13.40 58.10
N PHE F 542 31.93 -12.24 57.48
CA PHE F 542 31.18 -11.17 58.13
C PHE F 542 29.81 -11.68 58.56
N ILE F 543 29.03 -12.18 57.59
CA ILE F 543 27.67 -12.62 57.87
C ILE F 543 27.67 -13.77 58.85
N SER F 544 28.55 -14.74 58.64
CA SER F 544 28.52 -15.92 59.49
C SER F 544 28.89 -15.60 60.92
N SER F 545 29.92 -14.79 61.14
CA SER F 545 30.31 -14.44 62.49
C SER F 545 29.22 -13.63 63.18
N ASN F 546 28.63 -12.65 62.47
CA ASN F 546 27.58 -11.87 63.10
C ASN F 546 26.36 -12.72 63.41
N LEU F 547 26.03 -13.67 62.53
CA LEU F 547 24.91 -14.55 62.83
C LEU F 547 25.20 -15.39 64.06
N ALA F 548 26.42 -15.90 64.18
CA ALA F 548 26.75 -16.65 65.39
C ALA F 548 26.66 -15.78 66.62
N ALA F 549 27.08 -14.53 66.52
CA ALA F 549 26.98 -13.63 67.67
C ALA F 549 25.54 -13.39 68.05
N THR F 550 24.71 -12.99 67.07
CA THR F 550 23.33 -12.67 67.34
C THR F 550 22.53 -13.88 67.77
N ILE F 551 23.02 -15.09 67.50
CA ILE F 551 22.40 -16.26 68.09
C ILE F 551 22.94 -16.55 69.48
N ALA F 552 24.17 -16.15 69.77
CA ALA F 552 24.72 -16.37 71.10
C ALA F 552 23.94 -15.60 72.16
N ILE F 553 23.72 -14.30 71.91
CA ILE F 553 23.05 -13.47 72.91
C ILE F 553 21.65 -13.97 73.19
N THR F 554 21.06 -14.71 72.25
CA THR F 554 19.78 -15.34 72.51
C THR F 554 19.86 -16.28 73.69
N GLY F 555 20.97 -17.00 73.83
CA GLY F 555 21.15 -17.94 74.91
C GLY F 555 21.52 -19.34 74.49
N LYS F 556 21.74 -19.59 73.21
CA LYS F 556 22.16 -20.90 72.74
C LYS F 556 23.66 -21.00 72.68
N LYS F 557 24.17 -22.21 72.90
CA LYS F 557 25.59 -22.47 72.79
C LYS F 557 25.94 -22.64 71.32
N VAL F 558 26.89 -21.84 70.83
CA VAL F 558 27.19 -21.77 69.41
C VAL F 558 28.65 -22.16 69.19
N LEU F 559 28.88 -23.03 68.23
CA LEU F 559 30.24 -23.34 67.79
C LEU F 559 30.41 -22.86 66.37
N PHE F 560 31.46 -22.11 66.13
CA PHE F 560 31.73 -21.50 64.84
C PHE F 560 33.00 -22.12 64.28
N ILE F 561 32.85 -23.01 63.30
CA ILE F 561 33.97 -23.66 62.66
C ILE F 561 34.32 -22.91 61.39
N ASP F 562 35.57 -22.51 61.26
CA ASP F 562 36.04 -21.84 60.04
C ASP F 562 36.85 -22.85 59.24
N ALA F 563 36.13 -23.61 58.41
CA ALA F 563 36.76 -24.64 57.60
C ALA F 563 37.26 -24.11 56.27
N ASP F 564 37.54 -22.82 56.16
CA ASP F 564 38.21 -22.28 54.98
C ASP F 564 39.70 -22.52 55.16
N LEU F 565 40.10 -23.77 54.97
CA LEU F 565 41.47 -24.18 55.26
C LEU F 565 42.47 -23.56 54.30
N ARG F 566 42.04 -22.78 53.33
CA ARG F 566 42.93 -22.27 52.31
C ARG F 566 43.39 -20.85 52.60
N LYS F 567 42.47 -19.91 52.79
CA LYS F 567 42.85 -18.55 53.16
C LYS F 567 41.87 -17.98 54.18
N GLY F 568 41.50 -18.78 55.17
CA GLY F 568 40.60 -18.31 56.21
C GLY F 568 41.30 -17.41 57.20
N TYR F 569 40.59 -16.36 57.64
CA TYR F 569 41.18 -15.33 58.49
C TYR F 569 40.29 -14.98 59.67
N ALA F 570 39.39 -15.88 60.06
CA ALA F 570 38.53 -15.60 61.21
C ALA F 570 39.36 -15.43 62.47
N HIS F 571 40.37 -16.28 62.65
CA HIS F 571 41.27 -16.14 63.79
C HIS F 571 41.96 -14.78 63.81
N LYS F 572 42.18 -14.20 62.63
CA LYS F 572 42.75 -12.86 62.55
C LYS F 572 41.77 -11.78 62.98
N MET F 573 40.57 -12.15 63.42
CA MET F 573 39.54 -11.18 63.73
C MET F 573 38.91 -11.35 65.10
N PHE F 574 38.89 -12.56 65.67
CA PHE F 574 38.41 -12.75 67.03
C PHE F 574 39.50 -12.71 68.08
N GLY F 575 40.76 -12.61 67.70
CA GLY F 575 41.82 -12.80 68.67
C GLY F 575 42.01 -14.28 68.86
N HIS F 576 43.24 -14.77 68.81
CA HIS F 576 43.42 -16.19 68.56
C HIS F 576 44.67 -16.73 69.21
N LYS F 577 44.64 -18.02 69.49
CA LYS F 577 45.85 -18.84 69.67
C LYS F 577 45.96 -19.67 68.40
N ASN F 578 46.76 -19.17 67.45
CA ASN F 578 46.79 -19.76 66.12
C ASN F 578 47.22 -21.22 66.14
N ASP F 579 47.95 -21.64 67.17
CA ASP F 579 48.28 -23.04 67.32
C ASP F 579 47.01 -23.87 67.54
N LYS F 580 47.04 -25.10 67.04
CA LYS F 580 45.97 -26.07 67.22
C LYS F 580 44.65 -25.54 66.65
N GLY F 581 44.69 -25.22 65.36
CA GLY F 581 43.48 -24.85 64.66
C GLY F 581 42.68 -26.05 64.24
N LEU F 582 42.09 -26.01 63.04
CA LEU F 582 41.35 -27.17 62.57
C LEU F 582 42.26 -28.15 61.85
N SER F 583 43.12 -27.64 60.97
CA SER F 583 44.03 -28.52 60.22
C SER F 583 44.89 -29.34 61.17
N GLU F 584 45.34 -28.74 62.27
CA GLU F 584 46.11 -29.47 63.25
C GLU F 584 45.31 -30.54 63.95
N PHE F 585 43.99 -30.53 63.83
CA PHE F 585 43.19 -31.61 64.40
C PHE F 585 42.96 -32.73 63.40
N LEU F 586 42.66 -32.38 62.14
CA LEU F 586 42.48 -33.42 61.13
C LEU F 586 43.78 -34.17 60.87
N SER F 587 44.91 -33.47 60.97
CA SER F 587 46.19 -34.14 60.88
C SER F 587 46.47 -35.02 62.09
N GLY F 588 45.61 -34.99 63.11
CA GLY F 588 45.72 -35.90 64.23
C GLY F 588 46.70 -35.48 65.31
N GLN F 589 47.34 -34.34 65.17
CA GLN F 589 48.32 -33.89 66.15
C GLN F 589 47.72 -33.01 67.24
N ALA F 590 46.41 -32.82 67.24
CA ALA F 590 45.73 -32.08 68.30
C ALA F 590 44.41 -32.77 68.62
N ALA F 591 43.98 -32.63 69.87
CA ALA F 591 42.71 -33.21 70.28
C ALA F 591 41.59 -32.17 70.13
N ALA F 592 40.36 -32.66 70.29
CA ALA F 592 39.20 -31.81 70.02
C ALA F 592 39.11 -30.63 70.97
N GLU F 593 39.72 -30.71 72.16
CA GLU F 593 39.48 -29.69 73.17
C GLU F 593 40.40 -28.49 73.02
N MET F 594 41.67 -28.70 72.70
CA MET F 594 42.59 -27.58 72.64
C MET F 594 42.42 -26.72 71.40
N ILE F 595 41.51 -27.08 70.50
CA ILE F 595 41.31 -26.31 69.28
C ILE F 595 40.16 -25.33 69.49
N ILE F 596 39.24 -25.66 70.40
CA ILE F 596 38.12 -24.77 70.66
C ILE F 596 38.57 -23.56 71.46
N ASP F 597 38.00 -22.41 71.13
CA ASP F 597 38.36 -21.17 71.78
C ASP F 597 37.12 -20.54 72.37
N LYS F 598 37.20 -19.29 72.83
CA LYS F 598 36.04 -18.55 73.28
C LYS F 598 36.20 -17.10 72.87
N VAL F 599 35.40 -16.65 71.91
CA VAL F 599 35.38 -15.23 71.58
C VAL F 599 34.70 -14.51 72.73
N GLU F 600 35.45 -13.66 73.44
CA GLU F 600 34.91 -12.98 74.61
C GLU F 600 33.76 -12.06 74.24
N GLY F 601 33.81 -11.44 73.07
CA GLY F 601 32.75 -10.56 72.65
C GLY F 601 31.48 -11.28 72.27
N GLY F 602 31.55 -12.11 71.24
CA GLY F 602 30.37 -12.81 70.76
C GLY F 602 29.81 -13.79 71.78
N GLY F 603 30.66 -14.35 72.62
CA GLY F 603 30.20 -15.35 73.56
C GLY F 603 29.92 -16.70 72.94
N PHE F 604 30.60 -17.03 71.85
CA PHE F 604 30.41 -18.29 71.16
C PHE F 604 31.76 -18.96 70.94
N ASP F 605 31.77 -20.29 71.02
CA ASP F 605 33.00 -21.03 70.86
C ASP F 605 33.42 -21.04 69.40
N TYR F 606 34.72 -20.87 69.16
CA TYR F 606 35.24 -20.65 67.82
C TYR F 606 36.38 -21.63 67.54
N ILE F 607 36.39 -22.18 66.33
CA ILE F 607 37.44 -23.11 65.89
C ILE F 607 38.09 -22.53 64.65
N GLY F 608 39.35 -22.16 64.76
CA GLY F 608 40.05 -21.59 63.62
C GLY F 608 40.66 -22.64 62.74
N ARG F 609 41.03 -22.23 61.52
CA ARG F 609 41.59 -23.17 60.58
C ARG F 609 42.97 -23.65 60.99
N GLY F 610 43.70 -22.85 61.76
CA GLY F 610 45.07 -23.20 62.10
C GLY F 610 46.00 -22.93 60.93
N GLN F 611 47.08 -23.70 60.87
CA GLN F 611 48.04 -23.56 59.78
C GLN F 611 47.41 -24.00 58.48
N ILE F 612 47.76 -23.31 57.39
CA ILE F 612 47.35 -23.74 56.07
C ILE F 612 48.01 -25.09 55.80
N PRO F 613 47.24 -26.15 55.56
CA PRO F 613 47.84 -27.43 55.25
C PRO F 613 48.09 -27.55 53.75
N PRO F 614 48.94 -28.48 53.34
CA PRO F 614 49.20 -28.65 51.91
C PRO F 614 48.10 -29.36 51.14
N ASN F 615 47.28 -30.17 51.81
CA ASN F 615 46.22 -30.94 51.16
C ASN F 615 44.92 -30.70 51.90
N PRO F 616 44.24 -29.59 51.62
CA PRO F 616 43.00 -29.29 52.35
C PRO F 616 41.88 -30.25 52.05
N ALA F 617 41.57 -30.44 50.78
CA ALA F 617 40.44 -31.30 50.42
C ALA F 617 40.69 -32.73 50.88
N GLU F 618 41.93 -33.19 50.80
CA GLU F 618 42.26 -34.52 51.27
C GLU F 618 42.12 -34.62 52.78
N LEU F 619 42.39 -33.52 53.49
CA LEU F 619 42.22 -33.53 54.95
C LEU F 619 40.76 -33.63 55.32
N LEU F 620 39.92 -32.80 54.71
CA LEU F 620 38.52 -32.76 55.11
C LEU F 620 37.83 -34.10 54.94
N MET F 621 38.35 -34.98 54.10
CA MET F 621 37.77 -36.30 53.98
C MET F 621 38.19 -37.24 55.09
N HIS F 622 39.18 -36.87 55.89
CA HIS F 622 39.58 -37.75 56.97
C HIS F 622 38.41 -37.90 57.94
N PRO F 623 38.11 -39.12 58.38
CA PRO F 623 36.89 -39.34 59.18
C PRO F 623 36.87 -38.62 60.51
N ARG F 624 38.00 -38.04 60.94
CA ARG F 624 37.99 -37.25 62.16
C ARG F 624 37.06 -36.05 62.06
N PHE F 625 36.86 -35.51 60.87
CA PHE F 625 35.98 -34.37 60.69
C PHE F 625 34.55 -34.71 61.09
N GLU F 626 34.07 -35.87 60.63
CA GLU F 626 32.74 -36.30 60.97
C GLU F 626 32.61 -36.60 62.45
N GLN F 627 33.65 -37.15 63.07
CA GLN F 627 33.65 -37.34 64.51
C GLN F 627 33.51 -36.00 65.22
N LEU F 628 34.25 -35.01 64.77
CA LEU F 628 34.18 -33.69 65.38
C LEU F 628 32.77 -33.13 65.31
N LEU F 629 32.16 -33.20 64.14
CA LEU F 629 30.81 -32.65 63.99
C LEU F 629 29.81 -33.44 64.84
N ASN F 630 29.94 -34.77 64.88
CA ASN F 630 29.02 -35.56 65.68
C ASN F 630 29.14 -35.20 67.15
N TRP F 631 30.36 -35.00 67.63
CA TRP F 631 30.56 -34.63 69.02
C TRP F 631 30.01 -33.24 69.31
N ALA F 632 30.31 -32.29 68.42
CA ALA F 632 29.86 -30.91 68.65
C ALA F 632 28.34 -30.82 68.61
N SER F 633 27.71 -31.54 67.69
CA SER F 633 26.26 -31.47 67.52
C SER F 633 25.56 -32.05 68.74
N GLN F 634 26.31 -32.74 69.60
CA GLN F 634 25.79 -33.10 70.90
C GLN F 634 26.15 -32.09 71.98
N ASN F 635 27.30 -31.44 71.86
CA ASN F 635 27.69 -30.47 72.87
C ASN F 635 27.37 -29.02 72.50
N TYR F 636 26.68 -28.78 71.39
CA TYR F 636 26.34 -27.41 71.02
C TYR F 636 24.93 -27.36 70.46
N ASP F 637 24.33 -26.18 70.57
CA ASP F 637 23.01 -25.94 70.02
C ASP F 637 23.05 -25.56 68.55
N LEU F 638 24.13 -24.94 68.10
CA LEU F 638 24.27 -24.59 66.70
C LEU F 638 25.73 -24.67 66.30
N ILE F 639 25.97 -25.18 65.09
CA ILE F 639 27.30 -25.31 64.53
C ILE F 639 27.30 -24.59 63.19
N ILE F 640 28.06 -23.53 63.08
CA ILE F 640 28.16 -22.79 61.83
C ILE F 640 29.52 -23.07 61.23
N ILE F 641 29.54 -23.50 59.97
CA ILE F 641 30.76 -23.85 59.27
C ILE F 641 30.96 -22.87 58.13
N ASP F 642 32.17 -22.36 58.00
CA ASP F 642 32.55 -21.58 56.84
C ASP F 642 33.34 -22.45 55.88
N THR F 643 32.97 -22.39 54.62
CA THR F 643 33.66 -23.17 53.61
C THR F 643 34.07 -22.28 52.46
N PRO F 644 35.11 -22.64 51.73
CA PRO F 644 35.49 -21.87 50.56
C PRO F 644 34.40 -21.91 49.52
N PRO F 645 34.49 -21.10 48.47
CA PRO F 645 33.52 -21.20 47.39
C PRO F 645 33.48 -22.61 46.82
N ILE F 646 32.39 -22.90 46.11
CA ILE F 646 32.31 -24.15 45.36
C ILE F 646 32.72 -23.95 43.91
N LEU F 647 32.79 -22.71 43.44
CA LEU F 647 33.32 -22.46 42.11
C LEU F 647 34.83 -22.54 42.05
N ALA F 648 35.51 -22.53 43.19
CA ALA F 648 36.96 -22.50 43.21
C ALA F 648 37.57 -23.81 43.65
N VAL F 649 37.16 -24.33 44.80
CA VAL F 649 37.62 -25.61 45.28
C VAL F 649 36.41 -26.45 45.64
N THR F 650 36.65 -27.70 46.00
CA THR F 650 35.60 -28.65 46.32
C THR F 650 35.50 -28.94 47.80
N ASP F 651 35.95 -28.02 48.65
CA ASP F 651 35.83 -28.24 50.09
C ASP F 651 34.38 -28.18 50.53
N ALA F 652 33.61 -27.25 49.97
CA ALA F 652 32.23 -27.09 50.40
C ALA F 652 31.40 -28.31 50.10
N ALA F 653 31.66 -28.97 48.96
CA ALA F 653 30.92 -30.16 48.60
C ALA F 653 31.31 -31.37 49.42
N ILE F 654 32.41 -31.29 50.16
CA ILE F 654 32.76 -32.34 51.12
C ILE F 654 32.11 -32.07 52.46
N ILE F 655 32.14 -30.82 52.90
CA ILE F 655 31.56 -30.49 54.18
C ILE F 655 30.05 -30.59 54.13
N GLY F 656 29.45 -30.31 52.97
CA GLY F 656 28.02 -30.36 52.84
C GLY F 656 27.41 -31.72 53.08
N ARG F 657 28.23 -32.77 53.02
CA ARG F 657 27.70 -34.09 53.31
C ARG F 657 27.21 -34.20 54.74
N TYR F 658 27.74 -33.37 55.64
CA TYR F 658 27.37 -33.42 57.04
C TYR F 658 26.52 -32.24 57.47
N ALA F 659 26.22 -31.30 56.58
CA ALA F 659 25.49 -30.10 56.95
C ALA F 659 23.99 -30.33 56.79
N GLY F 660 23.25 -30.02 57.85
CA GLY F 660 21.80 -30.10 57.76
C GLY F 660 21.23 -29.04 56.84
N THR F 661 21.79 -27.84 56.86
CA THR F 661 21.31 -26.73 56.07
C THR F 661 22.48 -26.03 55.41
N CYS F 662 22.34 -25.70 54.13
CA CYS F 662 23.40 -25.05 53.38
C CYS F 662 22.86 -23.76 52.81
N LEU F 663 23.65 -22.69 52.90
CA LEU F 663 23.23 -21.40 52.38
C LEU F 663 24.39 -20.78 51.59
N LEU F 664 24.07 -20.21 50.44
CA LEU F 664 25.03 -19.42 49.70
C LEU F 664 24.92 -17.97 50.10
N VAL F 665 26.04 -17.28 50.15
CA VAL F 665 26.11 -15.86 50.39
C VAL F 665 26.58 -15.19 49.11
N ALA F 666 25.83 -14.21 48.62
CA ALA F 666 26.15 -13.57 47.36
C ALA F 666 26.22 -12.06 47.57
N ARG F 667 27.37 -11.47 47.29
CA ARG F 667 27.47 -10.03 47.34
C ARG F 667 26.44 -9.42 46.39
N PHE F 668 26.02 -8.20 46.71
CA PHE F 668 24.84 -7.64 46.06
C PHE F 668 25.04 -7.52 44.55
N GLU F 669 25.99 -6.68 44.13
CA GLU F 669 26.18 -6.44 42.71
C GLU F 669 27.43 -7.07 42.15
N LYS F 670 28.26 -7.69 42.98
CA LYS F 670 29.45 -8.34 42.44
C LYS F 670 29.10 -9.67 41.79
N ASN F 671 28.55 -10.58 42.57
CA ASN F 671 28.24 -11.91 42.06
C ASN F 671 27.03 -11.86 41.14
N THR F 672 27.04 -12.67 40.10
CA THR F 672 25.97 -12.69 39.13
C THR F 672 25.01 -13.82 39.47
N VAL F 673 23.87 -13.83 38.76
CA VAL F 673 22.95 -14.94 38.93
C VAL F 673 23.56 -16.21 38.39
N LYS F 674 24.40 -16.10 37.36
CA LYS F 674 25.01 -17.28 36.79
C LYS F 674 25.88 -18.00 37.81
N GLU F 675 26.64 -17.26 38.61
CA GLU F 675 27.47 -17.91 39.61
C GLU F 675 26.62 -18.65 40.63
N ILE F 676 25.52 -18.06 41.09
CA ILE F 676 24.67 -18.74 42.07
C ILE F 676 24.03 -19.96 41.46
N ASP F 677 23.56 -19.85 40.23
CA ASP F 677 22.91 -20.99 39.59
C ASP F 677 23.90 -22.13 39.41
N VAL F 678 25.08 -21.82 38.88
CA VAL F 678 26.11 -22.83 38.68
C VAL F 678 26.50 -23.46 40.01
N SER F 679 26.67 -22.63 41.04
CA SER F 679 27.10 -23.15 42.32
C SER F 679 26.06 -24.05 42.95
N MET F 680 24.79 -23.70 42.83
CA MET F 680 23.77 -24.59 43.38
C MET F 680 23.65 -25.89 42.60
N LYS F 681 23.77 -25.83 41.27
CA LYS F 681 23.78 -27.09 40.53
C LYS F 681 24.98 -27.95 40.88
N ARG F 682 26.14 -27.32 41.06
CA ARG F 682 27.33 -28.08 41.43
C ARG F 682 27.22 -28.65 42.82
N PHE F 683 26.48 -27.99 43.71
CA PHE F 683 26.22 -28.61 45.00
C PHE F 683 25.29 -29.80 44.86
N GLU F 684 24.29 -29.70 43.98
CA GLU F 684 23.39 -30.83 43.78
C GLU F 684 24.12 -32.03 43.20
N GLN F 685 24.97 -31.81 42.20
CA GLN F 685 25.74 -32.91 41.63
C GLN F 685 26.51 -33.66 42.69
N SER F 686 27.09 -32.94 43.63
CA SER F 686 27.82 -33.56 44.72
C SER F 686 26.91 -34.03 45.83
N GLY F 687 25.60 -34.04 45.60
CA GLY F 687 24.69 -34.58 46.59
C GLY F 687 24.38 -33.66 47.74
N VAL F 688 24.68 -32.38 47.62
CA VAL F 688 24.40 -31.40 48.67
C VAL F 688 23.28 -30.49 48.20
N VAL F 689 22.23 -30.40 49.00
CA VAL F 689 21.03 -29.65 48.63
C VAL F 689 21.11 -28.28 49.28
N VAL F 690 21.33 -27.24 48.48
CA VAL F 690 21.44 -25.89 49.02
C VAL F 690 20.05 -25.40 49.39
N LYS F 691 19.86 -25.03 50.66
CA LYS F 691 18.55 -24.57 51.10
C LYS F 691 18.16 -23.28 50.38
N GLY F 692 19.06 -22.32 50.30
CA GLY F 692 18.73 -21.05 49.69
C GLY F 692 19.94 -20.14 49.70
N CYS F 693 19.71 -18.91 49.31
CA CYS F 693 20.78 -17.94 49.20
C CYS F 693 20.58 -16.81 50.22
N ILE F 694 21.64 -16.05 50.45
CA ILE F 694 21.64 -14.93 51.38
C ILE F 694 22.30 -13.77 50.66
N LEU F 695 21.50 -12.92 50.03
CA LEU F 695 22.07 -11.74 49.38
C LEU F 695 22.73 -10.88 50.43
N ASN F 696 23.86 -10.27 50.08
CA ASN F 696 24.68 -9.59 51.07
C ASN F 696 25.08 -8.23 50.56
N GLY F 697 25.34 -7.32 51.49
CA GLY F 697 25.88 -6.02 51.14
C GLY F 697 24.99 -5.24 50.20
N VAL F 698 23.69 -5.37 50.33
CA VAL F 698 22.77 -4.66 49.47
C VAL F 698 22.80 -3.18 49.83
N VAL F 699 22.79 -2.33 48.81
CA VAL F 699 22.92 -0.90 49.05
C VAL F 699 21.66 -0.38 49.74
N LYS F 700 21.83 0.63 50.58
CA LYS F 700 20.71 1.18 51.33
C LYS F 700 19.66 1.83 50.44
N LYS F 701 20.00 2.16 49.19
CA LYS F 701 18.97 2.62 48.26
C LYS F 701 17.99 1.49 47.95
N ALA F 702 18.49 0.27 47.80
CA ALA F 702 17.66 -0.86 47.40
C ALA F 702 17.21 -1.71 48.58
N SER F 703 17.80 -1.55 49.76
CA SER F 703 17.37 -2.32 50.91
C SER F 703 16.08 -1.75 51.47
N SER F 704 15.22 -2.62 51.96
CA SER F 704 13.98 -2.19 52.58
C SER F 704 14.17 -1.74 54.02
N TYR F 705 15.29 -2.10 54.65
CA TYR F 705 15.48 -1.80 56.05
C TYR F 705 15.72 -0.30 56.26
N TYR F 706 15.33 0.18 57.43
CA TYR F 706 15.60 1.55 57.82
C TYR F 706 15.66 1.62 59.33
N ARG F 707 16.32 2.65 59.84
CA ARG F 707 16.40 2.84 61.28
C ARG F 707 15.00 3.04 61.85
N TYR F 708 14.78 2.51 63.04
CA TYR F 708 13.46 2.58 63.67
C TYR F 708 13.66 2.72 65.17
N GLY F 709 13.38 3.91 65.69
CA GLY F 709 13.54 4.17 67.12
C GLY F 709 14.12 5.53 67.42
N ILE G 17 -6.86 6.45 34.42
CA ILE G 17 -6.35 7.29 33.34
C ILE G 17 -7.40 7.39 32.24
N ASP G 18 -8.48 6.63 32.40
CA ASP G 18 -9.57 6.66 31.43
C ASP G 18 -10.32 7.98 31.53
N LEU G 19 -11.09 8.28 30.48
CA LEU G 19 -11.86 9.52 30.39
C LEU G 19 -12.67 9.77 31.65
N GLY G 20 -13.36 8.75 32.16
CA GLY G 20 -14.07 8.88 33.42
C GLY G 20 -13.13 9.22 34.56
N ARG G 21 -12.03 8.47 34.65
CA ARG G 21 -11.01 8.78 35.64
C ARG G 21 -10.42 10.17 35.41
N VAL G 22 -10.23 10.53 34.14
CA VAL G 22 -9.67 11.85 33.81
C VAL G 22 -10.57 12.95 34.36
N ILE G 23 -11.86 12.89 34.05
CA ILE G 23 -12.77 13.94 34.51
C ILE G 23 -12.92 13.92 36.02
N GLY G 24 -12.92 12.73 36.62
CA GLY G 24 -13.00 12.64 38.06
C GLY G 24 -11.85 13.36 38.72
N GLU G 25 -10.63 13.12 38.25
CA GLU G 25 -9.47 13.77 38.84
C GLU G 25 -9.42 15.26 38.49
N LEU G 26 -9.92 15.64 37.32
CA LEU G 26 -9.96 17.05 36.97
C LEU G 26 -10.89 17.81 37.90
N ILE G 27 -12.08 17.27 38.15
CA ILE G 27 -12.99 17.92 39.08
C ILE G 27 -12.42 17.86 40.50
N ASP G 28 -11.77 16.75 40.85
CA ASP G 28 -11.11 16.67 42.14
C ASP G 28 -10.01 17.72 42.24
N HIS G 29 -9.19 17.85 41.20
CA HIS G 29 -8.17 18.87 41.15
C HIS G 29 -8.64 20.13 40.43
N ARG G 30 -9.95 20.40 40.46
CA ARG G 30 -10.46 21.57 39.76
C ARG G 30 -9.86 22.86 40.28
N LYS G 31 -9.58 22.92 41.59
CA LYS G 31 -8.92 24.10 42.14
C LYS G 31 -7.59 24.34 41.45
N LEU G 32 -6.76 23.30 41.31
CA LEU G 32 -5.44 23.48 40.73
C LEU G 32 -5.52 23.86 39.26
N ILE G 33 -6.34 23.15 38.49
CA ILE G 33 -6.44 23.41 37.06
C ILE G 33 -6.96 24.82 36.81
N ILE G 34 -8.04 25.20 37.47
CA ILE G 34 -8.57 26.53 37.22
C ILE G 34 -7.60 27.58 37.75
N SER G 35 -6.88 27.29 38.83
CA SER G 35 -5.93 28.27 39.35
C SER G 35 -4.83 28.55 38.35
N ILE G 36 -4.17 27.52 37.84
CA ILE G 36 -3.03 27.76 36.95
C ILE G 36 -3.51 28.28 35.59
N THR G 37 -4.61 27.73 35.06
CA THR G 37 -5.14 28.25 33.81
C THR G 37 -5.53 29.72 33.95
N SER G 38 -6.21 30.06 35.05
CA SER G 38 -6.61 31.44 35.26
C SER G 38 -5.41 32.34 35.44
N VAL G 39 -4.38 31.89 36.17
CA VAL G 39 -3.26 32.79 36.39
C VAL G 39 -2.52 33.04 35.08
N PHE G 40 -2.39 32.02 34.23
CA PHE G 40 -1.76 32.25 32.91
C PHE G 40 -2.62 33.15 32.04
N THR G 41 -3.95 33.00 32.10
CA THR G 41 -4.78 33.91 31.33
C THR G 41 -4.69 35.33 31.85
N LEU G 42 -4.51 35.51 33.16
CA LEU G 42 -4.28 36.85 33.69
C LEU G 42 -2.92 37.41 33.24
N PHE G 43 -1.87 36.59 33.21
CA PHE G 43 -0.63 37.09 32.62
C PHE G 43 -0.84 37.50 31.17
N ALA G 44 -1.59 36.69 30.41
CA ALA G 44 -1.85 37.04 29.02
C ALA G 44 -2.63 38.34 28.91
N ILE G 45 -3.62 38.52 29.78
CA ILE G 45 -4.43 39.74 29.74
C ILE G 45 -3.59 40.96 30.07
N LEU G 46 -2.79 40.88 31.13
CA LEU G 46 -1.96 42.01 31.48
C LEU G 46 -0.91 42.30 30.41
N TYR G 47 -0.39 41.25 29.76
CA TYR G 47 0.54 41.45 28.67
C TYR G 47 -0.15 42.14 27.50
N ALA G 48 -1.36 41.71 27.17
CA ALA G 48 -2.11 42.30 26.07
C ALA G 48 -2.50 43.74 26.36
N LEU G 49 -2.67 44.09 27.62
CA LEU G 49 -3.05 45.46 27.95
C LEU G 49 -1.87 46.36 28.29
N LEU G 50 -0.68 45.79 28.48
CA LEU G 50 0.50 46.59 28.75
C LEU G 50 1.50 46.65 27.61
N ALA G 51 1.51 45.68 26.70
CA ALA G 51 2.40 45.73 25.56
C ALA G 51 2.10 46.96 24.73
N THR G 52 3.12 47.77 24.49
CA THR G 52 2.92 49.04 23.81
C THR G 52 2.31 48.81 22.44
N PRO G 53 1.26 49.53 22.08
CA PRO G 53 0.65 49.32 20.76
C PRO G 53 1.59 49.75 19.65
N ILE G 54 1.48 49.05 18.52
CA ILE G 54 2.32 49.32 17.36
C ILE G 54 1.40 49.45 16.15
N TYR G 55 1.38 50.64 15.55
CA TYR G 55 0.53 50.92 14.41
C TYR G 55 1.27 50.58 13.12
N GLU G 56 0.51 50.53 12.03
CA GLU G 56 1.10 50.36 10.71
C GLU G 56 0.55 51.44 9.79
N THR G 57 1.43 52.02 8.98
CA THR G 57 1.03 52.95 7.95
C THR G 57 1.39 52.38 6.59
N ASP G 58 0.63 52.77 5.58
CA ASP G 58 0.79 52.19 4.25
C ASP G 58 0.82 53.30 3.21
N ALA G 59 1.56 53.05 2.15
CA ALA G 59 1.59 53.93 0.99
C ALA G 59 1.64 53.07 -0.26
N LEU G 60 1.21 53.65 -1.38
CA LEU G 60 1.14 52.91 -2.63
C LEU G 60 1.99 53.62 -3.67
N ILE G 61 2.97 52.91 -4.21
CA ILE G 61 3.87 53.42 -5.23
C ILE G 61 3.60 52.68 -6.53
N GLN G 62 3.39 53.43 -7.60
CA GLN G 62 3.10 52.88 -8.92
C GLN G 62 4.31 53.04 -9.83
N ILE G 63 4.66 51.97 -10.54
CA ILE G 63 5.68 52.06 -11.57
C ILE G 63 5.16 51.39 -12.85
N GLU G 64 6.00 51.34 -13.88
CA GLU G 64 5.61 50.66 -15.11
C GLU G 64 6.25 49.28 -15.18
N GLN G 85 8.68 45.17 -13.63
CA GLN G 85 9.94 44.89 -12.95
C GLN G 85 9.76 44.93 -11.43
N SER G 86 10.12 46.06 -10.83
CA SER G 86 9.93 46.36 -9.41
C SER G 86 10.82 45.53 -8.50
N ALA G 87 11.55 44.56 -9.04
CA ALA G 87 12.43 43.76 -8.21
C ALA G 87 13.68 44.54 -7.81
N PRO G 88 14.25 45.38 -8.69
CA PRO G 88 15.28 46.31 -8.19
C PRO G 88 14.76 47.30 -7.18
N GLU G 89 13.51 47.75 -7.33
CA GLU G 89 13.01 48.83 -6.49
C GLU G 89 12.77 48.35 -5.06
N THR G 90 12.30 47.12 -4.89
CA THR G 90 12.09 46.61 -3.54
C THR G 90 13.39 46.50 -2.76
N ALA G 91 14.54 46.58 -3.42
CA ALA G 91 15.82 46.63 -2.74
C ALA G 91 16.48 47.99 -2.80
N LEU G 92 16.13 48.83 -3.77
CA LEU G 92 16.68 50.18 -3.77
C LEU G 92 16.09 51.04 -2.66
N LEU G 93 14.80 50.90 -2.40
CA LEU G 93 14.19 51.66 -1.31
C LEU G 93 14.86 51.33 0.01
N GLN G 94 15.10 50.05 0.27
CA GLN G 94 15.70 49.61 1.52
C GLN G 94 17.21 49.79 1.54
N SER G 95 17.76 50.53 0.59
CA SER G 95 19.18 50.83 0.60
C SER G 95 19.47 51.90 1.64
N ARG G 96 20.69 51.90 2.15
CA ARG G 96 21.05 52.95 3.10
C ARG G 96 21.03 54.32 2.46
N MET G 97 21.17 54.42 1.15
CA MET G 97 21.17 55.75 0.53
C MET G 97 19.84 56.44 0.72
N ILE G 98 18.74 55.71 0.57
CA ILE G 98 17.41 56.31 0.73
C ILE G 98 17.11 56.55 2.20
N LEU G 99 17.18 55.49 3.00
CA LEU G 99 16.76 55.60 4.39
C LEU G 99 17.62 56.59 5.15
N GLY G 100 18.93 56.59 4.89
CA GLY G 100 19.81 57.53 5.56
C GLY G 100 19.52 58.98 5.23
N LYS G 101 18.95 59.24 4.06
CA LYS G 101 18.57 60.62 3.77
C LYS G 101 17.37 61.05 4.60
N THR G 102 16.38 60.17 4.75
CA THR G 102 15.27 60.47 5.65
C THR G 102 15.74 60.64 7.07
N ILE G 103 16.72 59.84 7.48
CA ILE G 103 17.26 59.97 8.84
C ILE G 103 17.80 61.37 9.04
N ASP G 104 18.64 61.84 8.11
CA ASP G 104 19.18 63.18 8.22
C ASP G 104 18.13 64.25 8.05
N ASP G 105 17.03 63.93 7.37
CA ASP G 105 16.00 64.93 7.11
C ASP G 105 15.10 65.14 8.33
N LEU G 106 14.70 64.06 9.00
CA LEU G 106 13.82 64.15 10.15
C LEU G 106 14.56 64.09 11.48
N ASN G 107 15.90 64.05 11.45
CA ASN G 107 16.70 63.95 12.67
C ASN G 107 16.29 62.74 13.50
N LEU G 108 16.18 61.59 12.85
CA LEU G 108 15.71 60.39 13.53
C LEU G 108 16.80 59.71 14.33
N GLN G 109 18.03 60.18 14.29
CA GLN G 109 19.04 59.69 15.21
C GLN G 109 18.94 60.34 16.58
N ILE G 110 17.94 61.19 16.79
CA ILE G 110 17.65 61.79 18.08
C ILE G 110 16.44 61.06 18.64
N GLN G 111 16.68 60.03 19.43
CA GLN G 111 15.62 59.23 20.01
C GLN G 111 15.12 59.85 21.31
N ILE G 112 13.80 59.89 21.47
CA ILE G 112 13.17 60.48 22.64
C ILE G 112 12.19 59.47 23.23
N GLU G 113 12.31 59.23 24.53
CA GLU G 113 11.39 58.33 25.22
C GLU G 113 10.99 58.95 26.56
N GLN G 114 9.68 59.00 26.81
CA GLN G 114 9.20 59.35 28.12
C GLN G 114 9.66 58.31 29.13
N LYS G 115 10.20 58.75 30.26
CA LYS G 115 10.79 57.85 31.21
C LYS G 115 9.72 57.24 32.11
N TYR G 116 9.79 55.93 32.30
CA TYR G 116 8.96 55.22 33.26
C TYR G 116 9.85 54.22 33.98
N PHE G 117 10.00 54.40 35.29
CA PHE G 117 10.89 53.51 36.04
C PHE G 117 10.52 52.04 35.95
N PRO G 118 9.25 51.62 35.99
CA PRO G 118 8.95 50.19 35.85
C PRO G 118 8.99 49.80 34.38
N VAL G 119 9.03 48.49 34.16
CA VAL G 119 8.95 47.95 32.81
C VAL G 119 7.56 48.13 32.22
N ILE G 120 6.58 48.49 33.04
CA ILE G 120 5.19 48.63 32.61
C ILE G 120 4.64 50.02 32.92
N GLY G 121 5.48 50.95 33.35
CA GLY G 121 4.99 52.29 33.66
C GLY G 121 4.36 52.98 32.47
N ARG G 122 4.94 52.82 31.29
CA ARG G 122 4.37 53.40 30.08
C ARG G 122 3.01 52.79 29.77
N GLY G 123 2.91 51.46 29.88
CA GLY G 123 1.64 50.80 29.59
C GLY G 123 0.54 51.26 30.52
N LEU G 124 0.81 51.30 31.81
CA LEU G 124 -0.19 51.76 32.76
C LEU G 124 -0.51 53.23 32.55
N ALA G 125 0.49 54.03 32.17
CA ALA G 125 0.24 55.44 31.89
C ALA G 125 -0.75 55.60 30.75
N ARG G 126 -0.60 54.79 29.70
CA ARG G 126 -1.60 54.80 28.64
C ARG G 126 -2.95 54.31 29.16
N LEU G 127 -2.94 53.24 29.96
CA LEU G 127 -4.18 52.68 30.47
C LEU G 127 -4.92 53.68 31.34
N MET G 128 -4.19 54.48 32.12
CA MET G 128 -4.82 55.51 32.91
C MET G 128 -5.39 56.64 32.07
N GLY G 129 -5.22 56.59 30.75
CA GLY G 129 -5.68 57.65 29.88
C GLY G 129 -4.77 58.84 29.81
N GLU G 130 -3.63 58.81 30.48
CA GLU G 130 -2.70 59.93 30.45
C GLU G 130 -2.12 60.08 29.06
N LYS G 131 -2.15 61.30 28.53
CA LYS G 131 -1.61 61.55 27.21
C LYS G 131 -0.09 61.42 27.25
N PRO G 132 0.52 60.70 26.31
CA PRO G 132 1.97 60.51 26.35
C PRO G 132 2.71 61.82 26.14
N GLY G 133 3.87 61.92 26.78
CA GLY G 133 4.71 63.09 26.61
C GLY G 133 5.55 63.01 25.35
N ASN G 134 5.78 64.16 24.73
CA ASN G 134 6.59 64.22 23.53
C ASN G 134 7.12 65.63 23.36
N ILE G 135 8.36 65.73 22.90
CA ILE G 135 9.02 67.00 22.69
C ILE G 135 9.66 67.00 21.30
N ASP G 136 10.25 68.13 20.93
CA ASP G 136 10.83 68.30 19.60
C ASP G 136 12.22 68.88 19.72
N ILE G 137 13.21 68.16 19.21
CA ILE G 137 14.59 68.61 19.21
C ILE G 137 14.98 68.81 17.75
N THR G 138 15.07 70.07 17.34
CA THR G 138 15.49 70.37 15.98
C THR G 138 17.00 70.27 15.80
N ARG G 139 17.76 70.21 16.89
CA ARG G 139 19.21 70.21 16.78
C ARG G 139 19.78 69.69 18.10
N LEU G 140 20.45 68.55 18.07
CA LEU G 140 21.05 67.96 19.25
C LEU G 140 22.53 67.68 18.99
N TYR G 141 23.39 68.13 19.89
CA TYR G 141 24.82 67.83 19.84
C TYR G 141 25.26 67.46 21.24
N LEU G 142 25.37 66.16 21.51
CA LEU G 142 25.85 65.68 22.78
C LEU G 142 27.34 65.97 22.91
N PRO G 143 27.92 65.79 24.10
CA PRO G 143 29.38 65.91 24.21
C PRO G 143 30.13 64.87 23.38
N ASP G 144 29.42 63.91 22.81
CA ASP G 144 29.99 62.91 21.91
C ASP G 144 31.03 62.06 22.63
N SER G 145 30.59 61.46 23.75
CA SER G 145 31.39 60.43 24.39
C SER G 145 31.68 59.31 23.41
N ASP G 146 30.62 58.69 22.88
CA ASP G 146 30.71 57.78 21.74
C ASP G 146 31.74 56.69 21.96
N ASP G 147 31.75 56.13 23.16
CA ASP G 147 32.71 55.09 23.49
C ASP G 147 32.43 53.83 22.68
N ILE G 148 33.34 52.86 22.79
CA ILE G 148 33.19 51.61 22.06
C ILE G 148 31.92 50.89 22.49
N SER G 149 31.70 50.78 23.79
CA SER G 149 30.47 50.17 24.29
C SER G 149 29.33 51.17 24.30
N ASN G 150 29.49 52.26 25.05
CA ASN G 150 28.45 53.28 25.15
C ASN G 150 28.65 54.33 24.04
N ASN G 151 28.50 53.86 22.80
CA ASN G 151 28.47 54.75 21.66
C ASN G 151 27.19 55.58 21.60
N THR G 152 26.28 55.39 22.55
CA THR G 152 25.05 56.14 22.63
C THR G 152 25.04 56.99 23.89
N PRO G 153 25.61 58.19 23.85
CA PRO G 153 25.53 59.08 25.01
C PRO G 153 24.09 59.37 25.37
N SER G 154 23.74 59.12 26.62
CA SER G 154 22.37 59.20 27.09
C SER G 154 22.22 60.33 28.10
N ILE G 155 21.22 61.17 27.89
CA ILE G 155 20.88 62.25 28.81
C ILE G 155 19.39 62.18 29.10
N ILE G 156 18.98 62.90 30.14
CA ILE G 156 17.59 62.91 30.57
C ILE G 156 17.13 64.35 30.67
N LEU G 157 15.97 64.65 30.08
CA LEU G 157 15.35 65.95 30.19
C LEU G 157 14.39 65.96 31.37
N THR G 158 14.58 66.93 32.26
CA THR G 158 13.66 67.17 33.37
C THR G 158 12.81 68.37 33.01
N VAL G 159 11.52 68.13 32.72
CA VAL G 159 10.63 69.19 32.28
C VAL G 159 10.27 70.05 33.49
N LYS G 160 10.65 71.32 33.45
CA LYS G 160 10.33 72.22 34.54
C LYS G 160 8.99 72.92 34.31
N ASP G 161 8.77 73.48 33.12
CA ASP G 161 7.50 74.12 32.80
C ASP G 161 7.28 74.00 31.30
N LYS G 162 6.34 74.79 30.78
CA LYS G 162 6.10 74.85 29.34
C LYS G 162 7.21 75.54 28.57
N GLU G 163 8.08 76.28 29.24
CA GLU G 163 9.12 77.05 28.57
C GLU G 163 10.52 76.54 28.92
N ASN G 164 10.86 76.52 30.20
CA ASN G 164 12.20 76.12 30.63
C ASN G 164 12.22 74.66 31.05
N TYR G 165 13.43 74.16 31.25
CA TYR G 165 13.67 72.75 31.51
C TYR G 165 15.09 72.61 32.02
N SER G 166 15.43 71.41 32.47
CA SER G 166 16.79 71.11 32.89
C SER G 166 17.18 69.75 32.35
N ILE G 167 18.47 69.62 32.02
CA ILE G 167 19.02 68.39 31.45
C ILE G 167 20.18 67.95 32.32
N ASN G 168 20.12 66.70 32.78
CA ASN G 168 21.22 66.10 33.52
C ASN G 168 21.88 65.03 32.66
N SER G 169 23.17 65.20 32.39
CA SER G 169 23.94 64.20 31.67
C SER G 169 24.41 63.10 32.62
N ASP G 170 25.25 63.47 33.59
CA ASP G 170 25.70 62.56 34.63
C ASP G 170 25.48 63.16 36.01
N GLY G 171 24.53 64.08 36.12
CA GLY G 171 24.28 64.79 37.36
C GLY G 171 24.30 66.28 37.18
N ILE G 172 25.11 66.76 36.24
CA ILE G 172 25.23 68.19 35.98
C ILE G 172 23.98 68.64 35.24
N GLN G 173 23.06 69.27 35.96
CA GLN G 173 21.79 69.69 35.41
C GLN G 173 21.91 71.09 34.83
N LEU G 174 21.73 71.21 33.52
CA LEU G 174 21.80 72.49 32.82
C LEU G 174 20.38 72.97 32.54
N ASN G 175 20.03 74.12 33.10
CA ASN G 175 18.70 74.66 32.91
C ASN G 175 18.63 75.42 31.59
N GLY G 176 17.58 75.17 30.83
CA GLY G 176 17.43 75.82 29.53
C GLY G 176 15.98 76.03 29.18
N VAL G 177 15.75 76.93 28.23
CA VAL G 177 14.43 77.29 27.77
C VAL G 177 14.34 77.02 26.28
N VAL G 178 13.14 76.67 25.82
CA VAL G 178 12.92 76.49 24.40
C VAL G 178 13.25 77.78 23.68
N GLY G 179 13.64 77.66 22.40
CA GLY G 179 14.17 78.81 21.72
C GLY G 179 15.68 78.84 21.81
N THR G 180 16.21 79.55 22.80
CA THR G 180 17.64 79.59 23.04
C THR G 180 18.20 78.18 23.18
N LEU G 181 19.30 77.92 22.47
CA LEU G 181 19.94 76.62 22.50
C LEU G 181 20.97 76.58 23.62
N LEU G 182 21.04 75.46 24.31
CA LEU G 182 22.03 75.26 25.35
C LEU G 182 23.30 74.70 24.72
N ASN G 183 24.38 75.46 24.76
CA ASN G 183 25.67 75.04 24.23
C ASN G 183 26.69 75.19 25.35
N GLU G 184 26.80 74.16 26.19
CA GLU G 184 27.72 74.17 27.32
C GLU G 184 28.32 72.78 27.47
N LYS G 185 29.56 72.74 27.93
CA LYS G 185 30.30 71.49 28.13
C LYS G 185 30.33 70.64 26.87
N GLY G 186 30.41 71.30 25.71
CA GLY G 186 30.35 70.58 24.46
C GLY G 186 29.00 70.02 24.12
N ILE G 187 27.95 70.42 24.84
CA ILE G 187 26.60 69.90 24.64
C ILE G 187 25.79 71.01 23.99
N SER G 188 25.44 70.84 22.73
CA SER G 188 24.59 71.79 22.01
C SER G 188 23.22 71.18 21.83
N LEU G 189 22.23 71.74 22.50
CA LEU G 189 20.85 71.23 22.46
C LEU G 189 19.92 72.34 22.03
N LEU G 190 19.10 72.05 21.02
CA LEU G 190 18.08 72.97 20.55
C LEU G 190 16.76 72.20 20.57
N VAL G 191 16.05 72.28 21.69
CA VAL G 191 14.77 71.62 21.87
C VAL G 191 13.69 72.69 21.99
N ASN G 192 12.57 72.47 21.29
CA ASN G 192 11.49 73.43 21.26
C ASN G 192 10.17 72.68 21.32
N GLU G 193 9.10 73.43 21.62
CA GLU G 193 7.75 72.86 21.72
C GLU G 193 7.70 71.71 22.73
N ILE G 194 8.28 71.95 23.91
CA ILE G 194 8.27 70.95 24.96
C ILE G 194 6.83 70.70 25.39
N ASP G 195 6.56 69.49 25.87
CA ASP G 195 5.20 69.08 26.17
C ASP G 195 4.69 69.78 27.43
N ALA G 196 3.47 69.40 27.82
CA ALA G 196 2.77 70.10 28.90
C ALA G 196 3.25 69.65 30.27
N LYS G 197 3.11 68.37 30.57
CA LYS G 197 3.34 67.85 31.92
C LYS G 197 4.77 68.10 32.38
N PRO G 198 4.97 68.92 33.40
CA PRO G 198 6.32 69.18 33.90
C PRO G 198 6.78 68.06 34.82
N GLY G 199 8.02 68.17 35.28
CA GLY G 199 8.62 67.18 36.16
C GLY G 199 8.90 65.84 35.52
N ASP G 200 8.47 65.62 34.28
CA ASP G 200 8.70 64.35 33.62
C ASP G 200 10.16 64.21 33.22
N GLN G 201 10.53 62.99 32.85
CA GLN G 201 11.89 62.67 32.43
C GLN G 201 11.85 62.12 31.02
N PHE G 202 12.71 62.65 30.15
CA PHE G 202 12.79 62.23 28.77
C PHE G 202 14.20 61.71 28.49
N VAL G 203 14.29 60.46 28.07
CA VAL G 203 15.58 59.86 27.74
C VAL G 203 15.93 60.22 26.31
N ILE G 204 17.04 60.92 26.13
CA ILE G 204 17.51 61.35 24.81
C ILE G 204 18.74 60.54 24.46
N THR G 205 18.75 59.96 23.26
CA THR G 205 19.84 59.11 22.83
C THR G 205 20.25 59.50 21.42
N GLN G 206 21.51 59.87 21.25
CA GLN G 206 22.04 60.23 19.93
C GLN G 206 22.69 58.99 19.30
N LEU G 207 21.84 58.02 19.02
CA LEU G 207 22.31 56.77 18.46
C LEU G 207 22.91 57.00 17.06
N PRO G 208 23.89 56.20 16.68
CA PRO G 208 24.63 56.48 15.44
C PRO G 208 23.74 56.35 14.21
N ARG G 209 24.18 57.05 13.15
CA ARG G 209 23.41 57.10 11.91
C ARG G 209 23.10 55.70 11.39
N LEU G 210 24.07 54.79 11.48
CA LEU G 210 23.86 53.44 10.99
C LEU G 210 22.78 52.71 11.78
N LYS G 211 22.78 52.87 13.10
CA LYS G 211 21.74 52.25 13.92
C LYS G 211 20.38 52.86 13.61
N ALA G 212 20.33 54.18 13.46
CA ALA G 212 19.10 54.86 13.11
C ALA G 212 18.63 54.47 11.72
N ILE G 213 19.50 53.90 10.90
CA ILE G 213 19.08 53.32 9.63
C ILE G 213 18.56 51.91 9.84
N SER G 214 19.28 51.11 10.61
CA SER G 214 18.94 49.69 10.75
C SER G 214 17.60 49.50 11.44
N ASP G 215 17.29 50.32 12.44
CA ASP G 215 15.99 50.18 13.10
C ASP G 215 14.85 50.49 12.14
N LEU G 216 14.96 51.58 11.39
CA LEU G 216 13.95 51.91 10.40
C LEU G 216 13.83 50.79 9.38
N LEU G 217 14.96 50.26 8.93
CA LEU G 217 14.95 49.20 7.94
C LEU G 217 14.26 47.95 8.45
N LYS G 218 14.50 47.57 9.70
CA LYS G 218 13.81 46.40 10.22
C LYS G 218 12.33 46.69 10.42
N SER G 219 11.95 47.95 10.57
CA SER G 219 10.53 48.27 10.62
C SER G 219 9.94 48.46 9.22
N PHE G 220 10.73 48.93 8.27
CA PHE G 220 10.24 49.18 6.92
C PHE G 220 10.05 47.88 6.16
N SER G 221 9.16 47.91 5.18
CA SER G 221 8.86 46.72 4.41
C SER G 221 8.21 47.12 3.09
N VAL G 222 8.39 46.29 2.07
CA VAL G 222 7.84 46.56 0.74
C VAL G 222 7.27 45.26 0.19
N ALA G 223 6.29 45.38 -0.69
CA ALA G 223 5.74 44.24 -1.41
C ALA G 223 5.27 44.74 -2.77
N ASP G 224 4.77 43.82 -3.59
CA ASP G 224 4.37 44.15 -4.96
C ASP G 224 2.95 43.74 -5.31
N LEU G 225 2.49 42.61 -4.78
CA LEU G 225 1.14 42.07 -4.92
C LEU G 225 0.68 41.88 -6.35
N GLY G 226 1.55 42.06 -7.34
CA GLY G 226 1.17 41.77 -8.71
C GLY G 226 2.22 41.01 -9.47
N LYS G 227 3.44 40.97 -8.91
CA LYS G 227 4.57 40.19 -9.39
C LYS G 227 5.13 40.77 -10.69
N ASP G 228 4.37 41.67 -11.31
CA ASP G 228 4.89 42.57 -12.33
C ASP G 228 4.27 43.95 -12.24
N THR G 229 3.18 44.11 -11.52
CA THR G 229 2.45 45.37 -11.51
C THR G 229 3.30 46.48 -10.89
N GLY G 230 3.05 47.70 -11.33
CA GLY G 230 3.74 48.83 -10.76
C GLY G 230 3.43 49.08 -9.31
N MET G 231 2.46 48.35 -8.76
CA MET G 231 2.03 48.58 -7.39
C MET G 231 3.12 48.16 -6.42
N LEU G 232 3.48 49.07 -5.52
CA LEU G 232 4.33 48.76 -4.38
C LEU G 232 3.61 49.21 -3.12
N THR G 233 3.48 48.32 -2.15
CA THR G 233 2.81 48.63 -0.90
C THR G 233 3.86 48.85 0.17
N LEU G 234 4.29 50.10 0.32
CA LEU G 234 5.20 50.42 1.41
C LEU G 234 4.44 50.35 2.73
N THR G 235 5.01 49.66 3.70
CA THR G 235 4.41 49.52 5.02
C THR G 235 5.47 49.82 6.07
N LEU G 236 5.14 50.70 7.00
CA LEU G 236 6.03 51.02 8.09
C LEU G 236 5.26 50.87 9.40
N THR G 237 5.90 50.25 10.38
CA THR G 237 5.26 49.99 11.66
C THR G 237 6.01 50.72 12.76
N GLY G 238 5.27 51.38 13.64
CA GLY G 238 5.89 52.10 14.74
C GLY G 238 4.90 52.29 15.85
N ASP G 239 5.41 52.88 16.93
CA ASP G 239 4.58 53.19 18.09
C ASP G 239 3.89 54.55 17.94
N ASN G 240 4.67 55.58 17.69
CA ASN G 240 4.12 56.92 17.54
C ASN G 240 3.33 57.01 16.24
N PRO G 241 2.00 57.05 16.29
CA PRO G 241 1.22 56.93 15.05
C PRO G 241 1.46 58.07 14.08
N LYS G 242 1.40 59.31 14.55
CA LYS G 242 1.64 60.44 13.67
C LYS G 242 3.07 60.44 13.11
N ARG G 243 4.02 59.90 13.86
CA ARG G 243 5.42 59.97 13.44
C ARG G 243 5.68 59.06 12.25
N ILE G 244 5.14 57.85 12.28
CA ILE G 244 5.44 56.90 11.21
C ILE G 244 4.86 57.34 9.88
N SER G 245 3.72 58.05 9.89
CA SER G 245 3.21 58.57 8.65
C SER G 245 4.17 59.58 8.04
N HIS G 246 4.70 60.49 8.86
CA HIS G 246 5.67 61.44 8.35
C HIS G 246 6.92 60.75 7.85
N ILE G 247 7.38 59.72 8.55
CA ILE G 247 8.58 59.03 8.13
C ILE G 247 8.37 58.36 6.78
N LEU G 248 7.22 57.71 6.61
CA LEU G 248 6.95 57.06 5.33
C LEU G 248 6.77 58.07 4.21
N ASP G 249 6.14 59.21 4.50
CA ASP G 249 6.03 60.26 3.49
C ASP G 249 7.41 60.73 3.07
N SER G 250 8.30 60.96 4.04
CA SER G 250 9.64 61.40 3.70
C SER G 250 10.37 60.35 2.89
N ILE G 251 10.17 59.07 3.21
CA ILE G 251 10.78 58.02 2.40
C ILE G 251 10.29 58.08 0.97
N SER G 252 8.99 58.23 0.79
CA SER G 252 8.43 58.28 -0.57
C SER G 252 8.96 59.49 -1.32
N GLN G 253 8.99 60.64 -0.66
CA GLN G 253 9.47 61.85 -1.32
C GLN G 253 10.94 61.72 -1.71
N ASN G 254 11.76 61.15 -0.82
CA ASN G 254 13.16 60.97 -1.16
C ASN G 254 13.33 60.00 -2.32
N TYR G 255 12.54 58.94 -2.34
CA TYR G 255 12.62 58.02 -3.48
C TYR G 255 12.23 58.72 -4.77
N LEU G 256 11.14 59.49 -4.73
CA LEU G 256 10.74 60.24 -5.92
C LEU G 256 11.83 61.18 -6.36
N ALA G 257 12.42 61.92 -5.41
CA ALA G 257 13.43 62.91 -5.76
C ALA G 257 14.66 62.25 -6.36
N GLN G 258 15.11 61.14 -5.79
CA GLN G 258 16.30 60.49 -6.34
C GLN G 258 15.99 59.92 -7.72
N ASN G 259 14.76 59.47 -7.94
CA ASN G 259 14.40 59.01 -9.29
C ASN G 259 14.37 60.18 -10.27
N ILE G 260 13.83 61.32 -9.85
CA ILE G 260 13.80 62.49 -10.71
C ILE G 260 15.21 62.91 -11.08
N ALA G 261 16.10 62.96 -10.09
CA ALA G 261 17.50 63.19 -10.38
C ALA G 261 18.07 62.08 -11.24
N ARG G 262 17.70 60.83 -10.95
CA ARG G 262 18.13 59.70 -11.78
C ARG G 262 17.56 59.80 -13.19
N GLN G 263 16.25 59.95 -13.31
CA GLN G 263 15.66 60.01 -14.65
C GLN G 263 16.21 61.18 -15.43
N ALA G 264 16.56 62.25 -14.73
CA ALA G 264 17.26 63.37 -15.34
C ALA G 264 18.77 63.23 -15.30
N ALA G 265 19.30 62.18 -14.69
CA ALA G 265 20.77 62.07 -14.56
C ALA G 265 21.44 61.92 -15.91
N GLN G 266 20.96 60.99 -16.74
CA GLN G 266 21.58 60.76 -18.04
C GLN G 266 21.44 61.99 -18.93
N ASP G 267 20.22 62.54 -18.99
CA ASP G 267 19.99 63.73 -19.80
C ASP G 267 20.77 64.92 -19.29
N ALA G 268 20.98 65.01 -17.98
CA ALA G 268 21.75 66.12 -17.41
C ALA G 268 23.23 65.97 -17.69
N LYS G 269 23.74 64.74 -17.70
CA LYS G 269 25.13 64.53 -18.08
C LYS G 269 25.33 64.89 -19.55
N SER G 270 24.42 64.47 -20.42
CA SER G 270 24.52 64.83 -21.83
C SER G 270 24.40 66.34 -22.02
N LEU G 271 23.48 66.97 -21.29
CA LEU G 271 23.30 68.40 -21.34
C LEU G 271 24.53 69.15 -20.84
N GLU G 272 25.14 68.66 -19.77
CA GLU G 272 26.35 69.27 -19.24
C GLU G 272 27.49 69.17 -20.24
N PHE G 273 27.63 68.02 -20.90
CA PHE G 273 28.68 67.89 -21.90
C PHE G 273 28.41 68.80 -23.10
N LEU G 274 27.14 68.95 -23.50
CA LEU G 274 26.83 69.90 -24.57
C LEU G 274 27.18 71.33 -24.16
N ASN G 275 26.83 71.71 -22.93
CA ASN G 275 27.14 73.05 -22.45
C ASN G 275 28.64 73.28 -22.40
N GLN G 276 29.41 72.26 -22.03
CA GLN G 276 30.86 72.34 -22.04
C GLN G 276 31.44 72.29 -23.45
N GLN G 277 30.68 71.80 -24.42
CA GLN G 277 31.18 71.55 -25.76
C GLN G 277 30.73 72.59 -26.78
N LEU G 278 29.79 73.46 -26.43
CA LEU G 278 29.30 74.45 -27.38
C LEU G 278 30.44 75.41 -27.76
N PRO G 279 30.79 75.52 -29.05
CA PRO G 279 31.87 76.39 -29.52
C PRO G 279 31.54 77.87 -29.37
N ARG G 385 28.04 76.71 -38.24
CA ARG G 385 26.92 77.29 -37.50
C ARG G 385 25.66 76.43 -37.68
N ALA G 386 25.56 75.75 -38.82
CA ALA G 386 24.47 74.79 -39.01
C ALA G 386 24.56 73.66 -38.00
N VAL G 387 25.76 73.13 -37.78
CA VAL G 387 25.98 72.16 -36.72
C VAL G 387 25.70 72.80 -35.37
N TYR G 388 26.01 74.08 -35.22
CA TYR G 388 25.68 74.79 -33.99
C TYR G 388 24.18 74.87 -33.78
N LEU G 389 23.41 75.10 -34.85
CA LEU G 389 21.96 75.13 -34.72
C LEU G 389 21.40 73.74 -34.42
N GLN G 390 21.99 72.69 -35.00
CA GLN G 390 21.60 71.35 -34.64
C GLN G 390 21.88 71.06 -33.17
N LEU G 391 23.03 71.52 -32.68
CA LEU G 391 23.35 71.38 -31.26
C LEU G 391 22.40 72.19 -30.39
N LEU G 392 21.93 73.33 -30.89
CA LEU G 392 20.91 74.10 -30.17
C LEU G 392 19.60 73.33 -30.08
N ASN G 393 19.20 72.68 -31.18
CA ASN G 393 18.01 71.84 -31.15
C ASN G 393 18.16 70.72 -30.14
N ARG G 394 19.32 70.05 -30.16
CA ARG G 394 19.60 69.01 -29.16
C ARG G 394 19.64 69.58 -27.75
N GLN G 395 20.12 70.82 -27.61
CA GLN G 395 20.19 71.46 -26.30
C GLN G 395 18.80 71.69 -25.73
N GLN G 396 17.89 72.23 -26.55
CA GLN G 396 16.52 72.41 -26.09
C GLN G 396 15.83 71.08 -25.83
N GLU G 397 16.10 70.07 -26.67
CA GLU G 397 15.55 68.75 -26.44
C GLU G 397 16.02 68.17 -25.12
N LEU G 398 17.29 68.37 -24.77
CA LEU G 398 17.79 67.86 -23.50
C LEU G 398 17.30 68.69 -22.32
N ASN G 399 17.09 70.00 -22.50
CA ASN G 399 16.43 70.78 -21.46
C ASN G 399 15.06 70.21 -21.13
N ILE G 400 14.24 70.00 -22.16
CA ILE G 400 12.88 69.52 -21.93
C ILE G 400 12.90 68.08 -21.43
N ALA G 401 13.85 67.27 -21.89
CA ALA G 401 13.92 65.89 -21.42
C ALA G 401 14.37 65.81 -19.97
N LYS G 402 15.35 66.62 -19.58
CA LYS G 402 15.89 66.56 -18.23
C LYS G 402 14.91 67.15 -17.21
N SER G 403 14.52 68.42 -17.40
CA SER G 403 13.80 69.11 -16.34
C SER G 403 12.34 68.68 -16.26
N SER G 404 11.77 68.10 -17.31
CA SER G 404 10.39 67.66 -17.31
C SER G 404 10.24 66.21 -16.89
N ALA G 405 11.32 65.55 -16.52
CA ALA G 405 11.32 64.10 -16.36
C ALA G 405 10.68 63.74 -15.03
N ILE G 406 9.48 63.18 -15.09
CA ILE G 406 8.92 62.48 -13.95
C ILE G 406 9.49 61.06 -13.95
N GLY G 407 9.67 60.51 -12.78
CA GLY G 407 10.23 59.19 -12.69
C GLY G 407 9.23 58.15 -13.16
N ASN G 408 9.68 56.90 -13.16
CA ASN G 408 8.80 55.78 -13.44
C ASN G 408 7.93 55.46 -12.25
N VAL G 409 8.09 56.16 -11.14
CA VAL G 409 7.40 55.88 -9.89
C VAL G 409 6.39 56.99 -9.65
N ARG G 410 5.20 56.60 -9.17
CA ARG G 410 4.16 57.57 -8.86
C ARG G 410 3.58 57.25 -7.49
N ILE G 411 3.35 58.29 -6.70
CA ILE G 411 2.74 58.15 -5.38
C ILE G 411 1.24 58.26 -5.56
N ILE G 412 0.55 57.13 -5.53
CA ILE G 412 -0.90 57.16 -5.66
C ILE G 412 -1.55 57.84 -4.47
N ASP G 413 -1.05 57.55 -3.26
CA ASP G 413 -1.64 58.10 -2.06
C ASP G 413 -0.60 58.13 -0.95
N ASN G 414 -0.48 59.27 -0.29
CA ASN G 414 0.49 59.42 0.77
C ASN G 414 0.16 58.49 1.94
N ALA G 415 1.14 58.33 2.82
CA ALA G 415 1.01 57.38 3.91
C ALA G 415 -0.04 57.85 4.91
N VAL G 416 -0.92 56.93 5.30
CA VAL G 416 -1.87 57.17 6.37
C VAL G 416 -1.85 55.96 7.30
N THR G 417 -1.94 56.22 8.58
CA THR G 417 -1.81 55.18 9.60
C THR G 417 -3.17 54.59 9.92
N ASP G 418 -3.23 53.28 10.06
CA ASP G 418 -4.45 52.62 10.48
C ASP G 418 -4.68 52.90 11.96
N PRO G 419 -5.80 53.51 12.35
CA PRO G 419 -6.02 53.78 13.78
C PRO G 419 -6.13 52.53 14.63
N ASN G 420 -6.37 51.37 14.03
CA ASN G 420 -6.39 50.12 14.78
C ASN G 420 -4.99 49.53 14.82
N PRO G 421 -4.36 49.44 15.98
CA PRO G 421 -3.03 48.83 16.04
C PRO G 421 -3.09 47.37 15.63
N VAL G 422 -2.02 46.90 14.98
CA VAL G 422 -1.96 45.51 14.60
C VAL G 422 -1.20 44.66 15.61
N ARG G 423 -0.41 45.28 16.49
CA ARG G 423 0.25 44.54 17.54
C ARG G 423 0.28 45.42 18.77
N PRO G 424 0.00 44.87 19.97
CA PRO G 424 -0.24 43.44 20.22
C PRO G 424 -1.58 42.94 19.70
N LYS G 425 -1.58 41.72 19.16
CA LYS G 425 -2.79 41.11 18.63
C LYS G 425 -3.67 40.60 19.75
N LYS G 426 -4.68 41.39 20.14
CA LYS G 426 -5.61 40.94 21.16
C LYS G 426 -6.41 39.74 20.66
N THR G 427 -6.92 38.97 21.61
CA THR G 427 -7.76 37.79 21.36
C THR G 427 -7.06 36.73 20.52
N ILE G 428 -5.76 36.89 20.26
CA ILE G 428 -5.00 35.88 19.54
C ILE G 428 -3.95 35.33 20.49
N ILE G 429 -3.55 36.14 21.46
CA ILE G 429 -2.68 35.65 22.52
C ILE G 429 -3.48 35.19 23.73
N ILE G 430 -4.61 35.84 24.01
CA ILE G 430 -5.44 35.44 25.15
C ILE G 430 -5.95 34.02 24.95
N VAL G 431 -6.39 33.70 23.73
CA VAL G 431 -6.74 32.33 23.42
C VAL G 431 -5.52 31.43 23.53
N ILE G 432 -4.35 31.94 23.15
CA ILE G 432 -3.13 31.17 23.34
C ILE G 432 -2.80 31.06 24.82
N GLY G 433 -3.09 32.08 25.61
CA GLY G 433 -2.94 31.94 27.05
C GLY G 433 -3.84 30.85 27.62
N VAL G 434 -5.09 30.79 27.17
CA VAL G 434 -6.02 29.76 27.64
C VAL G 434 -5.50 28.38 27.25
N VAL G 435 -5.13 28.21 25.98
CA VAL G 435 -4.66 26.91 25.53
C VAL G 435 -3.36 26.51 26.21
N LEU G 436 -2.47 27.47 26.47
CA LEU G 436 -1.24 27.17 27.19
C LEU G 436 -1.52 26.72 28.61
N GLY G 437 -2.43 27.42 29.30
CA GLY G 437 -2.82 26.98 30.63
C GLY G 437 -3.45 25.60 30.63
N LEU G 438 -4.32 25.32 29.66
CA LEU G 438 -4.94 24.00 29.60
C LEU G 438 -3.91 22.92 29.33
N ILE G 439 -2.99 23.15 28.39
CA ILE G 439 -2.02 22.11 28.08
C ILE G 439 -1.04 21.91 29.23
N VAL G 440 -0.62 22.97 29.91
CA VAL G 440 0.29 22.78 31.03
C VAL G 440 -0.44 22.12 32.19
N SER G 441 -1.73 22.42 32.39
CA SER G 441 -2.47 21.77 33.45
C SER G 441 -2.64 20.29 33.18
N VAL G 442 -3.05 19.94 31.96
CA VAL G 442 -3.25 18.53 31.67
C VAL G 442 -1.93 17.78 31.78
N VAL G 443 -0.85 18.38 31.29
CA VAL G 443 0.42 17.66 31.35
C VAL G 443 0.88 17.51 32.79
N LEU G 444 0.69 18.53 33.65
CA LEU G 444 1.13 18.45 35.03
C LEU G 444 0.28 17.47 35.83
N VAL G 445 -1.04 17.48 35.62
CA VAL G 445 -1.90 16.53 36.31
C VAL G 445 -1.54 15.12 35.89
N LEU G 446 -1.18 14.91 34.63
CA LEU G 446 -0.77 13.58 34.21
C LEU G 446 0.53 13.16 34.89
N PHE G 447 1.48 14.09 35.07
CA PHE G 447 2.67 13.72 35.82
C PHE G 447 2.33 13.36 37.26
N GLN G 448 1.45 14.14 37.89
CA GLN G 448 1.09 13.79 39.27
C GLN G 448 0.37 12.46 39.34
N VAL G 449 -0.34 12.08 38.29
CA VAL G 449 -0.94 10.76 38.23
C VAL G 449 0.13 9.69 38.18
N PHE G 450 1.12 9.87 37.30
CA PHE G 450 2.19 8.89 37.20
C PHE G 450 3.27 9.07 38.27
N LEU G 451 3.05 9.97 39.22
CA LEU G 451 3.99 10.19 40.30
C LEU G 451 3.70 9.28 41.48
N ARG G 452 2.50 9.35 42.03
CA ARG G 452 2.17 8.57 43.20
C ARG G 452 2.12 7.08 42.87
N ARG G 453 2.53 6.27 43.84
CA ARG G 453 2.54 4.83 43.68
C ARG G 453 1.85 4.10 44.80
N GLY G 454 1.31 4.81 45.79
CA GLY G 454 0.68 4.18 46.92
C GLY G 454 -0.58 3.44 46.56
N ILE G 455 -1.15 2.71 47.53
CA ILE G 455 -2.39 1.99 47.28
C ILE G 455 -3.48 2.97 46.94
N GLU G 456 -4.38 2.58 46.04
CA GLU G 456 -5.48 3.43 45.66
C GLU G 456 -6.84 2.83 45.98
N SER G 457 -6.93 1.54 46.23
CA SER G 457 -8.21 0.91 46.50
C SER G 457 -7.98 -0.51 46.97
N PRO G 458 -8.90 -1.09 47.75
CA PRO G 458 -8.71 -2.47 48.21
C PRO G 458 -8.57 -3.47 47.09
N GLU G 459 -9.06 -3.15 45.90
CA GLU G 459 -8.94 -4.09 44.79
C GLU G 459 -7.48 -4.35 44.44
N GLN G 460 -6.61 -3.35 44.58
CA GLN G 460 -5.20 -3.59 44.27
C GLN G 460 -4.59 -4.63 45.18
N LEU G 461 -4.84 -4.53 46.48
CA LEU G 461 -4.35 -5.56 47.38
C LEU G 461 -5.02 -6.90 47.12
N GLU G 462 -6.32 -6.90 46.83
CA GLU G 462 -7.00 -8.17 46.61
C GLU G 462 -6.55 -8.85 45.33
N GLU G 463 -6.02 -8.11 44.36
CA GLU G 463 -5.45 -8.76 43.19
C GLU G 463 -4.29 -9.66 43.58
N ILE G 464 -3.41 -9.18 44.46
CA ILE G 464 -2.32 -10.00 44.96
C ILE G 464 -2.80 -11.15 45.83
N GLY G 465 -4.02 -11.07 46.34
CA GLY G 465 -4.53 -12.12 47.20
C GLY G 465 -4.42 -11.78 48.66
N ILE G 466 -4.72 -10.53 49.00
CA ILE G 466 -4.65 -10.05 50.37
C ILE G 466 -6.05 -9.60 50.77
N ASN G 467 -6.66 -10.32 51.71
CA ASN G 467 -8.05 -10.06 52.08
C ASN G 467 -8.11 -8.77 52.89
N VAL G 468 -8.42 -7.67 52.21
CA VAL G 468 -8.56 -6.39 52.90
C VAL G 468 -9.76 -6.50 53.83
N TYR G 469 -9.52 -6.52 55.14
CA TYR G 469 -10.60 -6.72 56.08
C TYR G 469 -11.39 -5.46 56.35
N ALA G 470 -10.86 -4.29 56.06
CA ALA G 470 -11.57 -3.05 56.33
C ALA G 470 -10.94 -1.95 55.53
N SER G 471 -11.69 -0.87 55.36
CA SER G 471 -11.19 0.35 54.75
C SER G 471 -11.62 1.47 55.69
N ILE G 472 -10.76 1.79 56.64
CA ILE G 472 -11.09 2.79 57.65
C ILE G 472 -10.95 4.17 57.01
N PRO G 473 -12.02 4.93 56.91
CA PRO G 473 -11.91 6.29 56.36
C PRO G 473 -11.24 7.21 57.35
N ILE G 474 -10.59 8.24 56.80
CA ILE G 474 -9.83 9.16 57.63
C ILE G 474 -10.78 10.06 58.41
N SER G 475 -10.56 10.17 59.71
CA SER G 475 -11.40 10.99 60.57
C SER G 475 -10.80 12.39 60.69
N GLU G 476 -11.67 13.39 60.69
CA GLU G 476 -11.22 14.78 60.75
C GLU G 476 -10.47 15.08 62.04
N TRP G 477 -10.95 14.53 63.15
CA TRP G 477 -10.33 14.76 64.45
C TRP G 477 -8.85 14.38 64.44
N ASP G 494 -7.28 13.96 73.41
CA ASP G 494 -6.26 12.92 73.36
C ASP G 494 -6.87 11.55 73.60
N THR G 495 -8.11 11.56 74.09
CA THR G 495 -8.80 10.30 74.38
C THR G 495 -9.14 9.57 73.09
N LEU G 496 -9.59 8.33 73.24
CA LEU G 496 -9.88 7.48 72.08
C LEU G 496 -11.02 8.08 71.27
N LEU G 497 -10.87 8.05 69.95
CA LEU G 497 -11.98 8.46 69.08
C LEU G 497 -13.20 7.58 69.30
N ALA G 498 -13.00 6.31 69.58
CA ALA G 498 -14.12 5.40 69.82
C ALA G 498 -14.88 5.72 71.10
N VAL G 499 -14.35 6.60 71.95
CA VAL G 499 -15.11 7.10 73.08
C VAL G 499 -15.27 8.61 73.06
N GLY G 500 -14.46 9.34 72.30
CA GLY G 500 -14.64 10.77 72.18
C GLY G 500 -15.82 11.10 71.28
N ASN G 501 -15.79 10.57 70.07
CA ASN G 501 -16.82 10.84 69.05
C ASN G 501 -17.35 9.51 68.54
N PRO G 502 -18.18 8.83 69.34
CA PRO G 502 -18.55 7.45 69.00
C PRO G 502 -19.21 7.30 67.66
N ALA G 503 -19.80 8.36 67.11
CA ALA G 503 -20.57 8.26 65.88
C ALA G 503 -19.78 8.69 64.66
N ASP G 504 -18.47 8.81 64.77
CA ASP G 504 -17.70 9.22 63.60
C ASP G 504 -17.59 8.09 62.60
N LEU G 505 -17.34 8.45 61.34
CA LEU G 505 -17.27 7.46 60.28
C LEU G 505 -16.18 6.42 60.57
N ALA G 506 -15.01 6.89 60.98
CA ALA G 506 -13.91 5.98 61.23
C ALA G 506 -14.23 5.00 62.34
N VAL G 507 -15.16 5.35 63.23
CA VAL G 507 -15.57 4.41 64.25
C VAL G 507 -16.64 3.44 63.75
N GLU G 508 -17.51 3.89 62.85
CA GLU G 508 -18.44 2.94 62.24
C GLU G 508 -17.69 1.90 61.42
N ALA G 509 -16.67 2.32 60.68
CA ALA G 509 -15.91 1.34 59.91
C ALA G 509 -15.09 0.42 60.79
N ILE G 510 -14.66 0.89 61.95
CA ILE G 510 -13.97 0.00 62.88
C ILE G 510 -14.95 -0.99 63.51
N ARG G 511 -16.18 -0.58 63.75
CA ARG G 511 -17.17 -1.58 64.14
C ARG G 511 -17.39 -2.60 63.03
N GLY G 512 -17.43 -2.14 61.79
CA GLY G 512 -17.55 -3.08 60.68
C GLY G 512 -16.38 -4.04 60.64
N LEU G 513 -15.19 -3.57 60.97
CA LEU G 513 -14.05 -4.46 61.12
C LEU G 513 -14.22 -5.41 62.28
N ARG G 514 -14.81 -4.94 63.38
CA ARG G 514 -14.99 -5.81 64.53
C ARG G 514 -15.86 -7.00 64.19
N THR G 515 -16.96 -6.76 63.47
CA THR G 515 -17.83 -7.89 63.11
C THR G 515 -17.12 -8.88 62.21
N SER G 516 -16.40 -8.38 61.20
CA SER G 516 -15.72 -9.28 60.28
C SER G 516 -14.62 -10.05 60.98
N LEU G 517 -13.93 -9.43 61.94
CA LEU G 517 -12.96 -10.18 62.72
C LEU G 517 -13.67 -11.25 63.54
N HIS G 518 -14.73 -10.87 64.25
CA HIS G 518 -15.43 -11.83 65.09
C HIS G 518 -15.85 -13.05 64.30
N PHE G 519 -16.17 -12.87 63.02
CA PHE G 519 -16.39 -14.05 62.21
C PHE G 519 -15.09 -14.74 61.86
N ALA G 520 -14.06 -13.97 61.48
CA ALA G 520 -12.84 -14.58 60.97
C ALA G 520 -11.93 -15.10 62.07
N MET G 521 -12.00 -14.53 63.26
CA MET G 521 -11.11 -14.99 64.33
C MET G 521 -11.62 -16.23 65.04
N MET G 522 -12.86 -16.64 64.79
CA MET G 522 -13.26 -17.96 65.23
C MET G 522 -12.44 -19.00 64.48
N GLU G 523 -12.33 -20.18 65.07
CA GLU G 523 -11.51 -21.28 64.58
C GLU G 523 -10.02 -20.98 64.62
N ALA G 524 -9.62 -19.81 65.12
CA ALA G 524 -8.21 -19.56 65.35
C ALA G 524 -7.72 -20.33 66.56
N LYS G 525 -6.44 -20.65 66.58
CA LYS G 525 -5.91 -21.52 67.62
C LYS G 525 -5.98 -20.87 69.00
N ASN G 526 -6.03 -19.54 69.07
CA ASN G 526 -6.18 -18.85 70.33
C ASN G 526 -6.73 -17.46 70.06
N ASN G 527 -7.05 -16.74 71.12
CA ASN G 527 -7.70 -15.44 71.02
C ASN G 527 -6.72 -14.28 71.06
N VAL G 528 -5.52 -14.45 70.49
CA VAL G 528 -4.53 -13.38 70.41
C VAL G 528 -4.52 -12.83 69.00
N LEU G 529 -4.67 -11.51 68.87
CA LEU G 529 -4.63 -10.84 67.58
C LEU G 529 -3.42 -9.92 67.55
N MET G 530 -2.65 -10.01 66.48
CA MET G 530 -1.47 -9.18 66.29
C MET G 530 -1.73 -8.23 65.14
N ILE G 531 -1.49 -6.94 65.37
CA ILE G 531 -1.72 -5.92 64.35
C ILE G 531 -0.42 -5.20 64.14
N SER G 532 0.17 -5.36 62.96
CA SER G 532 1.42 -4.70 62.62
C SER G 532 1.22 -3.83 61.40
N GLY G 533 1.49 -2.55 61.54
CA GLY G 533 1.45 -1.67 60.39
C GLY G 533 2.54 -2.03 59.41
N ALA G 534 2.33 -1.67 58.15
CA ALA G 534 3.34 -1.96 57.14
C ALA G 534 4.55 -1.05 57.27
N SER G 535 4.44 0.02 58.02
CA SER G 535 5.51 0.98 58.22
C SER G 535 5.08 1.92 59.33
N PRO G 536 5.99 2.64 59.97
CA PRO G 536 5.57 3.65 60.93
C PRO G 536 4.72 4.69 60.22
N SER G 537 3.86 5.34 60.99
CA SER G 537 2.89 6.29 60.44
C SER G 537 1.93 5.60 59.48
N ALA G 538 1.64 4.33 59.73
CA ALA G 538 0.46 3.70 59.16
C ALA G 538 -0.67 3.59 60.16
N GLY G 539 -0.45 4.00 61.40
CA GLY G 539 -1.53 4.10 62.35
C GLY G 539 -1.95 2.80 63.00
N MET G 540 -1.03 1.84 63.15
CA MET G 540 -1.41 0.59 63.78
C MET G 540 -1.98 0.83 65.16
N THR G 541 -1.49 1.85 65.86
CA THR G 541 -1.99 2.13 67.19
C THR G 541 -3.35 2.79 67.18
N PHE G 542 -3.62 3.65 66.21
CA PHE G 542 -4.95 4.24 66.09
C PHE G 542 -6.00 3.15 65.92
N ILE G 543 -5.81 2.27 64.93
CA ILE G 543 -6.77 1.22 64.67
C ILE G 543 -6.83 0.24 65.82
N SER G 544 -5.68 -0.20 66.34
CA SER G 544 -5.73 -1.19 67.40
C SER G 544 -6.40 -0.64 68.65
N SER G 545 -6.10 0.60 69.04
CA SER G 545 -6.72 1.16 70.22
C SER G 545 -8.21 1.31 70.03
N ASN G 546 -8.64 1.90 68.91
CA ASN G 546 -10.07 2.08 68.69
C ASN G 546 -10.78 0.74 68.61
N LEU G 547 -10.15 -0.25 67.97
CA LEU G 547 -10.79 -1.56 67.88
C LEU G 547 -10.93 -2.19 69.25
N ALA G 548 -9.92 -2.05 70.10
CA ALA G 548 -10.03 -2.56 71.45
C ALA G 548 -11.14 -1.85 72.21
N ALA G 549 -11.31 -0.54 72.00
CA ALA G 549 -12.39 0.17 72.65
C ALA G 549 -13.74 -0.34 72.16
N THR G 550 -13.90 -0.42 70.84
CA THR G 550 -15.16 -0.84 70.26
C THR G 550 -15.50 -2.28 70.58
N ILE G 551 -14.51 -3.08 70.97
CA ILE G 551 -14.81 -4.42 71.44
C ILE G 551 -15.09 -4.46 72.94
N ALA G 552 -14.47 -3.57 73.72
CA ALA G 552 -14.72 -3.56 75.15
C ALA G 552 -16.16 -3.17 75.48
N ILE G 553 -16.68 -2.15 74.79
CA ILE G 553 -18.05 -1.71 75.04
C ILE G 553 -19.04 -2.84 74.75
N THR G 554 -18.67 -3.75 73.85
CA THR G 554 -19.54 -4.89 73.57
C THR G 554 -19.79 -5.71 74.83
N GLY G 555 -18.78 -5.86 75.68
CA GLY G 555 -18.90 -6.63 76.90
C GLY G 555 -17.84 -7.69 77.09
N LYS G 556 -16.91 -7.84 76.16
CA LYS G 556 -15.82 -8.79 76.32
C LYS G 556 -14.67 -8.15 77.09
N LYS G 557 -13.91 -8.97 77.80
CA LYS G 557 -12.71 -8.49 78.47
C LYS G 557 -11.56 -8.47 77.48
N VAL G 558 -10.93 -7.32 77.32
CA VAL G 558 -9.91 -7.13 76.29
C VAL G 558 -8.61 -6.70 76.94
N LEU G 559 -7.51 -7.26 76.46
CA LEU G 559 -6.16 -6.86 76.86
C LEU G 559 -5.45 -6.29 75.65
N PHE G 560 -4.84 -5.12 75.81
CA PHE G 560 -4.14 -4.45 74.73
C PHE G 560 -2.67 -4.36 75.08
N ILE G 561 -1.86 -5.21 74.47
CA ILE G 561 -0.43 -5.26 74.72
C ILE G 561 0.27 -4.43 73.65
N ASP G 562 1.04 -3.45 74.07
CA ASP G 562 1.82 -2.63 73.14
C ASP G 562 3.24 -3.19 73.11
N ALA G 563 3.48 -4.10 72.18
CA ALA G 563 4.78 -4.73 72.05
C ALA G 563 5.71 -4.00 71.12
N ASP G 564 5.47 -2.72 70.84
CA ASP G 564 6.43 -1.93 70.07
C ASP G 564 7.46 -1.42 71.05
N LEU G 565 8.39 -2.31 71.40
CA LEU G 565 9.39 -1.99 72.41
C LEU G 565 10.39 -0.94 71.95
N ARG G 566 10.25 -0.40 70.75
CA ARG G 566 11.24 0.55 70.24
C ARG G 566 10.78 2.00 70.35
N LYS G 567 9.64 2.35 69.77
CA LYS G 567 9.12 3.72 69.88
C LYS G 567 7.61 3.72 70.04
N GLY G 568 7.09 2.83 70.86
CA GLY G 568 5.65 2.81 71.11
C GLY G 568 5.26 3.88 72.11
N TYR G 569 4.14 4.54 71.84
CA TYR G 569 3.68 5.67 72.64
C TYR G 569 2.25 5.50 73.12
N ALA G 570 1.78 4.25 73.23
CA ALA G 570 0.42 4.04 73.69
C ALA G 570 0.23 4.55 75.12
N HIS G 571 1.26 4.40 75.96
CA HIS G 571 1.18 4.95 77.31
C HIS G 571 1.11 6.47 77.30
N LYS G 572 1.72 7.11 76.30
CA LYS G 572 1.65 8.55 76.18
C LYS G 572 0.27 9.04 75.76
N MET G 573 -0.66 8.12 75.47
CA MET G 573 -1.97 8.48 74.98
C MET G 573 -3.10 8.10 75.91
N PHE G 574 -2.98 7.02 76.67
CA PHE G 574 -4.07 6.52 77.49
C PHE G 574 -3.99 7.00 78.93
N GLY G 575 -2.93 7.71 79.31
CA GLY G 575 -2.69 8.00 80.70
C GLY G 575 -2.03 6.78 81.32
N HIS G 576 -0.92 6.96 82.02
CA HIS G 576 -0.07 5.82 82.29
C HIS G 576 0.65 5.95 83.61
N LYS G 577 1.04 4.79 84.14
CA LYS G 577 2.11 4.66 85.13
C LYS G 577 3.26 4.03 84.38
N ASN G 578 4.17 4.87 83.86
CA ASN G 578 5.20 4.40 82.94
C ASN G 578 6.09 3.33 83.55
N ASP G 579 6.18 3.29 84.87
CA ASP G 579 6.93 2.21 85.51
C ASP G 579 6.25 0.87 85.26
N LYS G 580 7.07 -0.18 85.22
CA LYS G 580 6.60 -1.55 85.05
C LYS G 580 5.78 -1.69 83.76
N GLY G 581 6.44 -1.41 82.65
CA GLY G 581 5.82 -1.61 81.35
C GLY G 581 5.92 -3.05 80.90
N LEU G 582 6.11 -3.27 79.61
CA LEU G 582 6.30 -4.63 79.13
C LEU G 582 7.76 -5.06 79.27
N SER G 583 8.69 -4.18 78.91
CA SER G 583 10.10 -4.51 78.99
C SER G 583 10.50 -4.85 80.41
N GLU G 584 9.95 -4.14 81.39
CA GLU G 584 10.23 -4.42 82.79
C GLU G 584 9.67 -5.75 83.24
N PHE G 585 8.79 -6.37 82.46
CA PHE G 585 8.33 -7.71 82.79
C PHE G 585 9.22 -8.78 82.19
N LEU G 586 9.55 -8.64 80.90
CA LEU G 586 10.40 -9.62 80.25
C LEU G 586 11.76 -9.70 80.93
N SER G 587 12.27 -8.55 81.39
CA SER G 587 13.53 -8.54 82.12
C SER G 587 13.44 -9.23 83.47
N GLY G 588 12.25 -9.61 83.90
CA GLY G 588 12.08 -10.33 85.15
C GLY G 588 12.02 -9.48 86.39
N GLN G 589 12.05 -8.15 86.25
CA GLN G 589 12.01 -7.26 87.40
C GLN G 589 10.60 -6.80 87.75
N ALA G 590 9.58 -7.30 87.07
CA ALA G 590 8.19 -6.98 87.40
C ALA G 590 7.33 -8.21 87.17
N ALA G 591 6.28 -8.33 87.96
CA ALA G 591 5.37 -9.47 87.83
C ALA G 591 4.24 -9.14 86.86
N ALA G 592 3.45 -10.16 86.54
CA ALA G 592 2.41 -10.01 85.53
C ALA G 592 1.33 -9.02 85.93
N GLU G 593 1.14 -8.77 87.22
CA GLU G 593 -0.02 -8.00 87.65
C GLU G 593 0.23 -6.50 87.71
N MET G 594 1.43 -6.08 88.11
CA MET G 594 1.67 -4.65 88.26
C MET G 594 1.82 -3.93 86.94
N ILE G 595 1.87 -4.65 85.81
CA ILE G 595 2.11 -4.02 84.52
C ILE G 595 0.80 -3.72 83.82
N ILE G 596 -0.25 -4.48 84.16
CA ILE G 596 -1.55 -4.24 83.56
C ILE G 596 -2.16 -2.96 84.11
N ASP G 597 -2.71 -2.15 83.22
CA ASP G 597 -3.32 -0.88 83.57
C ASP G 597 -4.80 -0.91 83.22
N LYS G 598 -5.49 0.19 83.47
CA LYS G 598 -6.92 0.31 83.21
C LYS G 598 -7.18 1.62 82.49
N VAL G 599 -7.36 1.56 81.17
CA VAL G 599 -7.82 2.74 80.45
C VAL G 599 -9.26 3.00 80.85
N GLU G 600 -9.48 4.06 81.63
CA GLU G 600 -10.82 4.34 82.13
C GLU G 600 -11.79 4.64 81.00
N GLY G 601 -11.31 5.22 79.90
CA GLY G 601 -12.18 5.54 78.79
C GLY G 601 -12.60 4.34 78.00
N GLY G 602 -11.64 3.65 77.37
CA GLY G 602 -11.97 2.52 76.54
C GLY G 602 -12.55 1.35 77.30
N GLY G 603 -12.22 1.23 78.58
CA GLY G 603 -12.70 0.10 79.34
C GLY G 603 -12.02 -1.19 79.01
N PHE G 604 -10.74 -1.15 78.65
CA PHE G 604 -9.96 -2.35 78.36
C PHE G 604 -8.66 -2.32 79.15
N ASP G 605 -8.17 -3.50 79.52
CA ASP G 605 -6.87 -3.60 80.16
C ASP G 605 -5.77 -3.29 79.16
N TYR G 606 -4.76 -2.55 79.63
CA TYR G 606 -3.71 -2.05 78.75
C TYR G 606 -2.35 -2.31 79.36
N ILE G 607 -1.40 -2.75 78.55
CA ILE G 607 -0.03 -2.99 78.96
C ILE G 607 0.90 -2.19 78.07
N GLY G 608 1.59 -1.21 78.64
CA GLY G 608 2.47 -0.39 77.85
C GLY G 608 3.85 -0.98 77.74
N ARG G 609 4.65 -0.42 76.82
CA ARG G 609 5.98 -0.99 76.59
C ARG G 609 6.90 -0.73 77.77
N GLY G 610 6.71 0.37 78.49
CA GLY G 610 7.65 0.73 79.52
C GLY G 610 8.94 1.28 78.94
N GLN G 611 10.02 1.13 79.69
CA GLN G 611 11.29 1.71 79.27
C GLN G 611 11.85 0.98 78.05
N ILE G 612 12.41 1.76 77.13
CA ILE G 612 13.05 1.21 75.94
C ILE G 612 14.20 0.33 76.38
N PRO G 613 14.16 -0.97 76.14
CA PRO G 613 15.29 -1.82 76.48
C PRO G 613 16.36 -1.73 75.40
N PRO G 614 17.60 -2.10 75.71
CA PRO G 614 18.64 -2.07 74.69
C PRO G 614 18.58 -3.24 73.71
N ASN G 615 17.96 -4.35 74.09
CA ASN G 615 17.89 -5.55 73.26
C ASN G 615 16.44 -5.99 73.13
N PRO G 616 15.67 -5.32 72.27
CA PRO G 616 14.25 -5.67 72.17
C PRO G 616 14.02 -7.06 71.62
N ALA G 617 14.62 -7.36 70.46
CA ALA G 617 14.38 -8.64 69.81
C ALA G 617 14.82 -9.79 70.70
N GLU G 618 15.95 -9.62 71.39
CA GLU G 618 16.42 -10.66 72.28
C GLU G 618 15.50 -10.82 73.48
N LEU G 619 14.88 -9.73 73.91
CA LEU G 619 13.92 -9.81 75.01
C LEU G 619 12.68 -10.58 74.60
N LEU G 620 12.10 -10.23 73.46
CA LEU G 620 10.85 -10.83 73.06
C LEU G 620 10.96 -12.33 72.86
N MET G 621 12.16 -12.85 72.70
CA MET G 621 12.32 -14.30 72.60
C MET G 621 12.33 -14.97 73.95
N HIS G 622 12.40 -14.20 75.03
CA HIS G 622 12.45 -14.81 76.35
C HIS G 622 11.15 -15.55 76.63
N PRO G 623 11.23 -16.75 77.24
CA PRO G 623 10.02 -17.56 77.40
C PRO G 623 8.95 -16.95 78.30
N ARG G 624 9.28 -15.94 79.10
CA ARG G 624 8.25 -15.30 79.91
C ARG G 624 7.17 -14.66 79.06
N PHE G 625 7.49 -14.28 77.83
CA PHE G 625 6.50 -13.66 76.95
C PHE G 625 5.38 -14.64 76.62
N GLU G 626 5.74 -15.87 76.28
CA GLU G 626 4.72 -16.87 76.01
C GLU G 626 3.92 -17.21 77.26
N GLN G 627 4.55 -17.18 78.42
CA GLN G 627 3.81 -17.36 79.66
C GLN G 627 2.78 -16.25 79.82
N LEU G 628 3.19 -15.02 79.55
CA LEU G 628 2.27 -13.88 79.65
C LEU G 628 1.07 -14.09 78.74
N LEU G 629 1.32 -14.41 77.47
CA LEU G 629 0.21 -14.60 76.55
C LEU G 629 -0.67 -15.77 76.98
N ASN G 630 -0.05 -16.87 77.43
CA ASN G 630 -0.83 -18.03 77.84
C ASN G 630 -1.76 -17.70 78.99
N TRP G 631 -1.22 -17.00 79.99
CA TRP G 631 -2.03 -16.60 81.14
C TRP G 631 -3.14 -15.65 80.72
N ALA G 632 -2.80 -14.64 79.91
CA ALA G 632 -3.79 -13.65 79.52
C ALA G 632 -4.91 -14.25 78.70
N SER G 633 -4.58 -15.15 77.77
CA SER G 633 -5.57 -15.76 76.90
C SER G 633 -6.54 -16.60 77.72
N GLN G 634 -6.15 -16.94 78.94
CA GLN G 634 -7.07 -17.58 79.87
C GLN G 634 -7.85 -16.58 80.71
N ASN G 635 -7.27 -15.43 81.01
CA ASN G 635 -7.97 -14.44 81.80
C ASN G 635 -8.61 -13.32 80.99
N TYR G 636 -8.65 -13.44 79.67
CA TYR G 636 -9.23 -12.40 78.84
C TYR G 636 -9.95 -13.02 77.65
N ASP G 637 -10.84 -12.23 77.05
CA ASP G 637 -11.52 -12.66 75.84
C ASP G 637 -10.72 -12.34 74.58
N LEU G 638 -9.98 -11.23 74.57
CA LEU G 638 -9.22 -10.86 73.38
C LEU G 638 -7.91 -10.22 73.82
N ILE G 639 -6.88 -10.43 73.02
CA ILE G 639 -5.56 -9.84 73.24
C ILE G 639 -5.12 -9.21 71.93
N ILE G 640 -4.91 -7.90 71.93
CA ILE G 640 -4.43 -7.20 70.76
C ILE G 640 -3.01 -6.77 71.02
N ILE G 641 -2.12 -7.10 70.09
CA ILE G 641 -0.70 -6.79 70.21
C ILE G 641 -0.32 -5.84 69.09
N ASP G 642 0.38 -4.77 69.43
CA ASP G 642 0.92 -3.87 68.44
C ASP G 642 2.39 -4.19 68.25
N THR G 643 2.81 -4.34 67.02
CA THR G 643 4.19 -4.72 66.82
C THR G 643 4.85 -3.79 65.81
N PRO G 644 6.15 -3.58 65.91
CA PRO G 644 6.83 -2.73 64.95
C PRO G 644 6.68 -3.30 63.56
N PRO G 645 6.95 -2.52 62.52
CA PRO G 645 6.93 -3.05 61.16
C PRO G 645 7.85 -4.25 61.04
N ILE G 646 7.58 -5.07 60.03
CA ILE G 646 8.47 -6.19 59.73
C ILE G 646 9.52 -5.81 58.71
N LEU G 647 9.31 -4.74 57.94
CA LEU G 647 10.35 -4.30 57.02
C LEU G 647 11.47 -3.57 57.74
N ALA G 648 11.35 -3.31 59.04
CA ALA G 648 12.36 -2.59 59.78
C ALA G 648 13.07 -3.46 60.80
N VAL G 649 12.34 -4.15 61.65
CA VAL G 649 12.90 -5.03 62.64
C VAL G 649 12.24 -6.40 62.49
N THR G 650 12.59 -7.32 63.39
CA THR G 650 12.04 -8.66 63.37
C THR G 650 11.17 -8.96 64.58
N ASP G 651 10.75 -7.93 65.31
CA ASP G 651 9.89 -8.17 66.48
C ASP G 651 8.55 -8.76 66.09
N ALA G 652 7.96 -8.26 65.01
CA ALA G 652 6.67 -8.76 64.58
C ALA G 652 6.75 -10.24 64.27
N ALA G 653 7.80 -10.67 63.60
CA ALA G 653 7.98 -12.07 63.26
C ALA G 653 8.36 -12.92 64.47
N ILE G 654 8.68 -12.29 65.60
CA ILE G 654 8.88 -13.05 66.83
C ILE G 654 7.57 -13.24 67.55
N ILE G 655 6.78 -12.17 67.65
CA ILE G 655 5.52 -12.26 68.39
C ILE G 655 4.50 -13.07 67.60
N GLY G 656 4.53 -12.99 66.28
CA GLY G 656 3.53 -13.65 65.47
C GLY G 656 3.53 -15.16 65.60
N ARG G 657 4.58 -15.72 66.19
CA ARG G 657 4.59 -17.15 66.44
C ARG G 657 3.45 -17.56 67.37
N TYR G 658 3.06 -16.68 68.29
CA TYR G 658 2.05 -16.99 69.28
C TYR G 658 0.70 -16.37 68.98
N ALA G 659 0.55 -15.67 67.87
CA ALA G 659 -0.69 -14.99 67.55
C ALA G 659 -1.56 -15.85 66.66
N GLY G 660 -2.83 -15.99 67.03
CA GLY G 660 -3.74 -16.75 66.21
C GLY G 660 -4.01 -16.07 64.88
N THR G 661 -4.18 -14.76 64.88
CA THR G 661 -4.50 -14.00 63.69
C THR G 661 -3.61 -12.77 63.60
N CYS G 662 -3.06 -12.54 62.41
CA CYS G 662 -2.15 -11.44 62.20
C CYS G 662 -2.66 -10.61 61.03
N LEU G 663 -2.62 -9.29 61.20
CA LEU G 663 -3.14 -8.36 60.20
C LEU G 663 -2.12 -7.28 59.93
N LEU G 664 -2.07 -6.80 58.71
CA LEU G 664 -1.24 -5.66 58.36
C LEU G 664 -2.11 -4.43 58.23
N VAL G 665 -1.60 -3.29 58.68
CA VAL G 665 -2.24 -2.00 58.50
C VAL G 665 -1.45 -1.23 57.47
N ALA G 666 -2.13 -0.68 56.47
CA ALA G 666 -1.47 0.04 55.39
C ALA G 666 -2.11 1.41 55.25
N ARG G 667 -1.31 2.47 55.35
CA ARG G 667 -1.85 3.79 55.07
C ARG G 667 -2.29 3.85 53.62
N PHE G 668 -3.33 4.64 53.37
CA PHE G 668 -4.03 4.54 52.09
C PHE G 668 -3.10 4.82 50.92
N GLU G 669 -2.58 6.04 50.82
CA GLU G 669 -1.75 6.41 49.69
C GLU G 669 -0.27 6.48 50.03
N LYS G 670 0.12 6.25 51.29
CA LYS G 670 1.52 6.26 51.61
C LYS G 670 2.17 4.93 51.27
N ASN G 671 1.73 3.85 51.91
CA ASN G 671 2.32 2.55 51.67
C ASN G 671 1.95 2.04 50.28
N THR G 672 2.89 1.39 49.63
CA THR G 672 2.66 0.82 48.31
C THR G 672 2.26 -0.63 48.43
N VAL G 673 1.85 -1.21 47.30
CA VAL G 673 1.56 -2.64 47.30
C VAL G 673 2.82 -3.44 47.53
N LYS G 674 3.95 -2.92 47.07
CA LYS G 674 5.20 -3.64 47.23
C LYS G 674 5.51 -3.88 48.71
N GLU G 675 5.28 -2.87 49.55
CA GLU G 675 5.55 -3.04 50.97
C GLU G 675 4.66 -4.11 51.59
N ILE G 676 3.38 -4.13 51.25
CA ILE G 676 2.52 -5.15 51.81
C ILE G 676 2.93 -6.53 51.33
N ASP G 677 3.23 -6.66 50.04
CA ASP G 677 3.60 -7.95 49.51
C ASP G 677 4.87 -8.47 50.16
N VAL G 678 5.89 -7.61 50.25
CA VAL G 678 7.16 -8.01 50.84
C VAL G 678 6.98 -8.33 52.31
N SER G 679 6.19 -7.54 53.03
CA SER G 679 5.97 -7.82 54.44
C SER G 679 5.28 -9.16 54.63
N MET G 680 4.27 -9.46 53.84
CA MET G 680 3.60 -10.74 53.99
C MET G 680 4.50 -11.90 53.63
N LYS G 681 5.33 -11.74 52.60
CA LYS G 681 6.26 -12.82 52.29
C LYS G 681 7.28 -13.01 53.39
N ARG G 682 7.75 -11.92 53.99
CA ARG G 682 8.71 -12.05 55.08
C ARG G 682 8.07 -12.62 56.32
N PHE G 683 6.76 -12.45 56.48
CA PHE G 683 6.08 -13.16 57.56
C PHE G 683 5.95 -14.64 57.25
N GLU G 684 5.70 -14.99 55.99
CA GLU G 684 5.63 -16.40 55.64
C GLU G 684 6.97 -17.09 55.86
N GLN G 685 8.07 -16.42 55.48
CA GLN G 685 9.39 -16.98 55.73
C GLN G 685 9.58 -17.29 57.21
N SER G 686 9.06 -16.43 58.07
CA SER G 686 9.22 -16.59 59.50
C SER G 686 8.14 -17.48 60.11
N GLY G 687 7.30 -18.08 59.28
CA GLY G 687 6.29 -18.99 59.77
C GLY G 687 5.04 -18.35 60.31
N VAL G 688 4.87 -17.05 60.11
CA VAL G 688 3.69 -16.33 60.54
C VAL G 688 2.81 -16.12 59.33
N VAL G 689 1.59 -16.62 59.37
CA VAL G 689 0.67 -16.53 58.25
C VAL G 689 -0.20 -15.29 58.46
N VAL G 690 0.02 -14.27 57.63
CA VAL G 690 -0.75 -13.03 57.73
C VAL G 690 -2.16 -13.28 57.22
N LYS G 691 -3.15 -13.09 58.09
CA LYS G 691 -4.52 -13.33 57.69
C LYS G 691 -4.94 -12.40 56.57
N GLY G 692 -4.60 -11.13 56.70
CA GLY G 692 -4.96 -10.17 55.67
C GLY G 692 -4.57 -8.78 56.09
N CYS G 693 -4.91 -7.81 55.26
CA CYS G 693 -4.54 -6.43 55.48
C CYS G 693 -5.72 -5.64 56.02
N ILE G 694 -5.44 -4.44 56.52
CA ILE G 694 -6.46 -3.50 56.97
C ILE G 694 -6.10 -2.15 56.40
N LEU G 695 -6.66 -1.81 55.25
CA LEU G 695 -6.33 -0.52 54.66
C LEU G 695 -6.77 0.59 55.60
N ASN G 696 -6.01 1.67 55.65
CA ASN G 696 -6.23 2.68 56.66
C ASN G 696 -6.17 4.06 56.05
N GLY G 697 -6.83 5.01 56.69
CA GLY G 697 -6.72 6.40 56.31
C GLY G 697 -7.15 6.66 54.88
N VAL G 698 -8.15 5.95 54.41
CA VAL G 698 -8.64 6.16 53.06
C VAL G 698 -9.47 7.43 53.05
N VAL G 699 -9.28 8.25 52.01
CA VAL G 699 -9.95 9.54 51.93
C VAL G 699 -11.44 9.33 51.73
N LYS G 700 -12.22 10.29 52.19
CA LYS G 700 -13.67 10.19 52.08
C LYS G 700 -14.15 10.25 50.64
N LYS G 701 -13.29 10.62 49.69
CA LYS G 701 -13.68 10.57 48.29
C LYS G 701 -13.80 9.14 47.80
N ALA G 702 -12.89 8.27 48.22
CA ALA G 702 -12.86 6.89 47.75
C ALA G 702 -13.51 5.90 48.71
N SER G 703 -13.76 6.28 49.95
CA SER G 703 -14.42 5.39 50.90
C SER G 703 -15.91 5.35 50.60
N SER G 704 -16.49 4.15 50.75
CA SER G 704 -17.91 3.99 50.50
C SER G 704 -18.76 4.36 51.70
N TYR G 705 -18.15 4.62 52.85
CA TYR G 705 -18.91 5.00 54.02
C TYR G 705 -19.46 6.41 53.88
N TYR G 706 -20.60 6.64 54.53
CA TYR G 706 -21.19 7.96 54.61
C TYR G 706 -22.05 8.03 55.85
N ARG G 707 -22.35 9.24 56.29
CA ARG G 707 -23.17 9.41 57.48
C ARG G 707 -24.56 8.85 57.22
N TYR G 708 -25.20 8.37 58.28
CA TYR G 708 -26.51 7.73 58.14
C TYR G 708 -27.26 7.88 59.46
N GLY G 709 -28.23 8.79 59.48
CA GLY G 709 -29.01 9.02 60.68
C GLY G 709 -29.09 10.49 61.06
N ILE H 17 -25.85 1.01 22.23
CA ILE H 17 -25.22 2.02 21.41
C ILE H 17 -25.39 1.66 19.94
N ASP H 18 -25.94 0.47 19.71
CA ASP H 18 -26.17 -0.02 18.37
C ASP H 18 -27.31 0.75 17.71
N LEU H 19 -27.38 0.67 16.39
CA LEU H 19 -28.38 1.38 15.59
C LEU H 19 -29.80 1.17 16.11
N GLY H 20 -30.17 -0.08 16.40
CA GLY H 20 -31.46 -0.34 16.98
C GLY H 20 -31.59 0.33 18.34
N ARG H 21 -30.57 0.18 19.17
CA ARG H 21 -30.52 0.93 20.42
C ARG H 21 -30.59 2.42 20.18
N VAL H 22 -29.87 2.91 19.16
CA VAL H 22 -29.77 4.35 18.91
C VAL H 22 -31.14 4.93 18.61
N ILE H 23 -31.85 4.32 17.64
CA ILE H 23 -33.21 4.78 17.33
C ILE H 23 -34.10 4.59 18.55
N GLY H 24 -33.78 3.60 19.39
CA GLY H 24 -34.45 3.47 20.66
C GLY H 24 -34.42 4.74 21.48
N GLU H 25 -33.23 5.22 21.87
CA GLU H 25 -33.25 6.42 22.71
C GLU H 25 -33.72 7.63 21.93
N LEU H 26 -33.49 7.66 20.61
CA LEU H 26 -33.90 8.82 19.83
C LEU H 26 -35.40 8.99 19.86
N ILE H 27 -36.15 7.91 19.66
CA ILE H 27 -37.60 8.00 19.81
C ILE H 27 -37.95 8.22 21.27
N ASP H 28 -37.21 7.59 22.19
CA ASP H 28 -37.44 7.82 23.61
C ASP H 28 -37.19 9.27 23.98
N HIS H 29 -36.06 9.82 23.52
CA HIS H 29 -35.75 11.23 23.73
C HIS H 29 -36.21 12.11 22.58
N ARG H 30 -37.26 11.69 21.86
CA ARG H 30 -37.71 12.47 20.71
C ARG H 30 -38.11 13.88 21.12
N LYS H 31 -38.73 14.03 22.30
CA LYS H 31 -39.09 15.36 22.77
C LYS H 31 -37.87 16.27 22.83
N LEU H 32 -36.79 15.80 23.46
CA LEU H 32 -35.59 16.63 23.60
C LEU H 32 -34.97 16.98 22.26
N ILE H 33 -34.75 15.95 21.42
CA ILE H 33 -34.05 16.18 20.17
C ILE H 33 -34.85 17.11 19.27
N ILE H 34 -36.15 16.87 19.13
CA ILE H 34 -36.94 17.73 18.27
C ILE H 34 -37.08 19.11 18.88
N SER H 35 -37.12 19.22 20.20
CA SER H 35 -37.24 20.55 20.82
C SER H 35 -36.01 21.39 20.52
N ILE H 36 -34.82 20.83 20.73
CA ILE H 36 -33.62 21.64 20.52
C ILE H 36 -33.38 21.89 19.03
N THR H 37 -33.61 20.88 18.19
CA THR H 37 -33.47 21.10 16.76
C THR H 37 -34.45 22.17 16.28
N SER H 38 -35.68 22.14 16.79
CA SER H 38 -36.66 23.14 16.40
C SER H 38 -36.27 24.52 16.90
N VAL H 39 -35.73 24.62 18.11
CA VAL H 39 -35.37 25.95 18.60
C VAL H 39 -34.19 26.51 17.81
N PHE H 40 -33.25 25.66 17.39
CA PHE H 40 -32.14 26.18 16.60
C PHE H 40 -32.60 26.51 15.18
N THR H 41 -33.52 25.74 14.61
CA THR H 41 -34.08 26.14 13.33
C THR H 41 -34.89 27.43 13.46
N LEU H 42 -35.56 27.62 14.59
CA LEU H 42 -36.27 28.87 14.83
C LEU H 42 -35.31 30.04 14.90
N PHE H 43 -34.18 29.86 15.58
CA PHE H 43 -33.16 30.90 15.62
C PHE H 43 -32.63 31.18 14.22
N ALA H 44 -32.37 30.13 13.45
CA ALA H 44 -31.90 30.32 12.08
C ALA H 44 -32.92 31.06 11.24
N ILE H 45 -34.20 30.73 11.39
CA ILE H 45 -35.24 31.38 10.61
C ILE H 45 -35.37 32.85 10.98
N LEU H 46 -35.38 33.16 12.28
CA LEU H 46 -35.48 34.56 12.67
C LEU H 46 -34.26 35.35 12.24
N TYR H 47 -33.08 34.74 12.29
CA TYR H 47 -31.88 35.44 11.82
C TYR H 47 -31.94 35.67 10.31
N ALA H 48 -32.38 34.66 9.56
CA ALA H 48 -32.52 34.80 8.11
C ALA H 48 -33.58 35.82 7.75
N LEU H 49 -34.57 36.02 8.60
CA LEU H 49 -35.65 36.94 8.28
C LEU H 49 -35.42 38.32 8.85
N LEU H 50 -34.47 38.47 9.76
CA LEU H 50 -34.18 39.75 10.41
C LEU H 50 -32.87 40.38 9.97
N ALA H 51 -31.90 39.58 9.52
CA ALA H 51 -30.65 40.13 9.04
C ALA H 51 -30.92 41.07 7.87
N THR H 52 -30.35 42.26 7.94
CA THR H 52 -30.62 43.28 6.94
C THR H 52 -30.20 42.79 5.56
N PRO H 53 -31.05 42.91 4.55
CA PRO H 53 -30.65 42.48 3.20
C PRO H 53 -29.53 43.34 2.66
N ILE H 54 -28.67 42.71 1.87
CA ILE H 54 -27.50 43.37 1.31
C ILE H 54 -27.49 43.10 -0.18
N TYR H 55 -27.64 44.15 -0.97
CA TYR H 55 -27.69 44.02 -2.41
C TYR H 55 -26.29 44.11 -3.01
N GLU H 56 -26.22 43.79 -4.30
CA GLU H 56 -24.97 43.73 -5.03
C GLU H 56 -25.16 44.34 -6.40
N THR H 57 -24.38 45.36 -6.71
CA THR H 57 -24.44 46.00 -8.02
C THR H 57 -23.14 45.77 -8.77
N ASP H 58 -23.24 45.71 -10.10
CA ASP H 58 -22.10 45.38 -10.94
C ASP H 58 -21.94 46.41 -12.03
N ALA H 59 -20.72 46.53 -12.53
CA ALA H 59 -20.43 47.34 -13.71
C ALA H 59 -19.41 46.61 -14.55
N LEU H 60 -19.39 46.91 -15.84
CA LEU H 60 -18.44 46.31 -16.76
C LEU H 60 -17.52 47.38 -17.30
N ILE H 61 -16.22 47.22 -17.05
CA ILE H 61 -15.21 48.18 -17.45
C ILE H 61 -14.29 47.52 -18.46
N GLN H 62 -14.06 48.20 -19.58
CA GLN H 62 -13.30 47.68 -20.70
C GLN H 62 -12.01 48.45 -20.90
N ILE H 63 -10.91 47.73 -21.05
CA ILE H 63 -9.63 48.29 -21.41
C ILE H 63 -9.02 47.42 -22.49
N GLU H 64 -7.79 47.72 -22.92
CA GLU H 64 -7.14 46.89 -23.91
C GLU H 64 -6.13 45.95 -23.25
N GLN H 85 -3.74 43.47 -19.87
CA GLN H 85 -3.09 43.77 -18.60
C GLN H 85 -4.06 43.69 -17.43
N SER H 86 -4.63 44.84 -17.06
CA SER H 86 -5.66 44.96 -16.05
C SER H 86 -5.14 44.63 -14.65
N ALA H 87 -3.90 44.19 -14.57
CA ALA H 87 -3.31 43.86 -13.27
C ALA H 87 -2.98 45.13 -12.48
N PRO H 88 -2.53 46.21 -13.12
CA PRO H 88 -2.44 47.46 -12.36
C PRO H 88 -3.78 48.05 -12.00
N GLU H 89 -4.77 47.92 -12.89
CA GLU H 89 -6.05 48.58 -12.66
C GLU H 89 -6.77 47.99 -11.46
N THR H 90 -6.69 46.67 -11.29
CA THR H 90 -7.39 46.04 -10.18
C THR H 90 -6.88 46.52 -8.82
N ALA H 91 -5.71 47.14 -8.78
CA ALA H 91 -5.23 47.76 -7.56
C ALA H 91 -5.31 49.27 -7.59
N LEU H 92 -5.28 49.88 -8.77
CA LEU H 92 -5.43 51.33 -8.84
C LEU H 92 -6.85 51.75 -8.50
N LEU H 93 -7.85 50.94 -8.88
CA LEU H 93 -9.23 51.25 -8.49
C LEU H 93 -9.39 51.23 -6.99
N GLN H 94 -8.81 50.24 -6.32
CA GLN H 94 -8.93 50.13 -4.88
C GLN H 94 -8.01 51.07 -4.14
N SER H 95 -7.35 51.99 -4.83
CA SER H 95 -6.48 52.94 -4.15
C SER H 95 -7.33 53.96 -3.40
N ARG H 96 -6.75 54.50 -2.33
CA ARG H 96 -7.48 55.53 -1.61
C ARG H 96 -7.67 56.79 -2.45
N MET H 97 -6.86 56.99 -3.48
CA MET H 97 -7.04 58.19 -4.30
C MET H 97 -8.33 58.11 -5.12
N ILE H 98 -8.67 56.93 -5.62
CA ILE H 98 -9.93 56.77 -6.33
C ILE H 98 -11.11 56.87 -5.38
N LEU H 99 -11.13 56.00 -4.37
CA LEU H 99 -12.29 55.91 -3.49
C LEU H 99 -12.50 57.22 -2.72
N GLY H 100 -11.42 57.83 -2.25
CA GLY H 100 -11.55 59.05 -1.49
C GLY H 100 -12.18 60.18 -2.25
N LYS H 101 -12.02 60.19 -3.58
CA LYS H 101 -12.69 61.22 -4.35
C LYS H 101 -14.18 60.99 -4.39
N THR H 102 -14.62 59.73 -4.52
CA THR H 102 -16.05 59.44 -4.41
C THR H 102 -16.57 59.79 -3.03
N ILE H 103 -15.77 59.56 -2.00
CA ILE H 103 -16.17 59.92 -0.65
C ILE H 103 -16.48 61.41 -0.57
N ASP H 104 -15.58 62.23 -1.10
CA ASP H 104 -15.80 63.67 -1.08
C ASP H 104 -16.88 64.10 -2.05
N ASP H 105 -17.18 63.29 -3.06
CA ASP H 105 -18.22 63.62 -4.03
C ASP H 105 -19.61 63.34 -3.50
N LEU H 106 -19.81 62.19 -2.86
CA LEU H 106 -21.12 61.80 -2.38
C LEU H 106 -21.31 62.06 -0.89
N ASN H 107 -20.34 62.69 -0.23
CA ASN H 107 -20.43 62.99 1.19
C ASN H 107 -20.71 61.73 2.00
N LEU H 108 -19.93 60.69 1.71
CA LEU H 108 -20.15 59.39 2.34
C LEU H 108 -19.60 59.30 3.75
N GLN H 109 -18.83 60.29 4.19
CA GLN H 109 -18.42 60.31 5.59
C GLN H 109 -19.54 60.79 6.50
N ILE H 110 -20.68 61.18 5.93
CA ILE H 110 -21.86 61.55 6.69
C ILE H 110 -22.76 60.33 6.72
N GLN H 111 -22.66 59.55 7.78
CA GLN H 111 -23.42 58.32 7.88
C GLN H 111 -24.79 58.58 8.47
N ILE H 112 -25.79 57.91 7.92
CA ILE H 112 -27.18 58.08 8.35
C ILE H 112 -27.77 56.71 8.64
N GLU H 113 -28.39 56.57 9.81
CA GLU H 113 -29.03 55.32 10.20
C GLU H 113 -30.33 55.61 10.94
N GLN H 114 -31.41 54.99 10.49
CA GLN H 114 -32.65 55.02 11.25
C GLN H 114 -32.46 54.29 12.57
N LYS H 115 -32.91 54.91 13.65
CA LYS H 115 -32.67 54.37 14.98
C LYS H 115 -33.71 53.32 15.33
N TYR H 116 -33.23 52.19 15.86
CA TYR H 116 -34.09 51.16 16.43
C TYR H 116 -33.43 50.70 17.72
N PHE H 117 -34.12 50.91 18.84
CA PHE H 117 -33.53 50.52 20.13
C PHE H 117 -33.16 49.04 20.21
N PRO H 118 -33.93 48.08 19.69
CA PRO H 118 -33.47 46.69 19.74
C PRO H 118 -32.45 46.42 18.65
N VAL H 119 -31.72 45.32 18.82
CA VAL H 119 -30.79 44.88 17.79
C VAL H 119 -31.52 44.37 16.56
N ILE H 120 -32.83 44.16 16.66
CA ILE H 120 -33.63 43.63 15.57
C ILE H 120 -34.78 44.55 15.20
N GLY H 121 -34.82 45.76 15.76
CA GLY H 121 -35.91 46.67 15.44
C GLY H 121 -35.99 47.02 13.98
N ARG H 122 -34.84 47.23 13.34
CA ARG H 122 -34.81 47.51 11.91
C ARG H 122 -35.36 46.33 11.11
N GLY H 123 -34.95 45.12 11.47
CA GLY H 123 -35.43 43.95 10.76
C GLY H 123 -36.94 43.80 10.82
N LEU H 124 -37.49 43.89 12.03
CA LEU H 124 -38.94 43.78 12.17
C LEU H 124 -39.67 44.93 11.51
N ALA H 125 -39.06 46.12 11.53
CA ALA H 125 -39.66 47.26 10.84
C ALA H 125 -39.77 46.97 9.35
N ARG H 126 -38.73 46.38 8.76
CA ARG H 126 -38.83 45.97 7.37
C ARG H 126 -39.89 44.88 7.22
N LEU H 127 -39.97 43.97 8.20
CA LEU H 127 -40.92 42.88 8.13
C LEU H 127 -42.36 43.38 8.15
N MET H 128 -42.62 44.42 8.93
CA MET H 128 -43.97 44.97 8.99
C MET H 128 -44.35 45.65 7.67
N GLY H 129 -43.40 45.77 6.75
CA GLY H 129 -43.62 46.50 5.52
C GLY H 129 -43.40 47.99 5.65
N GLU H 130 -42.94 48.46 6.81
CA GLU H 130 -42.70 49.88 7.00
C GLU H 130 -41.58 50.35 6.09
N LYS H 131 -41.84 51.42 5.36
CA LYS H 131 -40.84 51.96 4.45
C LYS H 131 -39.70 52.58 5.26
N PRO H 132 -38.45 52.22 4.99
CA PRO H 132 -37.35 52.72 5.82
C PRO H 132 -37.17 54.22 5.67
N GLY H 133 -36.79 54.84 6.79
CA GLY H 133 -36.57 56.28 6.78
C GLY H 133 -35.21 56.64 6.23
N ASN H 134 -35.15 57.79 5.55
CA ASN H 134 -33.89 58.27 5.00
C ASN H 134 -34.00 59.77 4.77
N ILE H 135 -32.90 60.47 5.00
CA ILE H 135 -32.81 61.90 4.79
C ILE H 135 -31.61 62.19 3.90
N ASP H 136 -31.40 63.48 3.63
CA ASP H 136 -30.29 63.93 2.79
C ASP H 136 -29.58 65.07 3.48
N ILE H 137 -28.31 64.87 3.82
CA ILE H 137 -27.49 65.90 4.42
C ILE H 137 -26.46 66.32 3.37
N THR H 138 -26.67 67.47 2.77
CA THR H 138 -25.73 67.98 1.78
C THR H 138 -24.52 68.64 2.41
N ARG H 139 -24.58 68.95 3.70
CA ARG H 139 -23.47 69.63 4.36
C ARG H 139 -23.58 69.38 5.86
N LEU H 140 -22.59 68.69 6.42
CA LEU H 140 -22.53 68.43 7.84
C LEU H 140 -21.20 68.94 8.39
N TYR H 141 -21.26 69.70 9.48
CA TYR H 141 -20.07 70.11 10.20
C TYR H 141 -20.39 70.05 11.69
N LEU H 142 -19.95 68.96 12.32
CA LEU H 142 -20.18 68.73 13.72
C LEU H 142 -19.31 69.65 14.56
N PRO H 143 -19.49 69.69 15.88
CA PRO H 143 -18.56 70.45 16.72
C PRO H 143 -17.15 69.91 16.66
N ASP H 144 -16.95 68.75 16.03
CA ASP H 144 -15.63 68.17 15.80
C ASP H 144 -14.91 67.91 17.11
N SER H 145 -15.59 67.16 17.99
CA SER H 145 -14.93 66.62 19.16
C SER H 145 -13.72 65.81 18.76
N ASP H 146 -13.94 64.77 17.95
CA ASP H 146 -12.87 64.04 17.28
C ASP H 146 -11.80 63.58 18.26
N ASP H 147 -12.25 63.06 19.40
CA ASP H 147 -11.32 62.59 20.42
C ASP H 147 -10.56 61.37 19.92
N ILE H 148 -9.59 60.94 20.71
CA ILE H 148 -8.77 59.79 20.33
C ILE H 148 -9.64 58.54 20.22
N SER H 149 -10.49 58.30 21.22
CA SER H 149 -11.39 57.16 21.19
C SER H 149 -12.64 57.49 20.37
N ASN H 150 -13.40 58.49 20.81
CA ASN H 150 -14.64 58.87 20.13
C ASN H 150 -14.33 59.91 19.05
N ASN H 151 -13.50 59.48 18.10
CA ASN H 151 -13.25 60.29 16.91
C ASN H 151 -14.47 60.40 16.01
N THR H 152 -15.57 59.76 16.39
CA THR H 152 -16.82 59.82 15.66
C THR H 152 -17.87 60.52 16.49
N PRO H 153 -17.95 61.86 16.41
CA PRO H 153 -19.05 62.56 17.09
C PRO H 153 -20.38 62.07 16.56
N SER H 154 -21.16 61.45 17.44
CA SER H 154 -22.42 60.83 17.07
C SER H 154 -23.58 61.69 17.54
N ILE H 155 -24.47 62.03 16.61
CA ILE H 155 -25.58 62.92 16.88
C ILE H 155 -26.87 62.24 16.40
N ILE H 156 -27.99 62.64 16.99
CA ILE H 156 -29.28 62.03 16.69
C ILE H 156 -30.24 63.11 16.21
N LEU H 157 -30.91 62.85 15.10
CA LEU H 157 -31.92 63.74 14.56
C LEU H 157 -33.31 63.26 14.99
N THR H 158 -34.09 64.17 15.55
CA THR H 158 -35.48 63.89 15.91
C THR H 158 -36.38 64.56 14.87
N VAL H 159 -37.06 63.75 14.07
CA VAL H 159 -37.88 64.26 12.98
C VAL H 159 -39.17 64.82 13.59
N LYS H 160 -39.37 66.14 13.47
CA LYS H 160 -40.59 66.75 13.99
C LYS H 160 -41.70 66.71 12.95
N ASP H 161 -41.41 67.10 11.71
CA ASP H 161 -42.39 67.02 10.64
C ASP H 161 -41.65 66.82 9.33
N LYS H 162 -42.33 67.06 8.22
CA LYS H 162 -41.71 66.99 6.90
C LYS H 162 -40.85 68.21 6.59
N GLU H 163 -40.93 69.27 7.38
CA GLU H 163 -40.17 70.49 7.15
C GLU H 163 -39.14 70.74 8.25
N ASN H 164 -39.59 70.83 9.49
CA ASN H 164 -38.71 71.13 10.61
C ASN H 164 -38.34 69.86 11.37
N TYR H 165 -37.40 70.01 12.29
CA TYR H 165 -36.82 68.88 13.00
C TYR H 165 -36.03 69.43 14.18
N SER H 166 -35.61 68.52 15.05
CA SER H 166 -34.77 68.87 16.18
C SER H 166 -33.63 67.89 16.29
N ILE H 167 -32.46 68.39 16.70
CA ILE H 167 -31.24 67.60 16.79
C ILE H 167 -30.68 67.73 18.19
N ASN H 168 -30.46 66.59 18.85
CA ASN H 168 -29.84 66.57 20.17
C ASN H 168 -28.43 66.01 20.05
N SER H 169 -27.45 66.80 20.48
CA SER H 169 -26.06 66.34 20.52
C SER H 169 -25.80 65.55 21.80
N ASP H 170 -25.91 66.21 22.95
CA ASP H 170 -25.78 65.56 24.25
C ASP H 170 -26.94 65.94 25.15
N GLY H 171 -28.08 66.27 24.56
CA GLY H 171 -29.23 66.74 25.31
C GLY H 171 -29.72 68.07 24.80
N ILE H 172 -28.79 68.89 24.28
CA ILE H 172 -29.13 70.20 23.75
C ILE H 172 -29.79 70.00 22.39
N GLN H 173 -31.12 70.13 22.36
CA GLN H 173 -31.87 69.90 21.13
C GLN H 173 -32.01 71.21 20.37
N LEU H 174 -31.46 71.25 19.16
CA LEU H 174 -31.55 72.42 18.29
C LEU H 174 -32.61 72.16 17.24
N ASN H 175 -33.65 72.99 17.23
CA ASN H 175 -34.73 72.85 16.27
C ASN H 175 -34.34 73.51 14.96
N GLY H 176 -34.55 72.79 13.85
CA GLY H 176 -34.18 73.32 12.55
C GLY H 176 -35.13 72.87 11.47
N VAL H 177 -35.09 73.58 10.36
CA VAL H 177 -35.93 73.31 9.20
C VAL H 177 -35.04 73.05 8.01
N VAL H 178 -35.51 72.18 7.10
CA VAL H 178 -34.78 71.94 5.87
C VAL H 178 -34.65 73.26 5.11
N GLY H 179 -33.61 73.35 4.28
CA GLY H 179 -33.30 74.63 3.69
C GLY H 179 -32.29 75.37 4.54
N THR H 180 -32.78 76.21 5.45
CA THR H 180 -31.91 76.92 6.37
C THR H 180 -31.01 75.95 7.11
N LEU H 181 -29.71 76.27 7.15
CA LEU H 181 -28.74 75.43 7.83
C LEU H 181 -28.60 75.87 9.28
N LEU H 182 -28.49 74.90 10.17
CA LEU H 182 -28.28 75.18 11.59
C LEU H 182 -26.79 75.32 11.82
N ASN H 183 -26.36 76.52 12.21
CA ASN H 183 -24.95 76.78 12.52
C ASN H 183 -24.90 77.37 13.92
N GLU H 184 -24.87 76.49 14.92
CA GLU H 184 -24.85 76.90 16.32
C GLU H 184 -23.94 75.96 17.09
N LYS H 185 -23.28 76.51 18.12
CA LYS H 185 -22.37 75.75 18.97
C LYS H 185 -21.29 75.04 18.15
N GLY H 186 -20.85 75.68 17.06
CA GLY H 186 -19.90 75.04 16.18
C GLY H 186 -20.46 73.89 15.38
N ILE H 187 -21.78 73.73 15.34
CA ILE H 187 -22.42 72.64 14.63
C ILE H 187 -23.08 73.23 13.39
N SER H 188 -22.55 72.91 12.22
CA SER H 188 -23.13 73.38 10.95
C SER H 188 -23.76 72.19 10.25
N LEU H 189 -25.08 72.22 10.11
CA LEU H 189 -25.84 71.13 9.52
C LEU H 189 -26.74 71.68 8.42
N LEU H 190 -26.63 71.10 7.24
CA LEU H 190 -27.50 71.44 6.10
C LEU H 190 -28.15 70.14 5.65
N VAL H 191 -29.32 69.85 6.20
CA VAL H 191 -30.09 68.65 5.87
C VAL H 191 -31.35 69.07 5.13
N ASN H 192 -31.65 68.37 4.05
CA ASN H 192 -32.78 68.72 3.21
C ASN H 192 -33.46 67.43 2.76
N GLU H 193 -34.69 67.58 2.27
CA GLU H 193 -35.49 66.44 1.80
C GLU H 193 -35.65 65.39 2.90
N ILE H 194 -35.95 65.86 4.11
CA ILE H 194 -36.15 64.93 5.22
C ILE H 194 -37.35 64.06 4.94
N ASP H 195 -37.32 62.83 5.47
CA ASP H 195 -38.36 61.86 5.18
C ASP H 195 -39.68 62.28 5.81
N ALA H 196 -40.71 61.45 5.59
CA ALA H 196 -42.06 61.80 6.03
C ALA H 196 -42.28 61.49 7.50
N LYS H 197 -42.05 60.25 7.91
CA LYS H 197 -42.40 59.77 9.24
C LYS H 197 -41.75 60.61 10.33
N PRO H 198 -42.53 61.38 11.09
CA PRO H 198 -41.97 62.22 12.16
C PRO H 198 -41.68 61.39 13.41
N GLY H 199 -41.09 62.06 14.39
CA GLY H 199 -40.76 61.42 15.65
C GLY H 199 -39.65 60.40 15.58
N ASP H 200 -39.17 60.05 14.40
CA ASP H 200 -38.10 59.07 14.28
C ASP H 200 -36.77 59.68 14.74
N GLN H 201 -35.82 58.78 15.01
CA GLN H 201 -34.49 59.18 15.44
C GLN H 201 -33.48 58.72 14.39
N PHE H 202 -32.60 59.62 13.98
CA PHE H 202 -31.61 59.32 12.96
C PHE H 202 -30.23 59.55 13.54
N VAL H 203 -29.42 58.49 13.58
CA VAL H 203 -28.07 58.59 14.11
C VAL H 203 -27.16 59.16 13.04
N ILE H 204 -26.48 60.25 13.36
CA ILE H 204 -25.54 60.89 12.44
C ILE H 204 -24.14 60.66 12.96
N THR H 205 -23.25 60.24 12.07
CA THR H 205 -21.87 59.96 12.43
C THR H 205 -20.95 60.55 11.37
N GLN H 206 -20.09 61.48 11.77
CA GLN H 206 -19.11 62.06 10.88
C GLN H 206 -17.79 61.32 11.04
N LEU H 207 -17.83 60.05 10.66
CA LEU H 207 -16.68 59.18 10.77
C LEU H 207 -15.58 59.65 9.82
N PRO H 208 -14.32 59.42 10.18
CA PRO H 208 -13.21 60.06 9.45
C PRO H 208 -13.11 59.57 8.03
N ARG H 209 -12.51 60.43 7.20
CA ARG H 209 -12.37 60.14 5.77
C ARG H 209 -11.67 58.80 5.55
N LEU H 210 -10.66 58.49 6.36
CA LEU H 210 -9.99 57.21 6.22
C LEU H 210 -10.94 56.06 6.51
N LYS H 211 -11.78 56.19 7.53
CA LYS H 211 -12.74 55.14 7.82
C LYS H 211 -13.76 55.00 6.70
N ALA H 212 -14.22 56.13 6.17
CA ALA H 212 -15.18 56.12 5.07
C ALA H 212 -14.58 55.59 3.79
N ILE H 213 -13.26 55.60 3.67
CA ILE H 213 -12.59 54.89 2.58
C ILE H 213 -12.50 53.41 2.87
N SER H 214 -12.10 53.07 4.09
CA SER H 214 -11.81 51.69 4.41
C SER H 214 -13.04 50.80 4.33
N ASP H 215 -14.18 51.27 4.85
CA ASP H 215 -15.38 50.45 4.80
C ASP H 215 -15.80 50.19 3.36
N LEU H 216 -15.81 51.24 2.55
CA LEU H 216 -16.16 51.11 1.14
C LEU H 216 -15.21 50.13 0.45
N LEU H 217 -13.91 50.26 0.73
CA LEU H 217 -12.94 49.35 0.15
C LEU H 217 -13.21 47.92 0.57
N LYS H 218 -13.67 47.73 1.80
CA LYS H 218 -14.03 46.40 2.26
C LYS H 218 -15.19 45.83 1.46
N SER H 219 -16.22 46.64 1.19
CA SER H 219 -17.34 46.13 0.42
C SER H 219 -17.05 46.04 -1.07
N PHE H 220 -16.19 46.90 -1.59
CA PHE H 220 -15.89 46.96 -3.01
C PHE H 220 -15.06 45.76 -3.45
N SER H 221 -15.14 45.41 -4.73
CA SER H 221 -14.41 44.26 -5.24
C SER H 221 -14.25 44.37 -6.75
N VAL H 222 -13.18 43.76 -7.27
CA VAL H 222 -12.85 43.81 -8.69
C VAL H 222 -12.47 42.41 -9.17
N ALA H 223 -12.71 42.14 -10.45
CA ALA H 223 -12.32 40.87 -11.06
C ALA H 223 -12.07 41.11 -12.56
N ASP H 224 -11.54 40.08 -13.22
CA ASP H 224 -11.14 40.18 -14.62
C ASP H 224 -11.93 39.26 -15.55
N LEU H 225 -12.15 38.00 -15.14
CA LEU H 225 -12.86 36.95 -15.86
C LEU H 225 -12.28 36.65 -17.24
N GLY H 226 -11.16 37.25 -17.63
CA GLY H 226 -10.53 36.84 -18.87
C GLY H 226 -9.03 36.63 -18.74
N LYS H 227 -8.46 37.16 -17.66
CA LYS H 227 -7.06 37.02 -17.26
C LYS H 227 -6.14 37.79 -18.20
N ASP H 228 -6.69 38.23 -19.34
CA ASP H 228 -6.06 39.25 -20.17
C ASP H 228 -7.08 40.20 -20.79
N THR H 229 -8.35 39.84 -20.79
CA THR H 229 -9.36 40.66 -21.44
C THR H 229 -9.52 41.97 -20.70
N GLY H 230 -9.86 43.03 -21.44
CA GLY H 230 -10.09 44.31 -20.82
C GLY H 230 -11.28 44.35 -19.89
N MET H 231 -11.99 43.23 -19.74
CA MET H 231 -13.22 43.21 -18.96
C MET H 231 -12.90 43.31 -17.48
N LEU H 232 -13.53 44.28 -16.81
CA LEU H 232 -13.45 44.43 -15.36
C LEU H 232 -14.87 44.45 -14.81
N THR H 233 -15.14 43.56 -13.86
CA THR H 233 -16.46 43.52 -13.23
C THR H 233 -16.38 44.12 -11.85
N LEU H 234 -16.60 45.43 -11.77
CA LEU H 234 -16.67 46.07 -10.47
C LEU H 234 -17.95 45.64 -9.76
N THR H 235 -17.80 45.23 -8.51
CA THR H 235 -18.93 44.73 -7.74
C THR H 235 -18.94 45.44 -6.39
N LEU H 236 -20.07 46.04 -6.05
CA LEU H 236 -20.21 46.73 -4.79
C LEU H 236 -21.41 46.17 -4.05
N THR H 237 -21.26 45.95 -2.75
CA THR H 237 -22.31 45.37 -1.94
C THR H 237 -22.71 46.36 -0.86
N GLY H 238 -24.02 46.55 -0.71
CA GLY H 238 -24.52 47.48 0.29
C GLY H 238 -25.97 47.19 0.58
N ASP H 239 -26.48 47.86 1.61
CA ASP H 239 -27.85 47.66 2.06
C ASP H 239 -28.82 48.54 1.28
N ASN H 240 -28.53 49.82 1.18
CA ASN H 240 -29.39 50.72 0.43
C ASN H 240 -29.21 50.46 -1.06
N PRO H 241 -30.18 49.88 -1.75
CA PRO H 241 -29.92 49.48 -3.14
C PRO H 241 -29.70 50.67 -4.07
N LYS H 242 -30.54 51.69 -4.00
CA LYS H 242 -30.36 52.85 -4.85
C LYS H 242 -29.05 53.57 -4.57
N ARG H 243 -28.55 53.50 -3.35
CA ARG H 243 -27.34 54.22 -2.99
C ARG H 243 -26.10 53.56 -3.59
N ILE H 244 -26.02 52.23 -3.55
CA ILE H 244 -24.83 51.56 -4.00
C ILE H 244 -24.64 51.67 -5.51
N SER H 245 -25.72 51.67 -6.28
CA SER H 245 -25.57 51.88 -7.71
C SER H 245 -25.00 53.26 -8.01
N HIS H 246 -25.49 54.27 -7.29
CA HIS H 246 -24.93 55.62 -7.43
C HIS H 246 -23.47 55.66 -7.02
N ILE H 247 -23.12 54.96 -5.94
CA ILE H 247 -21.74 54.98 -5.47
C ILE H 247 -20.82 54.35 -6.52
N LEU H 248 -21.22 53.20 -7.05
CA LEU H 248 -20.40 52.54 -8.05
C LEU H 248 -20.32 53.36 -9.33
N ASP H 249 -21.41 54.04 -9.70
CA ASP H 249 -21.34 54.93 -10.85
C ASP H 249 -20.34 56.05 -10.61
N SER H 250 -20.33 56.61 -9.40
CA SER H 250 -19.36 57.65 -9.08
C SER H 250 -17.94 57.11 -9.14
N ILE H 251 -17.72 55.89 -8.65
CA ILE H 251 -16.39 55.30 -8.74
C ILE H 251 -15.98 55.15 -10.19
N SER H 252 -16.89 54.68 -11.04
CA SER H 252 -16.58 54.50 -12.44
C SER H 252 -16.23 55.82 -13.10
N GLN H 253 -17.02 56.86 -12.84
CA GLN H 253 -16.76 58.15 -13.45
C GLN H 253 -15.45 58.75 -12.95
N ASN H 254 -15.18 58.63 -11.65
CA ASN H 254 -13.92 59.12 -11.13
C ASN H 254 -12.74 58.40 -11.76
N TYR H 255 -12.86 57.08 -11.94
CA TYR H 255 -11.78 56.34 -12.59
C TYR H 255 -11.63 56.76 -14.05
N LEU H 256 -12.73 56.99 -14.74
CA LEU H 256 -12.66 57.43 -16.14
C LEU H 256 -11.96 58.77 -16.24
N ALA H 257 -12.41 59.76 -15.45
CA ALA H 257 -11.78 61.07 -15.48
C ALA H 257 -10.33 60.99 -15.04
N GLN H 258 -10.02 60.11 -14.08
CA GLN H 258 -8.65 59.95 -13.65
C GLN H 258 -7.79 59.41 -14.78
N ASN H 259 -8.29 58.45 -15.55
CA ASN H 259 -7.50 57.94 -16.66
C ASN H 259 -7.33 58.99 -17.74
N ILE H 260 -8.36 59.79 -17.99
CA ILE H 260 -8.22 60.90 -18.93
C ILE H 260 -7.13 61.85 -18.46
N ALA H 261 -7.10 62.17 -17.17
CA ALA H 261 -6.13 63.13 -16.66
C ALA H 261 -4.72 62.55 -16.64
N ARG H 262 -4.59 61.26 -16.35
CA ARG H 262 -3.28 60.70 -16.08
C ARG H 262 -2.42 60.65 -17.33
N GLN H 263 -2.98 60.11 -18.43
CA GLN H 263 -2.21 60.08 -19.67
C GLN H 263 -1.85 61.48 -20.12
N ALA H 264 -2.75 62.44 -19.91
CA ALA H 264 -2.45 63.83 -20.20
C ALA H 264 -1.40 64.42 -19.27
N ALA H 265 -1.19 63.81 -18.09
CA ALA H 265 -0.32 64.41 -17.09
C ALA H 265 1.14 64.48 -17.56
N GLN H 266 1.62 63.44 -18.25
CA GLN H 266 2.99 63.47 -18.75
C GLN H 266 3.19 64.62 -19.73
N ASP H 267 2.29 64.72 -20.72
CA ASP H 267 2.34 65.83 -21.65
C ASP H 267 2.15 67.16 -20.93
N ALA H 268 1.40 67.15 -19.82
CA ALA H 268 1.19 68.38 -19.06
C ALA H 268 2.45 68.83 -18.36
N LYS H 269 3.23 67.88 -17.83
CA LYS H 269 4.52 68.24 -17.24
C LYS H 269 5.46 68.80 -18.30
N SER H 270 5.52 68.13 -19.45
CA SER H 270 6.37 68.63 -20.54
C SER H 270 5.92 70.03 -20.97
N LEU H 271 4.62 70.22 -21.09
CA LEU H 271 4.04 71.50 -21.46
C LEU H 271 4.34 72.57 -20.41
N GLU H 272 4.24 72.22 -19.14
CA GLU H 272 4.50 73.17 -18.07
C GLU H 272 5.94 73.65 -18.11
N PHE H 273 6.88 72.72 -18.31
CA PHE H 273 8.27 73.16 -18.39
C PHE H 273 8.57 73.92 -19.68
N LEU H 274 7.89 73.60 -20.78
CA LEU H 274 8.03 74.44 -21.97
C LEU H 274 7.55 75.85 -21.70
N ASN H 275 6.41 75.99 -21.03
CA ASN H 275 5.91 77.31 -20.66
C ASN H 275 6.88 78.04 -19.74
N GLN H 276 7.52 77.30 -18.84
CA GLN H 276 8.53 77.87 -17.96
C GLN H 276 9.83 78.20 -18.68
N GLN H 277 10.08 77.58 -19.83
CA GLN H 277 11.36 77.68 -20.51
C GLN H 277 11.33 78.58 -21.74
N LEU H 278 10.16 79.04 -22.18
CA LEU H 278 10.08 79.89 -23.35
C LEU H 278 10.81 81.21 -23.09
N PRO H 279 11.81 81.57 -23.90
CA PRO H 279 12.58 82.81 -23.73
C PRO H 279 11.76 84.05 -24.04
N GLY H 384 17.85 82.92 -31.67
CA GLY H 384 17.15 81.70 -31.29
C GLY H 384 15.67 81.76 -31.58
N ARG H 385 15.29 82.58 -32.56
CA ARG H 385 13.88 82.71 -32.92
C ARG H 385 13.40 81.54 -33.77
N ALA H 386 14.29 80.95 -34.59
CA ALA H 386 13.92 79.72 -35.28
C ALA H 386 13.70 78.58 -34.29
N VAL H 387 14.58 78.48 -33.29
CA VAL H 387 14.37 77.51 -32.22
C VAL H 387 13.11 77.88 -31.44
N TYR H 388 12.81 79.18 -31.32
CA TYR H 388 11.58 79.59 -30.67
C TYR H 388 10.35 79.11 -31.45
N LEU H 389 10.39 79.18 -32.77
CA LEU H 389 9.27 78.69 -33.57
C LEU H 389 9.16 77.18 -33.52
N GLN H 390 10.30 76.48 -33.46
CA GLN H 390 10.25 75.04 -33.25
C GLN H 390 9.63 74.71 -31.89
N LEU H 391 9.98 75.49 -30.87
CA LEU H 391 9.38 75.30 -29.55
C LEU H 391 7.89 75.63 -29.58
N LEU H 392 7.48 76.59 -30.41
CA LEU H 392 6.06 76.86 -30.57
C LEU H 392 5.33 75.70 -31.23
N ASN H 393 5.96 75.07 -32.22
CA ASN H 393 5.38 73.87 -32.82
C ASN H 393 5.23 72.77 -31.78
N ARG H 394 6.27 72.55 -30.98
CA ARG H 394 6.18 71.58 -29.90
C ARG H 394 5.12 71.99 -28.86
N GLN H 395 4.97 73.30 -28.64
CA GLN H 395 3.99 73.80 -27.69
C GLN H 395 2.57 73.45 -28.14
N GLN H 396 2.27 73.72 -29.41
CA GLN H 396 0.95 73.38 -29.93
C GLN H 396 0.73 71.87 -29.97
N GLU H 397 1.77 71.12 -30.32
CA GLU H 397 1.66 69.66 -30.31
C GLU H 397 1.36 69.14 -28.92
N LEU H 398 2.00 69.70 -27.88
CA LEU H 398 1.71 69.25 -26.53
C LEU H 398 0.36 69.77 -26.04
N ASN H 399 -0.07 70.96 -26.48
CA ASN H 399 -1.43 71.40 -26.19
C ASN H 399 -2.44 70.37 -26.68
N ILE H 400 -2.33 69.98 -27.95
CA ILE H 400 -3.32 69.07 -28.52
C ILE H 400 -3.17 67.67 -27.92
N ALA H 401 -1.94 67.24 -27.62
CA ALA H 401 -1.75 65.91 -27.04
C ALA H 401 -2.32 65.84 -25.63
N LYS H 402 -2.08 66.86 -24.81
CA LYS H 402 -2.60 66.87 -23.45
C LYS H 402 -4.12 67.01 -23.44
N SER H 403 -4.66 67.93 -24.25
CA SER H 403 -6.09 68.16 -24.24
C SER H 403 -6.86 66.96 -24.80
N SER H 404 -6.32 66.32 -25.85
CA SER H 404 -7.01 65.22 -26.51
C SER H 404 -6.59 63.85 -25.97
N ALA H 405 -6.08 63.78 -24.75
CA ALA H 405 -5.79 62.50 -24.14
C ALA H 405 -7.09 61.79 -23.80
N ILE H 406 -7.30 60.62 -24.37
CA ILE H 406 -8.51 59.83 -24.17
C ILE H 406 -8.14 58.55 -23.44
N GLY H 407 -8.80 58.30 -22.32
CA GLY H 407 -8.50 57.09 -21.56
C GLY H 407 -8.82 55.84 -22.36
N ASN H 408 -7.93 54.85 -22.26
CA ASN H 408 -8.21 53.55 -22.87
C ASN H 408 -9.41 52.89 -22.21
N VAL H 409 -9.63 53.16 -20.93
CA VAL H 409 -10.68 52.50 -20.18
C VAL H 409 -12.04 52.87 -20.74
N ARG H 410 -12.99 51.95 -20.63
CA ARG H 410 -14.33 52.15 -21.16
C ARG H 410 -15.38 51.57 -20.22
N ILE H 411 -16.49 52.27 -20.09
CA ILE H 411 -17.60 51.85 -19.25
C ILE H 411 -18.63 51.16 -20.12
N ILE H 412 -18.64 49.83 -20.11
CA ILE H 412 -19.55 49.09 -20.99
C ILE H 412 -20.99 49.35 -20.58
N ASP H 413 -21.30 49.16 -19.30
CA ASP H 413 -22.64 49.44 -18.80
C ASP H 413 -22.56 49.98 -17.39
N ASN H 414 -23.26 51.08 -17.16
CA ASN H 414 -23.26 51.71 -15.85
C ASN H 414 -23.83 50.77 -14.81
N ALA H 415 -23.56 51.10 -13.55
CA ALA H 415 -23.91 50.21 -12.46
C ALA H 415 -25.41 50.10 -12.29
N VAL H 416 -25.90 48.87 -12.12
CA VAL H 416 -27.28 48.61 -11.74
C VAL H 416 -27.28 47.56 -10.64
N THR H 417 -28.33 47.58 -9.83
CA THR H 417 -28.39 46.71 -8.66
C THR H 417 -29.26 45.48 -8.96
N ASP H 418 -28.80 44.33 -8.51
CA ASP H 418 -29.61 43.13 -8.56
C ASP H 418 -30.70 43.23 -7.49
N PRO H 419 -31.98 43.18 -7.84
CA PRO H 419 -33.02 43.29 -6.81
C PRO H 419 -33.01 42.16 -5.79
N ASN H 420 -32.42 41.03 -6.11
CA ASN H 420 -32.37 39.91 -5.17
C ASN H 420 -31.15 40.06 -4.27
N PRO H 421 -31.33 40.20 -2.95
CA PRO H 421 -30.18 40.33 -2.06
C PRO H 421 -29.31 39.09 -2.10
N VAL H 422 -27.99 39.30 -2.00
CA VAL H 422 -27.06 38.19 -1.95
C VAL H 422 -26.76 37.76 -0.52
N ARG H 423 -27.06 38.61 0.46
CA ARG H 423 -26.91 38.25 1.84
C ARG H 423 -27.99 39.01 2.61
N PRO H 424 -28.64 38.38 3.59
CA PRO H 424 -28.37 37.02 4.09
C PRO H 424 -28.81 35.91 3.17
N LYS H 425 -27.98 34.86 3.07
CA LYS H 425 -28.29 33.73 2.19
C LYS H 425 -29.37 32.85 2.80
N LYS H 426 -30.62 33.03 2.37
CA LYS H 426 -31.67 32.15 2.82
C LYS H 426 -31.48 30.75 2.26
N THR H 427 -32.05 29.77 2.95
CA THR H 427 -31.99 28.36 2.60
C THR H 427 -30.57 27.80 2.62
N ILE H 428 -29.61 28.59 3.09
CA ILE H 428 -28.24 28.09 3.24
C ILE H 428 -27.86 28.18 4.71
N ILE H 429 -28.48 29.11 5.44
CA ILE H 429 -28.25 29.15 6.88
C ILE H 429 -29.33 28.38 7.63
N ILE H 430 -30.55 28.32 7.09
CA ILE H 430 -31.60 27.56 7.74
C ILE H 430 -31.23 26.08 7.78
N VAL H 431 -30.70 25.55 6.68
CA VAL H 431 -30.23 24.17 6.69
C VAL H 431 -29.03 24.00 7.60
N ILE H 432 -28.17 25.01 7.73
CA ILE H 432 -27.11 24.93 8.73
C ILE H 432 -27.70 24.98 10.12
N GLY H 433 -28.76 25.76 10.34
CA GLY H 433 -29.45 25.68 11.62
C GLY H 433 -29.96 24.29 11.91
N VAL H 434 -30.53 23.64 10.89
CA VAL H 434 -31.00 22.26 11.05
C VAL H 434 -29.84 21.35 11.46
N VAL H 435 -28.80 21.30 10.63
CA VAL H 435 -27.72 20.35 10.89
C VAL H 435 -26.99 20.68 12.17
N LEU H 436 -26.96 21.95 12.59
CA LEU H 436 -26.39 22.29 13.87
C LEU H 436 -27.24 21.74 15.00
N GLY H 437 -28.56 21.88 14.90
CA GLY H 437 -29.43 21.26 15.89
C GLY H 437 -29.24 19.76 15.98
N LEU H 438 -29.15 19.08 14.83
CA LEU H 438 -28.96 17.63 14.86
C LEU H 438 -27.61 17.25 15.44
N ILE H 439 -26.52 17.92 15.04
CA ILE H 439 -25.22 17.53 15.55
C ILE H 439 -25.10 17.80 17.04
N VAL H 440 -25.64 18.91 17.53
CA VAL H 440 -25.57 19.15 18.97
C VAL H 440 -26.49 18.21 19.72
N SER H 441 -27.63 17.84 19.14
CA SER H 441 -28.51 16.86 19.77
C SER H 441 -27.80 15.53 19.92
N VAL H 442 -27.13 15.09 18.85
CA VAL H 442 -26.41 13.83 18.92
C VAL H 442 -25.30 13.91 19.97
N VAL H 443 -24.51 14.99 19.95
CA VAL H 443 -23.38 15.05 20.86
C VAL H 443 -23.83 15.17 22.32
N LEU H 444 -25.03 15.69 22.57
CA LEU H 444 -25.49 15.78 23.94
C LEU H 444 -26.22 14.51 24.39
N VAL H 445 -26.98 13.88 23.49
CA VAL H 445 -27.64 12.62 23.84
C VAL H 445 -26.61 11.54 24.10
N LEU H 446 -25.58 11.45 23.26
CA LEU H 446 -24.50 10.52 23.53
C LEU H 446 -23.80 10.84 24.84
N PHE H 447 -23.61 12.12 25.15
CA PHE H 447 -22.99 12.50 26.40
C PHE H 447 -23.84 12.04 27.59
N GLN H 448 -25.15 12.24 27.51
CA GLN H 448 -26.02 11.79 28.59
C GLN H 448 -26.05 10.27 28.69
N VAL H 449 -25.93 9.58 27.56
CA VAL H 449 -25.84 8.12 27.58
C VAL H 449 -24.59 7.69 28.34
N PHE H 450 -23.47 8.35 28.05
CA PHE H 450 -22.24 8.05 28.76
C PHE H 450 -22.15 8.75 30.11
N LEU H 451 -23.22 9.41 30.54
CA LEU H 451 -23.24 10.11 31.81
C LEU H 451 -23.72 9.20 32.94
N ARG H 452 -24.81 8.48 32.73
CA ARG H 452 -25.38 7.68 33.79
C ARG H 452 -24.56 6.41 34.02
N ARG H 453 -24.52 5.98 35.28
CA ARG H 453 -23.83 4.75 35.65
C ARG H 453 -24.71 3.74 36.35
N GLY H 454 -25.98 4.05 36.61
CA GLY H 454 -26.81 3.17 37.39
C GLY H 454 -27.13 1.86 36.70
N ILE H 455 -27.77 0.95 37.43
CA ILE H 455 -28.21 -0.31 36.83
C ILE H 455 -29.23 -0.03 35.75
N GLU H 456 -29.09 -0.70 34.61
CA GLU H 456 -30.03 -0.52 33.52
C GLU H 456 -30.93 -1.73 33.30
N SER H 457 -30.57 -2.88 33.81
CA SER H 457 -31.36 -4.08 33.56
C SER H 457 -30.90 -5.20 34.47
N PRO H 458 -31.78 -6.12 34.84
CA PRO H 458 -31.35 -7.23 35.71
C PRO H 458 -30.26 -8.08 35.12
N GLU H 459 -30.08 -8.04 33.81
CA GLU H 459 -28.99 -8.80 33.21
C GLU H 459 -27.63 -8.32 33.71
N GLN H 460 -27.49 -7.03 33.99
CA GLN H 460 -26.22 -6.54 34.52
C GLN H 460 -25.92 -7.15 35.87
N LEU H 461 -26.92 -7.24 36.74
CA LEU H 461 -26.71 -7.90 38.02
C LEU H 461 -26.45 -9.39 37.84
N GLU H 462 -27.15 -10.04 36.92
CA GLU H 462 -26.96 -11.46 36.73
C GLU H 462 -25.63 -11.80 36.11
N GLU H 463 -25.01 -10.85 35.40
CA GLU H 463 -23.68 -11.10 34.85
C GLU H 463 -22.66 -11.29 35.96
N ILE H 464 -22.76 -10.49 37.02
CA ILE H 464 -21.90 -10.69 38.18
C ILE H 464 -22.28 -11.95 38.95
N GLY H 465 -23.48 -12.46 38.76
CA GLY H 465 -23.90 -13.66 39.44
C GLY H 465 -24.81 -13.39 40.62
N ILE H 466 -25.73 -12.44 40.45
CA ILE H 466 -26.66 -12.05 41.49
C ILE H 466 -28.05 -12.41 41.02
N ASN H 467 -28.74 -13.28 41.75
CA ASN H 467 -30.08 -13.72 41.37
C ASN H 467 -31.05 -12.59 41.63
N VAL H 468 -31.37 -11.82 40.58
CA VAL H 468 -32.38 -10.79 40.71
C VAL H 468 -33.72 -11.48 40.94
N TYR H 469 -34.25 -11.38 42.16
CA TYR H 469 -35.49 -12.07 42.46
C TYR H 469 -36.73 -11.34 41.96
N ALA H 470 -36.62 -10.06 41.63
CA ALA H 470 -37.79 -9.31 41.18
C ALA H 470 -37.33 -8.03 40.51
N SER H 471 -38.24 -7.43 39.76
CA SER H 471 -38.03 -6.10 39.18
C SER H 471 -39.33 -5.32 39.40
N ILE H 472 -39.44 -4.65 40.54
CA ILE H 472 -40.69 -3.98 40.89
C ILE H 472 -40.82 -2.70 40.07
N PRO H 473 -41.84 -2.55 39.24
CA PRO H 473 -42.00 -1.31 38.49
C PRO H 473 -42.33 -0.14 39.38
N ILE H 474 -41.89 1.04 38.96
CA ILE H 474 -42.17 2.25 39.72
C ILE H 474 -43.66 2.56 39.61
N SER H 475 -44.30 2.76 40.75
CA SER H 475 -45.72 3.05 40.79
C SER H 475 -45.95 4.55 40.87
N GLU H 476 -47.01 5.01 40.18
CA GLU H 476 -47.26 6.44 40.12
C GLU H 476 -47.56 7.03 41.49
N TRP H 477 -48.29 6.31 42.32
CA TRP H 477 -48.64 6.77 43.65
C TRP H 477 -47.41 7.13 44.47
N ASP H 494 -51.38 7.42 52.68
CA ASP H 494 -50.19 7.03 53.44
C ASP H 494 -50.21 5.54 53.73
N THR H 495 -51.37 4.91 53.54
CA THR H 495 -51.51 3.49 53.79
C THR H 495 -50.75 2.70 52.71
N LEU H 496 -50.63 1.39 52.95
CA LEU H 496 -49.86 0.53 52.08
C LEU H 496 -50.47 0.46 50.69
N LEU H 497 -49.62 0.52 49.67
CA LEU H 497 -50.09 0.33 48.31
C LEU H 497 -50.79 -1.01 48.15
N ALA H 498 -50.26 -2.04 48.79
CA ALA H 498 -50.84 -3.38 48.68
C ALA H 498 -52.25 -3.45 49.24
N VAL H 499 -52.66 -2.49 50.06
CA VAL H 499 -54.05 -2.41 50.50
C VAL H 499 -54.76 -1.19 49.95
N GLY H 500 -54.06 -0.17 49.49
CA GLY H 500 -54.70 0.97 48.88
C GLY H 500 -55.19 0.67 47.48
N ASN H 501 -54.29 0.21 46.63
CA ASN H 501 -54.60 -0.08 45.22
C ASN H 501 -54.08 -1.48 44.88
N PRO H 502 -54.71 -2.51 45.41
CA PRO H 502 -54.15 -3.86 45.30
C PRO H 502 -53.91 -4.33 43.88
N ALA H 503 -54.46 -3.65 42.88
CA ALA H 503 -54.30 -4.05 41.49
C ALA H 503 -53.22 -3.26 40.77
N ASP H 504 -52.42 -2.49 41.50
CA ASP H 504 -51.37 -1.72 40.86
C ASP H 504 -50.23 -2.63 40.45
N LEU H 505 -49.58 -2.29 39.34
CA LEU H 505 -48.53 -3.14 38.80
C LEU H 505 -47.45 -3.43 39.83
N ALA H 506 -47.06 -2.40 40.60
CA ALA H 506 -46.03 -2.60 41.59
C ALA H 506 -46.46 -3.59 42.67
N VAL H 507 -47.75 -3.86 42.81
CA VAL H 507 -48.20 -4.89 43.72
C VAL H 507 -48.27 -6.25 43.04
N GLU H 508 -48.57 -6.29 41.74
CA GLU H 508 -48.50 -7.57 41.05
C GLU H 508 -47.08 -8.08 41.00
N ALA H 509 -46.10 -7.19 40.84
CA ALA H 509 -44.72 -7.63 40.88
C ALA H 509 -44.27 -8.05 42.26
N ILE H 510 -44.84 -7.46 43.31
CA ILE H 510 -44.51 -7.92 44.65
C ILE H 510 -45.15 -9.27 44.94
N ARG H 511 -46.34 -9.53 44.41
CA ARG H 511 -46.86 -10.89 44.48
C ARG H 511 -45.96 -11.86 43.72
N GLY H 512 -45.48 -11.45 42.56
CA GLY H 512 -44.54 -12.29 41.84
C GLY H 512 -43.28 -12.56 42.63
N LEU H 513 -42.83 -11.57 43.39
CA LEU H 513 -41.72 -11.80 44.31
C LEU H 513 -42.13 -12.73 45.44
N ARG H 514 -43.38 -12.65 45.90
CA ARG H 514 -43.81 -13.51 46.98
C ARG H 514 -43.71 -14.97 46.58
N THR H 515 -44.14 -15.30 45.37
CA THR H 515 -44.09 -16.71 44.97
C THR H 515 -42.65 -17.21 44.88
N SER H 516 -41.78 -16.41 44.26
CA SER H 516 -40.40 -16.84 44.10
C SER H 516 -39.68 -16.93 45.43
N LEU H 517 -40.04 -16.09 46.39
CA LEU H 517 -39.48 -16.24 47.73
C LEU H 517 -40.00 -17.52 48.37
N HIS H 518 -41.32 -17.72 48.34
CA HIS H 518 -41.90 -18.90 48.97
C HIS H 518 -41.25 -20.17 48.47
N PHE H 519 -40.85 -20.19 47.19
CA PHE H 519 -40.07 -21.33 46.72
C PHE H 519 -38.63 -21.27 47.22
N ALA H 520 -38.02 -20.09 47.18
CA ALA H 520 -36.60 -20.01 47.52
C ALA H 520 -36.36 -20.01 49.02
N MET H 521 -37.36 -19.71 49.83
CA MET H 521 -37.15 -19.62 51.26
C MET H 521 -37.36 -20.93 51.99
N MET H 522 -37.97 -21.93 51.36
CA MET H 522 -37.96 -23.25 51.97
C MET H 522 -36.55 -23.81 51.91
N GLU H 523 -36.28 -24.78 52.78
CA GLU H 523 -34.97 -25.34 53.09
C GLU H 523 -34.06 -24.35 53.81
N ALA H 524 -34.50 -23.12 54.04
CA ALA H 524 -33.69 -22.19 54.82
C ALA H 524 -33.70 -22.62 56.29
N LYS H 525 -32.64 -22.20 57.00
CA LYS H 525 -32.46 -22.68 58.36
C LYS H 525 -33.57 -22.21 59.30
N ASN H 526 -34.25 -21.13 58.96
CA ASN H 526 -35.40 -20.68 59.74
C ASN H 526 -36.27 -19.81 58.84
N ASN H 527 -37.37 -19.33 59.39
CA ASN H 527 -38.32 -18.53 58.62
C ASN H 527 -38.10 -17.03 58.80
N VAL H 528 -36.86 -16.60 59.01
CA VAL H 528 -36.53 -15.19 59.15
C VAL H 528 -35.96 -14.70 57.84
N LEU H 529 -36.52 -13.61 57.31
CA LEU H 529 -36.05 -12.99 56.09
C LEU H 529 -35.55 -11.60 56.40
N MET H 530 -34.32 -11.32 56.01
CA MET H 530 -33.72 -10.01 56.18
C MET H 530 -33.69 -9.34 54.81
N ILE H 531 -34.20 -8.11 54.75
CA ILE H 531 -34.16 -7.31 53.54
C ILE H 531 -33.31 -6.09 53.83
N SER H 532 -32.28 -5.86 53.04
CA SER H 532 -31.38 -4.74 53.24
C SER H 532 -31.32 -3.91 51.98
N GLY H 533 -31.59 -2.63 52.10
CA GLY H 533 -31.42 -1.74 50.97
C GLY H 533 -29.96 -1.62 50.60
N ALA H 534 -29.69 -1.32 49.34
CA ALA H 534 -28.32 -1.06 48.94
C ALA H 534 -27.86 0.32 49.36
N SER H 535 -28.78 1.17 49.77
CA SER H 535 -28.55 2.57 50.05
C SER H 535 -29.82 3.14 50.64
N PRO H 536 -29.78 4.25 51.37
CA PRO H 536 -31.01 4.99 51.59
C PRO H 536 -31.55 5.44 50.25
N SER H 537 -32.87 5.65 50.21
CA SER H 537 -33.57 5.94 48.96
C SER H 537 -33.47 4.78 47.99
N ALA H 538 -33.40 3.56 48.51
CA ALA H 538 -33.56 2.37 47.70
C ALA H 538 -34.91 1.71 47.91
N GLY H 539 -35.78 2.30 48.71
CA GLY H 539 -37.12 1.78 48.86
C GLY H 539 -37.18 0.45 49.56
N MET H 540 -36.21 0.16 50.42
CA MET H 540 -36.24 -1.10 51.15
C MET H 540 -37.50 -1.23 52.00
N THR H 541 -37.96 -0.13 52.59
CA THR H 541 -39.16 -0.19 53.42
C THR H 541 -40.43 -0.29 52.60
N PHE H 542 -40.47 0.36 51.44
CA PHE H 542 -41.60 0.18 50.53
C PHE H 542 -41.77 -1.30 50.21
N ILE H 543 -40.71 -1.94 49.75
CA ILE H 543 -40.78 -3.33 49.35
C ILE H 543 -41.11 -4.21 50.54
N SER H 544 -40.43 -4.00 51.67
CA SER H 544 -40.67 -4.88 52.81
C SER H 544 -42.07 -4.76 53.35
N SER H 545 -42.60 -3.55 53.48
CA SER H 545 -43.95 -3.39 53.99
C SER H 545 -44.96 -4.01 53.05
N ASN H 546 -44.84 -3.73 51.75
CA ASN H 546 -45.81 -4.28 50.80
C ASN H 546 -45.71 -5.79 50.73
N LEU H 547 -44.50 -6.33 50.80
CA LEU H 547 -44.35 -7.77 50.79
C LEU H 547 -44.99 -8.39 52.03
N ALA H 548 -44.80 -7.76 53.19
CA ALA H 548 -45.44 -8.30 54.37
C ALA H 548 -46.95 -8.23 54.26
N ALA H 549 -47.49 -7.19 53.62
CA ALA H 549 -48.93 -7.15 53.41
C ALA H 549 -49.38 -8.28 52.49
N THR H 550 -48.75 -8.40 51.33
CA THR H 550 -49.14 -9.38 50.34
C THR H 550 -48.96 -10.80 50.84
N ILE H 551 -48.12 -11.01 51.84
CA ILE H 551 -48.06 -12.32 52.47
C ILE H 551 -49.05 -12.44 53.61
N ALA H 552 -49.44 -11.33 54.24
CA ALA H 552 -50.43 -11.40 55.31
C ALA H 552 -51.80 -11.77 54.76
N ILE H 553 -52.21 -11.16 53.65
CA ILE H 553 -53.53 -11.45 53.11
C ILE H 553 -53.62 -12.89 52.64
N THR H 554 -52.47 -13.52 52.36
CA THR H 554 -52.47 -14.95 52.03
C THR H 554 -53.05 -15.78 53.17
N GLY H 555 -52.76 -15.41 54.40
CA GLY H 555 -53.22 -16.14 55.57
C GLY H 555 -52.13 -16.58 56.51
N LYS H 556 -50.86 -16.29 56.22
CA LYS H 556 -49.78 -16.58 57.13
C LYS H 556 -49.66 -15.47 58.16
N LYS H 557 -49.14 -15.83 59.34
CA LYS H 557 -48.87 -14.82 60.35
C LYS H 557 -47.50 -14.22 60.09
N VAL H 558 -47.45 -12.90 59.94
CA VAL H 558 -46.25 -12.19 59.53
C VAL H 558 -45.85 -11.21 60.61
N LEU H 559 -44.56 -11.20 60.96
CA LEU H 559 -44.01 -10.23 61.88
C LEU H 559 -42.99 -9.36 61.15
N PHE H 560 -43.18 -8.05 61.21
CA PHE H 560 -42.37 -7.12 60.44
C PHE H 560 -41.54 -6.28 61.40
N ILE H 561 -40.27 -6.61 61.53
CA ILE H 561 -39.37 -5.92 62.44
C ILE H 561 -38.62 -4.84 61.67
N ASP H 562 -38.66 -3.62 62.17
CA ASP H 562 -37.94 -2.51 61.56
C ASP H 562 -36.67 -2.26 62.37
N ALA H 563 -35.64 -3.05 62.06
CA ALA H 563 -34.39 -2.97 62.79
C ALA H 563 -33.45 -1.90 62.26
N ASP H 564 -33.97 -0.89 61.57
CA ASP H 564 -33.17 0.28 61.20
C ASP H 564 -33.18 1.23 62.39
N LEU H 565 -32.36 0.91 63.37
CA LEU H 565 -32.32 1.69 64.60
C LEU H 565 -31.74 3.07 64.42
N ARG H 566 -31.41 3.49 63.20
CA ARG H 566 -30.77 4.78 62.98
C ARG H 566 -31.76 5.82 62.48
N LYS H 567 -32.41 5.57 61.35
CA LYS H 567 -33.39 6.52 60.82
C LYS H 567 -34.60 5.78 60.24
N GLY H 568 -35.09 4.79 60.98
CA GLY H 568 -36.27 4.07 60.54
C GLY H 568 -37.53 4.92 60.74
N TYR H 569 -38.47 4.78 59.82
CA TYR H 569 -39.70 5.57 59.86
C TYR H 569 -40.93 4.74 59.54
N ALA H 570 -40.84 3.42 59.72
CA ALA H 570 -42.01 2.58 59.49
C ALA H 570 -43.15 2.96 60.43
N HIS H 571 -42.83 3.27 61.69
CA HIS H 571 -43.85 3.73 62.61
C HIS H 571 -44.50 5.02 62.15
N LYS H 572 -43.76 5.84 61.40
CA LYS H 572 -44.33 7.05 60.84
C LYS H 572 -45.26 6.77 59.67
N MET H 573 -45.42 5.52 59.26
CA MET H 573 -46.23 5.18 58.11
C MET H 573 -47.39 4.26 58.41
N PHE H 574 -47.29 3.42 59.43
CA PHE H 574 -48.35 2.46 59.74
C PHE H 574 -49.30 2.94 60.82
N GLY H 575 -49.04 4.09 61.44
CA GLY H 575 -49.77 4.47 62.63
C GLY H 575 -49.16 3.73 63.79
N HIS H 576 -48.83 4.43 64.87
CA HIS H 576 -47.92 3.83 65.83
C HIS H 576 -48.17 4.33 67.24
N LYS H 577 -47.75 3.52 68.20
CA LYS H 577 -47.44 3.94 69.56
C LYS H 577 -45.91 3.96 69.65
N ASN H 578 -45.34 5.15 69.49
CA ASN H 578 -43.89 5.28 69.37
C ASN H 578 -43.16 4.75 70.60
N ASP H 579 -43.82 4.70 71.75
CA ASP H 579 -43.21 4.11 72.93
C ASP H 579 -43.02 2.62 72.74
N LYS H 580 -41.99 2.09 73.39
CA LYS H 580 -41.71 0.66 73.41
C LYS H 580 -41.53 0.11 71.98
N GLY H 581 -40.56 0.70 71.28
CA GLY H 581 -40.18 0.16 69.99
C GLY H 581 -39.23 -1.02 70.14
N LEU H 582 -38.23 -1.11 69.27
CA LEU H 582 -37.25 -2.18 69.40
C LEU H 582 -36.15 -1.78 70.37
N SER H 583 -35.61 -0.56 70.21
CA SER H 583 -34.49 -0.13 71.05
C SER H 583 -34.85 -0.17 72.53
N GLU H 584 -36.10 0.15 72.85
CA GLU H 584 -36.56 0.04 74.22
C GLU H 584 -36.68 -1.41 74.69
N PHE H 585 -36.60 -2.36 73.77
CA PHE H 585 -36.60 -3.77 74.17
C PHE H 585 -35.18 -4.27 74.38
N LEU H 586 -34.27 -3.99 73.44
CA LEU H 586 -32.90 -4.43 73.60
C LEU H 586 -32.27 -3.82 74.83
N SER H 587 -32.63 -2.59 75.16
CA SER H 587 -32.16 -1.98 76.39
C SER H 587 -32.76 -2.64 77.62
N GLY H 588 -33.73 -3.54 77.46
CA GLY H 588 -34.28 -4.30 78.56
C GLY H 588 -35.34 -3.60 79.36
N GLN H 589 -35.74 -2.40 78.98
CA GLN H 589 -36.78 -1.67 79.70
C GLN H 589 -38.18 -1.95 79.17
N ALA H 590 -38.32 -2.88 78.23
CA ALA H 590 -39.62 -3.30 77.73
C ALA H 590 -39.60 -4.80 77.47
N ALA H 591 -40.76 -5.43 77.59
CA ALA H 591 -40.86 -6.86 77.33
C ALA H 591 -41.28 -7.10 75.88
N ALA H 592 -41.24 -8.38 75.49
CA ALA H 592 -41.46 -8.74 74.09
C ALA H 592 -42.89 -8.47 73.64
N GLU H 593 -43.83 -8.30 74.57
CA GLU H 593 -45.23 -8.20 74.18
C GLU H 593 -45.67 -6.77 73.90
N MET H 594 -45.21 -5.81 74.71
CA MET H 594 -45.69 -4.45 74.55
C MET H 594 -45.09 -3.74 73.34
N ILE H 595 -44.19 -4.40 72.62
CA ILE H 595 -43.51 -3.75 71.50
C ILE H 595 -44.19 -4.09 70.20
N ILE H 596 -44.78 -5.28 70.11
CA ILE H 596 -45.44 -5.69 68.88
C ILE H 596 -46.74 -4.91 68.72
N ASP H 597 -47.04 -4.57 67.48
CA ASP H 597 -48.22 -3.79 67.15
C ASP H 597 -49.05 -4.55 66.12
N LYS H 598 -50.21 -4.01 65.78
CA LYS H 598 -51.05 -4.60 64.74
C LYS H 598 -51.36 -3.51 63.73
N VAL H 599 -50.79 -3.64 62.53
CA VAL H 599 -51.22 -2.79 61.43
C VAL H 599 -52.61 -3.25 61.02
N GLU H 600 -53.61 -2.37 61.17
CA GLU H 600 -54.98 -2.75 60.84
C GLU H 600 -55.15 -2.98 59.36
N GLY H 601 -54.41 -2.25 58.53
CA GLY H 601 -54.53 -2.40 57.10
C GLY H 601 -53.86 -3.66 56.58
N GLY H 602 -52.54 -3.74 56.73
CA GLY H 602 -51.81 -4.87 56.19
C GLY H 602 -52.18 -6.20 56.83
N GLY H 603 -52.58 -6.17 58.09
CA GLY H 603 -52.88 -7.41 58.78
C GLY H 603 -51.64 -8.19 59.17
N PHE H 604 -50.55 -7.50 59.45
CA PHE H 604 -49.31 -8.13 59.90
C PHE H 604 -48.79 -7.42 61.14
N ASP H 605 -48.30 -8.21 62.09
CA ASP H 605 -47.77 -7.63 63.32
C ASP H 605 -46.47 -6.91 63.06
N TYR H 606 -46.36 -5.70 63.60
CA TYR H 606 -45.27 -4.80 63.26
C TYR H 606 -44.56 -4.35 64.53
N ILE H 607 -43.24 -4.30 64.47
CA ILE H 607 -42.40 -3.85 65.58
C ILE H 607 -41.62 -2.64 65.10
N GLY H 608 -41.77 -1.52 65.78
CA GLY H 608 -41.05 -0.33 65.42
C GLY H 608 -39.68 -0.26 66.06
N ARG H 609 -38.85 0.64 65.56
CA ARG H 609 -37.53 0.81 66.16
C ARG H 609 -37.62 1.49 67.51
N GLY H 610 -38.61 2.35 67.72
CA GLY H 610 -38.67 3.13 68.93
C GLY H 610 -37.74 4.33 68.89
N GLN H 611 -37.30 4.76 70.06
CA GLN H 611 -36.40 5.90 70.15
C GLN H 611 -35.04 5.54 69.56
N ILE H 612 -34.44 6.51 68.87
CA ILE H 612 -33.10 6.32 68.33
C ILE H 612 -32.14 6.17 69.50
N PRO H 613 -31.43 5.05 69.62
CA PRO H 613 -30.47 4.90 70.69
C PRO H 613 -29.14 5.54 70.32
N PRO H 614 -28.26 5.77 71.28
CA PRO H 614 -26.94 6.29 70.93
C PRO H 614 -25.98 5.25 70.38
N ASN H 615 -26.19 3.97 70.69
CA ASN H 615 -25.30 2.88 70.27
C ASN H 615 -26.12 1.80 69.59
N PRO H 616 -26.42 1.97 68.31
CA PRO H 616 -27.24 0.96 67.62
C PRO H 616 -26.56 -0.38 67.47
N ALA H 617 -25.35 -0.38 66.90
CA ALA H 617 -24.64 -1.62 66.69
C ALA H 617 -24.34 -2.32 67.99
N GLU H 618 -24.01 -1.55 69.03
CA GLU H 618 -23.76 -2.14 70.34
C GLU H 618 -25.03 -2.75 70.92
N LEU H 619 -26.20 -2.18 70.59
CA LEU H 619 -27.44 -2.75 71.05
C LEU H 619 -27.73 -4.07 70.34
N LEU H 620 -27.62 -4.09 69.02
CA LEU H 620 -28.00 -5.28 68.27
C LEU H 620 -27.17 -6.49 68.65
N MET H 621 -25.97 -6.32 69.18
CA MET H 621 -25.19 -7.45 69.61
C MET H 621 -25.74 -8.08 70.88
N HIS H 622 -26.59 -7.36 71.61
CA HIS H 622 -27.08 -7.87 72.87
C HIS H 622 -27.88 -9.14 72.64
N PRO H 623 -27.71 -10.16 73.48
CA PRO H 623 -28.35 -11.46 73.20
C PRO H 623 -29.86 -11.45 73.25
N ARG H 624 -30.49 -10.37 73.72
CA ARG H 624 -31.94 -10.31 73.71
C ARG H 624 -32.50 -10.31 72.30
N PHE H 625 -31.74 -9.82 71.33
CA PHE H 625 -32.22 -9.83 69.95
C PHE H 625 -32.42 -11.25 69.44
N GLU H 626 -31.46 -12.13 69.70
CA GLU H 626 -31.61 -13.52 69.28
C GLU H 626 -32.75 -14.18 70.04
N GLN H 627 -32.96 -13.83 71.30
CA GLN H 627 -34.11 -14.35 72.03
C GLN H 627 -35.40 -13.94 71.35
N LEU H 628 -35.49 -12.67 70.97
CA LEU H 628 -36.68 -12.18 70.28
C LEU H 628 -36.92 -12.94 69.00
N LEU H 629 -35.87 -13.13 68.19
CA LEU H 629 -36.05 -13.84 66.93
C LEU H 629 -36.44 -15.29 67.15
N ASN H 630 -35.82 -15.95 68.13
CA ASN H 630 -36.18 -17.33 68.42
C ASN H 630 -37.64 -17.44 68.84
N TRP H 631 -38.10 -16.51 69.67
CA TRP H 631 -39.49 -16.53 70.10
C TRP H 631 -40.43 -16.29 68.93
N ALA H 632 -40.13 -15.26 68.13
CA ALA H 632 -41.02 -14.91 67.03
C ALA H 632 -41.08 -16.00 65.97
N SER H 633 -39.93 -16.59 65.64
CA SER H 633 -39.87 -17.61 64.60
C SER H 633 -40.68 -18.83 65.00
N GLN H 634 -41.00 -18.92 66.29
CA GLN H 634 -41.93 -19.92 66.77
C GLN H 634 -43.37 -19.44 66.77
N ASN H 635 -43.60 -18.16 67.04
CA ASN H 635 -44.96 -17.66 67.10
C ASN H 635 -45.42 -17.00 65.80
N TYR H 636 -44.62 -17.03 64.73
CA TYR H 636 -45.01 -16.40 63.49
C TYR H 636 -44.56 -17.27 62.32
N ASP H 637 -45.23 -17.08 61.18
CA ASP H 637 -44.90 -17.81 59.97
C ASP H 637 -43.80 -17.15 59.16
N LEU H 638 -43.65 -15.84 59.28
CA LEU H 638 -42.64 -15.12 58.53
C LEU H 638 -42.21 -13.89 59.31
N ILE H 639 -40.91 -13.60 59.26
CA ILE H 639 -40.34 -12.46 59.96
C ILE H 639 -39.53 -11.66 58.95
N ILE H 640 -39.95 -10.43 58.68
CA ILE H 640 -39.23 -9.53 57.80
C ILE H 640 -38.47 -8.55 58.67
N ILE H 641 -37.21 -8.32 58.35
CA ILE H 641 -36.38 -7.39 59.09
C ILE H 641 -35.86 -6.33 58.13
N ASP H 642 -36.02 -5.07 58.52
CA ASP H 642 -35.44 -3.97 57.77
C ASP H 642 -34.11 -3.61 58.40
N THR H 643 -33.08 -3.50 57.57
CA THR H 643 -31.76 -3.20 58.11
C THR H 643 -31.12 -2.04 57.35
N PRO H 644 -30.26 -1.29 58.01
CA PRO H 644 -29.56 -0.19 57.33
C PRO H 644 -28.63 -0.73 56.28
N PRO H 645 -28.22 0.09 55.33
CA PRO H 645 -27.26 -0.36 54.32
C PRO H 645 -25.97 -0.85 54.96
N ILE H 646 -25.36 -1.85 54.34
CA ILE H 646 -24.08 -2.36 54.82
C ILE H 646 -22.93 -1.47 54.36
N LEU H 647 -23.12 -0.67 53.34
CA LEU H 647 -22.10 0.29 52.94
C LEU H 647 -22.02 1.49 53.87
N ALA H 648 -22.95 1.62 54.81
CA ALA H 648 -22.96 2.77 55.71
C ALA H 648 -22.66 2.38 57.15
N VAL H 649 -23.32 1.35 57.66
CA VAL H 649 -23.10 0.88 59.01
C VAL H 649 -22.86 -0.62 58.97
N THR H 650 -22.74 -1.23 60.14
CA THR H 650 -22.55 -2.67 60.24
C THR H 650 -23.72 -3.39 60.87
N ASP H 651 -24.87 -2.71 61.02
CA ASP H 651 -26.02 -3.35 61.64
C ASP H 651 -26.52 -4.50 60.79
N ALA H 652 -26.49 -4.34 59.48
CA ALA H 652 -26.98 -5.40 58.60
C ALA H 652 -26.21 -6.69 58.80
N ALA H 653 -24.89 -6.60 58.91
CA ALA H 653 -24.08 -7.77 59.11
C ALA H 653 -24.18 -8.34 60.52
N ILE H 654 -24.73 -7.57 61.46
CA ILE H 654 -24.99 -8.12 62.78
C ILE H 654 -26.29 -8.90 62.79
N ILE H 655 -27.33 -8.34 62.19
CA ILE H 655 -28.62 -9.01 62.17
C ILE H 655 -28.59 -10.23 61.26
N GLY H 656 -27.84 -10.15 60.15
CA GLY H 656 -27.85 -11.22 59.18
C GLY H 656 -27.35 -12.54 59.72
N ARG H 657 -26.66 -12.54 60.86
CA ARG H 657 -26.22 -13.80 61.45
C ARG H 657 -27.41 -14.68 61.81
N TYR H 658 -28.56 -14.09 62.08
CA TYR H 658 -29.74 -14.84 62.47
C TYR H 658 -30.78 -14.96 61.38
N ALA H 659 -30.52 -14.45 60.20
CA ALA H 659 -31.51 -14.44 59.13
C ALA H 659 -31.32 -15.63 58.22
N GLY H 660 -32.39 -16.37 57.98
CA GLY H 660 -32.31 -17.51 57.08
C GLY H 660 -32.05 -17.10 55.64
N THR H 661 -32.61 -15.96 55.22
CA THR H 661 -32.45 -15.48 53.87
C THR H 661 -32.22 -13.98 53.88
N CYS H 662 -31.29 -13.52 53.06
CA CYS H 662 -30.95 -12.10 53.02
C CYS H 662 -31.02 -11.63 51.58
N LEU H 663 -31.63 -10.46 51.38
CA LEU H 663 -31.82 -9.91 50.05
C LEU H 663 -31.41 -8.46 50.03
N LEU H 664 -30.85 -8.02 48.91
CA LEU H 664 -30.56 -6.61 48.70
C LEU H 664 -31.65 -5.98 47.87
N VAL H 665 -31.94 -4.72 48.14
CA VAL H 665 -32.88 -3.94 47.34
C VAL H 665 -32.12 -2.81 46.68
N ALA H 666 -32.19 -2.74 45.36
CA ALA H 666 -31.44 -1.76 44.60
C ALA H 666 -32.41 -0.93 43.79
N ARG H 667 -32.37 0.38 43.97
CA ARG H 667 -33.13 1.25 43.09
C ARG H 667 -32.63 1.09 41.67
N PHE H 668 -33.53 1.26 40.71
CA PHE H 668 -33.24 0.88 39.34
C PHE H 668 -31.98 1.58 38.81
N GLU H 669 -32.02 2.91 38.74
CA GLU H 669 -30.94 3.64 38.12
C GLU H 669 -30.12 4.45 39.11
N LYS H 670 -30.45 4.41 40.40
CA LYS H 670 -29.61 5.11 41.36
C LYS H 670 -28.40 4.28 41.74
N ASN H 671 -28.63 3.14 42.36
CA ASN H 671 -27.52 2.31 42.81
C ASN H 671 -26.82 1.70 41.62
N THR H 672 -25.50 1.63 41.69
CA THR H 672 -24.71 1.06 40.62
C THR H 672 -24.35 -0.38 40.95
N VAL H 673 -23.85 -1.08 39.93
CA VAL H 673 -23.43 -2.46 40.13
C VAL H 673 -22.29 -2.53 41.14
N LYS H 674 -21.47 -1.49 41.19
CA LYS H 674 -20.37 -1.49 42.14
C LYS H 674 -20.87 -1.56 43.57
N GLU H 675 -21.91 -0.80 43.89
CA GLU H 675 -22.42 -0.84 45.26
C GLU H 675 -22.97 -2.21 45.59
N ILE H 676 -23.68 -2.86 44.67
CA ILE H 676 -24.23 -4.17 44.96
C ILE H 676 -23.10 -5.18 45.16
N ASP H 677 -22.10 -5.14 44.29
CA ASP H 677 -21.00 -6.09 44.42
C ASP H 677 -20.28 -5.89 45.74
N VAL H 678 -19.98 -4.65 46.08
CA VAL H 678 -19.25 -4.39 47.32
C VAL H 678 -20.09 -4.77 48.53
N SER H 679 -21.39 -4.50 48.48
CA SER H 679 -22.26 -4.86 49.59
C SER H 679 -22.34 -6.36 49.78
N MET H 680 -22.44 -7.12 48.70
CA MET H 680 -22.49 -8.56 48.86
C MET H 680 -21.15 -9.12 49.31
N LYS H 681 -20.04 -8.58 48.83
CA LYS H 681 -18.75 -9.03 49.32
C LYS H 681 -18.58 -8.75 50.80
N ARG H 682 -18.98 -7.56 51.24
CA ARG H 682 -18.86 -7.23 52.65
C ARG H 682 -19.82 -8.04 53.50
N PHE H 683 -20.97 -8.43 52.96
CA PHE H 683 -21.81 -9.37 53.69
C PHE H 683 -21.14 -10.72 53.83
N GLU H 684 -20.47 -11.18 52.77
CA GLU H 684 -19.78 -12.46 52.84
C GLU H 684 -18.65 -12.43 53.86
N GLN H 685 -17.87 -11.34 53.88
CA GLN H 685 -16.79 -11.20 54.85
C GLN H 685 -17.32 -11.35 56.27
N SER H 686 -18.55 -10.93 56.50
CA SER H 686 -19.16 -11.02 57.81
C SER H 686 -19.88 -12.34 58.02
N GLY H 687 -19.70 -13.30 57.13
CA GLY H 687 -20.34 -14.58 57.28
C GLY H 687 -21.82 -14.60 56.96
N VAL H 688 -22.34 -13.57 56.29
CA VAL H 688 -23.73 -13.52 55.87
C VAL H 688 -23.78 -13.72 54.37
N VAL H 689 -24.47 -14.77 53.94
CA VAL H 689 -24.57 -15.10 52.53
C VAL H 689 -25.82 -14.44 51.98
N VAL H 690 -25.64 -13.47 51.10
CA VAL H 690 -26.77 -12.78 50.49
C VAL H 690 -27.40 -13.69 49.45
N LYS H 691 -28.68 -14.00 49.63
CA LYS H 691 -29.34 -14.91 48.70
C LYS H 691 -29.42 -14.30 47.31
N GLY H 692 -29.83 -13.05 47.22
CA GLY H 692 -29.98 -12.42 45.92
C GLY H 692 -30.39 -10.98 46.08
N CYS H 693 -30.65 -10.34 44.95
CA CYS H 693 -30.98 -8.94 44.92
C CYS H 693 -32.44 -8.77 44.50
N ILE H 694 -32.99 -7.59 44.75
CA ILE H 694 -34.35 -7.24 44.40
C ILE H 694 -34.31 -5.88 43.73
N LEU H 695 -34.22 -5.86 42.42
CA LEU H 695 -34.22 -4.57 41.74
C LEU H 695 -35.55 -3.88 41.97
N ASN H 696 -35.51 -2.57 42.17
CA ASN H 696 -36.70 -1.83 42.57
C ASN H 696 -36.78 -0.55 41.77
N GLY H 697 -37.99 -0.02 41.66
CA GLY H 697 -38.20 1.25 40.99
C GLY H 697 -37.80 1.23 39.53
N VAL H 698 -38.05 0.12 38.84
CA VAL H 698 -37.71 0.03 37.43
C VAL H 698 -38.77 0.77 36.63
N VAL H 699 -38.31 1.58 35.67
CA VAL H 699 -39.23 2.38 34.88
C VAL H 699 -40.09 1.48 34.01
N LYS H 700 -41.35 1.89 33.81
CA LYS H 700 -42.28 1.08 33.05
C LYS H 700 -41.85 0.89 31.60
N LYS H 701 -40.96 1.73 31.09
CA LYS H 701 -40.42 1.49 29.76
C LYS H 701 -39.59 0.21 29.73
N ALA H 702 -38.83 -0.05 30.78
CA ALA H 702 -37.93 -1.20 30.80
C ALA H 702 -38.54 -2.41 31.49
N SER H 703 -39.57 -2.24 32.32
CA SER H 703 -40.17 -3.36 33.01
C SER H 703 -41.06 -4.13 32.06
N SER H 704 -41.09 -5.46 32.22
CA SER H 704 -41.92 -6.29 31.37
C SER H 704 -43.36 -6.35 31.85
N TYR H 705 -43.65 -5.91 33.07
CA TYR H 705 -45.01 -5.98 33.58
C TYR H 705 -45.91 -5.01 32.84
N TYR H 706 -47.18 -5.40 32.72
CA TYR H 706 -48.19 -4.52 32.14
C TYR H 706 -49.54 -4.89 32.73
N ARG H 707 -50.49 -3.95 32.62
CA ARG H 707 -51.82 -4.21 33.12
C ARG H 707 -52.45 -5.38 32.38
N TYR H 708 -53.24 -6.16 33.09
CA TYR H 708 -53.87 -7.34 32.51
C TYR H 708 -55.24 -7.49 33.15
N GLY H 709 -56.29 -7.31 32.35
CA GLY H 709 -57.65 -7.44 32.83
C GLY H 709 -58.52 -6.24 32.54
#